data_4QQX
#
_entry.id   4QQX
#
_cell.length_a   87.250
_cell.length_b   222.807
_cell.length_c   125.087
_cell.angle_alpha   90.000
_cell.angle_beta   104.100
_cell.angle_gamma   90.000
#
_symmetry.space_group_name_H-M   'P 1 21 1'
#
loop_
_entity.id
_entity.type
_entity.pdbx_description
1 polymer 'CRISPR-associated helicase, Cas3 family'
2 polymer "DNA (5'-D(P*AP*AP*AP*AP*AP*AP*AP*AP*AP*AP*AP*A)-3')"
3 non-polymer 'FE (III) ION'
4 non-polymer "ADENOSINE-5'-TRIPHOSPHATE"
#
loop_
_entity_poly.entity_id
_entity_poly.type
_entity_poly.pdbx_seq_one_letter_code
_entity_poly.pdbx_strand_id
1 'polypeptide(L)'
;MGSSHHHHHHSSGLVPRGSHMPEHDSTDDKHGIPPLDLRFWAKERGLRGKTYPLVCHSLDAAAAALVLWNEYLSPGLRDT
IASSMETDEEHAGHCIAFWAGLHDIGKLTREFQQQIAIDLSAYPGEELSGEQRSHAAATGKWLPFALPSLGYPNGGLVTG
LVAQMLGGHHGTFHPHPSFQSRNPLAEFGFSSPHWEKQRHALLHAVFDATGRPTPPDMLDGPTASVVCGLVILADWLVSQ
EDFLLERLTSLPADGSASALRAHFETSLRRIPSLLDAAGLRPITVPPATFTESFPHLSKPNGLQASLAKHLPCLCTGPGL
VLITAPMGEGKTEAAYHVADLLGKATGRPGRFLALPTMATADQMHTRLKEYARYRVENTDLPRSSTLALLHSMAWLNPDY
APADLPGVSKVLSNLGHRDPFAATDWLMGRKRGLLAPWAVGTIDQALMAVLRAKHNALRLFGLAGKVVVVDEAHAVDPYM
QVLLEQLLRWLGTLDVPVVLLSATLHHSIANSLVKAYLEGARGRRWNRSEPQPVSEVSYPGWLHVDARIGKVTRSSDVDP
LPIATTPRKPLEVRLVDVPVKEGALNRSTVLAKELTPLVKQGGCAAIICTTVAEAQGVYDLLSQWFATLGEDAPDLYLLH
SRFPNRQRTEITATIVDLFGKEGAQSGRRPTRGAVLVATQVVEQSLDLDVDLMISDLAPVSLLLQRAGRCWRHEHLGIIN
RPQWAKQPELVVLTPEQNGDADRAPWFPRSWTSVYPLALLQRTYTLLRRRNGAPVQIPEDVQQLVDDVYDDDSLAEDLEA
DMERMGEELAQRGLARNAVIPDPDDAEDNLNGLTEFSFDVDEHVLATRFGAGSVRVLCYYVDTAGNRWLDPECTVEFPEQ
GTGREGRFTMADCRDLVARTIPVRMGPWASQLTEDNHPPEAWRESFYLRDLVLIPQRVTDEGAVLPTETGGREWLLDPCK
GLIF
;
A,C,E,G
2 'polydeoxyribonucleotide' (DA)(DA)(DA)(DA)(DA)(DA)(DA)(DA)(DA)(DA)(DA)(DA) B,D,F,H
#
loop_
_chem_comp.id
_chem_comp.type
_chem_comp.name
_chem_comp.formula
ATP non-polymer ADENOSINE-5'-TRIPHOSPHATE 'C10 H16 N5 O13 P3'
DA DNA linking 2'-DEOXYADENOSINE-5'-MONOPHOSPHATE 'C10 H14 N5 O6 P'
FE non-polymer 'FE (III) ION' 'Fe 3'
#
# COMPACT_ATOMS: atom_id res chain seq x y z
N PRO A 34 0.89 -46.96 -21.69
CA PRO A 34 -0.06 -47.23 -22.79
C PRO A 34 0.40 -46.59 -24.11
N PRO A 35 0.29 -47.32 -25.25
CA PRO A 35 0.57 -46.73 -26.56
C PRO A 35 -0.66 -45.97 -27.02
N LEU A 36 -0.49 -44.80 -27.63
CA LEU A 36 -1.65 -43.95 -27.82
C LEU A 36 -2.51 -44.22 -29.02
N ASP A 37 -3.79 -43.88 -28.83
CA ASP A 37 -4.88 -44.18 -29.72
C ASP A 37 -5.21 -42.97 -30.60
N LEU A 38 -5.01 -43.13 -31.90
CA LEU A 38 -5.21 -42.04 -32.84
C LEU A 38 -6.69 -41.73 -33.14
N ARG A 39 -7.60 -42.19 -32.28
CA ARG A 39 -9.03 -41.99 -32.55
C ARG A 39 -9.50 -40.58 -32.18
N PHE A 40 -8.79 -39.93 -31.26
CA PHE A 40 -9.16 -38.61 -30.76
C PHE A 40 -8.77 -37.47 -31.72
N TRP A 41 -9.78 -36.84 -32.32
CA TRP A 41 -9.55 -35.78 -33.30
C TRP A 41 -9.24 -34.45 -32.62
N ALA A 42 -8.68 -33.52 -33.39
CA ALA A 42 -8.29 -32.20 -32.89
C ALA A 42 -8.99 -31.17 -33.72
N LYS A 43 -8.91 -31.38 -35.02
CA LYS A 43 -9.44 -30.45 -36.03
C LYS A 43 -10.30 -31.22 -37.04
N GLU A 44 -11.55 -30.82 -37.23
CA GLU A 44 -12.39 -31.52 -38.20
C GLU A 44 -13.15 -30.62 -39.19
N ARG A 45 -13.44 -29.40 -38.76
CA ARG A 45 -14.19 -28.43 -39.57
C ARG A 45 -13.56 -28.09 -40.94
N GLY A 46 -14.40 -28.15 -41.97
CA GLY A 46 -13.97 -27.78 -43.30
C GLY A 46 -12.97 -28.75 -43.91
N LEU A 47 -12.93 -29.97 -43.38
CA LEU A 47 -12.04 -30.99 -43.92
C LEU A 47 -12.74 -32.12 -44.69
N ARG A 48 -14.03 -31.97 -44.92
CA ARG A 48 -14.75 -33.01 -45.59
C ARG A 48 -15.29 -34.27 -44.94
N GLY A 49 -15.51 -34.21 -43.64
CA GLY A 49 -15.73 -35.39 -42.85
C GLY A 49 -14.45 -36.11 -42.46
N LYS A 50 -13.35 -35.76 -43.12
CA LYS A 50 -12.03 -36.22 -42.69
C LYS A 50 -11.74 -35.57 -41.35
N THR A 51 -10.93 -36.23 -40.52
CA THR A 51 -10.53 -35.64 -39.26
C THR A 51 -9.02 -35.71 -39.08
N TYR A 52 -8.45 -34.67 -38.47
CA TYR A 52 -7.06 -34.64 -38.12
C TYR A 52 -6.91 -34.96 -36.62
N PRO A 53 -6.01 -35.88 -36.29
CA PRO A 53 -5.83 -36.37 -34.93
C PRO A 53 -5.14 -35.38 -33.98
N LEU A 54 -5.48 -35.47 -32.70
CA LEU A 54 -4.92 -34.60 -31.67
C LEU A 54 -3.40 -34.64 -31.70
N VAL A 55 -2.82 -35.84 -31.77
CA VAL A 55 -1.34 -35.96 -31.82
C VAL A 55 -0.77 -35.30 -33.02
N CYS A 56 -1.51 -35.30 -34.11
CA CYS A 56 -1.01 -34.72 -35.32
C CYS A 56 -1.03 -33.20 -35.23
N HIS A 57 -2.06 -32.63 -34.59
CA HIS A 57 -2.09 -31.19 -34.38
C HIS A 57 -1.05 -30.81 -33.34
N SER A 58 -0.99 -31.60 -32.27
CA SER A 58 -0.14 -31.31 -31.14
C SER A 58 1.28 -31.15 -31.61
N LEU A 59 1.73 -32.12 -32.38
CA LEU A 59 3.09 -32.12 -32.88
C LEU A 59 3.32 -31.03 -33.92
N ASP A 60 2.34 -30.75 -34.78
CA ASP A 60 2.45 -29.67 -35.77
C ASP A 60 2.75 -28.36 -35.06
N ALA A 61 1.96 -28.12 -34.02
CA ALA A 61 2.02 -26.91 -33.19
C ALA A 61 3.34 -26.78 -32.44
N ALA A 62 3.93 -27.91 -32.04
CA ALA A 62 5.22 -27.95 -31.37
C ALA A 62 6.35 -27.66 -32.36
N ALA A 63 6.11 -28.09 -33.59
CA ALA A 63 7.06 -27.95 -34.68
C ALA A 63 7.06 -26.53 -35.18
N ALA A 64 5.85 -25.97 -35.33
CA ALA A 64 5.70 -24.61 -35.81
C ALA A 64 6.48 -23.64 -34.92
N ALA A 65 6.40 -23.88 -33.61
CA ALA A 65 7.00 -22.97 -32.66
C ALA A 65 8.53 -23.05 -32.67
N LEU A 66 9.06 -24.29 -32.71
CA LEU A 66 10.51 -24.50 -32.84
C LEU A 66 11.08 -23.71 -34.03
N VAL A 67 10.49 -23.89 -35.22
CA VAL A 67 10.88 -23.11 -36.37
C VAL A 67 10.75 -21.62 -36.11
N LEU A 68 9.69 -21.26 -35.40
CA LEU A 68 9.43 -19.86 -35.08
C LEU A 68 10.55 -19.30 -34.18
N TRP A 69 10.81 -19.99 -33.08
CA TRP A 69 11.95 -19.73 -32.20
C TRP A 69 13.30 -19.56 -32.94
N ASN A 70 13.47 -20.30 -34.03
CA ASN A 70 14.72 -20.29 -34.76
C ASN A 70 14.78 -19.28 -35.91
N GLU A 71 13.75 -19.26 -36.74
CA GLU A 71 13.79 -18.46 -37.95
C GLU A 71 12.89 -17.21 -37.97
N TYR A 72 12.04 -17.03 -36.96
CA TYR A 72 11.17 -15.86 -36.92
C TYR A 72 11.58 -14.81 -35.90
N LEU A 73 11.78 -15.27 -34.66
CA LEU A 73 12.12 -14.42 -33.52
C LEU A 73 13.43 -13.67 -33.71
N SER A 74 13.41 -12.37 -33.46
CA SER A 74 14.62 -11.60 -33.30
C SER A 74 15.57 -12.34 -32.35
N PRO A 75 16.88 -12.28 -32.64
CA PRO A 75 17.86 -12.91 -31.76
C PRO A 75 17.82 -12.28 -30.36
N GLY A 76 17.81 -10.94 -30.28
CA GLY A 76 17.74 -10.24 -29.01
C GLY A 76 16.61 -10.72 -28.10
N LEU A 77 15.44 -10.92 -28.70
CA LEU A 77 14.30 -11.49 -28.01
C LEU A 77 14.55 -12.94 -27.55
N ARG A 78 15.12 -13.77 -28.43
CA ARG A 78 15.46 -15.16 -28.06
C ARG A 78 16.34 -15.14 -26.81
N ASP A 79 17.18 -14.12 -26.74
CA ASP A 79 18.06 -13.93 -25.62
C ASP A 79 17.25 -13.62 -24.35
N THR A 80 16.42 -12.57 -24.46
CA THR A 80 15.56 -12.04 -23.40
C THR A 80 14.78 -13.15 -22.73
N ILE A 81 14.18 -14.00 -23.55
CA ILE A 81 13.40 -15.14 -23.09
C ILE A 81 14.25 -16.22 -22.43
N ALA A 82 15.41 -16.51 -23.03
CA ALA A 82 16.30 -17.55 -22.53
C ALA A 82 16.89 -17.13 -21.19
N SER A 83 17.19 -15.84 -21.07
CA SER A 83 17.59 -15.24 -19.79
C SER A 83 16.54 -15.50 -18.72
N SER A 84 15.29 -15.12 -18.98
CA SER A 84 14.23 -15.30 -17.99
C SER A 84 14.07 -16.70 -17.44
N MET A 85 14.42 -17.71 -18.21
CA MET A 85 14.32 -19.07 -17.73
C MET A 85 15.67 -19.59 -17.23
N GLU A 86 16.67 -18.71 -17.28
CA GLU A 86 18.05 -19.06 -16.92
C GLU A 86 18.48 -20.44 -17.40
N THR A 87 18.72 -20.52 -18.70
CA THR A 87 19.06 -21.76 -19.40
C THR A 87 19.50 -21.29 -20.78
N ASP A 88 20.16 -22.14 -21.55
CA ASP A 88 20.64 -21.74 -22.88
C ASP A 88 19.52 -21.56 -23.90
N GLU A 89 19.79 -20.80 -24.96
CA GLU A 89 18.82 -20.63 -26.03
C GLU A 89 18.25 -21.95 -26.61
N GLU A 90 19.08 -22.97 -26.78
CA GLU A 90 18.59 -24.19 -27.43
C GLU A 90 17.65 -25.01 -26.54
N HIS A 91 17.95 -25.08 -25.24
CA HIS A 91 17.08 -25.78 -24.27
C HIS A 91 15.75 -25.07 -24.10
N ALA A 92 15.83 -23.75 -23.96
CA ALA A 92 14.64 -22.93 -23.85
C ALA A 92 13.79 -23.21 -25.08
N GLY A 93 14.39 -23.11 -26.26
CA GLY A 93 13.70 -23.43 -27.47
C GLY A 93 12.91 -24.72 -27.43
N HIS A 94 13.51 -25.79 -26.91
CA HIS A 94 12.77 -27.04 -26.88
C HIS A 94 11.65 -27.03 -25.84
N CYS A 95 11.86 -26.33 -24.73
CA CYS A 95 10.80 -26.16 -23.74
C CYS A 95 9.56 -25.55 -24.39
N ILE A 96 9.73 -24.36 -24.97
CA ILE A 96 8.68 -23.70 -25.74
C ILE A 96 8.02 -24.61 -26.78
N ALA A 97 8.84 -25.27 -27.58
CA ALA A 97 8.34 -26.25 -28.54
C ALA A 97 7.56 -27.35 -27.79
N PHE A 98 8.13 -27.85 -26.69
CA PHE A 98 7.42 -28.79 -25.82
C PHE A 98 6.13 -28.18 -25.27
N TRP A 99 6.19 -26.88 -24.99
CA TRP A 99 5.07 -26.19 -24.38
C TRP A 99 3.99 -25.93 -25.39
N ALA A 100 4.41 -25.55 -26.60
CA ALA A 100 3.49 -25.43 -27.72
C ALA A 100 2.85 -26.79 -28.14
N GLY A 101 3.51 -27.88 -27.77
CA GLY A 101 2.97 -29.19 -28.05
C GLY A 101 1.76 -29.52 -27.19
N LEU A 102 1.67 -28.90 -26.02
CA LEU A 102 0.64 -29.28 -25.05
C LEU A 102 -0.61 -28.42 -25.08
N HIS A 103 -0.78 -27.59 -26.11
CA HIS A 103 -1.77 -26.52 -26.02
C HIS A 103 -3.19 -27.03 -26.04
N ASP A 104 -3.53 -27.81 -27.06
CA ASP A 104 -4.87 -28.35 -27.15
C ASP A 104 -4.95 -29.70 -26.45
N ILE A 105 -4.22 -29.90 -25.36
CA ILE A 105 -4.36 -31.19 -24.68
C ILE A 105 -5.77 -31.36 -24.12
N GLY A 106 -6.36 -30.27 -23.63
CA GLY A 106 -7.70 -30.32 -23.07
C GLY A 106 -8.80 -30.73 -24.04
N LYS A 107 -8.43 -31.00 -25.30
CA LYS A 107 -9.36 -31.52 -26.28
C LYS A 107 -9.65 -33.00 -25.96
N LEU A 108 -8.82 -33.59 -25.14
CA LEU A 108 -8.93 -34.99 -24.77
C LEU A 108 -9.87 -35.11 -23.57
N THR A 109 -11.08 -34.58 -23.75
CA THR A 109 -12.16 -34.74 -22.78
C THR A 109 -13.42 -35.18 -23.52
N ARG A 110 -14.32 -35.85 -22.80
CA ARG A 110 -15.52 -36.39 -23.41
C ARG A 110 -16.40 -35.29 -24.01
N GLU A 111 -16.42 -34.19 -23.28
CA GLU A 111 -17.20 -33.02 -23.61
C GLU A 111 -16.73 -32.35 -24.90
N PHE A 112 -15.48 -32.59 -25.31
CA PHE A 112 -15.01 -32.03 -26.56
C PHE A 112 -15.10 -33.09 -27.61
N GLN A 113 -14.59 -34.27 -27.29
CA GLN A 113 -14.54 -35.37 -28.23
C GLN A 113 -15.89 -35.73 -28.86
N GLN A 114 -16.94 -35.77 -28.03
CA GLN A 114 -18.28 -36.10 -28.51
C GLN A 114 -18.92 -35.09 -29.46
N GLN A 115 -18.27 -33.95 -29.66
CA GLN A 115 -18.83 -32.88 -30.52
C GLN A 115 -19.15 -33.39 -31.91
N ILE A 116 -18.39 -34.38 -32.36
CA ILE A 116 -18.75 -35.13 -33.57
C ILE A 116 -18.90 -36.61 -33.23
N ALA A 117 -19.24 -37.43 -34.23
CA ALA A 117 -19.42 -38.86 -33.99
C ALA A 117 -18.07 -39.59 -33.90
N ILE A 118 -17.93 -40.39 -32.85
CA ILE A 118 -16.69 -41.12 -32.55
C ILE A 118 -17.00 -42.27 -31.58
N ASP A 119 -16.24 -43.36 -31.68
CA ASP A 119 -16.51 -44.57 -30.89
C ASP A 119 -15.69 -44.59 -29.61
N LEU A 120 -16.33 -44.26 -28.49
CA LEU A 120 -15.63 -44.22 -27.20
C LEU A 120 -16.04 -45.36 -26.28
N SER A 121 -16.42 -46.50 -26.84
CA SER A 121 -16.92 -47.60 -26.04
C SER A 121 -15.85 -48.18 -25.12
N ALA A 122 -14.60 -47.91 -25.46
CA ALA A 122 -13.47 -48.45 -24.69
C ALA A 122 -13.15 -47.58 -23.46
N TYR A 123 -13.84 -46.45 -23.38
CA TYR A 123 -13.50 -45.43 -22.41
C TYR A 123 -14.70 -44.99 -21.58
N PRO A 124 -15.10 -45.81 -20.61
CA PRO A 124 -16.25 -45.50 -19.74
C PRO A 124 -15.85 -44.47 -18.71
N GLY A 125 -16.81 -43.66 -18.27
CA GLY A 125 -16.53 -42.69 -17.23
C GLY A 125 -16.31 -41.28 -17.72
N GLU A 126 -16.00 -40.38 -16.78
CA GLU A 126 -16.02 -38.96 -17.04
C GLU A 126 -17.24 -38.61 -17.88
N GLU A 127 -18.42 -38.94 -17.35
CA GLU A 127 -19.64 -38.60 -18.05
C GLU A 127 -19.84 -37.11 -17.92
N LEU A 128 -20.39 -36.50 -18.96
CA LEU A 128 -20.72 -35.07 -19.03
C LEU A 128 -21.19 -34.42 -17.71
N SER A 129 -20.64 -33.24 -17.40
CA SER A 129 -20.98 -32.50 -16.19
C SER A 129 -21.89 -31.33 -16.51
N GLY A 130 -21.82 -30.89 -17.75
CA GLY A 130 -22.59 -29.75 -18.19
C GLY A 130 -21.92 -28.46 -17.77
N GLU A 131 -20.64 -28.51 -17.47
CA GLU A 131 -19.92 -27.29 -17.15
C GLU A 131 -19.73 -26.45 -18.40
N GLN A 132 -19.73 -27.11 -19.56
CA GLN A 132 -19.51 -26.44 -20.83
C GLN A 132 -18.23 -25.61 -20.66
N ARG A 133 -17.14 -26.33 -20.43
CA ARG A 133 -15.82 -25.79 -20.12
C ARG A 133 -15.01 -25.86 -21.41
N SER A 134 -14.23 -24.82 -21.70
CA SER A 134 -13.47 -24.75 -22.96
C SER A 134 -12.26 -25.66 -22.94
N HIS A 135 -11.90 -26.22 -24.09
CA HIS A 135 -10.69 -27.05 -24.14
C HIS A 135 -9.47 -26.32 -23.58
N ALA A 136 -9.43 -25.00 -23.77
CA ALA A 136 -8.29 -24.24 -23.33
C ALA A 136 -8.26 -24.08 -21.82
N ALA A 137 -9.42 -23.83 -21.21
CA ALA A 137 -9.57 -23.86 -19.74
C ALA A 137 -9.17 -25.21 -19.17
N ALA A 138 -9.48 -26.29 -19.89
CA ALA A 138 -9.13 -27.62 -19.41
C ALA A 138 -7.63 -27.88 -19.42
N THR A 139 -6.95 -27.46 -20.50
CA THR A 139 -5.50 -27.57 -20.58
C THR A 139 -4.82 -26.90 -19.38
N GLY A 140 -5.39 -25.79 -18.91
CA GLY A 140 -4.86 -25.06 -17.77
C GLY A 140 -5.23 -25.66 -16.43
N LYS A 141 -6.28 -26.47 -16.44
CA LYS A 141 -6.75 -27.18 -15.26
C LYS A 141 -6.10 -28.56 -15.10
N TRP A 142 -5.55 -29.09 -16.20
CA TRP A 142 -4.98 -30.44 -16.19
C TRP A 142 -3.46 -30.44 -16.12
N LEU A 143 -2.84 -29.50 -16.81
CA LEU A 143 -1.38 -29.39 -16.78
C LEU A 143 -0.71 -29.26 -15.41
N PRO A 144 -1.29 -28.47 -14.47
CA PRO A 144 -0.53 -28.25 -13.23
C PRO A 144 -0.42 -29.50 -12.37
N PHE A 145 -1.12 -30.57 -12.73
CA PHE A 145 -1.06 -31.78 -11.93
C PHE A 145 -0.66 -33.00 -12.75
N ALA A 146 -0.02 -32.78 -13.90
CA ALA A 146 0.44 -33.90 -14.72
C ALA A 146 1.84 -33.60 -15.08
N LEU A 147 2.15 -32.31 -15.02
CA LEU A 147 3.48 -31.80 -15.35
C LEU A 147 4.54 -32.29 -14.35
N PRO A 148 4.20 -32.33 -13.05
CA PRO A 148 5.24 -32.84 -12.15
C PRO A 148 5.58 -34.33 -12.34
N SER A 149 4.85 -35.04 -13.20
CA SER A 149 5.19 -36.41 -13.50
C SER A 149 6.41 -36.46 -14.40
N LEU A 150 6.75 -35.32 -15.03
CA LEU A 150 7.97 -35.23 -15.85
C LEU A 150 8.99 -34.27 -15.26
N GLY A 151 8.89 -33.97 -13.98
CA GLY A 151 9.90 -33.16 -13.34
C GLY A 151 9.55 -31.76 -12.86
N TYR A 152 8.40 -31.21 -13.24
CA TYR A 152 8.09 -29.84 -12.83
C TYR A 152 7.73 -29.75 -11.35
N PRO A 153 8.16 -28.69 -10.66
CA PRO A 153 7.80 -28.53 -9.24
C PRO A 153 6.30 -28.44 -8.98
N ASN A 154 5.77 -29.49 -8.36
CA ASN A 154 4.40 -29.47 -7.88
C ASN A 154 4.24 -28.27 -6.97
N GLY A 155 3.24 -27.43 -7.26
CA GLY A 155 3.03 -26.21 -6.51
C GLY A 155 3.85 -25.07 -7.09
N GLY A 156 4.77 -25.43 -7.99
CA GLY A 156 5.77 -24.48 -8.47
C GLY A 156 5.26 -23.36 -9.34
N LEU A 157 5.89 -22.20 -9.22
CA LEU A 157 5.65 -21.06 -10.11
C LEU A 157 5.78 -21.42 -11.59
N VAL A 158 6.90 -22.04 -11.98
CA VAL A 158 7.15 -22.44 -13.36
C VAL A 158 6.00 -23.26 -13.91
N THR A 159 5.59 -24.29 -13.17
CA THR A 159 4.44 -25.11 -13.57
C THR A 159 3.16 -24.26 -13.71
N GLY A 160 2.70 -23.69 -12.61
CA GLY A 160 1.57 -22.76 -12.62
C GLY A 160 1.49 -21.79 -13.80
N LEU A 161 2.59 -21.12 -14.11
CA LEU A 161 2.65 -20.23 -15.26
C LEU A 161 2.64 -20.94 -16.61
N VAL A 162 3.39 -22.03 -16.77
CA VAL A 162 3.33 -22.73 -18.05
C VAL A 162 1.90 -23.18 -18.31
N ALA A 163 1.22 -23.62 -17.24
CA ALA A 163 -0.16 -24.10 -17.35
C ALA A 163 -1.13 -22.96 -17.66
N GLN A 164 -1.01 -21.87 -16.92
CA GLN A 164 -1.86 -20.71 -17.14
C GLN A 164 -1.71 -20.13 -18.54
N MET A 165 -0.46 -20.10 -19.01
CA MET A 165 -0.14 -19.46 -20.27
C MET A 165 -0.62 -20.29 -21.46
N LEU A 166 -0.61 -21.62 -21.33
CA LEU A 166 -1.03 -22.47 -22.42
C LEU A 166 -2.56 -22.44 -22.50
N GLY A 167 -3.18 -22.43 -21.33
CA GLY A 167 -4.62 -22.30 -21.19
C GLY A 167 -5.10 -20.98 -21.74
N GLY A 168 -4.17 -20.04 -21.94
CA GLY A 168 -4.49 -18.77 -22.55
C GLY A 168 -4.33 -18.71 -24.05
N HIS A 169 -4.29 -19.86 -24.73
CA HIS A 169 -3.96 -19.88 -26.17
C HIS A 169 -5.11 -19.61 -27.11
N HIS A 170 -6.20 -19.08 -26.56
CA HIS A 170 -7.26 -18.54 -27.39
C HIS A 170 -7.48 -17.07 -27.03
N GLY A 171 -6.46 -16.51 -26.38
CA GLY A 171 -6.38 -15.09 -26.11
C GLY A 171 -7.22 -14.67 -24.92
N THR A 172 -7.39 -15.57 -23.96
CA THR A 172 -8.00 -15.22 -22.69
C THR A 172 -7.33 -16.10 -21.65
N PHE A 173 -6.64 -15.49 -20.70
CA PHE A 173 -6.03 -16.30 -19.65
C PHE A 173 -7.12 -16.79 -18.69
N HIS A 174 -6.80 -17.71 -17.79
CA HIS A 174 -7.77 -18.10 -16.76
C HIS A 174 -7.12 -18.06 -15.40
N PRO A 175 -7.93 -17.97 -14.33
CA PRO A 175 -7.34 -17.91 -12.98
C PRO A 175 -6.61 -19.18 -12.65
N HIS A 176 -5.71 -19.11 -11.67
CA HIS A 176 -5.02 -20.30 -11.23
C HIS A 176 -5.98 -21.30 -10.58
N PRO A 177 -5.88 -22.58 -10.97
CA PRO A 177 -6.72 -23.69 -10.51
C PRO A 177 -6.73 -23.44 -9.01
N SER A 178 -7.89 -23.32 -8.38
CA SER A 178 -7.97 -23.31 -6.92
C SER A 178 -8.83 -24.47 -6.46
N PHE A 179 -8.30 -25.27 -5.53
CA PHE A 179 -8.97 -26.50 -5.13
C PHE A 179 -8.81 -26.75 -3.64
N GLN A 180 -9.70 -27.57 -3.09
CA GLN A 180 -9.77 -27.82 -1.64
C GLN A 180 -9.48 -29.27 -1.24
N SER A 181 -9.11 -30.12 -2.19
CA SER A 181 -8.88 -31.52 -1.86
C SER A 181 -7.42 -32.00 -2.08
N ARG A 182 -7.16 -33.25 -1.74
CA ARG A 182 -5.82 -33.82 -1.87
C ARG A 182 -5.69 -34.53 -3.20
N ASN A 183 -6.75 -34.45 -3.99
CA ASN A 183 -6.72 -34.98 -5.33
C ASN A 183 -7.41 -34.04 -6.27
N PRO A 184 -6.67 -33.02 -6.72
CA PRO A 184 -7.18 -31.97 -7.60
C PRO A 184 -7.63 -32.54 -8.95
N LEU A 185 -6.93 -33.55 -9.45
CA LEU A 185 -7.25 -34.04 -10.77
C LEU A 185 -8.71 -34.48 -10.81
N ALA A 186 -9.14 -35.24 -9.82
CA ALA A 186 -10.52 -35.71 -9.76
C ALA A 186 -11.45 -34.54 -9.44
N GLU A 187 -10.93 -33.62 -8.65
CA GLU A 187 -11.68 -32.45 -8.25
C GLU A 187 -12.05 -31.65 -9.48
N PHE A 188 -11.17 -31.67 -10.48
CA PHE A 188 -11.41 -30.91 -11.70
C PHE A 188 -12.08 -31.73 -12.81
N GLY A 189 -12.76 -32.79 -12.38
CA GLY A 189 -13.59 -33.57 -13.27
C GLY A 189 -12.78 -34.41 -14.22
N PHE A 190 -11.61 -34.84 -13.77
CA PHE A 190 -10.75 -35.75 -14.54
C PHE A 190 -10.65 -37.13 -13.91
N SER A 191 -11.80 -37.75 -13.65
CA SER A 191 -11.91 -38.86 -12.70
C SER A 191 -11.78 -40.25 -13.31
N SER A 192 -11.50 -40.36 -14.61
CA SER A 192 -11.48 -41.69 -15.23
C SER A 192 -10.13 -42.23 -15.67
N PRO A 193 -9.67 -43.31 -15.00
CA PRO A 193 -8.48 -44.11 -15.30
C PRO A 193 -8.28 -44.41 -16.78
N HIS A 194 -9.37 -44.67 -17.49
CA HIS A 194 -9.25 -44.90 -18.91
C HIS A 194 -8.82 -43.61 -19.58
N TRP A 195 -9.56 -42.54 -19.32
CA TRP A 195 -9.27 -41.23 -19.94
C TRP A 195 -7.89 -40.70 -19.52
N GLU A 196 -7.55 -40.90 -18.25
CA GLU A 196 -6.28 -40.42 -17.70
C GLU A 196 -5.00 -40.94 -18.38
N LYS A 197 -5.07 -42.17 -18.88
CA LYS A 197 -3.92 -42.84 -19.45
C LYS A 197 -3.65 -42.36 -20.90
N GLN A 198 -4.66 -41.73 -21.51
CA GLN A 198 -4.54 -41.29 -22.90
C GLN A 198 -4.08 -39.83 -23.03
N ARG A 199 -4.34 -39.05 -21.97
CA ARG A 199 -3.80 -37.71 -21.88
C ARG A 199 -2.32 -37.78 -21.51
N HIS A 200 -1.98 -38.67 -20.58
CA HIS A 200 -0.58 -38.90 -20.24
C HIS A 200 0.21 -39.43 -21.44
N ALA A 201 -0.42 -40.27 -22.25
CA ALA A 201 0.24 -40.79 -23.43
C ALA A 201 0.66 -39.61 -24.29
N LEU A 202 -0.27 -38.68 -24.43
CA LEU A 202 -0.11 -37.53 -25.29
C LEU A 202 0.86 -36.55 -24.66
N LEU A 203 0.84 -36.48 -23.33
CA LEU A 203 1.81 -35.69 -22.60
C LEU A 203 3.21 -36.20 -22.90
N HIS A 204 3.37 -37.52 -22.89
CA HIS A 204 4.67 -38.15 -23.15
C HIS A 204 5.05 -38.12 -24.64
N ALA A 205 4.06 -38.25 -25.51
CA ALA A 205 4.32 -38.23 -26.95
C ALA A 205 5.05 -36.95 -27.37
N VAL A 206 4.50 -35.80 -26.99
CA VAL A 206 5.12 -34.56 -27.40
C VAL A 206 6.39 -34.28 -26.59
N PHE A 207 6.43 -34.74 -25.34
CA PHE A 207 7.62 -34.61 -24.51
C PHE A 207 8.82 -35.27 -25.20
N ASP A 208 8.59 -36.49 -25.67
CA ASP A 208 9.58 -37.25 -26.42
C ASP A 208 9.95 -36.60 -27.74
N ALA A 209 8.95 -36.47 -28.59
CA ALA A 209 9.11 -35.82 -29.89
C ALA A 209 9.92 -34.53 -29.84
N THR A 210 10.00 -33.91 -28.67
CA THR A 210 10.77 -32.68 -28.51
C THR A 210 12.05 -32.83 -27.66
N GLY A 211 12.36 -34.07 -27.31
CA GLY A 211 13.62 -34.37 -26.68
C GLY A 211 13.66 -34.20 -25.18
N ARG A 212 12.59 -34.63 -24.51
CA ARG A 212 12.46 -34.62 -23.06
C ARG A 212 13.13 -33.45 -22.37
N PRO A 213 12.77 -32.22 -22.75
CA PRO A 213 13.51 -31.12 -22.15
C PRO A 213 13.16 -30.96 -20.67
N THR A 214 14.19 -30.70 -19.86
CA THR A 214 13.98 -30.56 -18.44
C THR A 214 13.21 -29.29 -18.19
N PRO A 215 12.48 -29.25 -17.07
CA PRO A 215 11.91 -27.98 -16.57
C PRO A 215 12.98 -26.93 -16.50
N PRO A 216 12.65 -25.68 -16.85
CA PRO A 216 13.52 -24.54 -16.58
C PRO A 216 13.42 -24.11 -15.12
N ASP A 217 14.51 -23.58 -14.61
CA ASP A 217 14.58 -23.13 -13.24
C ASP A 217 13.59 -22.02 -13.00
N MET A 218 13.44 -21.11 -13.94
CA MET A 218 12.56 -19.98 -13.70
C MET A 218 11.79 -19.50 -14.89
N LEU A 219 10.73 -18.78 -14.60
CA LEU A 219 9.93 -18.10 -15.60
C LEU A 219 9.32 -16.90 -14.92
N ASP A 220 8.99 -15.87 -15.67
CA ASP A 220 8.43 -14.68 -15.08
C ASP A 220 7.21 -14.25 -15.84
N GLY A 221 6.32 -13.49 -15.22
CA GLY A 221 5.04 -13.26 -15.82
C GLY A 221 5.08 -12.57 -17.16
N PRO A 222 5.91 -11.45 -17.28
CA PRO A 222 5.89 -10.87 -18.64
C PRO A 222 6.43 -11.81 -19.68
N THR A 223 7.52 -12.51 -19.39
CA THR A 223 8.12 -13.42 -20.35
C THR A 223 7.13 -14.48 -20.86
N ALA A 224 6.31 -14.97 -19.95
CA ALA A 224 5.35 -16.02 -20.28
C ALA A 224 4.26 -15.52 -21.24
N SER A 225 3.87 -14.25 -21.09
CA SER A 225 2.96 -13.63 -22.03
C SER A 225 3.54 -13.59 -23.45
N VAL A 226 4.83 -13.33 -23.58
CA VAL A 226 5.47 -13.35 -24.88
C VAL A 226 5.56 -14.76 -25.45
N VAL A 227 5.77 -15.74 -24.59
CA VAL A 227 5.77 -17.14 -25.04
C VAL A 227 4.36 -17.51 -25.43
N CYS A 228 3.39 -16.92 -24.75
CA CYS A 228 2.00 -17.14 -25.12
C CYS A 228 1.79 -16.71 -26.57
N GLY A 229 2.14 -15.47 -26.89
CA GLY A 229 2.05 -14.96 -28.25
C GLY A 229 2.55 -15.93 -29.30
N LEU A 230 3.81 -16.31 -29.17
CA LEU A 230 4.42 -17.33 -29.99
C LEU A 230 3.59 -18.60 -30.12
N VAL A 231 3.25 -19.21 -28.98
CA VAL A 231 2.46 -20.45 -29.01
C VAL A 231 1.21 -20.23 -29.85
N ILE A 232 0.60 -19.04 -29.73
CA ILE A 232 -0.54 -18.67 -30.55
C ILE A 232 -0.16 -18.61 -32.02
N LEU A 233 0.92 -17.91 -32.36
CA LEU A 233 1.36 -17.81 -33.75
C LEU A 233 1.55 -19.18 -34.37
N ALA A 234 2.16 -20.06 -33.59
CA ALA A 234 2.26 -21.46 -33.95
C ALA A 234 0.88 -22.05 -34.33
N ASP A 235 -0.04 -22.22 -33.36
CA ASP A 235 -1.35 -22.88 -33.59
C ASP A 235 -2.02 -22.32 -34.84
N TRP A 236 -2.06 -21.00 -34.98
CA TRP A 236 -2.63 -20.36 -36.17
C TRP A 236 -2.03 -20.80 -37.50
N LEU A 237 -0.69 -20.84 -37.57
CA LEU A 237 0.00 -21.22 -38.79
C LEU A 237 -0.30 -22.65 -39.21
N VAL A 238 -0.29 -23.57 -38.24
CA VAL A 238 -0.51 -24.98 -38.52
C VAL A 238 -2.00 -25.36 -38.50
N SER A 239 -2.85 -24.37 -38.78
CA SER A 239 -4.31 -24.53 -38.70
C SER A 239 -4.98 -24.08 -39.98
N GLN A 240 -4.18 -23.42 -40.83
CA GLN A 240 -4.62 -23.01 -42.14
C GLN A 240 -5.07 -24.24 -42.91
N GLU A 241 -6.27 -24.16 -43.50
CA GLU A 241 -6.83 -25.30 -44.22
C GLU A 241 -5.89 -25.93 -45.23
N ASP A 242 -5.19 -25.11 -46.01
CA ASP A 242 -4.26 -25.63 -47.00
C ASP A 242 -3.24 -26.60 -46.43
N PHE A 243 -2.61 -26.20 -45.34
CA PHE A 243 -1.59 -27.00 -44.67
C PHE A 243 -2.17 -28.27 -44.04
N LEU A 244 -3.42 -28.21 -43.60
CA LEU A 244 -4.06 -29.34 -42.95
C LEU A 244 -4.37 -30.47 -43.93
N LEU A 245 -4.87 -30.09 -45.09
CA LEU A 245 -5.25 -31.02 -46.15
C LEU A 245 -4.02 -31.77 -46.64
N GLU A 246 -2.95 -31.01 -46.90
CA GLU A 246 -1.65 -31.58 -47.18
C GLU A 246 -1.24 -32.70 -46.20
N ARG A 247 -1.26 -32.41 -44.92
CA ARG A 247 -0.80 -33.39 -43.92
C ARG A 247 -1.78 -34.55 -43.75
N LEU A 248 -2.99 -34.34 -44.23
CA LEU A 248 -4.05 -35.33 -44.07
C LEU A 248 -3.71 -36.58 -44.86
N THR A 249 -3.05 -36.38 -45.99
CA THR A 249 -2.60 -37.48 -46.83
C THR A 249 -1.75 -38.44 -46.02
N SER A 250 -0.71 -37.91 -45.37
CA SER A 250 0.30 -38.75 -44.74
C SER A 250 0.17 -38.87 -43.23
N LEU A 251 -1.04 -39.13 -42.75
CA LEU A 251 -1.26 -39.40 -41.34
C LEU A 251 -0.41 -40.59 -40.91
N PRO A 252 -0.07 -40.68 -39.62
CA PRO A 252 0.73 -41.80 -39.11
C PRO A 252 -0.06 -43.12 -39.10
N ALA A 253 0.63 -44.21 -39.43
CA ALA A 253 0.03 -45.53 -39.45
C ALA A 253 -0.59 -45.92 -38.11
N ASP A 254 0.13 -45.61 -37.03
CA ASP A 254 -0.34 -45.90 -35.68
C ASP A 254 0.26 -44.95 -34.66
N GLY A 255 -0.14 -45.11 -33.39
CA GLY A 255 0.32 -44.26 -32.32
C GLY A 255 1.61 -44.72 -31.69
N SER A 256 2.60 -45.04 -32.55
CA SER A 256 3.89 -45.54 -32.10
C SER A 256 4.94 -44.43 -32.11
N ALA A 257 5.94 -44.54 -31.22
CA ALA A 257 6.96 -43.49 -31.12
C ALA A 257 7.68 -43.25 -32.44
N SER A 258 7.96 -44.33 -33.19
CA SER A 258 8.56 -44.19 -34.50
C SER A 258 7.67 -43.33 -35.37
N ALA A 259 6.40 -43.73 -35.46
CA ALA A 259 5.43 -43.10 -36.36
C ALA A 259 5.15 -41.63 -36.03
N LEU A 260 5.47 -41.23 -34.79
CA LEU A 260 5.20 -39.87 -34.30
C LEU A 260 6.46 -39.03 -34.40
N ARG A 261 7.61 -39.67 -34.16
CA ARG A 261 8.90 -39.09 -34.49
C ARG A 261 8.94 -38.78 -35.99
N ALA A 262 8.27 -39.63 -36.77
CA ALA A 262 8.17 -39.44 -38.21
C ALA A 262 7.32 -38.23 -38.59
N HIS A 263 6.14 -38.12 -37.98
CA HIS A 263 5.15 -37.06 -38.27
C HIS A 263 5.65 -35.66 -37.86
N PHE A 264 6.32 -35.60 -36.72
CA PHE A 264 6.86 -34.35 -36.16
C PHE A 264 7.98 -33.76 -37.02
N GLU A 265 8.96 -34.60 -37.37
CA GLU A 265 10.07 -34.19 -38.23
C GLU A 265 9.57 -33.87 -39.65
N THR A 266 8.59 -34.64 -40.11
CA THR A 266 7.95 -34.38 -41.40
C THR A 266 7.45 -32.95 -41.44
N SER A 267 6.88 -32.49 -40.32
CA SER A 267 6.25 -31.18 -40.27
C SER A 267 7.29 -30.08 -40.16
N LEU A 268 8.35 -30.36 -39.39
CA LEU A 268 9.47 -29.43 -39.24
C LEU A 268 9.99 -28.94 -40.59
N ARG A 269 10.16 -29.85 -41.54
CA ARG A 269 10.62 -29.48 -42.87
C ARG A 269 9.67 -28.50 -43.53
N ARG A 270 8.38 -28.71 -43.28
CA ARG A 270 7.38 -28.05 -44.07
C ARG A 270 6.96 -26.71 -43.53
N ILE A 271 7.36 -26.42 -42.30
CA ILE A 271 6.96 -25.15 -41.68
C ILE A 271 7.60 -23.89 -42.29
N PRO A 272 8.92 -23.88 -42.55
CA PRO A 272 9.50 -22.63 -43.04
C PRO A 272 8.90 -22.11 -44.34
N SER A 273 8.42 -23.03 -45.18
CA SER A 273 7.49 -22.71 -46.27
C SER A 273 6.43 -21.71 -45.80
N LEU A 274 5.54 -22.16 -44.90
CA LEU A 274 4.46 -21.37 -44.28
C LEU A 274 4.85 -19.94 -43.91
N LEU A 275 6.06 -19.80 -43.37
CA LEU A 275 6.63 -18.50 -42.95
C LEU A 275 6.73 -17.49 -44.08
N ASP A 276 7.49 -17.84 -45.13
CA ASP A 276 7.65 -17.02 -46.33
C ASP A 276 6.30 -16.72 -46.95
N ALA A 277 5.43 -17.72 -46.90
CA ALA A 277 4.14 -17.66 -47.54
C ALA A 277 3.34 -16.55 -46.89
N ALA A 278 3.57 -16.38 -45.59
CA ALA A 278 2.88 -15.34 -44.84
C ALA A 278 3.66 -14.03 -44.92
N GLY A 279 4.96 -14.09 -45.18
CA GLY A 279 5.72 -12.87 -45.29
C GLY A 279 6.33 -12.45 -43.97
N LEU A 280 6.45 -13.40 -43.06
CA LEU A 280 6.97 -13.12 -41.73
C LEU A 280 8.48 -13.01 -41.63
N ARG A 281 9.18 -13.35 -42.71
CA ARG A 281 10.64 -13.46 -42.69
C ARG A 281 11.30 -12.11 -42.44
N PRO A 282 12.26 -12.06 -41.49
CA PRO A 282 12.87 -10.82 -41.01
C PRO A 282 13.32 -9.84 -42.07
N ILE A 283 13.54 -8.61 -41.64
CA ILE A 283 14.18 -7.61 -42.48
C ILE A 283 15.42 -7.05 -41.78
N THR A 284 16.59 -7.48 -42.25
CA THR A 284 17.84 -7.06 -41.64
C THR A 284 18.51 -5.99 -42.49
N VAL A 285 19.26 -5.11 -41.84
CA VAL A 285 19.75 -3.91 -42.50
C VAL A 285 21.15 -3.63 -41.98
N PRO A 286 22.12 -3.55 -42.91
CA PRO A 286 23.56 -3.45 -42.63
C PRO A 286 23.86 -2.30 -41.68
N PRO A 287 24.90 -2.43 -40.84
CA PRO A 287 25.31 -1.22 -40.13
C PRO A 287 25.77 -0.16 -41.14
N ALA A 288 25.47 1.10 -40.88
CA ALA A 288 25.95 2.17 -41.73
C ALA A 288 26.20 3.44 -40.94
N THR A 289 26.79 4.42 -41.61
CA THR A 289 26.97 5.69 -40.96
C THR A 289 25.77 6.45 -41.39
N PHE A 290 25.67 7.70 -40.97
CA PHE A 290 24.51 8.46 -41.29
C PHE A 290 24.37 8.70 -42.76
N THR A 291 25.43 9.21 -43.38
CA THR A 291 25.38 9.51 -44.82
C THR A 291 25.36 8.28 -45.73
N GLU A 292 26.01 7.20 -45.32
CA GLU A 292 25.86 5.93 -46.02
C GLU A 292 24.39 5.50 -46.09
N SER A 293 23.59 5.97 -45.13
CA SER A 293 22.20 5.55 -45.01
C SER A 293 21.31 6.59 -45.59
N PHE A 294 21.80 7.82 -45.66
CA PHE A 294 21.08 8.88 -46.34
C PHE A 294 21.97 9.62 -47.34
N PRO A 295 22.36 8.92 -48.42
CA PRO A 295 23.28 9.46 -49.42
C PRO A 295 22.69 10.60 -50.24
N HIS A 296 21.37 10.65 -50.41
CA HIS A 296 20.76 11.78 -51.13
C HIS A 296 20.62 13.01 -50.22
N LEU A 297 21.21 12.93 -49.03
CA LEU A 297 21.31 14.08 -48.13
C LEU A 297 22.72 14.64 -48.16
N SER A 298 22.88 15.74 -48.89
CA SER A 298 24.18 16.39 -49.00
C SER A 298 24.64 16.97 -47.67
N LYS A 299 23.79 17.79 -47.05
CA LYS A 299 24.14 18.48 -45.79
C LYS A 299 23.34 17.94 -44.58
N PRO A 300 23.83 16.87 -43.94
CA PRO A 300 23.17 16.42 -42.71
C PRO A 300 23.11 17.57 -41.72
N ASN A 301 21.97 17.76 -41.03
CA ASN A 301 21.81 18.93 -40.14
C ASN A 301 22.29 18.80 -38.67
N GLY A 302 22.12 19.86 -37.89
CA GLY A 302 22.66 19.93 -36.54
C GLY A 302 22.16 18.78 -35.68
N LEU A 303 20.86 18.52 -35.77
CA LEU A 303 20.25 17.42 -35.05
C LEU A 303 20.82 16.07 -35.49
N GLN A 304 20.89 15.84 -36.79
CA GLN A 304 21.38 14.55 -37.31
C GLN A 304 22.84 14.30 -36.97
N ALA A 305 23.68 15.34 -37.10
CA ALA A 305 25.12 15.19 -36.83
C ALA A 305 25.36 14.88 -35.35
N SER A 306 24.70 15.68 -34.52
CA SER A 306 24.75 15.57 -33.07
C SER A 306 24.39 14.17 -32.62
N LEU A 307 23.30 13.62 -33.15
CA LEU A 307 22.88 12.28 -32.75
C LEU A 307 23.92 11.30 -33.24
N ALA A 308 24.20 11.32 -34.54
CA ALA A 308 25.07 10.33 -35.19
C ALA A 308 26.47 10.23 -34.57
N LYS A 309 27.08 11.36 -34.26
CA LYS A 309 28.41 11.41 -33.62
C LYS A 309 28.40 10.90 -32.18
N HIS A 310 27.57 11.53 -31.35
CA HIS A 310 27.45 11.22 -29.93
C HIS A 310 26.69 9.92 -29.56
N LEU A 311 25.79 9.45 -30.43
CA LEU A 311 24.94 8.34 -30.05
C LEU A 311 25.51 6.91 -30.04
N PRO A 312 26.37 6.54 -31.00
CA PRO A 312 26.69 5.10 -31.06
C PRO A 312 27.50 4.61 -29.87
N CYS A 313 28.14 5.52 -29.15
CA CYS A 313 28.93 5.15 -27.98
C CYS A 313 28.02 4.81 -26.79
N LEU A 314 26.83 5.40 -26.79
CA LEU A 314 25.88 5.22 -25.70
C LEU A 314 24.97 4.02 -25.93
N CYS A 315 24.61 3.79 -27.19
CA CYS A 315 23.70 2.70 -27.54
C CYS A 315 24.32 1.31 -27.38
N THR A 316 24.70 0.99 -26.15
CA THR A 316 25.41 -0.24 -25.82
C THR A 316 24.48 -1.45 -25.52
N GLY A 317 23.17 -1.23 -25.68
CA GLY A 317 22.13 -2.20 -25.36
C GLY A 317 20.76 -1.51 -25.21
N PRO A 318 19.84 -2.12 -24.45
CA PRO A 318 18.48 -1.56 -24.41
C PRO A 318 18.46 -0.17 -23.79
N GLY A 319 17.73 0.73 -24.42
CA GLY A 319 17.57 2.06 -23.91
C GLY A 319 16.45 2.78 -24.63
N LEU A 320 16.23 4.03 -24.22
CA LEU A 320 15.20 4.87 -24.79
C LEU A 320 15.86 6.17 -25.25
N VAL A 321 15.48 6.67 -26.43
CA VAL A 321 15.98 7.98 -26.88
C VAL A 321 14.79 8.89 -26.97
N LEU A 322 14.90 10.09 -26.39
CA LEU A 322 13.86 11.11 -26.56
C LEU A 322 14.46 12.22 -27.37
N ILE A 323 13.87 12.51 -28.53
CA ILE A 323 14.28 13.63 -29.38
C ILE A 323 13.15 14.63 -29.53
N THR A 324 13.47 15.88 -29.28
CA THR A 324 12.51 16.96 -29.39
C THR A 324 13.19 18.03 -30.20
N ALA A 325 12.57 18.42 -31.29
CA ALA A 325 13.14 19.42 -32.17
C ALA A 325 12.01 19.80 -33.11
N PRO A 326 12.07 21.03 -33.65
CA PRO A 326 10.88 21.59 -34.30
C PRO A 326 10.45 20.83 -35.54
N MET A 327 9.36 21.29 -36.16
CA MET A 327 8.89 20.70 -37.41
C MET A 327 9.86 20.99 -38.55
N GLY A 328 10.08 19.97 -39.37
CA GLY A 328 10.94 20.11 -40.54
C GLY A 328 12.42 20.13 -40.23
N GLU A 329 12.85 19.42 -39.19
CA GLU A 329 14.29 19.32 -38.90
C GLU A 329 14.83 17.93 -39.12
N GLY A 330 14.12 17.12 -39.88
CA GLY A 330 14.63 15.82 -40.29
C GLY A 330 14.69 14.81 -39.16
N LYS A 331 13.76 14.93 -38.22
CA LYS A 331 13.68 13.99 -37.10
C LYS A 331 13.45 12.58 -37.61
N THR A 332 12.81 12.47 -38.78
CA THR A 332 12.49 11.18 -39.39
C THR A 332 13.68 10.31 -39.77
N GLU A 333 14.69 10.88 -40.44
CA GLU A 333 15.91 10.14 -40.76
C GLU A 333 16.74 10.00 -39.47
N ALA A 334 16.75 11.07 -38.70
CA ALA A 334 17.34 11.05 -37.38
C ALA A 334 16.76 9.85 -36.65
N ALA A 335 15.43 9.66 -36.76
CA ALA A 335 14.71 8.58 -36.11
C ALA A 335 15.23 7.23 -36.54
N TYR A 336 15.21 6.98 -37.86
CA TYR A 336 15.67 5.72 -38.45
C TYR A 336 17.08 5.34 -38.00
N HIS A 337 17.98 6.31 -37.97
CA HIS A 337 19.36 5.99 -37.66
C HIS A 337 19.54 5.55 -36.21
N VAL A 338 18.95 6.32 -35.29
CA VAL A 338 18.93 5.96 -33.88
C VAL A 338 18.27 4.58 -33.71
N ALA A 339 17.17 4.39 -34.42
CA ALA A 339 16.49 3.11 -34.44
C ALA A 339 17.49 2.04 -34.83
N ASP A 340 18.21 2.29 -35.90
CA ASP A 340 19.15 1.32 -36.39
C ASP A 340 20.22 1.06 -35.37
N LEU A 341 20.70 2.09 -34.72
CA LEU A 341 21.76 1.90 -33.75
C LEU A 341 21.31 1.04 -32.59
N LEU A 342 20.15 1.32 -32.03
CA LEU A 342 19.61 0.53 -30.93
C LEU A 342 19.32 -0.88 -31.36
N GLY A 343 18.79 -0.99 -32.56
CA GLY A 343 18.38 -2.29 -33.08
C GLY A 343 19.50 -3.31 -33.03
N LYS A 344 20.66 -2.90 -33.54
CA LYS A 344 21.83 -3.76 -33.56
C LYS A 344 22.24 -4.12 -32.14
N ALA A 345 22.38 -3.10 -31.29
CA ALA A 345 22.70 -3.27 -29.87
C ALA A 345 21.87 -4.32 -29.18
N THR A 346 20.63 -4.49 -29.65
CA THR A 346 19.64 -5.26 -28.94
C THR A 346 19.23 -6.51 -29.67
N GLY A 347 19.74 -6.72 -30.88
CA GLY A 347 19.35 -7.91 -31.64
C GLY A 347 17.93 -7.86 -32.17
N ARG A 348 17.46 -6.65 -32.40
CA ARG A 348 16.07 -6.44 -32.77
C ARG A 348 15.99 -5.71 -34.12
N PRO A 349 15.77 -6.48 -35.20
CA PRO A 349 15.70 -6.00 -36.58
C PRO A 349 14.30 -5.49 -36.96
N GLY A 350 13.30 -5.84 -36.17
CA GLY A 350 11.96 -5.32 -36.39
C GLY A 350 11.87 -3.82 -36.17
N ARG A 351 11.00 -3.16 -36.92
CA ARG A 351 10.64 -1.79 -36.59
C ARG A 351 9.13 -1.73 -36.48
N PHE A 352 8.65 -0.88 -35.57
CA PHE A 352 7.30 -0.33 -35.64
C PHE A 352 7.37 1.17 -35.46
N LEU A 353 6.69 1.93 -36.31
CA LEU A 353 6.59 3.37 -36.08
C LEU A 353 5.16 3.74 -35.78
N ALA A 354 4.94 4.28 -34.59
CA ALA A 354 3.62 4.71 -34.21
C ALA A 354 3.42 6.12 -34.71
N LEU A 355 2.38 6.32 -35.52
CA LEU A 355 1.99 7.68 -35.92
C LEU A 355 0.67 8.19 -35.31
N PRO A 356 0.49 9.52 -35.28
CA PRO A 356 -0.70 10.12 -34.66
C PRO A 356 -1.99 10.00 -35.44
N THR A 357 -1.92 9.78 -36.75
CA THR A 357 -3.12 9.70 -37.54
C THR A 357 -3.00 8.61 -38.60
N MET A 358 -4.11 8.31 -39.25
CA MET A 358 -4.07 7.38 -40.38
C MET A 358 -3.29 7.94 -41.56
N ALA A 359 -3.49 9.24 -41.80
CA ALA A 359 -2.85 9.93 -42.92
C ALA A 359 -1.36 9.79 -42.81
N THR A 360 -0.83 10.33 -41.71
CA THR A 360 0.61 10.39 -41.49
C THR A 360 1.25 9.00 -41.52
N ALA A 361 0.48 7.96 -41.18
CA ALA A 361 0.99 6.60 -41.25
C ALA A 361 1.15 6.16 -42.71
N ASP A 362 0.33 6.73 -43.59
CA ASP A 362 0.47 6.41 -45.01
C ASP A 362 1.73 7.06 -45.55
N GLN A 363 1.86 8.36 -45.30
CA GLN A 363 3.00 9.12 -45.79
C GLN A 363 4.29 8.47 -45.29
N MET A 364 4.29 8.12 -44.00
CA MET A 364 5.46 7.56 -43.36
C MET A 364 5.75 6.15 -43.85
N HIS A 365 4.69 5.44 -44.20
CA HIS A 365 4.84 4.12 -44.78
C HIS A 365 5.67 4.22 -46.04
N THR A 366 5.33 5.17 -46.91
CA THR A 366 6.08 5.39 -48.16
C THR A 366 7.53 5.61 -47.81
N ARG A 367 7.82 6.68 -47.08
CA ARG A 367 9.17 7.00 -46.64
C ARG A 367 10.01 5.78 -46.18
N LEU A 368 9.47 4.99 -45.26
CA LEU A 368 10.23 3.87 -44.72
C LEU A 368 10.47 2.78 -45.77
N LYS A 369 9.46 2.51 -46.57
CA LYS A 369 9.59 1.52 -47.63
C LYS A 369 10.72 1.94 -48.56
N GLU A 370 10.73 3.23 -48.95
CA GLU A 370 11.76 3.73 -49.86
C GLU A 370 13.13 3.51 -49.23
N TYR A 371 13.28 3.99 -48.01
CA TYR A 371 14.44 3.68 -47.21
C TYR A 371 14.76 2.19 -47.15
N ALA A 372 13.77 1.34 -46.93
CA ALA A 372 14.04 -0.08 -46.78
C ALA A 372 14.60 -0.72 -48.05
N ARG A 373 14.02 -0.36 -49.19
CA ARG A 373 14.48 -0.77 -50.53
C ARG A 373 15.95 -0.45 -50.76
N TYR A 374 16.30 0.81 -50.51
CA TYR A 374 17.70 1.25 -50.55
C TYR A 374 18.57 0.43 -49.59
N ARG A 375 18.27 0.48 -48.29
CA ARG A 375 19.20 0.13 -47.22
C ARG A 375 19.51 -1.34 -47.07
N VAL A 376 18.51 -2.17 -47.37
CA VAL A 376 18.79 -3.60 -47.49
C VAL A 376 19.42 -3.78 -48.86
N GLU A 377 20.35 -4.72 -49.01
CA GLU A 377 21.12 -4.80 -50.25
C GLU A 377 20.23 -5.10 -51.46
N ASN A 378 20.29 -4.21 -52.45
CA ASN A 378 19.40 -4.25 -53.61
C ASN A 378 19.57 -5.49 -54.46
N THR A 379 20.72 -6.15 -54.32
CA THR A 379 21.07 -7.35 -55.10
C THR A 379 20.20 -8.58 -54.74
N ASP A 380 20.26 -8.99 -53.47
CA ASP A 380 19.34 -10.02 -52.98
C ASP A 380 18.30 -9.44 -52.04
N LEU A 381 17.03 -9.74 -52.32
CA LEU A 381 15.92 -9.01 -51.73
C LEU A 381 15.04 -9.92 -50.87
N PRO A 382 14.29 -9.32 -49.92
CA PRO A 382 13.35 -10.13 -49.18
C PRO A 382 12.11 -9.86 -50.02
N ARG A 383 11.48 -10.92 -50.51
CA ARG A 383 10.15 -10.87 -51.08
C ARG A 383 9.13 -11.53 -50.13
N SER A 384 9.63 -12.37 -49.23
CA SER A 384 8.79 -12.94 -48.18
C SER A 384 8.93 -12.13 -46.88
N SER A 385 8.78 -10.82 -46.99
CA SER A 385 9.00 -9.96 -45.85
C SER A 385 8.22 -8.69 -46.02
N THR A 386 6.98 -8.71 -45.58
CA THR A 386 6.09 -7.58 -45.78
C THR A 386 6.42 -6.43 -44.84
N LEU A 387 6.41 -5.22 -45.39
CA LEU A 387 6.46 -4.02 -44.57
C LEU A 387 5.02 -3.50 -44.45
N ALA A 388 4.39 -3.83 -43.33
CA ALA A 388 2.95 -3.66 -43.12
C ALA A 388 2.51 -2.24 -42.85
N LEU A 389 1.26 -1.95 -43.24
CA LEU A 389 0.59 -0.70 -42.92
C LEU A 389 -0.60 -1.00 -42.01
N LEU A 390 -0.52 -0.48 -40.79
CA LEU A 390 -1.40 -0.86 -39.69
C LEU A 390 -2.40 0.24 -39.23
N HIS A 391 -3.60 0.24 -39.81
CA HIS A 391 -4.72 1.03 -39.34
C HIS A 391 -6.03 0.52 -39.93
N SER A 392 -7.14 1.18 -39.63
CA SER A 392 -8.47 0.63 -39.91
C SER A 392 -8.91 0.80 -41.37
N MET A 393 -8.37 1.82 -42.04
CA MET A 393 -8.65 2.10 -43.44
C MET A 393 -7.56 1.51 -44.33
N ALA A 394 -6.78 0.59 -43.78
CA ALA A 394 -5.70 -0.03 -44.54
C ALA A 394 -6.21 -0.88 -45.70
N TRP A 395 -7.42 -1.40 -45.59
CA TRP A 395 -7.94 -2.30 -46.62
C TRP A 395 -8.43 -1.51 -47.80
N LEU A 396 -8.93 -0.30 -47.54
CA LEU A 396 -9.53 0.52 -48.59
C LEU A 396 -8.48 1.32 -49.35
N ASN A 397 -7.22 1.03 -49.07
CA ASN A 397 -6.13 1.57 -49.86
C ASN A 397 -5.76 0.52 -50.89
N PRO A 398 -5.92 0.84 -52.18
CA PRO A 398 -5.69 -0.03 -53.35
C PRO A 398 -4.22 -0.40 -53.54
N ASP A 399 -3.31 0.50 -53.18
CA ASP A 399 -1.87 0.28 -53.31
C ASP A 399 -1.35 -0.77 -52.35
N TYR A 400 -1.56 -0.51 -51.07
CA TYR A 400 -1.09 -1.37 -50.01
C TYR A 400 -1.73 -2.75 -50.06
N ALA A 401 -3.03 -2.77 -50.31
CA ALA A 401 -3.80 -4.01 -50.27
C ALA A 401 -3.61 -4.82 -51.54
N PRO A 402 -3.63 -6.16 -51.39
CA PRO A 402 -3.56 -7.06 -52.56
C PRO A 402 -4.92 -7.18 -53.24
N ALA A 403 -4.95 -7.63 -54.50
CA ALA A 403 -6.23 -7.75 -55.18
C ALA A 403 -6.97 -9.01 -54.75
N HIS A 417 8.13 -14.67 -56.21
CA HIS A 417 7.22 -14.29 -57.30
C HIS A 417 6.44 -13.02 -56.99
N ARG A 418 6.43 -12.63 -55.72
CA ARG A 418 5.74 -11.42 -55.25
C ARG A 418 6.67 -10.20 -55.34
N ASP A 419 6.13 -9.01 -55.08
CA ASP A 419 6.98 -7.81 -55.01
C ASP A 419 7.52 -7.65 -53.59
N PRO A 420 8.71 -7.02 -53.43
CA PRO A 420 9.29 -6.98 -52.08
C PRO A 420 8.50 -6.09 -51.13
N PHE A 421 8.41 -6.50 -49.88
CA PHE A 421 7.72 -5.74 -48.83
C PHE A 421 6.23 -5.60 -49.08
N ALA A 422 5.70 -6.38 -50.01
CA ALA A 422 4.30 -6.29 -50.36
C ALA A 422 3.50 -6.96 -49.28
N ALA A 423 2.23 -6.58 -49.12
CA ALA A 423 1.38 -7.21 -48.11
C ALA A 423 0.85 -8.57 -48.54
N THR A 424 1.22 -9.59 -47.78
CA THR A 424 0.69 -10.92 -47.96
C THR A 424 -0.81 -10.92 -47.63
N ASP A 425 -1.48 -12.05 -47.88
CA ASP A 425 -2.88 -12.17 -47.53
C ASP A 425 -3.02 -12.50 -46.06
N TRP A 426 -2.00 -13.14 -45.52
CA TRP A 426 -2.04 -13.61 -44.15
C TRP A 426 -2.06 -12.47 -43.14
N LEU A 427 -1.18 -11.50 -43.31
CA LEU A 427 -1.08 -10.39 -42.39
C LEU A 427 -2.14 -9.36 -42.66
N MET A 428 -3.10 -9.67 -43.50
CA MET A 428 -4.17 -8.72 -43.65
C MET A 428 -5.29 -9.03 -42.68
N GLY A 429 -5.13 -10.14 -41.96
CA GLY A 429 -6.12 -10.66 -41.03
C GLY A 429 -6.11 -9.95 -39.72
N ARG A 430 -7.12 -10.19 -38.91
CA ARG A 430 -7.30 -9.50 -37.64
C ARG A 430 -6.20 -9.88 -36.66
N LYS A 431 -5.59 -8.89 -36.04
CA LYS A 431 -4.68 -9.10 -34.93
C LYS A 431 -3.26 -9.52 -35.29
N ARG A 432 -2.96 -9.59 -36.57
CA ARG A 432 -1.68 -10.10 -37.08
C ARG A 432 -0.71 -9.01 -37.49
N GLY A 433 -1.21 -7.80 -37.76
CA GLY A 433 -0.37 -6.71 -38.20
C GLY A 433 0.98 -6.56 -37.50
N LEU A 434 1.01 -6.65 -36.18
CA LEU A 434 2.23 -6.42 -35.42
C LEU A 434 3.20 -7.58 -35.48
N LEU A 435 2.82 -8.66 -36.14
CA LEU A 435 3.76 -9.75 -36.40
C LEU A 435 4.62 -9.45 -37.64
N ALA A 436 4.15 -8.54 -38.51
CA ALA A 436 4.95 -8.05 -39.66
C ALA A 436 6.31 -7.64 -39.18
N PRO A 437 7.38 -7.97 -39.93
CA PRO A 437 8.73 -7.73 -39.45
C PRO A 437 8.99 -6.24 -39.31
N TRP A 438 8.56 -5.45 -40.28
CA TRP A 438 8.51 -4.02 -40.08
C TRP A 438 7.04 -3.61 -40.21
N ALA A 439 6.69 -2.46 -39.68
CA ALA A 439 5.32 -1.94 -39.76
C ALA A 439 5.28 -0.51 -39.31
N VAL A 440 4.63 0.36 -40.06
CA VAL A 440 4.30 1.65 -39.49
C VAL A 440 2.80 1.61 -39.35
N GLY A 441 2.27 2.18 -38.30
CA GLY A 441 0.84 2.16 -38.10
C GLY A 441 0.41 3.40 -37.38
N THR A 442 -0.86 3.43 -36.97
CA THR A 442 -1.31 4.41 -35.98
C THR A 442 -0.85 4.02 -34.57
N ILE A 443 -0.71 5.02 -33.70
CA ILE A 443 -0.24 4.73 -32.36
C ILE A 443 -1.15 3.70 -31.70
N ASP A 444 -2.45 3.84 -31.97
CA ASP A 444 -3.46 3.06 -31.32
C ASP A 444 -3.20 1.57 -31.51
N GLN A 445 -2.45 1.22 -32.55
CA GLN A 445 -2.28 -0.19 -32.82
C GLN A 445 -1.36 -0.82 -31.80
N ALA A 446 -0.48 0.01 -31.24
CA ALA A 446 0.53 -0.46 -30.26
C ALA A 446 -0.06 -0.46 -28.86
N LEU A 447 -0.78 0.61 -28.54
CA LEU A 447 -1.51 0.73 -27.28
C LEU A 447 -2.51 -0.43 -27.08
N MET A 448 -3.13 -0.95 -28.13
CA MET A 448 -4.03 -2.08 -27.92
C MET A 448 -3.35 -3.31 -27.33
N ALA A 449 -2.05 -3.22 -27.12
CA ALA A 449 -1.29 -4.31 -26.55
C ALA A 449 -1.35 -4.28 -25.02
N VAL A 450 -1.49 -3.08 -24.49
CA VAL A 450 -1.59 -2.87 -23.07
C VAL A 450 -3.02 -2.79 -22.58
N LEU A 451 -3.98 -2.82 -23.48
CA LEU A 451 -5.37 -2.80 -23.13
C LEU A 451 -5.77 -4.13 -22.60
N ARG A 452 -6.75 -4.16 -21.71
CA ARG A 452 -7.18 -5.41 -21.14
C ARG A 452 -8.16 -6.04 -22.11
N ALA A 453 -7.62 -6.57 -23.20
CA ALA A 453 -8.42 -7.10 -24.28
C ALA A 453 -7.84 -8.39 -24.79
N LYS A 454 -8.59 -9.11 -25.61
CA LYS A 454 -8.23 -10.44 -26.07
C LYS A 454 -6.99 -10.45 -26.93
N HIS A 455 -6.27 -11.56 -26.92
CA HIS A 455 -5.08 -11.67 -27.75
C HIS A 455 -4.08 -10.50 -27.63
N ASN A 456 -4.03 -9.85 -26.48
CA ASN A 456 -3.08 -8.77 -26.38
C ASN A 456 -1.68 -9.33 -26.17
N ALA A 457 -1.59 -10.63 -25.95
CA ALA A 457 -0.28 -11.25 -25.81
C ALA A 457 0.36 -11.41 -27.20
N LEU A 458 -0.45 -11.68 -28.22
CA LEU A 458 0.08 -11.64 -29.58
C LEU A 458 0.66 -10.27 -29.81
N ARG A 459 -0.16 -9.23 -29.61
CA ARG A 459 0.29 -7.85 -29.84
C ARG A 459 1.54 -7.49 -29.06
N LEU A 460 1.70 -8.10 -27.89
CA LEU A 460 2.90 -7.97 -27.08
C LEU A 460 4.05 -8.75 -27.71
N PHE A 461 3.77 -9.99 -28.10
CA PHE A 461 4.75 -10.84 -28.79
C PHE A 461 5.22 -10.22 -30.11
N GLY A 462 4.32 -9.51 -30.78
CA GLY A 462 4.68 -8.74 -31.95
C GLY A 462 5.80 -7.75 -31.68
N LEU A 463 5.55 -6.80 -30.80
CA LEU A 463 6.47 -5.69 -30.54
C LEU A 463 7.79 -6.10 -29.85
N ALA A 464 7.86 -7.33 -29.33
CA ALA A 464 8.94 -7.67 -28.41
C ALA A 464 10.26 -7.95 -29.12
N GLY A 465 10.20 -8.05 -30.45
CA GLY A 465 11.39 -8.14 -31.27
C GLY A 465 11.66 -6.87 -32.06
N LYS A 466 10.68 -5.96 -32.11
CA LYS A 466 10.84 -4.68 -32.80
C LYS A 466 11.75 -3.69 -32.06
N VAL A 467 11.99 -2.57 -32.71
CA VAL A 467 12.47 -1.34 -32.08
C VAL A 467 11.33 -0.35 -32.27
N VAL A 468 10.62 0.00 -31.21
CA VAL A 468 9.46 0.85 -31.46
C VAL A 468 9.79 2.33 -31.38
N VAL A 469 9.19 3.07 -32.30
CA VAL A 469 9.50 4.47 -32.48
C VAL A 469 8.16 5.14 -32.48
N VAL A 470 7.97 6.09 -31.58
CA VAL A 470 6.69 6.78 -31.62
C VAL A 470 6.90 8.23 -32.00
N ASP A 471 6.26 8.64 -33.08
CA ASP A 471 6.45 9.98 -33.62
C ASP A 471 5.36 10.83 -33.01
N GLU A 472 5.61 12.12 -32.82
CA GLU A 472 4.59 13.07 -32.39
C GLU A 472 4.00 12.68 -31.06
N ALA A 473 4.88 12.39 -30.11
CA ALA A 473 4.46 12.10 -28.75
C ALA A 473 3.73 13.31 -28.18
N HIS A 474 4.18 14.51 -28.57
CA HIS A 474 3.63 15.78 -28.12
C HIS A 474 2.13 15.86 -28.29
N ALA A 475 1.59 14.93 -29.07
CA ALA A 475 0.18 14.92 -29.40
C ALA A 475 -0.62 13.87 -28.63
N VAL A 476 -0.15 13.42 -27.47
CA VAL A 476 -0.85 12.36 -26.74
C VAL A 476 -1.57 12.85 -25.47
N ASP A 477 -2.86 13.12 -25.61
CA ASP A 477 -3.66 13.64 -24.51
C ASP A 477 -3.55 12.76 -23.23
N PRO A 478 -4.01 13.29 -22.08
CA PRO A 478 -4.03 12.56 -20.80
C PRO A 478 -4.39 11.08 -20.86
N TYR A 479 -5.59 10.74 -21.33
CA TYR A 479 -6.01 9.34 -21.40
C TYR A 479 -4.94 8.47 -22.09
N MET A 480 -4.43 8.95 -23.22
CA MET A 480 -3.55 8.15 -24.06
C MET A 480 -2.18 8.00 -23.45
N GLN A 481 -1.66 9.12 -22.98
CA GLN A 481 -0.43 9.16 -22.20
C GLN A 481 -0.32 8.04 -21.13
N VAL A 482 -1.39 7.75 -20.41
CA VAL A 482 -1.41 6.61 -19.52
C VAL A 482 -1.19 5.28 -20.26
N LEU A 483 -1.83 5.07 -21.40
CA LEU A 483 -1.63 3.81 -22.14
C LEU A 483 -0.17 3.66 -22.60
N LEU A 484 0.38 4.77 -23.08
CA LEU A 484 1.75 4.86 -23.55
C LEU A 484 2.71 4.54 -22.39
N GLU A 485 2.42 5.08 -21.21
CA GLU A 485 3.26 4.83 -20.05
C GLU A 485 3.31 3.36 -19.71
N GLN A 486 2.21 2.64 -19.89
CA GLN A 486 2.16 1.23 -19.52
C GLN A 486 2.80 0.34 -20.56
N LEU A 487 2.63 0.73 -21.82
CA LEU A 487 3.34 0.12 -22.94
C LEU A 487 4.84 0.20 -22.72
N LEU A 488 5.31 1.44 -22.59
CA LEU A 488 6.71 1.73 -22.26
C LEU A 488 7.17 0.92 -21.08
N ARG A 489 6.39 0.92 -20.02
CA ARG A 489 6.75 0.09 -18.88
C ARG A 489 6.93 -1.38 -19.30
N TRP A 490 6.04 -1.88 -20.17
CA TRP A 490 6.12 -3.27 -20.61
C TRP A 490 7.22 -3.48 -21.64
N LEU A 491 7.43 -2.48 -22.50
CA LEU A 491 8.55 -2.58 -23.45
C LEU A 491 9.88 -2.53 -22.69
N GLY A 492 9.98 -1.60 -21.74
CA GLY A 492 11.13 -1.54 -20.88
C GLY A 492 11.55 -2.89 -20.35
N THR A 493 10.61 -3.62 -19.75
CA THR A 493 10.95 -4.87 -19.12
C THR A 493 11.25 -5.97 -20.13
N LEU A 494 10.78 -5.79 -21.36
CA LEU A 494 10.93 -6.83 -22.38
C LEU A 494 12.17 -6.62 -23.23
N ASP A 495 13.02 -5.67 -22.83
CA ASP A 495 14.27 -5.38 -23.52
C ASP A 495 14.14 -4.65 -24.84
N VAL A 496 12.93 -4.23 -25.20
CA VAL A 496 12.81 -3.57 -26.48
C VAL A 496 13.10 -2.08 -26.39
N PRO A 497 13.99 -1.60 -27.27
CA PRO A 497 14.44 -0.21 -27.31
C PRO A 497 13.41 0.70 -27.92
N VAL A 498 13.50 1.99 -27.62
CA VAL A 498 12.41 2.94 -27.89
C VAL A 498 12.90 4.34 -28.26
N VAL A 499 12.37 4.87 -29.36
CA VAL A 499 12.75 6.21 -29.83
C VAL A 499 11.52 7.08 -29.85
N LEU A 500 11.50 8.11 -29.02
CA LEU A 500 10.39 9.08 -29.00
C LEU A 500 10.75 10.29 -29.84
N LEU A 501 9.83 10.77 -30.63
CA LEU A 501 10.08 11.96 -31.39
C LEU A 501 9.00 12.92 -31.04
N SER A 502 9.36 14.18 -30.92
CA SER A 502 8.40 15.17 -30.55
C SER A 502 8.86 16.52 -30.94
N ALA A 503 7.94 17.46 -30.88
CA ALA A 503 8.25 18.86 -31.07
C ALA A 503 8.04 19.19 -29.64
N THR A 504 7.82 20.47 -29.33
CA THR A 504 7.87 20.94 -27.99
C THR A 504 7.13 19.96 -27.11
N LEU A 505 7.74 19.55 -26.00
CA LEU A 505 7.11 18.61 -25.08
C LEU A 505 7.19 19.10 -23.67
N HIS A 506 6.12 18.92 -22.92
CA HIS A 506 6.10 19.34 -21.50
C HIS A 506 6.92 18.45 -20.55
N HIS A 507 7.78 19.07 -19.73
CA HIS A 507 8.78 18.35 -18.91
C HIS A 507 8.26 17.25 -18.01
N SER A 508 6.98 17.30 -17.67
CA SER A 508 6.36 16.28 -16.85
C SER A 508 6.10 15.02 -17.66
N ILE A 509 5.51 15.20 -18.83
CA ILE A 509 5.21 14.10 -19.74
C ILE A 509 6.49 13.38 -20.13
N ALA A 510 7.55 14.15 -20.40
CA ALA A 510 8.83 13.54 -20.73
C ALA A 510 9.29 12.69 -19.57
N ASN A 511 9.35 13.33 -18.40
CA ASN A 511 9.65 12.60 -17.17
C ASN A 511 8.82 11.31 -16.98
N SER A 512 7.49 11.43 -17.09
CA SER A 512 6.55 10.31 -16.98
C SER A 512 6.87 9.16 -17.88
N LEU A 513 7.19 9.50 -19.14
CA LEU A 513 7.44 8.50 -20.14
C LEU A 513 8.80 7.87 -19.88
N VAL A 514 9.82 8.66 -19.53
CA VAL A 514 11.09 7.99 -19.28
C VAL A 514 11.02 7.25 -17.96
N LYS A 515 10.28 7.79 -17.00
CA LYS A 515 10.24 7.19 -15.68
C LYS A 515 9.57 5.84 -15.78
N ALA A 516 8.53 5.82 -16.62
CA ALA A 516 7.80 4.61 -16.92
C ALA A 516 8.73 3.55 -17.46
N TYR A 517 9.44 3.86 -18.55
CA TYR A 517 10.29 2.89 -19.21
C TYR A 517 11.36 2.36 -18.25
N LEU A 518 11.97 3.28 -17.52
CA LEU A 518 12.94 2.96 -16.45
C LEU A 518 12.35 1.98 -15.44
N GLU A 519 11.16 2.32 -14.92
CA GLU A 519 10.39 1.43 -14.05
C GLU A 519 10.38 -0.01 -14.61
N GLY A 520 10.01 -0.15 -15.87
CA GLY A 520 9.90 -1.45 -16.50
C GLY A 520 11.23 -2.18 -16.60
N ALA A 521 12.27 -1.45 -17.00
CA ALA A 521 13.62 -2.00 -17.19
C ALA A 521 14.22 -2.56 -15.90
N ARG A 522 13.75 -2.05 -14.78
CA ARG A 522 14.53 -2.11 -13.56
C ARG A 522 13.90 -2.96 -12.47
N GLY A 523 12.63 -3.28 -12.60
CA GLY A 523 12.01 -4.16 -11.64
C GLY A 523 10.99 -3.51 -10.73
N ARG A 524 11.39 -2.41 -10.11
CA ARG A 524 10.56 -1.75 -9.09
C ARG A 524 10.11 -0.41 -9.59
N ARG A 525 9.07 0.15 -8.96
CA ARG A 525 8.62 1.49 -9.33
C ARG A 525 9.38 2.57 -8.61
N TRP A 526 8.80 3.76 -8.58
CA TRP A 526 9.53 4.95 -8.18
C TRP A 526 9.17 5.33 -6.75
N ASN A 527 10.18 5.57 -5.93
CA ASN A 527 9.97 6.08 -4.57
C ASN A 527 9.50 7.52 -4.65
N ARG A 528 8.90 8.00 -3.56
CA ARG A 528 8.65 9.43 -3.44
C ARG A 528 9.98 10.14 -3.13
N SER A 529 10.90 9.43 -2.47
CA SER A 529 12.20 9.98 -2.08
C SER A 529 13.18 10.06 -3.24
N GLU A 530 13.09 9.08 -4.12
CA GLU A 530 13.84 9.03 -5.37
C GLU A 530 13.72 10.30 -6.21
N PRO A 531 14.87 10.79 -6.72
CA PRO A 531 14.83 11.96 -7.61
C PRO A 531 14.24 11.62 -8.99
N GLN A 532 13.65 12.63 -9.63
CA GLN A 532 13.04 12.47 -10.95
C GLN A 532 14.10 12.44 -12.03
N PRO A 533 13.95 11.55 -13.02
CA PRO A 533 15.00 11.33 -14.02
C PRO A 533 15.07 12.42 -15.08
N VAL A 534 14.06 13.26 -15.19
CA VAL A 534 14.07 14.31 -16.19
C VAL A 534 13.44 15.59 -15.66
N SER A 535 14.26 16.54 -15.21
CA SER A 535 13.68 17.79 -14.74
C SER A 535 13.48 18.82 -15.85
N GLU A 536 14.43 18.95 -16.77
CA GLU A 536 14.31 19.94 -17.86
C GLU A 536 14.31 19.30 -19.23
N VAL A 537 13.68 19.92 -20.21
CA VAL A 537 13.72 19.38 -21.59
C VAL A 537 14.14 20.42 -22.63
N SER A 538 15.11 20.07 -23.48
CA SER A 538 15.72 21.07 -24.36
C SER A 538 15.17 21.06 -25.78
N TYR A 539 14.84 22.25 -26.29
CA TYR A 539 14.27 22.40 -27.62
C TYR A 539 15.15 23.32 -28.48
N PRO A 540 15.92 22.75 -29.41
CA PRO A 540 16.03 21.32 -29.73
C PRO A 540 16.88 20.55 -28.73
N GLY A 541 16.61 19.26 -28.55
CA GLY A 541 17.45 18.46 -27.71
C GLY A 541 17.29 16.98 -27.95
N TRP A 542 18.08 16.19 -27.24
CA TRP A 542 17.87 14.76 -27.22
C TRP A 542 18.48 14.17 -25.96
N LEU A 543 17.97 13.04 -25.53
CA LEU A 543 18.49 12.45 -24.31
C LEU A 543 18.46 10.96 -24.45
N HIS A 544 19.45 10.31 -23.86
CA HIS A 544 19.55 8.86 -23.92
C HIS A 544 19.40 8.33 -22.52
N VAL A 545 18.68 7.23 -22.36
CA VAL A 545 18.58 6.57 -21.08
C VAL A 545 19.10 5.16 -21.17
N ASP A 546 20.01 4.78 -20.28
CA ASP A 546 20.41 3.38 -20.23
C ASP A 546 19.43 2.54 -19.41
N ALA A 547 18.92 1.47 -20.02
CA ALA A 547 18.08 0.54 -19.29
C ALA A 547 18.88 -0.09 -18.17
N ARG A 548 20.05 -0.63 -18.50
CA ARG A 548 20.82 -1.46 -17.57
C ARG A 548 21.08 -0.72 -16.26
N ILE A 549 21.60 0.50 -16.35
CA ILE A 549 22.03 1.24 -15.18
C ILE A 549 21.25 2.54 -14.95
N GLY A 550 20.17 2.75 -15.70
CA GLY A 550 19.31 3.90 -15.47
C GLY A 550 19.94 5.29 -15.59
N LYS A 551 21.04 5.40 -16.31
CA LYS A 551 21.70 6.69 -16.39
C LYS A 551 21.15 7.53 -17.54
N VAL A 552 20.64 8.71 -17.21
CA VAL A 552 20.17 9.64 -18.23
C VAL A 552 21.28 10.58 -18.67
N THR A 553 21.55 10.54 -19.97
CA THR A 553 22.62 11.30 -20.60
C THR A 553 21.93 12.36 -21.41
N ARG A 554 21.84 13.58 -20.89
CA ARG A 554 21.22 14.65 -21.67
C ARG A 554 22.19 15.09 -22.77
N SER A 555 21.66 15.69 -23.84
CA SER A 555 22.48 16.12 -24.98
C SER A 555 23.49 17.17 -24.57
N SER A 556 23.12 17.97 -23.57
CA SER A 556 23.94 19.09 -23.12
C SER A 556 25.24 18.63 -22.46
N ASP A 557 25.21 17.43 -21.91
CA ASP A 557 26.29 16.91 -21.09
C ASP A 557 27.47 16.39 -21.90
N VAL A 558 27.30 16.32 -23.21
CA VAL A 558 28.34 15.87 -24.14
C VAL A 558 28.56 16.89 -25.26
N ASP A 559 27.99 18.08 -25.14
CA ASP A 559 28.04 19.06 -26.23
C ASP A 559 27.59 20.41 -25.71
N PRO A 560 28.52 21.17 -25.12
CA PRO A 560 28.21 22.43 -24.41
C PRO A 560 27.62 23.51 -25.32
N LEU A 561 27.61 23.25 -26.62
CA LEU A 561 27.08 24.18 -27.61
C LEU A 561 25.70 23.70 -28.05
N PRO A 562 24.69 24.59 -28.06
CA PRO A 562 23.32 24.20 -28.46
C PRO A 562 23.24 23.53 -29.85
N ILE A 563 22.15 22.85 -30.15
CA ILE A 563 22.01 22.14 -31.43
C ILE A 563 21.62 23.09 -32.57
N ALA A 564 22.27 22.91 -33.71
CA ALA A 564 21.96 23.66 -34.91
C ALA A 564 20.58 23.33 -35.51
N THR A 565 19.72 24.34 -35.61
CA THR A 565 18.46 24.16 -36.31
C THR A 565 18.35 25.09 -37.51
N THR A 566 17.20 25.06 -38.19
CA THR A 566 16.92 26.05 -39.21
C THR A 566 16.78 27.41 -38.55
N PRO A 567 17.64 28.36 -38.92
CA PRO A 567 17.49 29.71 -38.37
C PRO A 567 16.21 30.36 -38.87
N ARG A 568 15.42 30.94 -37.97
CA ARG A 568 14.21 31.65 -38.37
C ARG A 568 13.96 32.95 -37.62
N LYS A 569 13.51 33.95 -38.38
CA LYS A 569 13.05 35.21 -37.84
C LYS A 569 12.01 34.92 -36.77
N PRO A 570 11.96 35.75 -35.72
CA PRO A 570 11.00 35.52 -34.63
C PRO A 570 9.56 35.67 -35.10
N LEU A 571 8.61 35.34 -34.23
CA LEU A 571 7.22 35.33 -34.59
C LEU A 571 6.51 36.35 -33.75
N GLU A 572 6.13 37.46 -34.38
CA GLU A 572 5.32 38.46 -33.70
C GLU A 572 4.03 37.76 -33.32
N VAL A 573 3.62 37.90 -32.06
CA VAL A 573 2.27 37.48 -31.71
C VAL A 573 1.48 38.65 -31.12
N ARG A 574 0.28 38.86 -31.64
CA ARG A 574 -0.44 40.07 -31.34
C ARG A 574 -1.89 39.75 -30.95
N LEU A 575 -2.24 40.05 -29.69
CA LEU A 575 -3.59 39.79 -29.19
C LEU A 575 -4.54 40.90 -29.64
N VAL A 576 -5.77 40.53 -29.96
CA VAL A 576 -6.71 41.45 -30.59
C VAL A 576 -8.11 41.25 -30.00
N ASP A 577 -8.66 42.29 -29.37
CA ASP A 577 -10.01 42.19 -28.81
C ASP A 577 -11.03 42.15 -29.95
N VAL A 578 -12.12 41.43 -29.73
CA VAL A 578 -13.19 41.27 -30.72
C VAL A 578 -14.54 41.36 -29.98
N PRO A 579 -15.50 42.10 -30.55
CA PRO A 579 -16.78 42.28 -29.87
C PRO A 579 -17.56 40.98 -29.73
N VAL A 580 -18.23 40.82 -28.61
CA VAL A 580 -19.12 39.70 -28.40
C VAL A 580 -20.50 40.03 -28.94
N LYS A 581 -21.12 39.09 -29.62
CA LYS A 581 -22.51 39.26 -30.06
C LYS A 581 -23.32 38.01 -29.72
N GLU A 582 -24.21 38.15 -28.74
CA GLU A 582 -24.91 37.02 -28.12
C GLU A 582 -23.98 35.83 -27.86
N GLY A 583 -22.97 36.03 -27.02
CA GLY A 583 -22.08 34.95 -26.62
C GLY A 583 -21.17 34.39 -27.69
N ALA A 584 -21.15 35.03 -28.86
CA ALA A 584 -20.27 34.61 -29.96
C ALA A 584 -19.36 35.74 -30.48
N LEU A 585 -18.75 35.53 -31.64
CA LEU A 585 -17.77 36.49 -32.14
C LEU A 585 -18.09 37.17 -33.47
N ASN A 586 -18.40 38.46 -33.40
CA ASN A 586 -18.51 39.25 -34.61
C ASN A 586 -17.12 39.57 -35.14
N ARG A 587 -16.63 38.68 -35.99
CA ARG A 587 -15.29 38.80 -36.53
C ARG A 587 -15.20 39.83 -37.65
N SER A 588 -16.35 40.32 -38.11
CA SER A 588 -16.44 41.09 -39.37
C SER A 588 -15.55 42.32 -39.45
N THR A 589 -15.51 43.08 -38.36
CA THR A 589 -14.69 44.27 -38.28
C THR A 589 -13.23 43.89 -38.38
N VAL A 590 -12.86 42.89 -37.62
CA VAL A 590 -11.47 42.49 -37.50
C VAL A 590 -10.97 41.83 -38.77
N LEU A 591 -11.88 41.07 -39.39
CA LEU A 591 -11.56 40.34 -40.61
C LEU A 591 -11.39 41.30 -41.77
N ALA A 592 -12.27 42.29 -41.84
CA ALA A 592 -12.18 43.30 -42.86
C ALA A 592 -10.86 44.03 -42.70
N LYS A 593 -10.68 44.62 -41.53
CA LYS A 593 -9.46 45.38 -41.21
C LYS A 593 -8.16 44.63 -41.47
N GLU A 594 -8.05 43.42 -40.92
CA GLU A 594 -6.77 42.72 -40.97
C GLU A 594 -6.46 42.15 -42.34
N LEU A 595 -7.49 41.95 -43.15
CA LEU A 595 -7.30 41.34 -44.46
C LEU A 595 -7.14 42.37 -45.56
N THR A 596 -7.36 43.63 -45.23
CA THR A 596 -7.31 44.72 -46.23
C THR A 596 -6.05 44.74 -47.11
N PRO A 597 -4.84 44.65 -46.50
CA PRO A 597 -3.61 44.63 -47.34
C PRO A 597 -3.58 43.48 -48.37
N LEU A 598 -3.97 42.29 -47.96
CA LEU A 598 -3.97 41.14 -48.86
C LEU A 598 -4.87 41.34 -50.07
N VAL A 599 -5.96 42.08 -49.90
CA VAL A 599 -6.89 42.30 -51.02
C VAL A 599 -6.19 43.04 -52.18
N LYS A 600 -5.19 43.84 -51.85
CA LYS A 600 -4.50 44.68 -52.84
C LYS A 600 -3.25 44.05 -53.46
N GLN A 601 -2.23 43.87 -52.64
CA GLN A 601 -0.89 43.48 -53.08
C GLN A 601 -0.66 41.99 -52.90
N GLY A 602 -1.75 41.26 -52.62
CA GLY A 602 -1.73 39.82 -52.59
C GLY A 602 -1.28 39.20 -51.29
N GLY A 603 -1.02 37.89 -51.34
CA GLY A 603 -0.55 37.13 -50.19
C GLY A 603 -1.35 35.88 -49.89
N CYS A 604 -0.89 35.13 -48.90
CA CYS A 604 -1.53 33.90 -48.42
C CYS A 604 -1.92 33.99 -46.94
N ALA A 605 -3.23 34.00 -46.65
CA ALA A 605 -3.69 34.14 -45.26
C ALA A 605 -4.39 32.89 -44.74
N ALA A 606 -4.43 32.76 -43.42
CA ALA A 606 -5.09 31.62 -42.77
C ALA A 606 -5.89 32.06 -41.55
N ILE A 607 -7.18 31.71 -41.51
CA ILE A 607 -7.98 31.94 -40.31
C ILE A 607 -8.35 30.62 -39.71
N ILE A 608 -8.01 30.42 -38.44
CA ILE A 608 -8.40 29.21 -37.76
C ILE A 608 -9.44 29.46 -36.67
N CYS A 609 -10.48 28.63 -36.66
CA CYS A 609 -11.59 28.81 -35.75
C CYS A 609 -11.84 27.58 -34.91
N THR A 610 -12.23 27.82 -33.66
CA THR A 610 -12.39 26.78 -32.66
C THR A 610 -13.44 25.72 -33.03
N THR A 611 -14.53 26.11 -33.71
CA THR A 611 -15.49 25.12 -34.19
C THR A 611 -15.82 25.27 -35.67
N VAL A 612 -16.27 24.18 -36.29
CA VAL A 612 -16.61 24.21 -37.71
C VAL A 612 -17.85 25.06 -37.95
N ALA A 613 -18.73 25.08 -36.96
CA ALA A 613 -19.83 26.04 -36.94
C ALA A 613 -19.30 27.44 -37.26
N GLU A 614 -18.35 27.92 -36.45
CA GLU A 614 -17.72 29.22 -36.65
C GLU A 614 -16.98 29.34 -37.97
N ALA A 615 -16.06 28.42 -38.20
CA ALA A 615 -15.24 28.44 -39.39
C ALA A 615 -16.07 28.53 -40.69
N GLN A 616 -17.31 28.03 -40.65
CA GLN A 616 -18.25 28.15 -41.77
C GLN A 616 -18.72 29.62 -41.88
N GLY A 617 -19.22 30.16 -40.77
CA GLY A 617 -19.72 31.53 -40.68
C GLY A 617 -18.77 32.55 -41.26
N VAL A 618 -17.49 32.30 -41.06
CA VAL A 618 -16.40 33.08 -41.65
C VAL A 618 -16.22 32.86 -43.16
N TYR A 619 -16.44 31.64 -43.64
CA TYR A 619 -16.33 31.37 -45.08
C TYR A 619 -17.37 32.14 -45.85
N ASP A 620 -18.57 32.23 -45.26
CA ASP A 620 -19.67 33.02 -45.80
C ASP A 620 -19.33 34.50 -45.72
N LEU A 621 -19.00 34.96 -44.52
CA LEU A 621 -18.60 36.35 -44.28
C LEU A 621 -17.42 36.77 -45.15
N LEU A 622 -16.81 35.80 -45.83
CA LEU A 622 -15.71 36.08 -46.74
C LEU A 622 -16.13 35.82 -48.19
N SER A 623 -17.26 35.12 -48.35
CA SER A 623 -17.81 34.87 -49.68
C SER A 623 -18.52 36.12 -50.17
N GLN A 624 -19.22 36.79 -49.24
CA GLN A 624 -19.96 38.00 -49.55
C GLN A 624 -19.04 39.19 -49.76
N TRP A 625 -18.10 39.37 -48.86
CA TRP A 625 -17.18 40.46 -48.96
C TRP A 625 -16.41 40.40 -50.29
N PHE A 626 -16.07 39.18 -50.72
CA PHE A 626 -15.33 38.96 -51.97
C PHE A 626 -16.24 39.02 -53.19
N ALA A 627 -17.51 39.34 -52.97
CA ALA A 627 -18.45 39.51 -54.07
C ALA A 627 -18.41 40.93 -54.62
N THR A 628 -17.55 41.76 -54.04
CA THR A 628 -17.33 43.12 -54.51
C THR A 628 -16.13 43.17 -55.48
N LEU A 629 -15.73 41.98 -55.94
CA LEU A 629 -14.79 41.77 -57.04
C LEU A 629 -14.79 40.26 -57.24
N ALA A 633 -8.65 36.01 -57.02
CA ALA A 633 -8.18 37.30 -56.52
C ALA A 633 -9.24 38.02 -55.65
N PRO A 634 -9.22 37.78 -54.31
CA PRO A 634 -8.35 36.79 -53.69
C PRO A 634 -9.12 35.50 -53.48
N ASP A 635 -8.49 34.40 -53.83
CA ASP A 635 -9.12 33.10 -53.73
C ASP A 635 -9.53 32.80 -52.30
N LEU A 636 -10.27 31.73 -52.13
CA LEU A 636 -10.83 31.42 -50.83
C LEU A 636 -11.15 29.93 -50.72
N TYR A 637 -10.81 29.35 -49.58
CA TYR A 637 -11.01 27.92 -49.35
C TYR A 637 -11.43 27.61 -47.92
N LEU A 638 -12.12 26.48 -47.79
CA LEU A 638 -12.61 26.01 -46.50
C LEU A 638 -12.28 24.54 -46.31
N LEU A 639 -11.56 24.25 -45.22
CA LEU A 639 -11.26 22.88 -44.81
C LEU A 639 -11.73 22.65 -43.38
N HIS A 640 -12.12 21.42 -43.09
CA HIS A 640 -12.50 21.00 -41.74
C HIS A 640 -12.81 19.51 -41.80
N SER A 641 -13.26 18.94 -40.68
CA SER A 641 -13.42 17.49 -40.60
C SER A 641 -14.74 16.96 -41.19
N ARG A 642 -15.70 17.84 -41.43
CA ARG A 642 -17.03 17.39 -41.87
C ARG A 642 -17.30 17.45 -43.37
N PHE A 643 -16.40 16.90 -44.16
CA PHE A 643 -16.60 16.76 -45.60
C PHE A 643 -16.62 15.29 -45.94
N PRO A 644 -17.26 14.95 -47.07
CA PRO A 644 -17.01 13.63 -47.64
C PRO A 644 -15.51 13.43 -47.92
N ASN A 645 -15.02 12.23 -47.62
CA ASN A 645 -13.59 11.92 -47.70
C ASN A 645 -13.03 12.35 -49.03
N ARG A 646 -13.71 11.92 -50.09
CA ARG A 646 -13.28 12.22 -51.44
C ARG A 646 -13.12 13.71 -51.61
N GLN A 647 -13.96 14.48 -50.92
CA GLN A 647 -13.92 15.91 -51.08
C GLN A 647 -12.82 16.53 -50.25
N ARG A 648 -12.71 16.10 -48.99
CA ARG A 648 -11.67 16.64 -48.12
C ARG A 648 -10.28 16.37 -48.68
N THR A 649 -10.05 15.14 -49.13
CA THR A 649 -8.78 14.75 -49.72
C THR A 649 -8.44 15.56 -50.96
N GLU A 650 -9.47 15.96 -51.70
CA GLU A 650 -9.29 16.86 -52.84
C GLU A 650 -8.95 18.29 -52.41
N ILE A 651 -9.84 18.90 -51.62
CA ILE A 651 -9.64 20.23 -51.07
C ILE A 651 -8.23 20.40 -50.49
N THR A 652 -7.73 19.35 -49.86
CA THR A 652 -6.40 19.36 -49.29
C THR A 652 -5.30 19.44 -50.34
N ALA A 653 -5.33 18.53 -51.31
CA ALA A 653 -4.24 18.40 -52.27
C ALA A 653 -4.05 19.63 -53.16
N THR A 654 -5.11 20.42 -53.34
CA THR A 654 -4.93 21.68 -54.04
C THR A 654 -4.34 22.70 -53.05
N ILE A 655 -4.85 22.66 -51.83
CA ILE A 655 -4.46 23.59 -50.76
C ILE A 655 -2.98 23.49 -50.39
N VAL A 656 -2.45 22.28 -50.34
CA VAL A 656 -1.02 22.16 -50.10
C VAL A 656 -0.28 22.49 -51.38
N ASP A 657 -0.96 22.38 -52.51
CA ASP A 657 -0.33 22.67 -53.80
C ASP A 657 -0.20 24.19 -54.02
N LEU A 658 -1.02 24.97 -53.32
CA LEU A 658 -0.92 26.41 -53.43
C LEU A 658 0.08 26.94 -52.41
N PHE A 659 0.05 26.39 -51.20
CA PHE A 659 0.82 26.99 -50.10
C PHE A 659 2.06 26.21 -49.69
N GLY A 660 2.17 24.95 -50.11
CA GLY A 660 3.29 24.11 -49.74
C GLY A 660 4.50 24.28 -50.65
N LYS A 661 5.56 23.53 -50.36
CA LYS A 661 6.84 23.68 -51.04
C LYS A 661 6.79 23.56 -52.58
N GLU A 662 6.17 22.50 -53.08
CA GLU A 662 6.15 22.24 -54.53
C GLU A 662 5.21 23.16 -55.28
N GLY A 663 4.47 23.98 -54.55
CA GLY A 663 3.66 25.01 -55.16
C GLY A 663 4.46 26.27 -55.41
N ALA A 664 5.20 26.68 -54.40
CA ALA A 664 6.14 27.79 -54.51
C ALA A 664 7.24 27.43 -55.49
N GLN A 665 7.84 26.26 -55.28
CA GLN A 665 8.92 25.77 -56.15
C GLN A 665 8.51 25.71 -57.62
N SER A 666 7.26 25.35 -57.88
CA SER A 666 6.74 25.32 -59.24
C SER A 666 5.92 26.58 -59.57
N GLY A 667 6.03 27.57 -58.70
CA GLY A 667 5.45 28.89 -58.95
C GLY A 667 3.94 28.94 -58.96
N ARG A 668 3.27 27.81 -58.79
CA ARG A 668 1.82 27.81 -58.77
C ARG A 668 1.25 28.70 -57.64
N ARG A 669 2.13 29.15 -56.75
CA ARG A 669 1.76 29.94 -55.57
C ARG A 669 1.07 31.29 -55.87
N PRO A 670 -0.22 31.42 -55.51
CA PRO A 670 -1.05 32.54 -55.95
C PRO A 670 -0.73 33.91 -55.34
N THR A 671 -1.68 34.83 -55.49
CA THR A 671 -1.49 36.23 -55.12
C THR A 671 -2.72 36.83 -54.43
N ALA A 674 -5.39 35.31 -51.47
CA ALA A 674 -5.78 33.92 -51.24
C ALA A 674 -5.86 33.53 -49.75
N VAL A 675 -7.08 33.45 -49.24
CA VAL A 675 -7.33 33.12 -47.85
C VAL A 675 -7.78 31.65 -47.65
N LEU A 676 -7.23 30.97 -46.64
CA LEU A 676 -7.75 29.68 -46.20
C LEU A 676 -8.41 29.77 -44.83
N VAL A 677 -9.64 29.25 -44.72
CA VAL A 677 -10.30 29.14 -43.42
C VAL A 677 -10.51 27.69 -43.01
N ALA A 678 -9.98 27.33 -41.84
CA ALA A 678 -10.07 25.96 -41.35
C ALA A 678 -10.22 25.88 -39.84
N THR A 679 -10.45 24.65 -39.37
CA THR A 679 -10.46 24.36 -37.97
C THR A 679 -9.13 23.72 -37.71
N GLN A 680 -8.98 22.98 -36.64
CA GLN A 680 -7.66 22.52 -36.23
C GLN A 680 -7.13 21.37 -37.06
N VAL A 681 -7.66 21.21 -38.28
CA VAL A 681 -7.09 20.23 -39.20
C VAL A 681 -5.78 20.81 -39.72
N VAL A 682 -5.59 22.10 -39.47
CA VAL A 682 -4.36 22.80 -39.79
C VAL A 682 -3.21 22.34 -38.87
N GLU A 683 -3.58 21.90 -37.67
CA GLU A 683 -2.67 21.34 -36.69
C GLU A 683 -2.11 20.01 -37.13
N GLN A 684 -2.88 19.28 -37.92
CA GLN A 684 -2.41 18.05 -38.53
C GLN A 684 -1.45 18.42 -39.61
N SER A 685 -0.72 17.45 -40.13
CA SER A 685 0.35 17.77 -41.04
C SER A 685 -0.21 18.12 -42.38
N LEU A 686 -0.07 19.37 -42.74
CA LEU A 686 -0.29 19.83 -44.06
C LEU A 686 0.94 20.64 -44.28
N ASP A 687 1.49 20.62 -45.49
CA ASP A 687 2.61 21.47 -45.76
C ASP A 687 1.98 22.75 -46.15
N LEU A 688 1.88 23.65 -45.20
CA LEU A 688 1.35 24.97 -45.50
C LEU A 688 2.43 25.96 -45.19
N ASP A 689 2.38 27.09 -45.90
CA ASP A 689 3.27 28.19 -45.61
C ASP A 689 2.54 29.48 -45.90
N VAL A 690 1.78 30.01 -44.94
CA VAL A 690 1.11 31.27 -45.17
C VAL A 690 1.95 32.46 -44.71
N ASP A 691 1.50 33.67 -45.06
CA ASP A 691 2.17 34.92 -44.72
C ASP A 691 1.64 35.44 -43.42
N LEU A 692 0.33 35.31 -43.25
CA LEU A 692 -0.35 35.78 -42.05
C LEU A 692 -1.23 34.70 -41.43
N MET A 693 -1.17 34.57 -40.09
CA MET A 693 -2.03 33.62 -39.40
C MET A 693 -2.91 34.29 -38.37
N ILE A 694 -4.22 34.11 -38.53
CA ILE A 694 -5.17 34.61 -37.56
C ILE A 694 -5.83 33.39 -36.93
N SER A 695 -5.76 33.31 -35.60
CA SER A 695 -6.34 32.18 -34.86
C SER A 695 -7.11 32.58 -33.62
N ASP A 696 -8.20 31.86 -33.37
CA ASP A 696 -8.92 31.97 -32.10
C ASP A 696 -7.95 31.51 -31.05
N LEU A 697 -8.08 32.09 -29.86
CA LEU A 697 -7.24 31.71 -28.75
C LEU A 697 -7.42 30.23 -28.45
N ALA A 698 -6.31 29.50 -28.45
CA ALA A 698 -6.28 28.10 -28.08
C ALA A 698 -5.00 27.91 -27.28
N PRO A 699 -4.90 26.84 -26.45
CA PRO A 699 -3.70 26.54 -25.64
C PRO A 699 -2.38 26.82 -26.37
N VAL A 700 -1.40 27.45 -25.70
CA VAL A 700 -0.13 27.84 -26.34
C VAL A 700 0.54 26.69 -27.06
N SER A 701 0.45 25.50 -26.45
CA SER A 701 0.91 24.27 -27.05
C SER A 701 0.35 24.16 -28.47
N LEU A 702 -0.93 24.42 -28.60
CA LEU A 702 -1.58 24.38 -29.88
C LEU A 702 -1.38 25.63 -30.73
N LEU A 703 -1.38 26.80 -30.11
CA LEU A 703 -1.18 28.02 -30.89
C LEU A 703 0.19 28.03 -31.58
N LEU A 704 1.25 27.80 -30.80
CA LEU A 704 2.61 27.75 -31.34
C LEU A 704 2.73 26.75 -32.47
N GLN A 705 1.94 25.68 -32.35
CA GLN A 705 1.94 24.60 -33.30
C GLN A 705 1.33 25.08 -34.61
N ARG A 706 0.22 25.80 -34.54
CA ARG A 706 -0.36 26.37 -35.73
C ARG A 706 0.61 27.34 -36.35
N ALA A 707 1.11 28.25 -35.54
CA ALA A 707 2.00 29.28 -36.02
C ALA A 707 3.24 28.71 -36.69
N GLY A 708 3.36 27.40 -36.75
CA GLY A 708 4.47 26.80 -37.48
C GLY A 708 4.17 26.89 -38.95
N ARG A 709 2.90 27.09 -39.28
CA ARG A 709 2.45 27.26 -40.66
C ARG A 709 2.59 28.72 -41.03
N CYS A 710 3.41 29.44 -40.28
CA CYS A 710 3.62 30.85 -40.50
C CYS A 710 5.04 31.06 -41.02
N TRP A 711 5.17 31.31 -42.32
CA TRP A 711 6.45 31.48 -43.01
C TRP A 711 7.34 30.25 -42.93
N ARG A 712 6.74 29.08 -43.13
CA ARG A 712 7.41 27.81 -42.87
C ARG A 712 8.69 27.59 -43.68
N HIS A 713 8.69 28.02 -44.94
CA HIS A 713 9.84 27.77 -45.80
C HIS A 713 10.62 29.02 -46.19
N GLU A 714 10.66 30.00 -45.30
CA GLU A 714 11.40 31.21 -45.58
C GLU A 714 12.87 30.96 -45.78
N HIS A 715 13.37 29.88 -45.23
CA HIS A 715 14.79 29.58 -45.33
C HIS A 715 15.17 29.01 -46.71
N LEU A 716 14.17 28.58 -47.46
CA LEU A 716 14.40 28.28 -48.86
C LEU A 716 14.29 29.62 -49.56
N GLY A 717 15.23 29.89 -50.47
CA GLY A 717 15.15 31.11 -51.25
C GLY A 717 14.29 30.86 -52.47
N ILE A 718 12.96 30.89 -52.27
CA ILE A 718 12.03 30.57 -53.34
C ILE A 718 10.77 31.43 -53.28
N ILE A 719 10.68 32.30 -52.28
CA ILE A 719 9.46 33.07 -52.14
C ILE A 719 9.70 34.57 -51.85
N ASN A 720 8.99 35.40 -52.60
CA ASN A 720 8.93 36.83 -52.31
C ASN A 720 7.66 37.08 -51.50
N ARG A 721 7.76 37.92 -50.47
CA ARG A 721 6.61 38.21 -49.64
C ARG A 721 6.11 39.64 -49.84
N PRO A 722 4.78 39.80 -49.87
CA PRO A 722 4.04 41.04 -50.05
C PRO A 722 4.48 42.15 -49.13
N GLN A 723 4.81 43.30 -49.72
CA GLN A 723 5.28 44.49 -49.02
C GLN A 723 4.65 44.75 -47.65
N TRP A 724 3.40 44.33 -47.45
CA TRP A 724 2.70 44.51 -46.18
C TRP A 724 3.03 43.43 -45.14
N ALA A 725 3.68 42.36 -45.60
CA ALA A 725 4.06 41.27 -44.72
C ALA A 725 5.49 41.46 -44.26
N LYS A 726 5.66 42.32 -43.26
CA LYS A 726 7.00 42.70 -42.78
C LYS A 726 7.63 41.59 -41.93
N GLN A 727 6.84 41.00 -41.02
CA GLN A 727 7.32 39.95 -40.13
C GLN A 727 6.43 38.70 -40.20
N PRO A 728 6.96 37.51 -39.86
CA PRO A 728 6.04 36.37 -39.72
C PRO A 728 5.18 36.61 -38.49
N GLU A 729 3.86 36.62 -38.67
CA GLU A 729 3.01 37.12 -37.62
C GLU A 729 1.78 36.29 -37.37
N LEU A 730 1.51 36.04 -36.10
CA LEU A 730 0.33 35.33 -35.69
C LEU A 730 -0.60 36.29 -34.96
N VAL A 731 -1.76 36.53 -35.54
CA VAL A 731 -2.77 37.35 -34.87
C VAL A 731 -3.66 36.44 -34.05
N VAL A 732 -3.75 36.72 -32.75
CA VAL A 732 -4.54 35.91 -31.83
C VAL A 732 -5.80 36.63 -31.33
N LEU A 733 -6.95 36.22 -31.89
CA LEU A 733 -8.25 36.80 -31.52
C LEU A 733 -8.78 36.42 -30.14
N THR A 734 -9.29 37.41 -29.42
CA THR A 734 -9.86 37.17 -28.11
C THR A 734 -11.11 38.04 -27.90
N PRO A 735 -12.09 37.56 -27.10
CA PRO A 735 -13.27 38.38 -26.82
C PRO A 735 -12.89 39.61 -26.02
N GLU A 736 -13.75 40.61 -26.02
CA GLU A 736 -13.48 41.79 -25.23
C GLU A 736 -14.18 41.68 -23.90
N GLN A 737 -13.44 41.96 -22.84
CA GLN A 737 -13.92 41.87 -21.46
C GLN A 737 -15.02 42.88 -21.13
N ASN A 738 -15.59 42.72 -19.94
CA ASN A 738 -16.44 43.73 -19.30
C ASN A 738 -16.92 43.29 -17.92
N ARG A 743 -13.13 39.42 -12.78
CA ARG A 743 -11.73 39.78 -12.99
C ARG A 743 -10.92 38.64 -13.60
N ALA A 744 -11.54 37.47 -13.70
CA ALA A 744 -11.00 36.33 -14.45
C ALA A 744 -11.64 36.27 -15.84
N PRO A 745 -10.82 36.27 -16.91
CA PRO A 745 -11.18 36.46 -18.31
C PRO A 745 -12.28 35.51 -18.79
N TRP A 746 -13.36 36.05 -19.34
CA TRP A 746 -14.48 35.22 -19.83
C TRP A 746 -14.20 34.72 -21.25
N PHE A 747 -14.71 33.53 -21.58
CA PHE A 747 -14.54 32.93 -22.92
C PHE A 747 -15.83 32.27 -23.44
N PRO A 748 -16.01 32.28 -24.78
CA PRO A 748 -17.22 31.75 -25.43
C PRO A 748 -17.61 30.35 -24.95
N ARG A 749 -18.90 30.12 -24.73
CA ARG A 749 -19.41 28.83 -24.27
C ARG A 749 -18.94 27.70 -25.19
N SER A 750 -18.91 27.99 -26.48
CA SER A 750 -18.50 27.02 -27.50
C SER A 750 -17.02 26.67 -27.40
N TRP A 751 -16.22 27.66 -27.03
CA TRP A 751 -14.78 27.54 -26.94
C TRP A 751 -14.33 26.72 -25.73
N THR A 752 -15.17 26.75 -24.70
CA THR A 752 -14.89 26.15 -23.41
C THR A 752 -15.29 24.66 -23.41
N SER A 753 -16.02 24.28 -24.44
CA SER A 753 -16.45 22.92 -24.64
C SER A 753 -15.40 22.08 -25.35
N VAL A 754 -14.44 22.75 -26.00
CA VAL A 754 -13.39 22.02 -26.67
C VAL A 754 -12.07 22.11 -25.89
N TYR A 755 -11.72 23.33 -25.47
CA TYR A 755 -10.55 23.55 -24.64
C TYR A 755 -11.08 23.88 -23.27
N PRO A 756 -10.48 23.29 -22.21
CA PRO A 756 -11.00 23.53 -20.87
C PRO A 756 -10.86 25.02 -20.57
N LEU A 757 -11.70 25.59 -19.72
CA LEU A 757 -11.69 27.04 -19.52
C LEU A 757 -10.34 27.61 -19.11
N ALA A 758 -9.86 27.14 -17.96
CA ALA A 758 -8.63 27.63 -17.35
C ALA A 758 -7.44 27.72 -18.32
N LEU A 759 -7.27 26.70 -19.14
CA LEU A 759 -6.21 26.71 -20.13
C LEU A 759 -6.32 27.96 -21.01
N LEU A 760 -7.51 28.24 -21.52
CA LEU A 760 -7.68 29.44 -22.31
C LEU A 760 -7.26 30.70 -21.52
N GLN A 761 -7.70 30.78 -20.26
CA GLN A 761 -7.35 31.89 -19.37
C GLN A 761 -5.84 32.00 -19.16
N ARG A 762 -5.22 30.92 -18.71
CA ARG A 762 -3.77 30.86 -18.58
C ARG A 762 -3.00 31.24 -19.84
N THR A 763 -3.50 30.85 -21.02
CA THR A 763 -2.76 31.12 -22.26
C THR A 763 -2.87 32.60 -22.52
N TYR A 764 -4.03 33.16 -22.20
CA TYR A 764 -4.27 34.57 -22.36
C TYR A 764 -3.36 35.33 -21.41
N THR A 765 -3.46 35.01 -20.12
CA THR A 765 -2.66 35.65 -19.08
C THR A 765 -1.17 35.63 -19.44
N LEU A 766 -0.67 34.45 -19.82
CA LEU A 766 0.72 34.33 -20.24
C LEU A 766 1.03 35.15 -21.49
N LEU A 767 0.02 35.37 -22.33
CA LEU A 767 0.26 36.10 -23.58
C LEU A 767 0.33 37.62 -23.40
N ARG A 768 -0.58 38.19 -22.61
CA ARG A 768 -0.53 39.61 -22.26
C ARG A 768 0.78 39.91 -21.58
N ARG A 769 1.05 39.20 -20.49
CA ARG A 769 2.25 39.36 -19.68
C ARG A 769 3.53 39.66 -20.49
N ARG A 770 3.56 39.21 -21.73
CA ARG A 770 4.68 39.43 -22.65
C ARG A 770 4.76 40.85 -23.23
N ASN A 771 3.64 41.59 -23.13
CA ASN A 771 3.50 42.90 -23.80
C ASN A 771 3.90 42.89 -25.28
N GLY A 772 3.24 42.07 -26.09
CA GLY A 772 3.41 42.10 -27.53
C GLY A 772 4.78 41.78 -28.08
N ALA A 773 5.68 41.36 -27.20
CA ALA A 773 7.03 40.99 -27.63
C ALA A 773 6.96 39.80 -28.59
N PRO A 774 7.83 39.80 -29.60
CA PRO A 774 7.87 38.60 -30.44
C PRO A 774 8.43 37.39 -29.70
N VAL A 775 8.07 36.19 -30.14
CA VAL A 775 8.57 34.94 -29.58
C VAL A 775 9.77 34.40 -30.38
N GLN A 776 10.97 34.47 -29.80
CA GLN A 776 12.15 33.97 -30.50
C GLN A 776 12.00 32.48 -30.72
N ILE A 777 12.24 32.02 -31.94
CA ILE A 777 12.08 30.58 -32.19
C ILE A 777 13.40 29.91 -32.57
N PRO A 778 13.77 28.84 -31.83
CA PRO A 778 12.99 28.12 -30.81
C PRO A 778 13.27 28.47 -29.36
N GLU A 779 14.09 29.48 -29.09
CA GLU A 779 14.56 29.72 -27.73
C GLU A 779 13.44 30.00 -26.69
N ASP A 780 12.47 30.84 -27.06
CA ASP A 780 11.33 31.14 -26.20
C ASP A 780 10.30 30.02 -26.09
N VAL A 781 10.31 29.12 -27.05
CA VAL A 781 9.17 28.22 -27.20
C VAL A 781 8.92 27.24 -26.08
N GLN A 782 9.93 26.51 -25.63
CA GLN A 782 9.64 25.46 -24.65
C GLN A 782 9.15 26.13 -23.41
N GLN A 783 9.87 27.15 -23.01
CA GLN A 783 9.46 27.96 -21.86
C GLN A 783 7.96 28.17 -21.76
N LEU A 784 7.32 28.51 -22.88
CA LEU A 784 5.91 28.88 -22.85
C LEU A 784 5.06 27.66 -22.63
N VAL A 785 5.46 26.59 -23.29
CA VAL A 785 4.79 25.32 -23.19
C VAL A 785 4.84 24.89 -21.74
N ASP A 786 6.02 24.97 -21.14
CA ASP A 786 6.20 24.58 -19.74
C ASP A 786 5.42 25.50 -18.85
N ASP A 787 5.63 26.80 -19.04
CA ASP A 787 5.07 27.81 -18.15
C ASP A 787 3.53 27.82 -18.04
N VAL A 788 2.80 27.54 -19.13
CA VAL A 788 1.32 27.60 -19.10
C VAL A 788 0.73 26.65 -18.04
N TYR A 789 1.43 25.56 -17.81
CA TYR A 789 1.01 24.55 -16.87
C TYR A 789 1.74 24.70 -15.53
N ASP A 790 2.92 25.31 -15.53
CA ASP A 790 3.73 25.41 -14.31
C ASP A 790 3.34 26.58 -13.43
N ASP A 791 3.07 27.71 -14.07
CA ASP A 791 2.98 28.99 -13.39
C ASP A 791 1.56 29.29 -12.95
N ASP A 792 1.29 29.00 -11.68
CA ASP A 792 -0.02 29.15 -11.04
C ASP A 792 -0.59 30.57 -11.04
N SER A 793 0.29 31.57 -11.07
CA SER A 793 -0.11 32.97 -11.06
C SER A 793 -0.86 33.34 -12.32
N LEU A 794 -0.96 32.40 -13.26
CA LEU A 794 -1.66 32.62 -14.52
C LEU A 794 -3.14 32.20 -14.43
N ALA A 795 -3.51 31.56 -13.32
CA ALA A 795 -4.88 31.09 -13.12
C ALA A 795 -5.62 31.88 -12.05
N GLU A 796 -6.42 32.86 -12.44
CA GLU A 796 -7.12 33.67 -11.45
C GLU A 796 -8.53 33.14 -11.18
N ASP A 797 -8.98 32.22 -12.01
CA ASP A 797 -10.24 31.53 -11.78
C ASP A 797 -9.91 30.25 -11.04
N LEU A 798 -9.81 30.33 -9.72
CA LEU A 798 -9.36 29.17 -8.94
C LEU A 798 -10.37 28.04 -8.99
N GLU A 799 -11.57 28.36 -9.46
CA GLU A 799 -12.59 27.34 -9.70
C GLU A 799 -12.40 26.63 -11.05
N ALA A 800 -12.41 27.41 -12.14
CA ALA A 800 -12.20 26.84 -13.48
C ALA A 800 -10.88 26.07 -13.61
N ASP A 801 -9.87 26.52 -12.88
CA ASP A 801 -8.58 25.85 -12.92
C ASP A 801 -8.64 24.53 -12.17
N MET A 802 -9.21 24.56 -10.97
CA MET A 802 -9.48 23.33 -10.24
C MET A 802 -10.36 22.34 -11.05
N GLU A 803 -11.33 22.84 -11.81
CA GLU A 803 -12.17 21.95 -12.58
C GLU A 803 -11.31 21.20 -13.56
N ARG A 804 -10.59 21.98 -14.37
CA ARG A 804 -9.69 21.48 -15.41
C ARG A 804 -8.88 20.28 -14.91
N MET A 805 -8.29 20.44 -13.73
CA MET A 805 -7.51 19.35 -13.17
C MET A 805 -8.38 18.15 -12.99
N GLY A 806 -9.52 18.32 -12.35
CA GLY A 806 -10.44 17.23 -12.09
C GLY A 806 -10.70 16.45 -13.35
N GLU A 807 -11.13 17.16 -14.39
CA GLU A 807 -11.31 16.57 -15.71
C GLU A 807 -10.13 15.73 -16.20
N GLU A 808 -8.90 16.19 -15.93
CA GLU A 808 -7.70 15.44 -16.35
C GLU A 808 -7.49 14.21 -15.48
N LEU A 809 -7.90 14.31 -14.22
CA LEU A 809 -7.84 13.15 -13.34
C LEU A 809 -8.85 12.13 -13.85
N ALA A 810 -9.99 12.64 -14.29
CA ALA A 810 -11.06 11.82 -14.81
C ALA A 810 -10.51 10.98 -15.93
N GLN A 811 -9.64 11.60 -16.73
CA GLN A 811 -9.08 10.97 -17.92
C GLN A 811 -7.99 9.95 -17.59
N ARG A 812 -7.09 10.32 -16.69
CA ARG A 812 -6.03 9.38 -16.34
C ARG A 812 -6.62 8.21 -15.54
N GLY A 813 -7.68 8.51 -14.80
CA GLY A 813 -8.38 7.50 -14.04
C GLY A 813 -8.99 6.38 -14.87
N LEU A 814 -9.83 6.77 -15.84
CA LEU A 814 -10.51 5.78 -16.67
C LEU A 814 -9.49 4.88 -17.36
N ALA A 815 -8.48 5.53 -17.94
CA ALA A 815 -7.41 4.86 -18.64
C ALA A 815 -6.89 3.74 -17.78
N ARG A 816 -6.52 4.09 -16.54
CA ARG A 816 -5.97 3.14 -15.58
C ARG A 816 -6.84 1.87 -15.42
N ASN A 817 -8.15 2.02 -15.58
CA ASN A 817 -8.99 0.85 -15.58
C ASN A 817 -8.80 -0.01 -16.79
N ALA A 818 -8.49 0.62 -17.91
CA ALA A 818 -8.43 -0.11 -19.16
C ALA A 818 -7.16 -0.90 -19.29
N VAL A 819 -6.10 -0.49 -18.59
CA VAL A 819 -4.79 -1.11 -18.78
C VAL A 819 -4.44 -2.36 -17.97
N ILE A 820 -3.81 -3.31 -18.65
CA ILE A 820 -3.25 -4.48 -18.02
C ILE A 820 -2.30 -4.08 -16.92
N PRO A 821 -2.05 -4.98 -15.96
CA PRO A 821 -1.16 -4.70 -14.81
C PRO A 821 0.22 -4.10 -15.15
N ASP A 822 0.88 -3.54 -14.15
CA ASP A 822 2.31 -3.33 -14.26
C ASP A 822 2.94 -4.70 -14.32
N PRO A 823 4.11 -4.81 -14.94
CA PRO A 823 4.71 -6.13 -15.09
C PRO A 823 4.94 -6.78 -13.73
N ASP A 824 5.34 -6.00 -12.74
CA ASP A 824 5.62 -6.57 -11.44
C ASP A 824 4.35 -7.14 -10.79
N ASP A 825 3.19 -6.54 -11.05
CA ASP A 825 1.91 -7.09 -10.61
C ASP A 825 1.50 -8.37 -11.38
N ALA A 826 2.11 -8.61 -12.53
CA ALA A 826 1.75 -9.74 -13.37
C ALA A 826 2.73 -10.89 -13.22
N GLU A 827 3.65 -10.73 -12.27
CA GLU A 827 4.83 -11.58 -12.10
C GLU A 827 4.60 -13.11 -12.01
N ASP A 828 3.59 -13.50 -11.23
CA ASP A 828 3.25 -14.90 -11.07
C ASP A 828 1.82 -15.18 -11.51
N ASN A 829 1.23 -14.29 -12.30
CA ASN A 829 -0.19 -14.37 -12.59
C ASN A 829 -0.59 -13.55 -13.84
N LEU A 830 -1.05 -14.25 -14.88
CA LEU A 830 -1.36 -13.60 -16.15
C LEU A 830 -2.84 -13.29 -16.30
N ASN A 831 -3.65 -13.66 -15.31
CA ASN A 831 -5.09 -13.52 -15.45
C ASN A 831 -5.58 -12.09 -15.53
N GLY A 832 -4.70 -11.15 -15.19
CA GLY A 832 -5.07 -9.77 -15.20
C GLY A 832 -5.04 -9.26 -16.60
N LEU A 833 -4.15 -9.84 -17.40
CA LEU A 833 -3.98 -9.45 -18.79
C LEU A 833 -5.29 -9.41 -19.60
N THR A 834 -6.23 -10.26 -19.23
CA THR A 834 -7.45 -10.42 -19.99
C THR A 834 -8.64 -10.54 -19.05
N GLU A 835 -8.70 -9.67 -18.06
CA GLU A 835 -9.83 -9.72 -17.16
C GLU A 835 -10.69 -8.50 -17.33
N PHE A 836 -11.98 -8.73 -17.49
CA PHE A 836 -12.93 -7.64 -17.43
C PHE A 836 -14.27 -8.17 -17.04
N SER A 837 -15.17 -7.24 -16.66
CA SER A 837 -16.52 -7.60 -16.22
C SER A 837 -17.55 -6.60 -16.75
N PHE A 838 -18.83 -6.96 -16.58
CA PHE A 838 -20.02 -6.25 -17.11
C PHE A 838 -20.30 -6.50 -18.60
N HIS A 843 -18.95 -4.43 -25.64
CA HIS A 843 -18.10 -3.28 -25.28
C HIS A 843 -16.60 -3.48 -25.58
N VAL A 844 -16.00 -2.59 -26.38
CA VAL A 844 -14.59 -2.74 -26.73
C VAL A 844 -13.71 -1.55 -26.29
N LEU A 845 -12.85 -1.82 -25.29
CA LEU A 845 -12.02 -0.80 -24.64
C LEU A 845 -11.27 0.14 -25.58
N ALA A 846 -11.52 1.43 -25.42
CA ALA A 846 -11.01 2.43 -26.34
C ALA A 846 -9.54 2.82 -26.11
N THR A 847 -8.86 3.17 -27.20
CA THR A 847 -7.50 3.66 -27.13
C THR A 847 -7.53 5.17 -27.08
N ARG A 848 -8.71 5.76 -27.18
CA ARG A 848 -8.83 7.22 -27.09
C ARG A 848 -10.07 7.62 -26.28
N PHE A 849 -9.97 8.80 -25.64
CA PHE A 849 -11.01 9.33 -24.77
C PHE A 849 -12.11 10.02 -25.52
N GLY A 850 -13.35 9.68 -25.19
CA GLY A 850 -14.47 10.47 -25.66
C GLY A 850 -15.62 9.72 -26.25
N ALA A 851 -16.63 10.46 -26.69
CA ALA A 851 -17.85 9.91 -27.29
C ALA A 851 -17.49 9.11 -28.52
N GLY A 852 -16.44 9.54 -29.22
CA GLY A 852 -16.04 8.88 -30.42
C GLY A 852 -16.67 9.54 -31.61
N SER A 853 -16.67 8.84 -32.74
CA SER A 853 -17.18 9.36 -34.02
C SER A 853 -17.87 8.23 -34.76
N VAL A 854 -18.96 8.54 -35.48
CA VAL A 854 -19.55 7.55 -36.37
C VAL A 854 -19.48 8.11 -37.76
N ARG A 855 -19.40 7.21 -38.74
CA ARG A 855 -19.32 7.64 -40.12
C ARG A 855 -20.69 7.69 -40.79
N VAL A 856 -21.17 8.89 -41.08
CA VAL A 856 -22.44 9.02 -41.78
C VAL A 856 -22.31 8.98 -43.32
N LEU A 857 -23.41 8.60 -43.99
CA LEU A 857 -23.52 8.62 -45.46
C LEU A 857 -24.85 9.16 -45.95
N CYS A 858 -24.78 10.29 -46.66
CA CYS A 858 -25.95 11.01 -47.14
C CYS A 858 -26.57 10.39 -48.38
N TYR A 859 -27.86 10.06 -48.29
CA TYR A 859 -28.64 9.61 -49.44
C TYR A 859 -29.73 10.63 -49.72
N TYR A 860 -30.15 10.69 -50.98
CA TYR A 860 -31.08 11.70 -51.47
C TYR A 860 -32.42 11.10 -51.90
N VAL A 861 -33.51 11.71 -51.43
CA VAL A 861 -34.86 11.30 -51.81
C VAL A 861 -35.67 12.41 -52.51
N ASP A 862 -36.40 12.05 -53.58
CA ASP A 862 -37.27 12.99 -54.29
C ASP A 862 -38.72 12.85 -53.79
N THR A 863 -39.66 13.34 -54.61
CA THR A 863 -41.06 13.38 -54.24
C THR A 863 -41.58 11.97 -53.87
N ALA A 864 -41.20 10.97 -54.68
CA ALA A 864 -41.73 9.60 -54.59
C ALA A 864 -41.74 8.88 -53.21
N GLY A 865 -40.60 8.77 -52.52
CA GLY A 865 -39.30 9.24 -52.98
C GLY A 865 -38.40 8.06 -53.26
N ASN A 866 -37.59 8.18 -54.32
CA ASN A 866 -36.54 7.21 -54.59
C ASN A 866 -35.23 7.69 -53.97
N ARG A 867 -34.35 6.74 -53.67
CA ARG A 867 -33.14 7.04 -52.92
C ARG A 867 -31.95 7.20 -53.88
N TRP A 868 -31.24 8.30 -53.72
CA TRP A 868 -30.15 8.68 -54.63
C TRP A 868 -28.85 9.10 -53.92
N LEU A 869 -27.71 8.79 -54.54
CA LEU A 869 -26.39 9.06 -53.99
C LEU A 869 -25.85 10.45 -54.33
N ASP A 870 -26.67 11.25 -55.03
CA ASP A 870 -26.29 12.62 -55.42
C ASP A 870 -27.49 13.57 -55.31
N PRO A 871 -27.24 14.90 -55.33
CA PRO A 871 -28.37 15.83 -55.33
C PRO A 871 -29.13 15.75 -56.66
N GLU A 872 -28.47 15.15 -57.63
CA GLU A 872 -28.89 15.18 -59.03
C GLU A 872 -29.81 13.99 -59.43
N CYS A 873 -30.12 13.14 -58.47
CA CYS A 873 -30.84 11.87 -58.65
C CYS A 873 -30.60 11.08 -59.94
N THR A 874 -29.33 10.96 -60.33
CA THR A 874 -28.92 10.17 -61.50
C THR A 874 -28.22 8.86 -61.14
N VAL A 875 -27.81 8.70 -59.88
CA VAL A 875 -27.02 7.55 -59.43
C VAL A 875 -27.72 6.80 -58.31
N GLU A 876 -28.27 5.64 -58.63
CA GLU A 876 -29.19 4.98 -57.72
C GLU A 876 -28.51 4.48 -56.48
N PHE A 877 -29.13 4.77 -55.34
CA PHE A 877 -28.74 4.16 -54.08
C PHE A 877 -28.81 2.65 -54.23
N PRO A 878 -27.65 1.98 -54.16
CA PRO A 878 -27.63 0.52 -54.36
C PRO A 878 -28.12 -0.31 -53.16
N GLU A 879 -29.25 -0.99 -53.31
CA GLU A 879 -29.77 -1.88 -52.27
C GLU A 879 -28.89 -3.10 -52.16
N GLN A 880 -28.27 -3.42 -53.29
CA GLN A 880 -27.47 -4.61 -53.46
C GLN A 880 -26.13 -4.17 -53.96
N GLY A 881 -25.18 -5.10 -54.04
CA GLY A 881 -23.84 -4.76 -54.47
C GLY A 881 -23.45 -5.44 -55.75
N THR A 882 -22.74 -4.72 -56.61
CA THR A 882 -22.35 -5.23 -57.92
C THR A 882 -21.23 -6.27 -57.88
N GLY A 883 -21.44 -7.34 -57.12
CA GLY A 883 -20.53 -8.46 -57.11
C GLY A 883 -21.31 -9.73 -57.35
N ARG A 884 -20.63 -10.81 -57.71
CA ARG A 884 -21.32 -12.07 -57.97
C ARG A 884 -22.15 -12.49 -56.75
N GLU A 885 -23.42 -12.79 -57.00
CA GLU A 885 -24.43 -13.03 -55.97
C GLU A 885 -24.87 -11.76 -55.22
N GLY A 886 -24.69 -10.60 -55.85
CA GLY A 886 -25.19 -9.35 -55.30
C GLY A 886 -24.46 -8.80 -54.09
N ARG A 887 -23.34 -9.41 -53.76
CA ARG A 887 -22.57 -8.99 -52.60
C ARG A 887 -21.59 -7.88 -52.98
N PHE A 888 -21.10 -7.13 -52.00
CA PHE A 888 -20.20 -6.01 -52.26
C PHE A 888 -18.73 -6.44 -52.33
N THR A 889 -18.02 -5.96 -53.35
CA THR A 889 -16.58 -6.16 -53.38
C THR A 889 -15.94 -5.12 -52.47
N MET A 890 -14.64 -5.22 -52.28
CA MET A 890 -13.93 -4.16 -51.56
C MET A 890 -13.99 -2.84 -52.34
N ALA A 891 -13.84 -2.90 -53.66
CA ALA A 891 -13.87 -1.71 -54.50
C ALA A 891 -15.25 -1.04 -54.49
N ASP A 892 -16.30 -1.85 -54.36
CA ASP A 892 -17.64 -1.35 -54.05
C ASP A 892 -17.53 -0.54 -52.77
N CYS A 893 -17.04 -1.22 -51.72
CA CYS A 893 -16.88 -0.63 -50.39
C CYS A 893 -16.03 0.65 -50.42
N ARG A 894 -14.97 0.66 -51.22
CA ARG A 894 -14.20 1.87 -51.47
C ARG A 894 -15.07 3.02 -52.00
N ASP A 895 -15.74 2.80 -53.13
CA ASP A 895 -16.54 3.85 -53.75
C ASP A 895 -17.63 4.39 -52.81
N LEU A 896 -17.98 3.60 -51.81
CA LEU A 896 -19.00 4.02 -50.87
C LEU A 896 -18.42 4.81 -49.72
N VAL A 897 -17.40 4.24 -49.08
CA VAL A 897 -16.70 4.85 -47.95
C VAL A 897 -16.15 6.25 -48.29
N ALA A 898 -15.78 6.43 -49.56
CA ALA A 898 -15.28 7.72 -50.03
C ALA A 898 -16.31 8.83 -49.87
N ARG A 899 -17.59 8.47 -49.89
CA ARG A 899 -18.63 9.47 -49.76
C ARG A 899 -18.87 9.90 -48.31
N THR A 900 -18.58 8.99 -47.38
CA THR A 900 -18.88 9.16 -45.96
C THR A 900 -18.32 10.42 -45.28
N ILE A 901 -18.95 10.82 -44.17
CA ILE A 901 -18.46 11.92 -43.35
C ILE A 901 -18.32 11.52 -41.89
N PRO A 902 -17.13 11.75 -41.30
CA PRO A 902 -17.03 11.55 -39.85
C PRO A 902 -17.76 12.63 -39.05
N VAL A 903 -18.75 12.21 -38.26
CA VAL A 903 -19.53 13.11 -37.41
C VAL A 903 -19.47 12.72 -35.93
N ARG A 904 -19.14 13.69 -35.05
CA ARG A 904 -19.04 13.47 -33.59
C ARG A 904 -20.35 12.99 -32.93
N MET A 905 -20.21 12.07 -31.98
CA MET A 905 -21.34 11.42 -31.33
C MET A 905 -22.09 12.34 -30.36
N GLY A 906 -23.35 12.02 -30.10
CA GLY A 906 -24.13 12.81 -29.16
C GLY A 906 -25.44 12.22 -28.66
N PRO A 907 -26.45 13.08 -28.46
CA PRO A 907 -27.80 12.62 -28.12
C PRO A 907 -28.52 12.21 -29.40
N TRP A 908 -28.05 12.76 -30.52
CA TRP A 908 -28.69 12.55 -31.81
C TRP A 908 -28.65 11.09 -32.23
N ALA A 909 -27.57 10.39 -31.90
CA ALA A 909 -27.48 8.98 -32.26
C ALA A 909 -28.41 8.11 -31.41
N SER A 910 -28.95 8.70 -30.34
CA SER A 910 -29.87 7.99 -29.47
C SER A 910 -31.28 8.01 -30.03
N GLN A 911 -31.57 9.04 -30.80
CA GLN A 911 -32.89 9.20 -31.39
C GLN A 911 -32.87 8.85 -32.87
N LEU A 912 -32.45 7.64 -33.21
CA LEU A 912 -32.42 7.25 -34.61
C LEU A 912 -33.70 6.49 -35.02
N THR A 913 -33.81 6.15 -36.30
CA THR A 913 -34.94 5.37 -36.84
C THR A 913 -34.56 4.35 -37.92
N GLU A 914 -35.56 3.63 -38.40
CA GLU A 914 -35.41 2.57 -39.41
C GLU A 914 -34.77 3.05 -40.71
N ASP A 915 -35.12 4.27 -41.09
CA ASP A 915 -34.64 4.85 -42.33
C ASP A 915 -33.20 5.33 -42.18
N ASN A 916 -32.65 5.21 -40.97
CA ASN A 916 -31.27 5.60 -40.74
C ASN A 916 -30.34 4.40 -40.82
N HIS A 917 -30.77 3.30 -40.23
CA HIS A 917 -29.99 2.09 -40.30
C HIS A 917 -29.90 1.59 -41.73
N PRO A 918 -28.65 1.06 -42.09
CA PRO A 918 -28.54 0.75 -43.52
C PRO A 918 -29.31 -0.47 -43.94
N PRO A 919 -29.48 -0.60 -45.32
CA PRO A 919 -30.31 -1.75 -45.70
C PRO A 919 -29.70 -3.10 -45.38
N GLU A 920 -30.55 -4.09 -45.29
CA GLU A 920 -30.23 -5.37 -44.69
C GLU A 920 -29.08 -6.01 -45.43
N ALA A 921 -28.98 -5.71 -46.71
CA ALA A 921 -27.90 -6.28 -47.49
C ALA A 921 -26.58 -5.84 -46.89
N TRP A 922 -26.50 -4.58 -46.49
CA TRP A 922 -25.24 -4.01 -46.02
C TRP A 922 -24.67 -4.69 -44.78
N ARG A 923 -25.51 -4.99 -43.81
CA ARG A 923 -25.06 -5.57 -42.55
C ARG A 923 -24.23 -6.84 -42.74
N GLU A 924 -24.06 -7.25 -43.99
CA GLU A 924 -23.26 -8.43 -44.31
C GLU A 924 -21.77 -8.13 -44.48
N SER A 925 -21.46 -6.92 -44.94
CA SER A 925 -20.08 -6.55 -45.26
C SER A 925 -19.49 -5.59 -44.24
N PHE A 926 -18.28 -5.92 -43.80
CA PHE A 926 -17.56 -5.17 -42.79
C PHE A 926 -17.66 -3.66 -42.86
N TYR A 927 -17.25 -3.09 -43.99
CA TYR A 927 -16.99 -1.66 -44.05
C TYR A 927 -18.20 -0.76 -44.03
N LEU A 928 -19.38 -1.32 -44.26
CA LEU A 928 -20.59 -0.49 -44.35
C LEU A 928 -21.72 -0.88 -43.38
N ARG A 929 -21.66 -2.06 -42.78
CA ARG A 929 -22.55 -2.43 -41.67
C ARG A 929 -22.90 -1.24 -40.79
N ASP A 930 -21.87 -0.73 -40.13
CA ASP A 930 -22.02 0.25 -39.08
C ASP A 930 -22.35 1.63 -39.58
N LEU A 931 -22.52 1.77 -40.89
CA LEU A 931 -22.77 3.08 -41.45
C LEU A 931 -24.09 3.66 -41.01
N VAL A 932 -24.12 4.97 -40.82
CA VAL A 932 -25.36 5.67 -40.49
C VAL A 932 -25.78 6.53 -41.67
N LEU A 933 -27.03 6.37 -42.11
CA LEU A 933 -27.55 7.05 -43.30
C LEU A 933 -28.39 8.27 -42.97
N ILE A 934 -28.12 9.35 -43.69
CA ILE A 934 -28.85 10.59 -43.51
C ILE A 934 -29.60 10.92 -44.80
N PRO A 935 -30.93 10.96 -44.73
CA PRO A 935 -31.76 11.35 -45.87
C PRO A 935 -31.61 12.83 -46.18
N GLN A 936 -31.60 13.16 -47.47
CA GLN A 936 -31.51 14.57 -47.89
C GLN A 936 -32.60 14.91 -48.91
N ARG A 937 -33.69 15.52 -48.42
CA ARG A 937 -34.85 15.86 -49.25
C ARG A 937 -34.58 16.87 -50.36
N VAL A 938 -35.03 16.52 -51.57
CA VAL A 938 -34.81 17.35 -52.76
C VAL A 938 -36.15 17.71 -53.47
N THR A 939 -36.16 18.83 -54.19
CA THR A 939 -37.37 19.32 -54.87
C THR A 939 -37.05 19.90 -56.25
N ASP A 940 -37.77 19.46 -57.26
CA ASP A 940 -37.55 19.95 -58.63
C ASP A 940 -37.98 21.40 -58.77
N ALA A 943 -33.37 21.74 -55.76
CA ALA A 943 -33.11 22.43 -54.49
C ALA A 943 -33.10 21.44 -53.35
N VAL A 944 -31.98 21.38 -52.63
CA VAL A 944 -31.85 20.46 -51.50
C VAL A 944 -32.35 21.12 -50.22
N LEU A 945 -33.29 20.46 -49.55
CA LEU A 945 -33.83 20.97 -48.30
C LEU A 945 -33.04 20.41 -47.11
N PRO A 946 -32.89 21.20 -46.04
CA PRO A 946 -32.48 20.64 -44.76
C PRO A 946 -33.43 19.51 -44.36
N THR A 947 -32.88 18.36 -44.03
CA THR A 947 -33.66 17.16 -43.72
C THR A 947 -33.37 16.67 -42.30
N GLU A 948 -34.44 16.47 -41.54
CA GLU A 948 -34.31 16.18 -40.13
C GLU A 948 -33.99 14.70 -39.84
N THR A 949 -33.11 14.48 -38.88
CA THR A 949 -32.72 13.13 -38.44
C THR A 949 -32.18 13.20 -37.01
N GLY A 950 -32.64 12.28 -36.15
CA GLY A 950 -32.13 12.18 -34.80
C GLY A 950 -32.56 13.28 -33.84
N GLY A 951 -33.30 14.26 -34.35
CA GLY A 951 -33.75 15.35 -33.51
C GLY A 951 -33.19 16.67 -33.97
N ARG A 952 -32.50 16.67 -35.10
CA ARG A 952 -31.96 17.92 -35.62
C ARG A 952 -31.85 17.98 -37.14
N GLU A 953 -31.25 19.06 -37.62
CA GLU A 953 -31.43 19.50 -38.99
C GLU A 953 -30.16 19.44 -39.81
N TRP A 954 -30.13 18.54 -40.79
CA TRP A 954 -28.90 18.25 -41.54
C TRP A 954 -28.89 18.74 -43.00
N LEU A 955 -27.93 19.57 -43.34
CA LEU A 955 -27.82 20.01 -44.72
C LEU A 955 -26.38 19.92 -45.24
N LEU A 956 -26.13 18.95 -46.09
CA LEU A 956 -24.81 18.77 -46.65
C LEU A 956 -24.60 19.70 -47.82
N ASP A 957 -24.32 20.97 -47.51
CA ASP A 957 -23.89 21.95 -48.50
C ASP A 957 -22.64 21.40 -49.19
N PRO A 958 -22.51 21.64 -50.50
CA PRO A 958 -21.31 21.17 -51.21
C PRO A 958 -20.09 22.06 -50.99
N CYS A 959 -20.30 23.35 -50.76
CA CYS A 959 -19.18 24.27 -50.57
C CYS A 959 -18.85 24.49 -49.10
N LYS A 960 -19.83 24.28 -48.24
CA LYS A 960 -19.65 24.55 -46.82
C LYS A 960 -19.48 23.28 -45.99
N GLY A 961 -19.93 22.16 -46.54
CA GLY A 961 -19.85 20.88 -45.84
C GLY A 961 -21.06 20.65 -44.94
N LEU A 962 -21.10 19.48 -44.31
CA LEU A 962 -22.24 19.05 -43.51
C LEU A 962 -22.62 20.10 -42.48
N ILE A 963 -23.92 20.29 -42.27
CA ILE A 963 -24.39 21.30 -41.33
C ILE A 963 -25.47 20.72 -40.42
N PHE A 964 -25.36 20.96 -39.11
CA PHE A 964 -26.38 20.53 -38.15
C PHE A 964 -26.34 21.33 -36.87
N PRO C 34 -29.00 24.17 -2.83
CA PRO C 34 -29.48 24.81 -4.06
C PRO C 34 -30.87 24.31 -4.48
N PRO C 35 -31.56 25.05 -5.36
CA PRO C 35 -32.88 24.59 -5.81
C PRO C 35 -32.74 23.45 -6.80
N LEU C 36 -33.10 22.22 -6.40
CA LEU C 36 -32.91 21.06 -7.28
C LEU C 36 -33.87 21.07 -8.45
N ASP C 37 -33.29 21.06 -9.65
CA ASP C 37 -34.02 21.17 -10.89
C ASP C 37 -34.70 19.85 -11.17
N LEU C 38 -35.98 19.89 -11.53
CA LEU C 38 -36.72 18.67 -11.86
C LEU C 38 -36.55 18.21 -13.33
N ARG C 39 -35.69 18.87 -14.10
CA ARG C 39 -35.52 18.52 -15.50
C ARG C 39 -34.85 17.16 -15.65
N PHE C 40 -34.14 16.75 -14.61
CA PHE C 40 -33.47 15.47 -14.63
C PHE C 40 -34.44 14.32 -14.39
N TRP C 41 -34.51 13.45 -15.39
CA TRP C 41 -35.50 12.39 -15.43
C TRP C 41 -34.95 11.04 -15.05
N ALA C 42 -35.83 10.15 -14.64
CA ALA C 42 -35.47 8.78 -14.33
C ALA C 42 -36.16 7.75 -15.19
N LYS C 43 -37.30 8.08 -15.76
CA LYS C 43 -38.03 7.17 -16.64
C LYS C 43 -38.50 7.84 -17.89
N GLU C 44 -38.28 7.22 -19.04
CA GLU C 44 -38.88 7.71 -20.26
C GLU C 44 -39.75 6.67 -20.95
N ARG C 45 -39.56 5.40 -20.61
CA ARG C 45 -40.19 4.33 -21.33
C ARG C 45 -41.68 4.30 -21.10
N GLY C 46 -42.43 4.22 -22.19
CA GLY C 46 -43.87 4.04 -22.14
C GLY C 46 -44.71 5.06 -21.40
N LEU C 47 -44.33 6.33 -21.49
CA LEU C 47 -45.11 7.38 -20.85
C LEU C 47 -45.84 8.23 -21.86
N ARG C 48 -45.87 7.77 -23.09
CA ARG C 48 -46.43 8.54 -24.20
C ARG C 48 -45.78 9.91 -24.40
N GLY C 49 -44.45 9.94 -24.35
CA GLY C 49 -43.71 11.16 -24.66
C GLY C 49 -43.49 12.07 -23.45
N LYS C 50 -43.99 11.65 -22.30
CA LYS C 50 -43.82 12.37 -21.05
C LYS C 50 -42.58 11.79 -20.36
N THR C 51 -42.02 12.51 -19.40
CA THR C 51 -40.94 11.94 -18.58
C THR C 51 -41.23 12.04 -17.09
N TYR C 52 -40.67 11.12 -16.31
CA TYR C 52 -40.81 11.13 -14.85
C TYR C 52 -39.50 11.60 -14.23
N PRO C 53 -39.55 12.64 -13.40
CA PRO C 53 -38.35 13.24 -12.77
C PRO C 53 -37.60 12.27 -11.84
N LEU C 54 -36.27 12.45 -11.69
CA LEU C 54 -35.43 11.48 -10.96
C LEU C 54 -35.56 11.56 -9.43
N VAL C 55 -35.93 12.75 -8.95
CA VAL C 55 -36.29 12.97 -7.55
C VAL C 55 -37.50 12.16 -7.18
N CYS C 56 -38.49 12.21 -8.07
CA CYS C 56 -39.77 11.59 -7.86
C CYS C 56 -39.64 10.08 -7.86
N HIS C 57 -38.95 9.52 -8.85
CA HIS C 57 -38.65 8.09 -8.79
C HIS C 57 -37.88 7.70 -7.53
N SER C 58 -37.04 8.60 -7.03
CA SER C 58 -36.16 8.31 -5.90
C SER C 58 -36.87 8.30 -4.55
N LEU C 59 -37.66 9.34 -4.32
CA LEU C 59 -38.63 9.38 -3.22
C LEU C 59 -39.57 8.17 -3.23
N ASP C 60 -40.31 7.98 -4.34
CA ASP C 60 -41.17 6.81 -4.54
C ASP C 60 -40.52 5.53 -4.06
N ALA C 61 -39.27 5.35 -4.44
CA ALA C 61 -38.51 4.20 -4.02
C ALA C 61 -38.36 4.22 -2.50
N ALA C 62 -38.18 5.42 -1.96
CA ALA C 62 -37.83 5.58 -0.56
C ALA C 62 -39.05 5.32 0.32
N ALA C 63 -40.17 5.84 -0.18
CA ALA C 63 -41.47 5.50 0.37
C ALA C 63 -41.62 3.98 0.34
N ALA C 64 -41.73 3.41 -0.88
CA ALA C 64 -41.93 1.97 -1.03
C ALA C 64 -41.06 1.11 -0.10
N ALA C 65 -39.83 1.56 0.14
CA ALA C 65 -38.86 0.83 0.97
C ALA C 65 -39.24 0.90 2.43
N LEU C 66 -39.83 2.01 2.81
CA LEU C 66 -40.26 2.25 4.19
C LEU C 66 -41.51 1.43 4.51
N VAL C 67 -42.53 1.58 3.68
CA VAL C 67 -43.76 0.80 3.74
C VAL C 67 -43.43 -0.69 3.84
N LEU C 68 -42.63 -1.16 2.90
CA LEU C 68 -42.15 -2.52 2.92
C LEU C 68 -41.71 -2.93 4.32
N TRP C 69 -40.87 -2.08 4.91
CA TRP C 69 -40.18 -2.37 6.14
C TRP C 69 -41.20 -2.71 7.21
N ASN C 70 -42.20 -1.84 7.36
CA ASN C 70 -43.27 -2.01 8.34
C ASN C 70 -44.22 -3.16 8.00
N GLU C 71 -45.01 -2.98 6.93
CA GLU C 71 -46.08 -3.90 6.55
C GLU C 71 -45.71 -5.25 5.89
N TYR C 72 -44.61 -5.34 5.16
CA TYR C 72 -44.32 -6.60 4.45
C TYR C 72 -43.34 -7.55 5.15
N LEU C 73 -42.19 -7.04 5.55
CA LEU C 73 -41.15 -7.89 6.15
C LEU C 73 -41.69 -8.62 7.40
N SER C 74 -41.23 -9.85 7.63
CA SER C 74 -41.52 -10.53 8.90
C SER C 74 -40.97 -9.71 10.05
N PRO C 75 -41.66 -9.74 11.21
CA PRO C 75 -41.20 -9.01 12.39
C PRO C 75 -39.80 -9.46 12.82
N GLY C 76 -39.60 -10.77 12.98
CA GLY C 76 -38.31 -11.35 13.28
C GLY C 76 -37.20 -11.04 12.29
N LEU C 77 -37.57 -10.83 11.03
CA LEU C 77 -36.60 -10.39 10.03
C LEU C 77 -36.12 -9.00 10.39
N ARG C 78 -37.03 -8.02 10.36
CA ARG C 78 -36.76 -6.63 10.74
C ARG C 78 -35.79 -6.50 11.90
N ASP C 79 -35.98 -7.35 12.90
CA ASP C 79 -35.15 -7.40 14.09
C ASP C 79 -33.74 -7.85 13.70
N THR C 80 -33.62 -8.94 12.94
CA THR C 80 -32.29 -9.45 12.53
C THR C 80 -31.44 -8.37 11.84
N ILE C 81 -32.07 -7.61 10.97
CA ILE C 81 -31.43 -6.51 10.26
C ILE C 81 -31.00 -5.34 11.16
N ALA C 82 -31.95 -4.80 11.92
CA ALA C 82 -31.68 -3.70 12.86
C ALA C 82 -30.69 -4.11 13.96
N SER C 83 -30.75 -5.37 14.39
CA SER C 83 -29.76 -5.90 15.34
C SER C 83 -28.36 -5.97 14.73
N SER C 84 -28.29 -6.42 13.48
CA SER C 84 -27.02 -6.50 12.77
C SER C 84 -26.47 -5.10 12.47
N MET C 85 -27.36 -4.13 12.35
CA MET C 85 -26.95 -2.73 12.27
C MET C 85 -26.67 -2.17 13.66
N GLU C 86 -27.05 -2.95 14.68
CA GLU C 86 -27.04 -2.47 16.07
C GLU C 86 -27.80 -1.15 16.15
N THR C 87 -29.12 -1.23 16.12
CA THR C 87 -29.99 -0.06 16.26
C THR C 87 -31.47 -0.44 16.55
N ASP C 88 -32.32 0.57 16.75
CA ASP C 88 -33.75 0.34 16.88
C ASP C 88 -34.35 0.36 15.49
N GLU C 89 -35.56 -0.16 15.38
CA GLU C 89 -36.15 -0.38 14.07
C GLU C 89 -36.76 0.81 13.37
N GLU C 90 -37.32 1.77 14.10
CA GLU C 90 -37.83 2.94 13.40
C GLU C 90 -36.65 3.59 12.70
N HIS C 91 -35.52 3.54 13.39
CA HIS C 91 -34.26 4.03 12.87
C HIS C 91 -33.74 3.14 11.74
N ALA C 92 -33.68 1.83 11.98
CA ALA C 92 -33.18 0.90 10.97
C ALA C 92 -33.93 1.06 9.65
N GLY C 93 -35.24 1.05 9.72
CA GLY C 93 -36.05 1.21 8.52
C GLY C 93 -35.93 2.58 7.87
N HIS C 94 -35.41 3.57 8.58
CA HIS C 94 -35.37 4.91 8.01
C HIS C 94 -34.09 5.11 7.23
N CYS C 95 -33.05 4.42 7.69
CA CYS C 95 -31.78 4.39 7.00
C CYS C 95 -31.99 3.58 5.74
N ILE C 96 -32.64 2.43 5.88
CA ILE C 96 -33.03 1.65 4.73
C ILE C 96 -33.92 2.44 3.82
N ALA C 97 -34.84 3.20 4.39
CA ALA C 97 -35.70 4.03 3.58
C ALA C 97 -34.85 4.99 2.78
N PHE C 98 -33.92 5.64 3.46
CA PHE C 98 -33.06 6.67 2.86
C PHE C 98 -32.12 6.14 1.76
N TRP C 99 -31.55 4.95 1.97
CA TRP C 99 -30.65 4.30 1.03
C TRP C 99 -31.34 3.97 -0.28
N ALA C 100 -32.36 3.15 -0.14
CA ALA C 100 -33.23 2.79 -1.24
C ALA C 100 -33.63 3.94 -2.13
N GLY C 101 -33.62 5.16 -1.62
CA GLY C 101 -33.95 6.32 -2.42
C GLY C 101 -32.80 6.75 -3.31
N LEU C 102 -31.59 6.42 -2.84
CA LEU C 102 -30.36 6.73 -3.55
C LEU C 102 -29.88 5.69 -4.59
N HIS C 103 -30.52 4.52 -4.60
CA HIS C 103 -30.34 3.48 -5.61
C HIS C 103 -30.10 3.94 -7.08
N ASP C 104 -30.84 4.94 -7.56
CA ASP C 104 -30.66 5.38 -8.95
C ASP C 104 -30.03 6.76 -8.96
N ILE C 105 -29.10 7.04 -8.06
CA ILE C 105 -28.54 8.38 -8.09
C ILE C 105 -27.58 8.48 -9.27
N GLY C 106 -26.92 7.36 -9.56
CA GLY C 106 -26.13 7.19 -10.77
C GLY C 106 -26.77 7.69 -12.08
N LYS C 107 -28.09 7.87 -12.10
CA LYS C 107 -28.72 8.37 -13.31
C LYS C 107 -28.45 9.85 -13.51
N LEU C 108 -27.73 10.47 -12.57
CA LEU C 108 -27.55 11.91 -12.65
C LEU C 108 -26.24 12.29 -13.33
N THR C 109 -25.85 11.52 -14.33
CA THR C 109 -24.62 11.74 -15.07
C THR C 109 -25.02 12.19 -16.46
N ARG C 110 -24.08 12.71 -17.25
CA ARG C 110 -24.44 13.15 -18.60
C ARG C 110 -24.75 11.96 -19.50
N GLU C 111 -23.96 10.90 -19.34
CA GLU C 111 -24.10 9.73 -20.18
C GLU C 111 -25.53 9.19 -20.12
N PHE C 112 -26.11 9.13 -18.93
CA PHE C 112 -27.46 8.63 -18.77
C PHE C 112 -28.56 9.56 -19.29
N GLN C 113 -28.49 10.84 -18.91
CA GLN C 113 -29.57 11.79 -19.16
C GLN C 113 -29.66 12.28 -20.61
N GLN C 114 -28.60 12.09 -21.37
CA GLN C 114 -28.59 12.56 -22.75
C GLN C 114 -29.36 11.67 -23.69
N GLN C 115 -29.50 10.40 -23.29
CA GLN C 115 -30.21 9.41 -24.06
C GLN C 115 -31.46 9.97 -24.75
N ILE C 116 -32.32 10.65 -23.99
CA ILE C 116 -33.50 11.28 -24.58
C ILE C 116 -33.22 12.77 -24.81
N ALA C 117 -34.08 13.46 -25.57
CA ALA C 117 -34.03 14.92 -25.71
C ALA C 117 -34.02 15.67 -24.35
N ILE C 118 -33.14 16.64 -24.20
CA ILE C 118 -32.99 17.38 -22.94
C ILE C 118 -32.06 18.60 -23.07
N ASP C 119 -32.47 19.71 -22.46
CA ASP C 119 -31.70 20.93 -22.57
C ASP C 119 -30.84 21.20 -21.35
N LEU C 120 -29.58 20.82 -21.46
CA LEU C 120 -28.63 20.92 -20.35
C LEU C 120 -27.68 22.09 -20.52
N SER C 121 -28.17 23.18 -21.11
CA SER C 121 -27.34 24.33 -21.41
C SER C 121 -26.73 24.98 -20.17
N ALA C 122 -27.29 24.68 -19.00
CA ALA C 122 -26.87 25.31 -17.75
C ALA C 122 -26.04 24.35 -16.90
N TYR C 123 -25.45 23.36 -17.56
CA TYR C 123 -24.69 22.34 -16.86
C TYR C 123 -23.37 21.90 -17.55
N PRO C 124 -22.60 22.87 -18.12
CA PRO C 124 -21.48 22.47 -18.98
C PRO C 124 -20.40 21.68 -18.24
N GLY C 125 -19.55 21.00 -18.99
CA GLY C 125 -18.60 20.08 -18.40
C GLY C 125 -19.15 18.65 -18.35
N GLU C 126 -18.44 17.80 -17.61
CA GLU C 126 -18.71 16.36 -17.56
C GLU C 126 -19.07 15.81 -18.93
N GLU C 127 -18.17 16.00 -19.87
CA GLU C 127 -18.33 15.45 -21.22
C GLU C 127 -18.28 13.93 -21.25
N LEU C 128 -18.93 13.38 -22.26
CA LEU C 128 -18.96 11.94 -22.49
C LEU C 128 -17.55 11.35 -22.36
N SER C 129 -17.45 10.17 -21.74
CA SER C 129 -16.16 9.50 -21.64
C SER C 129 -16.00 8.46 -22.72
N GLY C 130 -17.11 7.78 -23.01
CA GLY C 130 -17.08 6.64 -23.90
C GLY C 130 -17.01 5.33 -23.13
N GLU C 131 -17.15 5.42 -21.81
CA GLU C 131 -17.08 4.26 -20.94
C GLU C 131 -18.39 3.52 -21.00
N GLN C 132 -19.49 4.27 -20.99
CA GLN C 132 -20.82 3.69 -20.90
C GLN C 132 -20.93 2.87 -19.64
N ARG C 133 -21.03 3.58 -18.52
CA ARG C 133 -21.15 2.99 -17.21
C ARG C 133 -22.63 2.79 -16.91
N SER C 134 -22.98 1.62 -16.39
CA SER C 134 -24.34 1.40 -15.91
C SER C 134 -24.60 2.42 -14.85
N HIS C 135 -25.81 2.97 -14.79
CA HIS C 135 -26.11 3.97 -13.77
C HIS C 135 -25.86 3.39 -12.39
N ALA C 136 -26.19 2.10 -12.24
CA ALA C 136 -26.01 1.35 -11.01
C ALA C 136 -24.56 1.42 -10.53
N ALA C 137 -23.65 1.10 -11.43
CA ALA C 137 -22.22 1.13 -11.15
C ALA C 137 -21.84 2.52 -10.69
N ALA C 138 -22.35 3.51 -11.40
CA ALA C 138 -22.03 4.89 -11.06
C ALA C 138 -22.55 5.19 -9.67
N THR C 139 -23.72 4.67 -9.33
CA THR C 139 -24.26 4.89 -7.98
C THR C 139 -23.24 4.35 -7.01
N GLY C 140 -22.83 3.11 -7.20
CA GLY C 140 -21.82 2.51 -6.33
C GLY C 140 -20.50 3.25 -6.30
N LYS C 141 -20.24 4.00 -7.36
CA LYS C 141 -19.02 4.77 -7.56
C LYS C 141 -19.01 6.15 -6.84
N TRP C 142 -20.10 6.94 -6.98
CA TRP C 142 -20.26 8.29 -6.39
C TRP C 142 -20.65 8.26 -4.93
N LEU C 143 -21.41 7.28 -4.53
CA LEU C 143 -21.82 7.21 -3.13
C LEU C 143 -20.72 7.17 -2.05
N PRO C 144 -19.60 6.46 -2.28
CA PRO C 144 -18.68 6.38 -1.15
C PRO C 144 -17.86 7.64 -0.90
N PHE C 145 -18.17 8.71 -1.62
CA PHE C 145 -17.41 9.93 -1.46
C PHE C 145 -18.35 11.13 -1.30
N ALA C 146 -19.61 10.85 -0.99
CA ALA C 146 -20.58 11.91 -0.68
C ALA C 146 -21.44 11.52 0.53
N LEU C 147 -21.39 10.24 0.87
CA LEU C 147 -22.06 9.78 2.06
C LEU C 147 -21.42 10.33 3.34
N PRO C 148 -20.07 10.48 3.37
CA PRO C 148 -19.52 11.10 4.57
C PRO C 148 -19.92 12.55 4.78
N SER C 149 -20.39 13.25 3.75
CA SER C 149 -21.02 14.58 3.90
C SER C 149 -22.06 14.59 5.02
N LEU C 150 -22.75 13.47 5.15
CA LEU C 150 -23.90 13.40 6.02
C LEU C 150 -23.59 12.78 7.36
N GLY C 151 -22.42 12.13 7.47
CA GLY C 151 -21.96 11.63 8.74
C GLY C 151 -21.36 10.25 8.67
N TYR C 152 -21.28 9.74 7.45
CA TYR C 152 -20.78 8.38 7.30
C TYR C 152 -19.26 8.33 7.39
N PRO C 153 -18.74 7.31 8.06
CA PRO C 153 -17.30 7.08 8.16
C PRO C 153 -16.61 7.07 6.80
N ASN C 154 -15.82 8.09 6.48
CA ASN C 154 -15.00 8.06 5.27
C ASN C 154 -14.12 6.81 5.32
N GLY C 155 -14.35 5.89 4.39
CA GLY C 155 -13.65 4.63 4.35
C GLY C 155 -14.21 3.60 5.29
N GLY C 156 -15.32 3.92 5.93
CA GLY C 156 -15.95 3.00 6.87
C GLY C 156 -16.68 1.85 6.18
N LEU C 157 -16.45 0.62 6.67
CA LEU C 157 -17.04 -0.60 6.10
C LEU C 157 -18.53 -0.41 5.86
N VAL C 158 -19.17 0.34 6.74
CA VAL C 158 -20.55 0.71 6.52
C VAL C 158 -20.72 1.47 5.21
N THR C 159 -19.97 2.55 5.01
CA THR C 159 -20.05 3.27 3.74
C THR C 159 -19.66 2.32 2.59
N GLY C 160 -18.63 1.54 2.85
CA GLY C 160 -18.24 0.47 1.94
C GLY C 160 -19.44 -0.31 1.49
N LEU C 161 -20.06 -1.06 2.41
CA LEU C 161 -21.17 -1.95 2.06
C LEU C 161 -22.36 -1.23 1.49
N VAL C 162 -22.74 -0.13 2.11
CA VAL C 162 -23.94 0.57 1.70
C VAL C 162 -23.94 1.05 0.25
N ALA C 163 -22.81 1.54 -0.25
CA ALA C 163 -22.75 1.97 -1.65
C ALA C 163 -22.56 0.80 -2.62
N GLN C 164 -22.00 -0.31 -2.14
CA GLN C 164 -21.78 -1.47 -2.98
C GLN C 164 -23.08 -2.14 -3.29
N MET C 165 -23.97 -2.16 -2.30
CA MET C 165 -25.23 -2.89 -2.43
C MET C 165 -26.24 -2.06 -3.21
N LEU C 166 -26.17 -0.74 -3.11
CA LEU C 166 -26.99 0.09 -3.96
C LEU C 166 -26.50 0.08 -5.40
N GLY C 167 -25.20 -0.13 -5.58
CA GLY C 167 -24.63 -0.16 -6.90
C GLY C 167 -25.00 -1.48 -7.56
N GLY C 168 -25.42 -2.44 -6.74
CA GLY C 168 -25.82 -3.74 -7.24
C GLY C 168 -27.33 -3.86 -7.31
N HIS C 169 -27.97 -2.70 -7.37
CA HIS C 169 -29.43 -2.67 -7.30
C HIS C 169 -30.13 -3.22 -8.53
N HIS C 170 -29.36 -3.76 -9.49
CA HIS C 170 -29.98 -4.50 -10.60
C HIS C 170 -29.47 -5.91 -10.70
N GLY C 171 -29.08 -6.48 -9.56
CA GLY C 171 -28.71 -7.87 -9.56
C GLY C 171 -27.30 -8.20 -9.97
N THR C 172 -26.47 -7.20 -10.28
CA THR C 172 -25.03 -7.42 -10.37
C THR C 172 -24.32 -6.49 -9.41
N PHE C 173 -23.49 -7.04 -8.52
CA PHE C 173 -22.67 -6.22 -7.63
C PHE C 173 -21.39 -5.77 -8.33
N HIS C 174 -20.81 -4.67 -7.89
CA HIS C 174 -19.56 -4.22 -8.50
C HIS C 174 -18.42 -4.11 -7.45
N PRO C 175 -17.15 -4.20 -7.88
CA PRO C 175 -16.15 -4.23 -6.81
C PRO C 175 -16.02 -2.86 -6.18
N HIS C 176 -15.62 -2.86 -4.90
CA HIS C 176 -15.35 -1.65 -4.18
C HIS C 176 -14.43 -0.85 -5.07
N PRO C 177 -14.70 0.44 -5.21
CA PRO C 177 -13.98 1.28 -6.16
C PRO C 177 -12.53 1.44 -5.71
N SER C 178 -11.57 1.13 -6.58
CA SER C 178 -10.16 1.36 -6.24
C SER C 178 -9.72 2.68 -6.88
N PHE C 179 -8.77 3.39 -6.26
CA PHE C 179 -8.36 4.69 -6.81
C PHE C 179 -7.02 5.16 -6.28
N GLN C 180 -6.26 5.88 -7.10
CA GLN C 180 -4.87 6.23 -6.80
C GLN C 180 -4.66 7.65 -6.33
N SER C 181 -5.61 8.55 -6.57
CA SER C 181 -5.39 9.95 -6.20
C SER C 181 -5.91 10.32 -4.82
N ARG C 182 -6.14 11.60 -4.63
CA ARG C 182 -6.69 12.09 -3.39
C ARG C 182 -8.06 12.74 -3.62
N ASN C 183 -8.54 12.67 -4.86
CA ASN C 183 -9.81 13.26 -5.27
C ASN C 183 -10.57 12.33 -6.20
N PRO C 184 -11.01 11.18 -5.67
CA PRO C 184 -11.53 10.06 -6.47
C PRO C 184 -12.88 10.39 -7.06
N LEU C 185 -13.59 11.33 -6.45
CA LEU C 185 -14.84 11.78 -7.00
C LEU C 185 -14.55 12.23 -8.41
N ALA C 186 -13.38 12.84 -8.60
CA ALA C 186 -12.94 13.30 -9.92
C ALA C 186 -12.35 12.16 -10.73
N GLU C 187 -11.52 11.35 -10.08
CA GLU C 187 -10.98 10.17 -10.73
C GLU C 187 -12.07 9.29 -11.32
N PHE C 188 -13.27 9.34 -10.75
CA PHE C 188 -14.38 8.54 -11.23
C PHE C 188 -15.34 9.25 -12.17
N GLY C 189 -15.03 10.48 -12.52
CA GLY C 189 -15.74 11.13 -13.59
C GLY C 189 -16.56 12.30 -13.14
N PHE C 190 -16.88 12.31 -11.86
CA PHE C 190 -17.78 13.31 -11.30
C PHE C 190 -17.06 14.62 -11.07
N SER C 191 -16.99 15.46 -12.10
CA SER C 191 -16.04 16.56 -12.08
C SER C 191 -16.67 17.96 -12.23
N SER C 192 -17.87 18.04 -12.76
CA SER C 192 -18.47 19.37 -12.95
C SER C 192 -19.07 19.89 -11.65
N PRO C 193 -18.86 21.20 -11.39
CA PRO C 193 -19.33 21.79 -10.14
C PRO C 193 -20.85 21.78 -10.16
N HIS C 194 -21.40 22.17 -11.31
CA HIS C 194 -22.84 22.14 -11.55
C HIS C 194 -23.50 20.78 -11.25
N TRP C 195 -23.21 19.79 -12.10
CA TRP C 195 -23.70 18.42 -11.98
C TRP C 195 -23.56 17.91 -10.56
N GLU C 196 -22.51 18.36 -9.89
CA GLU C 196 -22.17 17.82 -8.58
C GLU C 196 -22.97 18.49 -7.45
N LYS C 197 -23.51 19.67 -7.73
CA LYS C 197 -24.41 20.31 -6.76
C LYS C 197 -25.74 19.60 -6.81
N GLN C 198 -26.25 19.41 -8.01
CA GLN C 198 -27.49 18.66 -8.25
C GLN C 198 -27.50 17.19 -7.78
N ARG C 199 -26.36 16.51 -7.88
CA ARG C 199 -26.27 15.19 -7.30
C ARG C 199 -26.44 15.34 -5.80
N HIS C 200 -25.91 16.43 -5.26
CA HIS C 200 -25.97 16.67 -3.82
C HIS C 200 -27.34 17.11 -3.37
N ALA C 201 -27.90 18.09 -4.08
CA ALA C 201 -29.29 18.49 -3.89
C ALA C 201 -30.13 17.23 -3.77
N LEU C 202 -30.11 16.40 -4.82
CA LEU C 202 -30.82 15.13 -4.82
C LEU C 202 -30.44 14.24 -3.65
N LEU C 203 -29.16 14.26 -3.27
CA LEU C 203 -28.73 13.46 -2.15
C LEU C 203 -29.44 14.00 -0.92
N HIS C 204 -29.41 15.33 -0.80
CA HIS C 204 -29.95 16.05 0.36
C HIS C 204 -31.48 16.00 0.46
N ALA C 205 -32.17 16.29 -0.64
CA ALA C 205 -33.64 16.12 -0.71
C ALA C 205 -34.20 14.85 -0.02
N VAL C 206 -33.71 13.67 -0.40
CA VAL C 206 -34.25 12.44 0.15
C VAL C 206 -33.68 12.17 1.55
N PHE C 207 -32.57 12.83 1.89
CA PHE C 207 -32.09 12.76 3.27
C PHE C 207 -33.09 13.46 4.19
N ASP C 208 -33.49 14.67 3.78
CA ASP C 208 -34.54 15.44 4.42
C ASP C 208 -35.85 14.63 4.58
N ALA C 209 -36.31 14.06 3.48
CA ALA C 209 -37.57 13.31 3.43
C ALA C 209 -37.68 12.11 4.38
N THR C 210 -36.66 11.25 4.41
CA THR C 210 -36.73 10.07 5.26
C THR C 210 -36.28 10.41 6.65
N GLY C 211 -36.14 11.71 6.92
CA GLY C 211 -35.94 12.23 8.28
C GLY C 211 -34.51 12.41 8.76
N ARG C 212 -33.60 12.63 7.82
CA ARG C 212 -32.17 12.82 8.12
C ARG C 212 -31.56 11.79 9.09
N PRO C 213 -31.73 10.49 8.81
CA PRO C 213 -31.30 9.47 9.77
C PRO C 213 -29.80 9.35 9.89
N THR C 214 -29.32 9.12 11.10
CA THR C 214 -27.89 9.03 11.29
C THR C 214 -27.39 7.61 10.99
N PRO C 215 -26.16 7.49 10.47
CA PRO C 215 -25.56 6.21 10.08
C PRO C 215 -25.48 5.20 11.20
N PRO C 216 -25.82 3.95 10.89
CA PRO C 216 -25.65 2.85 11.83
C PRO C 216 -24.17 2.60 12.06
N ASP C 217 -23.85 1.91 13.15
CA ASP C 217 -22.46 1.63 13.50
C ASP C 217 -21.93 0.41 12.77
N MET C 218 -22.76 -0.62 12.67
CA MET C 218 -22.34 -1.82 12.02
C MET C 218 -23.31 -2.10 10.85
N LEU C 219 -22.87 -2.97 9.93
CA LEU C 219 -23.66 -3.50 8.82
C LEU C 219 -22.69 -4.50 8.23
N ASP C 220 -23.15 -5.70 7.92
CA ASP C 220 -22.23 -6.68 7.33
C ASP C 220 -22.81 -7.20 6.03
N GLY C 221 -22.13 -8.18 5.46
CA GLY C 221 -22.39 -8.55 4.09
C GLY C 221 -23.73 -9.20 3.93
N PRO C 222 -23.92 -10.32 4.64
CA PRO C 222 -25.19 -11.06 4.68
C PRO C 222 -26.42 -10.19 4.98
N THR C 223 -26.36 -9.33 5.99
CA THR C 223 -27.44 -8.39 6.19
C THR C 223 -27.63 -7.47 4.98
N ALA C 224 -26.54 -6.95 4.44
CA ALA C 224 -26.59 -5.95 3.36
C ALA C 224 -27.10 -6.49 2.02
N SER C 225 -26.94 -7.80 1.80
CA SER C 225 -27.44 -8.41 0.57
C SER C 225 -28.94 -8.58 0.72
N VAL C 226 -29.36 -8.96 1.91
CA VAL C 226 -30.77 -8.99 2.22
C VAL C 226 -31.38 -7.59 2.09
N VAL C 227 -30.71 -6.58 2.64
CA VAL C 227 -31.23 -5.22 2.50
C VAL C 227 -31.25 -4.82 1.02
N CYS C 228 -30.43 -5.51 0.23
CA CYS C 228 -30.40 -5.25 -1.19
C CYS C 228 -31.72 -5.68 -1.83
N GLY C 229 -32.11 -6.92 -1.52
CA GLY C 229 -33.37 -7.49 -1.98
C GLY C 229 -34.52 -6.55 -1.68
N LEU C 230 -34.51 -5.94 -0.49
CA LEU C 230 -35.56 -4.99 -0.09
C LEU C 230 -35.60 -3.81 -1.06
N VAL C 231 -34.44 -3.23 -1.35
CA VAL C 231 -34.35 -2.08 -2.25
C VAL C 231 -34.84 -2.47 -3.64
N ILE C 232 -34.49 -3.68 -4.05
CA ILE C 232 -34.86 -4.16 -5.37
C ILE C 232 -36.36 -4.33 -5.51
N LEU C 233 -36.99 -4.98 -4.52
CA LEU C 233 -38.43 -5.15 -4.54
C LEU C 233 -39.08 -3.78 -4.65
N ALA C 234 -38.47 -2.83 -3.95
CA ALA C 234 -38.92 -1.45 -3.92
C ALA C 234 -38.82 -0.74 -5.26
N ASP C 235 -37.67 -0.85 -5.93
CA ASP C 235 -37.48 -0.22 -7.25
C ASP C 235 -38.50 -0.79 -8.26
N TRP C 236 -38.81 -2.06 -8.08
CA TRP C 236 -39.78 -2.74 -8.92
C TRP C 236 -41.20 -2.19 -8.69
N LEU C 237 -41.64 -2.17 -7.44
CA LEU C 237 -43.01 -1.76 -7.15
C LEU C 237 -43.37 -0.37 -7.65
N VAL C 238 -42.43 0.58 -7.66
CA VAL C 238 -42.77 1.94 -8.15
C VAL C 238 -42.42 2.13 -9.64
N SER C 239 -42.10 1.02 -10.30
CA SER C 239 -41.68 1.06 -11.71
C SER C 239 -42.79 0.70 -12.70
N GLN C 240 -43.90 0.20 -12.16
CA GLN C 240 -45.04 -0.19 -12.98
C GLN C 240 -45.73 1.01 -13.64
N GLU C 241 -46.25 0.79 -14.84
CA GLU C 241 -46.78 1.88 -15.67
C GLU C 241 -48.03 2.55 -15.11
N ASP C 242 -48.85 1.78 -14.40
CA ASP C 242 -50.07 2.33 -13.82
C ASP C 242 -49.74 3.26 -12.68
N PHE C 243 -48.91 2.77 -11.77
CA PHE C 243 -48.44 3.60 -10.69
C PHE C 243 -47.84 4.89 -11.24
N LEU C 244 -46.86 4.76 -12.11
CA LEU C 244 -46.20 5.91 -12.72
C LEU C 244 -47.18 6.90 -13.42
N LEU C 245 -48.01 6.38 -14.33
CA LEU C 245 -48.93 7.22 -15.11
C LEU C 245 -49.90 8.02 -14.22
N GLU C 246 -50.29 7.41 -13.10
CA GLU C 246 -51.12 8.06 -12.12
C GLU C 246 -50.34 9.19 -11.41
N ARG C 247 -49.12 8.90 -10.95
CA ARG C 247 -48.27 9.92 -10.31
C ARG C 247 -47.91 11.01 -11.31
N LEU C 248 -47.99 10.69 -12.60
CA LEU C 248 -47.57 11.58 -13.66
C LEU C 248 -48.52 12.78 -13.84
N THR C 249 -49.65 12.74 -13.16
CA THR C 249 -50.66 13.79 -13.30
C THR C 249 -50.51 14.85 -12.23
N SER C 250 -49.75 14.53 -11.20
CA SER C 250 -49.56 15.45 -10.08
C SER C 250 -48.08 15.60 -9.76
N LEU C 251 -47.30 16.04 -10.73
CA LEU C 251 -45.89 16.30 -10.52
C LEU C 251 -45.71 17.59 -9.74
N PRO C 252 -44.94 17.56 -8.63
CA PRO C 252 -44.61 18.79 -7.92
C PRO C 252 -44.09 19.86 -8.87
N ALA C 253 -44.35 21.11 -8.56
CA ALA C 253 -44.07 22.19 -9.51
C ALA C 253 -42.62 22.69 -9.44
N ASP C 254 -41.90 22.33 -8.38
CA ASP C 254 -40.50 22.73 -8.21
C ASP C 254 -39.78 21.96 -7.10
N GLY C 255 -38.49 22.25 -6.92
CA GLY C 255 -37.65 21.47 -6.02
C GLY C 255 -37.79 21.76 -4.54
N SER C 256 -38.72 22.65 -4.20
CA SER C 256 -38.91 23.08 -2.81
C SER C 256 -39.12 21.92 -1.83
N ALA C 257 -38.44 21.98 -0.69
CA ALA C 257 -38.44 20.90 0.29
C ALA C 257 -39.84 20.40 0.58
N SER C 258 -40.83 21.26 0.37
CA SER C 258 -42.22 20.99 0.74
C SER C 258 -43.05 20.44 -0.43
N ALA C 259 -42.85 20.99 -1.63
CA ALA C 259 -43.41 20.42 -2.86
C ALA C 259 -43.04 18.94 -2.91
N LEU C 260 -41.82 18.65 -2.47
CA LEU C 260 -41.31 17.31 -2.42
C LEU C 260 -41.83 16.54 -1.21
N ARG C 261 -42.00 17.18 -0.06
CA ARG C 261 -42.57 16.47 1.08
C ARG C 261 -44.01 16.11 0.77
N ALA C 262 -44.68 16.91 -0.05
CA ALA C 262 -46.03 16.58 -0.50
C ALA C 262 -45.97 15.24 -1.21
N HIS C 263 -45.32 15.25 -2.36
CA HIS C 263 -45.02 14.04 -3.15
C HIS C 263 -44.52 12.80 -2.35
N PHE C 264 -43.58 12.97 -1.44
CA PHE C 264 -43.13 11.84 -0.64
C PHE C 264 -44.27 11.28 0.16
N GLU C 265 -45.18 12.17 0.56
CA GLU C 265 -46.28 11.75 1.41
C GLU C 265 -47.38 11.12 0.55
N THR C 266 -47.55 11.62 -0.66
CA THR C 266 -48.53 11.09 -1.61
C THR C 266 -48.19 9.63 -1.92
N SER C 267 -46.91 9.38 -2.17
CA SER C 267 -46.41 8.06 -2.54
C SER C 267 -46.49 7.15 -1.34
N LEU C 268 -46.06 7.66 -0.19
CA LEU C 268 -46.21 6.92 1.07
C LEU C 268 -47.59 6.32 1.19
N ARG C 269 -48.57 7.08 0.72
CA ARG C 269 -49.97 6.75 0.81
C ARG C 269 -50.35 5.65 -0.18
N ARG C 270 -49.78 5.70 -1.39
CA ARG C 270 -50.18 4.75 -2.43
C ARG C 270 -49.55 3.35 -2.38
N ILE C 271 -48.33 3.23 -1.87
CA ILE C 271 -47.66 1.93 -1.86
C ILE C 271 -48.42 0.74 -1.24
N PRO C 272 -49.18 0.97 -0.16
CA PRO C 272 -49.81 -0.23 0.40
C PRO C 272 -50.72 -0.95 -0.60
N SER C 273 -51.44 -0.19 -1.42
CA SER C 273 -52.32 -0.76 -2.42
C SER C 273 -51.56 -1.52 -3.51
N LEU C 274 -50.30 -1.15 -3.69
CA LEU C 274 -49.39 -1.89 -4.57
C LEU C 274 -48.99 -3.26 -3.98
N LEU C 275 -48.92 -3.35 -2.65
CA LEU C 275 -48.64 -4.63 -2.01
C LEU C 275 -49.81 -5.55 -2.22
N ASP C 276 -51.00 -4.97 -2.14
CA ASP C 276 -52.24 -5.73 -2.20
C ASP C 276 -52.53 -6.27 -3.60
N ALA C 277 -52.09 -5.53 -4.60
CA ALA C 277 -52.22 -5.96 -5.97
C ALA C 277 -51.27 -7.13 -6.20
N ALA C 278 -50.17 -7.14 -5.47
CA ALA C 278 -49.15 -8.15 -5.69
C ALA C 278 -49.39 -9.36 -4.82
N GLY C 279 -50.44 -9.30 -4.00
CA GLY C 279 -50.73 -10.38 -3.07
C GLY C 279 -49.62 -10.63 -2.06
N LEU C 280 -49.14 -9.54 -1.45
CA LEU C 280 -47.90 -9.59 -0.68
C LEU C 280 -48.06 -9.62 0.84
N ARG C 281 -49.29 -9.42 1.33
CA ARG C 281 -49.55 -9.36 2.77
C ARG C 281 -49.30 -10.67 3.42
N PRO C 282 -48.81 -10.60 4.64
CA PRO C 282 -48.33 -11.84 5.28
C PRO C 282 -49.46 -12.79 5.60
N ILE C 283 -49.27 -14.08 5.33
CA ILE C 283 -50.22 -15.08 5.82
C ILE C 283 -49.87 -15.43 7.27
N THR C 284 -50.72 -15.00 8.19
CA THR C 284 -50.45 -15.15 9.63
C THR C 284 -51.41 -16.18 10.25
N VAL C 285 -50.83 -17.24 10.79
CA VAL C 285 -51.59 -18.34 11.35
C VAL C 285 -51.48 -18.31 12.89
N PRO C 286 -52.63 -18.32 13.60
CA PRO C 286 -52.65 -18.19 15.06
C PRO C 286 -52.17 -19.46 15.74
N PRO C 287 -51.50 -19.35 16.89
CA PRO C 287 -50.88 -20.49 17.58
C PRO C 287 -51.93 -21.53 17.91
N ALA C 288 -51.53 -22.80 17.89
CA ALA C 288 -52.47 -23.86 18.21
C ALA C 288 -51.72 -25.14 18.50
N THR C 289 -52.43 -26.11 19.05
CA THR C 289 -51.82 -27.39 19.33
C THR C 289 -51.70 -28.18 18.06
N PHE C 290 -51.37 -29.46 18.19
CA PHE C 290 -51.42 -30.35 17.05
C PHE C 290 -52.89 -30.58 16.68
N THR C 291 -53.65 -31.12 17.63
CA THR C 291 -55.02 -31.54 17.37
C THR C 291 -55.89 -30.36 16.92
N GLU C 292 -55.59 -29.17 17.44
CA GLU C 292 -56.33 -27.98 17.01
C GLU C 292 -56.04 -27.64 15.56
N SER C 293 -54.76 -27.68 15.20
CA SER C 293 -54.32 -27.41 13.82
C SER C 293 -54.90 -28.43 12.84
N PHE C 294 -55.01 -29.67 13.31
CA PHE C 294 -55.32 -30.78 12.45
C PHE C 294 -56.52 -31.46 13.06
N PRO C 295 -57.68 -30.69 12.98
CA PRO C 295 -58.83 -31.32 13.62
C PRO C 295 -59.13 -32.60 12.90
N HIS C 296 -59.01 -32.54 11.59
CA HIS C 296 -59.47 -33.61 10.74
C HIS C 296 -58.75 -34.90 11.04
N LEU C 297 -57.47 -34.83 11.37
CA LEU C 297 -56.72 -36.05 11.61
C LEU C 297 -57.09 -36.60 12.97
N SER C 298 -57.66 -37.80 12.95
CA SER C 298 -58.21 -38.44 14.13
C SER C 298 -57.22 -38.83 15.23
N LYS C 299 -56.11 -39.43 14.84
CA LYS C 299 -55.17 -39.97 15.80
C LYS C 299 -53.76 -39.52 15.49
N PRO C 300 -53.08 -38.85 16.52
CA PRO C 300 -51.69 -38.49 16.18
C PRO C 300 -50.72 -39.66 16.10
N ASN C 301 -49.73 -39.55 15.23
CA ASN C 301 -48.72 -40.57 14.96
C ASN C 301 -47.75 -40.73 16.13
N GLY C 302 -47.13 -41.90 16.31
CA GLY C 302 -46.19 -42.00 17.41
C GLY C 302 -45.18 -40.86 17.36
N LEU C 303 -44.66 -40.63 16.17
CA LEU C 303 -43.72 -39.56 15.86
C LEU C 303 -44.28 -38.20 16.27
N GLN C 304 -45.39 -37.84 15.62
CA GLN C 304 -46.20 -36.65 15.87
C GLN C 304 -46.47 -36.29 17.36
N ALA C 305 -46.75 -37.31 18.17
CA ALA C 305 -47.01 -37.16 19.61
C ALA C 305 -45.76 -36.69 20.34
N SER C 306 -44.62 -37.25 19.96
CA SER C 306 -43.35 -36.93 20.58
C SER C 306 -42.77 -35.61 20.11
N LEU C 307 -43.17 -35.19 18.91
CA LEU C 307 -42.82 -33.87 18.37
C LEU C 307 -43.66 -32.77 19.01
N ALA C 308 -44.97 -32.93 18.93
CA ALA C 308 -45.92 -31.95 19.46
C ALA C 308 -45.71 -31.71 20.97
N LYS C 309 -45.19 -32.73 21.67
CA LYS C 309 -44.94 -32.70 23.11
C LYS C 309 -43.60 -32.05 23.49
N HIS C 310 -42.50 -32.60 22.97
CA HIS C 310 -41.13 -32.24 23.37
C HIS C 310 -40.44 -31.10 22.60
N LEU C 311 -41.11 -30.57 21.58
CA LEU C 311 -40.55 -29.44 20.84
C LEU C 311 -40.90 -28.02 21.34
N PRO C 312 -42.15 -27.77 21.81
CA PRO C 312 -42.49 -26.43 22.31
C PRO C 312 -41.46 -25.81 23.27
N CYS C 313 -40.94 -26.62 24.18
CA CYS C 313 -39.86 -26.17 25.06
C CYS C 313 -38.61 -25.83 24.26
N LEU C 314 -38.11 -26.80 23.50
CA LEU C 314 -36.87 -26.66 22.72
C LEU C 314 -36.83 -25.51 21.70
N CYS C 315 -38.00 -25.09 21.21
CA CYS C 315 -38.10 -23.95 20.27
C CYS C 315 -37.94 -22.60 20.95
N THR C 316 -36.81 -22.42 21.63
CA THR C 316 -36.50 -21.17 22.32
C THR C 316 -36.33 -20.02 21.33
N GLY C 317 -35.73 -20.33 20.18
CA GLY C 317 -35.58 -19.34 19.11
C GLY C 317 -35.24 -19.98 17.76
N PRO C 318 -34.46 -19.27 16.93
CA PRO C 318 -34.03 -19.77 15.62
C PRO C 318 -33.19 -21.01 15.76
N GLY C 319 -33.48 -22.01 14.96
CA GLY C 319 -32.74 -23.25 15.00
C GLY C 319 -33.26 -24.19 13.93
N LEU C 320 -32.78 -25.42 13.96
CA LEU C 320 -33.06 -26.38 12.89
C LEU C 320 -33.67 -27.63 13.48
N VAL C 321 -34.65 -28.19 12.76
CA VAL C 321 -35.22 -29.48 13.09
C VAL C 321 -34.94 -30.50 11.98
N LEU C 322 -34.19 -31.57 12.30
CA LEU C 322 -33.98 -32.66 11.35
C LEU C 322 -34.84 -33.89 11.65
N ILE C 323 -36.02 -33.97 11.01
CA ILE C 323 -36.94 -35.11 11.17
C ILE C 323 -36.60 -36.19 10.16
N THR C 324 -36.62 -37.45 10.56
CA THR C 324 -36.34 -38.53 9.62
C THR C 324 -37.14 -39.81 9.94
N ALA C 325 -37.81 -40.37 8.93
CA ALA C 325 -38.78 -41.45 9.12
C ALA C 325 -39.20 -42.07 7.75
N PRO C 326 -39.92 -43.22 7.76
CA PRO C 326 -40.36 -43.86 6.51
C PRO C 326 -41.48 -43.17 5.73
N MET C 327 -41.82 -43.78 4.61
CA MET C 327 -42.96 -43.41 3.79
C MET C 327 -44.24 -43.38 4.62
N GLY C 328 -45.13 -42.45 4.30
CA GLY C 328 -46.49 -42.45 4.84
C GLY C 328 -46.63 -42.27 6.35
N GLU C 329 -45.59 -41.74 6.97
CA GLU C 329 -45.62 -41.55 8.41
C GLU C 329 -45.98 -40.12 8.80
N GLY C 330 -46.64 -39.38 7.89
CA GLY C 330 -47.26 -38.12 8.25
C GLY C 330 -46.36 -36.92 8.52
N LYS C 331 -45.11 -37.02 8.11
CA LYS C 331 -44.11 -35.99 8.34
C LYS C 331 -44.51 -34.63 7.82
N THR C 332 -45.36 -34.60 6.79
CA THR C 332 -45.78 -33.33 6.21
C THR C 332 -46.60 -32.61 7.25
N GLU C 333 -47.45 -33.37 7.93
CA GLU C 333 -48.34 -32.82 8.94
C GLU C 333 -47.53 -32.38 10.17
N ALA C 334 -46.61 -33.24 10.58
CA ALA C 334 -45.63 -32.86 11.60
C ALA C 334 -44.93 -31.57 11.18
N ALA C 335 -44.45 -31.55 9.93
CA ALA C 335 -43.73 -30.42 9.35
C ALA C 335 -44.49 -29.10 9.40
N TYR C 336 -45.73 -29.09 8.95
CA TYR C 336 -46.55 -27.89 9.04
C TYR C 336 -46.52 -27.36 10.48
N HIS C 337 -46.56 -28.27 11.45
CA HIS C 337 -46.55 -27.88 12.86
C HIS C 337 -45.22 -27.30 13.36
N VAL C 338 -44.17 -28.10 13.20
CA VAL C 338 -42.79 -27.69 13.51
C VAL C 338 -42.57 -26.26 13.05
N ALA C 339 -42.86 -26.02 11.77
CA ALA C 339 -42.79 -24.71 11.15
C ALA C 339 -43.43 -23.62 12.02
N ASP C 340 -44.64 -23.88 12.53
CA ASP C 340 -45.40 -22.86 13.23
C ASP C 340 -44.80 -22.50 14.59
N LEU C 341 -44.18 -23.48 15.24
CA LEU C 341 -43.48 -23.22 16.49
C LEU C 341 -42.27 -22.34 16.19
N LEU C 342 -41.50 -22.79 15.19
CA LEU C 342 -40.36 -22.05 14.69
C LEU C 342 -40.81 -20.73 14.10
N GLY C 343 -42.05 -20.67 13.66
CA GLY C 343 -42.65 -19.45 13.17
C GLY C 343 -42.84 -18.38 14.24
N LYS C 344 -43.40 -18.77 15.39
CA LYS C 344 -43.62 -17.82 16.48
C LYS C 344 -42.28 -17.48 17.15
N ALA C 345 -41.40 -18.48 17.22
CA ALA C 345 -40.12 -18.33 17.89
C ALA C 345 -39.19 -17.31 17.21
N THR C 346 -39.38 -17.11 15.91
CA THR C 346 -38.44 -16.31 15.11
C THR C 346 -39.11 -15.16 14.33
N GLY C 347 -40.37 -14.86 14.65
CA GLY C 347 -41.04 -13.72 14.06
C GLY C 347 -41.28 -13.89 12.58
N ARG C 348 -41.37 -15.15 12.16
CA ARG C 348 -41.36 -15.51 10.75
C ARG C 348 -42.57 -16.36 10.32
N PRO C 349 -43.61 -15.68 9.80
CA PRO C 349 -44.83 -16.27 9.25
C PRO C 349 -44.68 -16.78 7.82
N GLY C 350 -43.68 -16.29 7.12
CA GLY C 350 -43.45 -16.72 5.76
C GLY C 350 -43.19 -18.20 5.70
N ARG C 351 -43.49 -18.82 4.56
CA ARG C 351 -43.32 -20.25 4.36
C ARG C 351 -42.67 -20.56 3.01
N PHE C 352 -41.61 -21.36 3.02
CA PHE C 352 -41.20 -22.04 1.81
C PHE C 352 -41.00 -23.53 2.06
N LEU C 353 -41.71 -24.34 1.28
CA LEU C 353 -41.62 -25.80 1.33
C LEU C 353 -40.92 -26.29 0.08
N ALA C 354 -39.80 -26.98 0.25
CA ALA C 354 -38.99 -27.36 -0.88
C ALA C 354 -39.16 -28.82 -1.32
N LEU C 355 -39.47 -29.04 -2.60
CA LEU C 355 -39.75 -30.39 -3.10
C LEU C 355 -38.85 -30.87 -4.24
N PRO C 356 -38.63 -32.21 -4.35
CA PRO C 356 -37.65 -32.72 -5.31
C PRO C 356 -38.11 -32.70 -6.75
N THR C 357 -39.40 -32.52 -7.03
CA THR C 357 -39.93 -32.55 -8.40
C THR C 357 -41.10 -31.59 -8.57
N MET C 358 -41.41 -31.23 -9.82
CA MET C 358 -42.52 -30.29 -10.10
C MET C 358 -43.83 -30.96 -9.75
N ALA C 359 -43.81 -32.29 -9.84
CA ALA C 359 -44.93 -33.13 -9.45
C ALA C 359 -45.20 -33.03 -7.94
N THR C 360 -44.27 -33.54 -7.13
CA THR C 360 -44.45 -33.51 -5.68
C THR C 360 -44.74 -32.10 -5.17
N ALA C 361 -44.31 -31.09 -5.91
CA ALA C 361 -44.63 -29.74 -5.53
C ALA C 361 -46.11 -29.44 -5.81
N ASP C 362 -46.56 -29.75 -7.02
CA ASP C 362 -47.96 -29.54 -7.44
C ASP C 362 -48.91 -30.04 -6.35
N GLN C 363 -48.72 -31.29 -5.97
CA GLN C 363 -49.55 -32.01 -4.98
C GLN C 363 -49.53 -31.27 -3.64
N MET C 364 -48.32 -30.98 -3.18
CA MET C 364 -48.12 -30.35 -1.90
C MET C 364 -48.62 -28.91 -1.90
N HIS C 365 -48.67 -28.27 -3.08
CA HIS C 365 -49.25 -26.93 -3.14
C HIS C 365 -50.67 -27.01 -2.60
N THR C 366 -51.41 -28.02 -3.05
CA THR C 366 -52.80 -28.22 -2.63
C THR C 366 -52.89 -28.54 -1.14
N ARG C 367 -52.03 -29.43 -0.68
CA ARG C 367 -52.03 -29.82 0.72
C ARG C 367 -51.87 -28.61 1.64
N LEU C 368 -51.12 -27.59 1.21
CA LEU C 368 -50.89 -26.44 2.07
C LEU C 368 -51.94 -25.32 1.87
N LYS C 369 -52.49 -25.25 0.67
CA LYS C 369 -53.53 -24.26 0.37
C LYS C 369 -54.78 -24.54 1.21
N GLU C 370 -55.07 -25.82 1.42
CA GLU C 370 -56.23 -26.22 2.19
C GLU C 370 -55.91 -26.01 3.66
N TYR C 371 -54.68 -26.34 4.04
CA TYR C 371 -54.25 -26.18 5.43
C TYR C 371 -54.36 -24.73 5.82
N ALA C 372 -54.18 -23.86 4.83
CA ALA C 372 -54.28 -22.41 5.05
C ALA C 372 -55.73 -21.95 5.20
N ARG C 373 -56.61 -22.49 4.35
CA ARG C 373 -58.02 -22.17 4.40
C ARG C 373 -58.58 -22.63 5.73
N TYR C 374 -58.17 -23.82 6.14
CA TYR C 374 -58.59 -24.30 7.44
C TYR C 374 -58.16 -23.40 8.59
N ARG C 375 -56.92 -22.96 8.57
CA ARG C 375 -56.29 -22.31 9.71
C ARG C 375 -56.38 -20.80 9.80
N VAL C 376 -56.37 -20.10 8.67
CA VAL C 376 -56.35 -18.64 8.74
C VAL C 376 -57.62 -18.10 9.39
N GLU C 377 -57.47 -17.09 10.24
CA GLU C 377 -58.63 -16.44 10.81
C GLU C 377 -59.34 -15.64 9.74
N ASN C 378 -60.66 -15.56 9.83
CA ASN C 378 -61.41 -14.95 8.75
C ASN C 378 -61.08 -13.49 8.53
N THR C 379 -60.97 -12.73 9.60
CA THR C 379 -60.82 -11.28 9.51
C THR C 379 -62.08 -10.64 8.96
N SER C 384 -55.37 -10.18 1.37
CA SER C 384 -55.11 -10.58 0.01
C SER C 384 -53.66 -10.92 -0.20
N SER C 385 -53.26 -12.10 0.26
CA SER C 385 -51.89 -12.53 0.16
C SER C 385 -51.89 -13.85 -0.55
N THR C 386 -51.10 -14.01 -1.59
CA THR C 386 -51.16 -15.24 -2.37
C THR C 386 -50.39 -16.38 -1.74
N LEU C 387 -50.38 -17.53 -2.42
CA LEU C 387 -49.66 -18.68 -1.95
C LEU C 387 -49.14 -19.20 -3.27
N ALA C 388 -47.83 -19.36 -3.37
CA ALA C 388 -47.23 -19.50 -4.68
C ALA C 388 -46.81 -20.91 -5.01
N LEU C 389 -46.87 -21.23 -6.30
CA LEU C 389 -46.34 -22.46 -6.83
C LEU C 389 -45.13 -22.04 -7.67
N LEU C 390 -43.97 -22.63 -7.37
CA LEU C 390 -42.70 -22.24 -8.00
C LEU C 390 -41.98 -23.41 -8.65
N HIS C 391 -42.01 -23.44 -9.98
CA HIS C 391 -41.18 -24.33 -10.78
C HIS C 391 -41.30 -23.83 -12.20
N SER C 392 -40.63 -24.45 -13.15
CA SER C 392 -40.62 -23.91 -14.51
C SER C 392 -41.98 -23.99 -15.20
N MET C 393 -42.82 -24.93 -14.76
CA MET C 393 -44.06 -25.29 -15.45
C MET C 393 -45.32 -24.63 -14.86
N ALA C 394 -45.17 -23.98 -13.71
CA ALA C 394 -46.31 -23.38 -13.00
C ALA C 394 -47.17 -22.37 -13.78
N TRP C 395 -46.90 -22.13 -15.07
CA TRP C 395 -47.82 -21.36 -15.90
C TRP C 395 -48.78 -22.35 -16.56
N LEU C 396 -48.26 -23.55 -16.79
CA LEU C 396 -48.97 -24.54 -17.58
C LEU C 396 -49.90 -25.38 -16.69
N ASN C 397 -49.87 -25.07 -15.41
CA ASN C 397 -50.91 -25.50 -14.49
C ASN C 397 -52.02 -24.42 -14.56
N PRO C 398 -53.22 -24.80 -15.02
CA PRO C 398 -54.33 -23.85 -15.13
C PRO C 398 -55.15 -23.76 -13.84
N ASP C 399 -54.95 -24.68 -12.91
CA ASP C 399 -55.53 -24.58 -11.57
C ASP C 399 -54.72 -23.63 -10.68
N TYR C 400 -53.54 -23.20 -11.16
CA TYR C 400 -52.69 -22.25 -10.44
C TYR C 400 -52.64 -20.88 -11.09
N ALA C 401 -52.10 -20.82 -12.30
CA ALA C 401 -51.88 -19.57 -12.98
C ALA C 401 -53.19 -18.93 -13.33
N PRO C 402 -53.27 -17.60 -13.22
CA PRO C 402 -54.51 -16.90 -13.54
C PRO C 402 -54.77 -16.83 -15.05
N ALA C 403 -55.90 -16.24 -15.45
CA ALA C 403 -56.30 -16.20 -16.85
C ALA C 403 -55.57 -15.11 -17.64
N ASP C 419 -60.55 -15.24 -4.65
CA ASP C 419 -60.16 -16.33 -3.76
C ASP C 419 -58.91 -15.95 -2.98
N PRO C 420 -58.95 -16.13 -1.65
CA PRO C 420 -57.72 -15.94 -0.85
C PRO C 420 -56.69 -16.99 -1.20
N PHE C 421 -55.42 -16.60 -1.19
CA PHE C 421 -54.27 -17.46 -1.53
C PHE C 421 -54.16 -17.68 -3.04
N ALA C 422 -54.96 -16.97 -3.81
CA ALA C 422 -54.89 -17.13 -5.25
C ALA C 422 -53.68 -16.40 -5.78
N ALA C 423 -52.89 -17.08 -6.62
CA ALA C 423 -51.80 -16.46 -7.35
C ALA C 423 -52.22 -15.19 -8.08
N THR C 424 -51.40 -14.17 -7.96
CA THR C 424 -51.66 -12.89 -8.62
C THR C 424 -50.73 -12.77 -9.83
N ASP C 425 -50.97 -11.80 -10.69
CA ASP C 425 -50.12 -11.56 -11.86
C ASP C 425 -48.69 -11.25 -11.45
N TRP C 426 -48.49 -10.05 -10.93
CA TRP C 426 -47.19 -9.58 -10.48
C TRP C 426 -46.31 -10.69 -9.91
N LEU C 427 -46.87 -11.50 -9.03
CA LEU C 427 -46.12 -12.58 -8.40
C LEU C 427 -45.76 -13.69 -9.38
N MET C 428 -46.40 -13.69 -10.54
CA MET C 428 -46.07 -14.66 -11.58
C MET C 428 -44.76 -14.32 -12.27
N GLY C 429 -44.25 -13.13 -12.02
CA GLY C 429 -43.12 -12.60 -12.73
C GLY C 429 -41.88 -13.39 -12.43
N ARG C 430 -40.83 -13.16 -13.22
CA ARG C 430 -39.76 -14.12 -13.38
C ARG C 430 -38.94 -14.53 -12.16
N LYS C 431 -38.51 -13.59 -11.32
CA LYS C 431 -37.69 -13.96 -10.18
C LYS C 431 -38.43 -13.82 -8.87
N ARG C 432 -39.64 -13.29 -8.97
CA ARG C 432 -40.48 -12.90 -7.87
C ARG C 432 -40.94 -14.02 -6.98
N GLY C 433 -41.18 -15.16 -7.58
CA GLY C 433 -41.83 -16.25 -6.89
C GLY C 433 -41.54 -16.36 -5.40
N LEU C 434 -40.27 -16.31 -5.05
CA LEU C 434 -39.86 -16.55 -3.67
C LEU C 434 -40.20 -15.35 -2.76
N LEU C 435 -40.76 -14.29 -3.33
CA LEU C 435 -41.21 -13.13 -2.55
C LEU C 435 -42.65 -13.24 -2.00
N ALA C 436 -43.34 -14.32 -2.32
CA ALA C 436 -44.71 -14.55 -1.87
C ALA C 436 -44.71 -15.00 -0.41
N PRO C 437 -45.70 -14.52 0.38
CA PRO C 437 -45.81 -14.74 1.83
C PRO C 437 -45.66 -16.20 2.23
N TRP C 438 -46.44 -17.07 1.61
CA TRP C 438 -46.20 -18.51 1.69
C TRP C 438 -45.91 -18.93 0.30
N ALA C 439 -45.19 -20.04 0.15
CA ALA C 439 -44.88 -20.53 -1.18
C ALA C 439 -44.39 -21.97 -1.12
N VAL C 440 -44.79 -22.75 -2.12
CA VAL C 440 -44.30 -24.11 -2.23
C VAL C 440 -43.85 -24.37 -3.66
N GLY C 441 -42.63 -24.91 -3.77
CA GLY C 441 -41.95 -25.08 -5.03
C GLY C 441 -40.90 -26.17 -4.98
N THR C 442 -40.18 -26.31 -6.08
CA THR C 442 -39.08 -27.26 -6.18
C THR C 442 -37.84 -26.73 -5.47
N ILE C 443 -36.98 -27.65 -5.06
CA ILE C 443 -35.81 -27.27 -4.28
C ILE C 443 -34.88 -26.37 -5.10
N ASP C 444 -34.87 -26.56 -6.41
CA ASP C 444 -34.01 -25.78 -7.27
C ASP C 444 -34.31 -24.30 -7.18
N GLN C 445 -35.55 -23.96 -6.93
CA GLN C 445 -35.91 -22.55 -6.87
C GLN C 445 -35.18 -21.82 -5.75
N ALA C 446 -34.79 -22.58 -4.73
CA ALA C 446 -34.14 -22.00 -3.56
C ALA C 446 -32.61 -22.04 -3.66
N LEU C 447 -32.06 -23.11 -4.25
CA LEU C 447 -30.62 -23.19 -4.41
C LEU C 447 -30.14 -22.09 -5.35
N MET C 448 -31.03 -21.62 -6.21
CA MET C 448 -30.75 -20.45 -7.04
C MET C 448 -30.54 -19.17 -6.25
N ALA C 449 -30.57 -19.26 -4.92
CA ALA C 449 -30.30 -18.11 -4.09
C ALA C 449 -28.84 -18.15 -3.67
N VAL C 450 -28.14 -19.21 -4.07
CA VAL C 450 -26.75 -19.39 -3.68
C VAL C 450 -25.78 -19.77 -4.81
N LEU C 451 -26.32 -19.94 -6.02
CA LEU C 451 -25.47 -19.91 -7.19
C LEU C 451 -25.08 -18.46 -7.40
N ARG C 452 -24.07 -18.24 -8.24
CA ARG C 452 -23.68 -16.87 -8.59
C ARG C 452 -24.38 -16.41 -9.87
N ALA C 453 -25.58 -15.88 -9.75
CA ALA C 453 -26.15 -15.18 -10.88
C ALA C 453 -26.90 -13.89 -10.49
N LYS C 454 -27.48 -13.20 -11.45
CA LYS C 454 -28.23 -11.98 -11.14
C LYS C 454 -29.45 -12.19 -10.23
N HIS C 455 -29.67 -11.21 -9.35
CA HIS C 455 -30.79 -11.19 -8.41
C HIS C 455 -30.86 -12.30 -7.34
N ASN C 456 -29.74 -12.98 -7.09
CA ASN C 456 -29.69 -13.93 -5.98
C ASN C 456 -29.91 -13.33 -4.57
N ALA C 457 -29.88 -12.01 -4.46
CA ALA C 457 -30.11 -11.32 -3.19
C ALA C 457 -31.56 -10.87 -3.09
N LEU C 458 -32.31 -11.13 -4.14
CA LEU C 458 -33.75 -10.99 -4.11
C LEU C 458 -34.20 -12.32 -3.58
N ARG C 459 -33.67 -13.36 -4.20
CA ARG C 459 -33.92 -14.71 -3.79
C ARG C 459 -33.57 -14.95 -2.31
N LEU C 460 -32.62 -14.17 -1.81
CA LEU C 460 -32.21 -14.32 -0.43
C LEU C 460 -33.19 -13.60 0.51
N PHE C 461 -33.48 -12.34 0.20
CA PHE C 461 -34.56 -11.55 0.80
C PHE C 461 -35.83 -12.36 1.01
N GLY C 462 -36.36 -12.94 -0.07
CA GLY C 462 -37.51 -13.83 0.01
C GLY C 462 -37.40 -14.96 1.04
N LEU C 463 -36.31 -15.69 0.99
CA LEU C 463 -36.11 -16.80 1.90
C LEU C 463 -35.99 -16.34 3.35
N ALA C 464 -35.64 -15.06 3.52
CA ALA C 464 -35.19 -14.53 4.82
C ALA C 464 -36.29 -14.41 5.87
N GLY C 465 -37.47 -13.95 5.47
CA GLY C 465 -38.54 -13.70 6.42
C GLY C 465 -39.37 -14.95 6.71
N LYS C 466 -38.97 -16.05 6.13
CA LYS C 466 -39.77 -17.26 6.19
C LYS C 466 -39.16 -18.32 7.08
N VAL C 467 -39.99 -19.31 7.38
CA VAL C 467 -39.52 -20.59 7.87
C VAL C 467 -39.36 -21.34 6.57
N VAL C 468 -38.28 -22.10 6.46
CA VAL C 468 -38.08 -22.92 5.27
C VAL C 468 -37.99 -24.40 5.63
N VAL C 469 -38.65 -25.21 4.80
CA VAL C 469 -38.79 -26.66 4.95
C VAL C 469 -38.38 -27.36 3.66
N VAL C 470 -37.45 -28.30 3.77
CA VAL C 470 -37.14 -29.10 2.62
C VAL C 470 -37.49 -30.56 2.92
N ASP C 471 -38.31 -31.15 2.06
CA ASP C 471 -38.72 -32.52 2.22
C ASP C 471 -37.82 -33.39 1.37
N GLU C 472 -37.88 -34.68 1.61
CA GLU C 472 -37.09 -35.61 0.85
C GLU C 472 -35.74 -35.00 0.63
N ALA C 473 -35.05 -34.81 1.73
CA ALA C 473 -33.66 -34.40 1.72
C ALA C 473 -32.84 -35.54 1.18
N HIS C 474 -33.27 -36.75 1.45
CA HIS C 474 -32.48 -37.92 1.11
C HIS C 474 -32.28 -37.96 -0.38
N ALA C 475 -33.16 -37.27 -1.09
CA ALA C 475 -33.16 -37.25 -2.55
C ALA C 475 -31.89 -36.68 -3.19
N VAL C 476 -31.33 -35.63 -2.61
CA VAL C 476 -30.25 -34.86 -3.21
C VAL C 476 -28.94 -35.60 -3.46
N ASP C 477 -28.31 -35.36 -4.61
CA ASP C 477 -27.06 -36.05 -4.95
C ASP C 477 -25.81 -35.29 -4.38
N PRO C 478 -24.57 -35.76 -4.67
CA PRO C 478 -23.49 -34.97 -4.04
C PRO C 478 -23.49 -33.50 -4.51
N TYR C 479 -23.64 -33.28 -5.81
CA TYR C 479 -23.64 -31.92 -6.33
C TYR C 479 -24.60 -30.99 -5.56
N MET C 480 -25.85 -31.42 -5.40
CA MET C 480 -26.89 -30.55 -4.83
C MET C 480 -26.72 -30.35 -3.35
N GLN C 481 -26.18 -31.39 -2.72
CA GLN C 481 -25.87 -31.38 -1.30
C GLN C 481 -24.99 -30.17 -1.01
N VAL C 482 -23.93 -30.03 -1.81
CA VAL C 482 -22.98 -28.92 -1.63
C VAL C 482 -23.67 -27.57 -1.78
N LEU C 483 -24.63 -27.52 -2.69
CA LEU C 483 -25.42 -26.30 -2.89
C LEU C 483 -26.31 -26.03 -1.68
N LEU C 484 -26.86 -27.13 -1.13
CA LEU C 484 -27.78 -27.05 -0.01
C LEU C 484 -27.02 -26.57 1.23
N GLU C 485 -25.89 -27.22 1.53
CA GLU C 485 -25.08 -26.89 2.70
C GLU C 485 -24.84 -25.39 2.77
N GLN C 486 -24.46 -24.82 1.64
CA GLN C 486 -24.24 -23.40 1.54
C GLN C 486 -25.51 -22.55 1.69
N LEU C 487 -26.67 -23.07 1.25
CA LEU C 487 -27.94 -22.40 1.53
C LEU C 487 -28.22 -22.44 3.04
N LEU C 488 -28.18 -23.64 3.60
CA LEU C 488 -28.30 -23.84 5.03
C LEU C 488 -27.29 -23.00 5.79
N ARG C 489 -26.12 -22.84 5.20
CA ARG C 489 -25.08 -22.00 5.79
C ARG C 489 -25.55 -20.54 5.91
N TRP C 490 -26.05 -20.00 4.81
CA TRP C 490 -26.46 -18.60 4.73
C TRP C 490 -27.80 -18.33 5.44
N LEU C 491 -28.63 -19.36 5.56
CA LEU C 491 -29.89 -19.24 6.27
C LEU C 491 -29.61 -19.30 7.78
N GLY C 492 -28.75 -20.24 8.18
CA GLY C 492 -28.13 -20.19 9.48
C GLY C 492 -27.75 -18.78 9.97
N THR C 493 -26.91 -18.08 9.22
CA THR C 493 -26.45 -16.76 9.65
C THR C 493 -27.55 -15.72 9.66
N LEU C 494 -28.70 -16.05 9.10
CA LEU C 494 -29.73 -15.03 8.91
C LEU C 494 -30.96 -15.18 9.82
N ASP C 495 -30.88 -16.12 10.77
CA ASP C 495 -31.93 -16.37 11.76
C ASP C 495 -33.20 -16.94 11.17
N VAL C 496 -33.08 -17.58 10.02
CA VAL C 496 -34.25 -18.24 9.49
C VAL C 496 -34.20 -19.65 10.07
N PRO C 497 -35.33 -20.10 10.64
CA PRO C 497 -35.41 -21.43 11.23
C PRO C 497 -35.70 -22.40 10.11
N VAL C 498 -35.26 -23.64 10.25
CA VAL C 498 -35.21 -24.55 9.11
C VAL C 498 -35.74 -25.91 9.51
N VAL C 499 -36.49 -26.55 8.61
CA VAL C 499 -36.94 -27.94 8.85
C VAL C 499 -36.40 -28.85 7.74
N LEU C 500 -35.83 -29.99 8.14
CA LEU C 500 -35.44 -31.01 7.17
C LEU C 500 -36.18 -32.33 7.34
N LEU C 501 -36.92 -32.72 6.32
CA LEU C 501 -37.67 -33.97 6.30
C LEU C 501 -36.97 -34.98 5.45
N SER C 502 -36.91 -36.21 5.92
CA SER C 502 -36.37 -37.27 5.09
C SER C 502 -36.81 -38.67 5.45
N ALA C 503 -36.56 -39.57 4.52
CA ALA C 503 -36.64 -40.98 4.76
C ALA C 503 -35.28 -41.28 5.29
N THR C 504 -34.85 -42.53 5.23
CA THR C 504 -33.54 -42.86 5.74
C THR C 504 -32.52 -42.05 4.98
N LEU C 505 -31.61 -41.45 5.73
CA LEU C 505 -30.56 -40.61 5.19
C LEU C 505 -29.23 -41.04 5.75
N HIS C 506 -28.22 -41.15 4.91
CA HIS C 506 -26.87 -41.53 5.39
C HIS C 506 -26.28 -40.52 6.39
N HIS C 507 -25.55 -41.03 7.39
CA HIS C 507 -25.12 -40.16 8.49
C HIS C 507 -24.20 -39.03 8.06
N SER C 508 -23.22 -39.33 7.20
CA SER C 508 -22.22 -38.35 6.82
C SER C 508 -22.93 -37.09 6.37
N ILE C 509 -23.99 -37.30 5.60
CA ILE C 509 -24.79 -36.23 5.02
C ILE C 509 -25.54 -35.43 6.07
N ALA C 510 -26.11 -36.12 7.06
CA ALA C 510 -26.93 -35.47 8.09
C ALA C 510 -26.06 -34.56 8.94
N ASN C 511 -24.90 -35.09 9.28
CA ASN C 511 -23.82 -34.37 9.93
C ASN C 511 -23.44 -33.12 9.17
N SER C 512 -23.10 -33.29 7.90
CA SER C 512 -22.67 -32.21 6.99
C SER C 512 -23.73 -31.12 6.90
N LEU C 513 -24.98 -31.56 6.79
CA LEU C 513 -26.13 -30.66 6.77
C LEU C 513 -26.24 -29.79 8.00
N VAL C 514 -26.49 -30.40 9.15
CA VAL C 514 -26.66 -29.58 10.35
C VAL C 514 -25.37 -28.81 10.69
N LYS C 515 -24.22 -29.40 10.39
CA LYS C 515 -22.90 -28.74 10.57
C LYS C 515 -22.90 -27.40 9.82
N ALA C 516 -23.31 -27.46 8.56
CA ALA C 516 -23.47 -26.29 7.75
C ALA C 516 -24.41 -25.27 8.42
N TYR C 517 -25.54 -25.74 8.95
CA TYR C 517 -26.44 -24.81 9.60
C TYR C 517 -25.77 -24.06 10.77
N LEU C 518 -24.90 -24.75 11.49
CA LEU C 518 -24.25 -24.20 12.69
C LEU C 518 -23.03 -23.33 12.39
N GLU C 519 -22.26 -23.70 11.36
CA GLU C 519 -21.17 -22.89 10.83
C GLU C 519 -21.75 -21.53 10.44
N GLY C 520 -22.90 -21.53 9.77
CA GLY C 520 -23.58 -20.29 9.42
C GLY C 520 -24.01 -19.46 10.63
N ALA C 521 -24.69 -20.11 11.56
CA ALA C 521 -25.18 -19.49 12.78
C ALA C 521 -24.13 -18.72 13.60
N ARG C 522 -23.06 -19.42 13.98
CA ARG C 522 -22.02 -18.84 14.84
C ARG C 522 -21.08 -17.87 14.12
N GLY C 523 -20.73 -18.17 12.87
CA GLY C 523 -19.94 -17.25 12.08
C GLY C 523 -18.51 -17.68 11.84
N ARG C 524 -18.25 -18.96 12.01
CA ARG C 524 -16.93 -19.53 11.73
C ARG C 524 -17.11 -21.00 11.40
N ARG C 525 -16.38 -21.49 10.41
CA ARG C 525 -16.64 -22.84 9.93
C ARG C 525 -16.06 -23.86 10.88
N TRP C 526 -15.91 -25.10 10.43
CA TRP C 526 -15.57 -26.12 11.38
C TRP C 526 -14.10 -26.45 11.41
N ASN C 527 -13.61 -26.94 12.55
CA ASN C 527 -12.22 -27.34 12.71
C ASN C 527 -12.03 -28.82 12.42
N ARG C 528 -10.83 -29.24 12.05
CA ARG C 528 -10.59 -30.67 11.96
C ARG C 528 -10.66 -31.25 13.37
N SER C 529 -10.28 -30.45 14.36
CA SER C 529 -10.26 -30.87 15.76
C SER C 529 -11.66 -30.97 16.35
N GLU C 530 -12.51 -30.02 15.98
CA GLU C 530 -13.84 -29.89 16.56
C GLU C 530 -14.67 -31.17 16.45
N PRO C 531 -15.30 -31.57 17.57
CA PRO C 531 -16.04 -32.84 17.61
C PRO C 531 -17.37 -32.81 16.82
N GLN C 532 -17.49 -33.68 15.81
CA GLN C 532 -18.64 -33.69 14.91
C GLN C 532 -20.01 -33.62 15.58
N PRO C 533 -20.90 -32.78 15.05
CA PRO C 533 -22.19 -32.53 15.68
C PRO C 533 -23.15 -33.72 15.57
N VAL C 534 -22.89 -34.63 14.63
CA VAL C 534 -23.74 -35.80 14.45
C VAL C 534 -22.87 -37.04 14.18
N SER C 535 -23.15 -38.14 14.88
CA SER C 535 -22.34 -39.35 14.75
C SER C 535 -23.20 -40.55 14.38
N GLU C 536 -24.48 -40.47 14.72
CA GLU C 536 -25.48 -41.50 14.39
C GLU C 536 -26.85 -40.86 14.17
N VAL C 537 -27.58 -41.33 13.17
CA VAL C 537 -28.95 -40.87 12.92
C VAL C 537 -29.97 -42.00 13.06
N SER C 538 -31.02 -41.76 13.83
CA SER C 538 -31.99 -42.81 14.17
C SER C 538 -33.20 -42.81 13.23
N TYR C 539 -33.50 -43.98 12.68
CA TYR C 539 -34.58 -44.11 11.70
C TYR C 539 -35.66 -45.08 12.17
N PRO C 540 -36.81 -44.56 12.63
CA PRO C 540 -37.19 -43.14 12.71
C PRO C 540 -36.60 -42.43 13.91
N GLY C 541 -36.86 -41.14 14.02
CA GLY C 541 -36.36 -40.33 15.12
C GLY C 541 -36.18 -38.90 14.66
N TRP C 542 -36.16 -37.95 15.58
CA TRP C 542 -35.93 -36.55 15.23
C TRP C 542 -34.74 -35.98 16.01
N LEU C 543 -34.56 -34.66 15.91
CA LEU C 543 -33.30 -34.00 16.27
C LEU C 543 -33.46 -32.49 16.16
N HIS C 544 -33.07 -31.75 17.20
CA HIS C 544 -33.19 -30.29 17.15
C HIS C 544 -31.82 -29.62 17.27
N VAL C 545 -31.66 -28.48 16.60
CA VAL C 545 -30.43 -27.71 16.71
C VAL C 545 -30.73 -26.26 17.11
N ASP C 546 -30.05 -25.79 18.16
CA ASP C 546 -30.21 -24.40 18.60
C ASP C 546 -29.12 -23.49 18.02
N ALA C 547 -29.50 -22.25 17.72
CA ALA C 547 -28.58 -21.24 17.20
C ALA C 547 -27.73 -20.66 18.31
N ARG C 548 -28.41 -20.21 19.35
CA ARG C 548 -27.80 -19.53 20.49
C ARG C 548 -26.53 -20.18 21.07
N ILE C 549 -26.50 -21.50 21.10
CA ILE C 549 -25.42 -22.24 21.78
C ILE C 549 -24.97 -23.43 20.96
N GLY C 550 -25.73 -23.75 19.93
CA GLY C 550 -25.38 -24.86 19.07
C GLY C 550 -25.46 -26.18 19.78
N LYS C 551 -26.62 -26.41 20.40
CA LYS C 551 -26.85 -27.63 21.16
C LYS C 551 -27.65 -28.62 20.32
N VAL C 552 -27.08 -29.80 20.07
CA VAL C 552 -27.75 -30.81 19.24
C VAL C 552 -28.54 -31.81 20.09
N THR C 553 -29.76 -31.42 20.43
CA THR C 553 -30.66 -32.27 21.21
C THR C 553 -31.25 -33.36 20.33
N ARG C 554 -30.96 -34.62 20.66
CA ARG C 554 -31.53 -35.72 19.89
C ARG C 554 -32.96 -36.01 20.33
N SER C 555 -33.53 -37.12 19.83
CA SER C 555 -34.82 -37.61 20.33
C SER C 555 -34.58 -38.45 21.59
N SER C 556 -33.59 -39.34 21.52
CA SER C 556 -33.24 -40.21 22.65
C SER C 556 -32.91 -39.50 23.96
N ASP C 557 -32.65 -38.19 23.86
CA ASP C 557 -32.28 -37.37 25.02
C ASP C 557 -33.48 -36.74 25.76
N VAL C 558 -34.55 -36.45 25.01
CA VAL C 558 -35.74 -35.79 25.60
C VAL C 558 -36.90 -36.74 25.86
N ASP C 559 -36.81 -37.95 25.32
CA ASP C 559 -37.90 -38.92 25.39
C ASP C 559 -37.44 -40.32 24.98
N PRO C 560 -37.72 -41.34 25.82
CA PRO C 560 -37.53 -42.73 25.42
C PRO C 560 -38.60 -43.78 25.08
N LEU C 561 -39.17 -43.72 23.89
CA LEU C 561 -40.32 -44.59 23.61
C LEU C 561 -40.18 -46.04 23.13
N PRO C 562 -39.54 -46.28 21.95
CA PRO C 562 -39.08 -45.40 20.87
C PRO C 562 -40.21 -45.08 19.89
N ILE C 563 -40.10 -43.96 19.18
CA ILE C 563 -41.11 -43.48 18.23
C ILE C 563 -41.91 -44.56 17.47
N ALA C 564 -43.23 -44.50 17.55
CA ALA C 564 -44.09 -45.52 16.95
C ALA C 564 -44.49 -45.21 15.51
N THR C 565 -44.27 -46.17 14.63
CA THR C 565 -44.66 -46.08 13.24
C THR C 565 -45.67 -47.17 12.90
N THR C 566 -45.91 -47.39 11.61
CA THR C 566 -46.71 -48.52 11.16
C THR C 566 -45.93 -49.81 11.43
N PRO C 567 -46.61 -50.82 12.00
CA PRO C 567 -45.99 -52.13 12.06
C PRO C 567 -46.10 -52.81 10.69
N ARG C 568 -45.02 -53.42 10.20
CA ARG C 568 -45.15 -54.17 8.96
C ARG C 568 -44.18 -55.31 8.78
N LYS C 569 -44.66 -56.33 8.08
CA LYS C 569 -43.95 -57.59 7.88
C LYS C 569 -42.62 -57.41 7.16
N PRO C 570 -41.54 -57.86 7.80
CA PRO C 570 -40.18 -58.01 7.30
C PRO C 570 -40.15 -58.35 5.81
N LEU C 571 -39.36 -57.58 5.06
CA LEU C 571 -39.26 -57.73 3.60
C LEU C 571 -38.29 -58.85 3.23
N GLU C 572 -38.69 -59.69 2.30
CA GLU C 572 -37.82 -60.74 1.78
C GLU C 572 -36.96 -60.15 0.69
N VAL C 573 -35.74 -60.65 0.56
CA VAL C 573 -34.82 -60.14 -0.45
C VAL C 573 -34.09 -61.30 -1.10
N ARG C 574 -34.29 -61.47 -2.39
CA ARG C 574 -33.86 -62.70 -3.02
C ARG C 574 -32.93 -62.39 -4.18
N LEU C 575 -31.65 -62.63 -4.00
CA LEU C 575 -30.73 -62.48 -5.12
C LEU C 575 -30.96 -63.61 -6.12
N VAL C 576 -31.26 -63.24 -7.36
CA VAL C 576 -31.56 -64.23 -8.39
C VAL C 576 -30.64 -64.01 -9.60
N ASP C 577 -29.74 -64.96 -9.84
CA ASP C 577 -28.82 -64.88 -10.97
C ASP C 577 -29.50 -65.05 -12.34
N VAL C 578 -28.88 -64.46 -13.35
CA VAL C 578 -29.53 -64.34 -14.64
C VAL C 578 -28.44 -64.53 -15.70
N PRO C 579 -28.77 -65.26 -16.78
CA PRO C 579 -27.77 -65.48 -17.83
C PRO C 579 -27.51 -64.20 -18.62
N VAL C 580 -26.39 -64.15 -19.35
CA VAL C 580 -26.00 -62.95 -20.07
C VAL C 580 -25.77 -63.18 -21.56
N LYS C 581 -26.49 -62.45 -22.39
CA LYS C 581 -26.25 -62.49 -23.83
C LYS C 581 -25.81 -61.12 -24.38
N GLU C 582 -24.62 -61.11 -24.98
CA GLU C 582 -24.04 -59.91 -25.59
C GLU C 582 -23.85 -58.70 -24.66
N GLY C 583 -23.61 -58.96 -23.37
CA GLY C 583 -23.35 -57.89 -22.42
C GLY C 583 -24.52 -57.47 -21.56
N ALA C 584 -25.74 -57.70 -22.06
CA ALA C 584 -26.96 -57.38 -21.32
C ALA C 584 -27.70 -58.64 -20.86
N LEU C 585 -28.64 -58.47 -19.92
CA LEU C 585 -29.38 -59.60 -19.36
C LEU C 585 -30.51 -60.10 -20.26
N ASN C 586 -30.48 -61.40 -20.57
CA ASN C 586 -31.63 -62.09 -21.16
C ASN C 586 -32.45 -62.65 -20.02
N ARG C 587 -33.68 -62.18 -19.90
CA ARG C 587 -34.46 -62.44 -18.71
C ARG C 587 -35.65 -63.36 -19.00
N SER C 588 -35.83 -63.71 -20.28
CA SER C 588 -36.92 -64.59 -20.72
C SER C 588 -37.18 -65.76 -19.79
N THR C 589 -36.10 -66.45 -19.40
CA THR C 589 -36.19 -67.62 -18.54
C THR C 589 -36.78 -67.30 -17.17
N VAL C 590 -36.07 -66.48 -16.40
CA VAL C 590 -36.42 -66.20 -15.02
C VAL C 590 -37.76 -65.44 -14.86
N LEU C 591 -38.21 -64.83 -15.96
CA LEU C 591 -39.49 -64.13 -15.97
C LEU C 591 -40.67 -65.07 -16.06
N ALA C 592 -40.56 -66.03 -16.99
CA ALA C 592 -41.55 -67.08 -17.13
C ALA C 592 -41.73 -67.79 -15.80
N LYS C 593 -40.66 -67.88 -15.01
CA LYS C 593 -40.69 -68.60 -13.74
C LYS C 593 -41.31 -67.83 -12.55
N GLU C 594 -41.02 -66.54 -12.44
CA GLU C 594 -41.46 -65.77 -11.27
C GLU C 594 -42.88 -65.22 -11.41
N LEU C 595 -43.30 -65.04 -12.66
CA LEU C 595 -44.61 -64.47 -12.96
C LEU C 595 -45.58 -65.50 -13.50
N THR C 596 -45.14 -66.76 -13.53
CA THR C 596 -46.06 -67.87 -13.80
C THR C 596 -47.12 -68.00 -12.70
N PRO C 597 -46.70 -67.92 -11.41
CA PRO C 597 -47.74 -67.87 -10.37
C PRO C 597 -48.65 -66.63 -10.43
N LEU C 598 -48.38 -65.65 -11.28
CA LEU C 598 -49.33 -64.55 -11.45
C LEU C 598 -50.37 -64.87 -12.52
N VAL C 599 -49.90 -65.36 -13.67
CA VAL C 599 -50.77 -65.67 -14.81
C VAL C 599 -51.84 -66.71 -14.45
N LYS C 600 -51.58 -67.48 -13.40
CA LYS C 600 -52.51 -68.49 -12.92
C LYS C 600 -53.56 -67.95 -11.96
N GLN C 601 -53.12 -67.55 -10.78
CA GLN C 601 -54.04 -67.18 -9.70
C GLN C 601 -54.30 -65.66 -9.61
N GLY C 602 -53.73 -64.91 -10.55
CA GLY C 602 -53.82 -63.45 -10.53
C GLY C 602 -52.71 -62.80 -9.72
N GLY C 603 -52.87 -61.51 -9.43
CA GLY C 603 -51.91 -60.77 -8.61
C GLY C 603 -51.47 -59.43 -9.19
N CYS C 604 -50.75 -58.66 -8.38
CA CYS C 604 -50.18 -57.38 -8.81
C CYS C 604 -48.66 -57.37 -8.71
N ALA C 605 -47.99 -57.35 -9.87
CA ALA C 605 -46.54 -57.38 -9.89
C ALA C 605 -45.96 -56.14 -10.54
N ALA C 606 -44.72 -55.84 -10.20
CA ALA C 606 -44.00 -54.70 -10.74
C ALA C 606 -42.56 -55.07 -11.07
N ILE C 607 -42.17 -54.88 -12.33
CA ILE C 607 -40.81 -55.15 -12.79
C ILE C 607 -40.05 -53.84 -13.07
N ILE C 608 -38.97 -53.61 -12.31
CA ILE C 608 -38.14 -52.42 -12.50
C ILE C 608 -36.84 -52.74 -13.22
N CYS C 609 -36.51 -51.88 -14.18
CA CYS C 609 -35.30 -52.06 -14.97
C CYS C 609 -34.42 -50.84 -14.89
N THR C 610 -33.12 -51.07 -14.99
CA THR C 610 -32.13 -50.02 -14.78
C THR C 610 -32.18 -48.97 -15.90
N THR C 611 -32.46 -49.41 -17.12
CA THR C 611 -32.55 -48.49 -18.27
C THR C 611 -33.90 -48.51 -19.03
N VAL C 612 -34.01 -47.65 -20.04
CA VAL C 612 -35.28 -47.47 -20.75
C VAL C 612 -35.42 -48.47 -21.89
N ALA C 613 -34.40 -48.59 -22.73
CA ALA C 613 -34.47 -49.63 -23.76
C ALA C 613 -34.60 -51.02 -23.16
N GLU C 614 -34.20 -51.17 -21.89
CA GLU C 614 -34.36 -52.45 -21.20
C GLU C 614 -35.85 -52.70 -20.96
N ALA C 615 -36.45 -51.89 -20.08
CA ALA C 615 -37.87 -52.03 -19.76
C ALA C 615 -38.79 -51.93 -20.98
N GLN C 616 -38.24 -51.58 -22.14
CA GLN C 616 -38.99 -51.67 -23.38
C GLN C 616 -38.89 -53.08 -23.98
N GLY C 617 -37.72 -53.70 -23.87
CA GLY C 617 -37.59 -55.10 -24.25
C GLY C 617 -38.43 -56.01 -23.35
N VAL C 618 -38.32 -55.80 -22.03
CA VAL C 618 -39.09 -56.54 -21.03
C VAL C 618 -40.60 -56.30 -21.14
N TYR C 619 -41.00 -55.27 -21.87
CA TYR C 619 -42.43 -55.14 -22.15
C TYR C 619 -42.81 -55.98 -23.38
N ASP C 620 -42.03 -55.87 -24.46
CA ASP C 620 -42.23 -56.71 -25.64
C ASP C 620 -42.28 -58.18 -25.26
N LEU C 621 -41.26 -58.59 -24.51
CA LEU C 621 -41.13 -59.95 -24.04
C LEU C 621 -42.40 -60.41 -23.36
N LEU C 622 -42.82 -59.67 -22.34
CA LEU C 622 -44.09 -59.96 -21.67
C LEU C 622 -45.29 -59.89 -22.63
N SER C 623 -45.27 -58.92 -23.54
CA SER C 623 -46.43 -58.68 -24.40
C SER C 623 -46.71 -59.83 -25.36
N GLN C 624 -45.66 -60.36 -25.99
CA GLN C 624 -45.78 -61.55 -26.82
C GLN C 624 -46.30 -62.73 -26.01
N TRP C 625 -45.88 -62.78 -24.75
CA TRP C 625 -46.19 -63.88 -23.83
C TRP C 625 -47.65 -63.89 -23.36
N PHE C 626 -48.42 -62.86 -23.74
CA PHE C 626 -49.87 -62.82 -23.45
C PHE C 626 -50.66 -62.98 -24.71
N ALA C 627 -50.01 -62.74 -25.84
CA ALA C 627 -50.61 -62.99 -27.13
C ALA C 627 -50.79 -64.51 -27.31
N THR C 628 -50.11 -65.29 -26.48
CA THR C 628 -50.25 -66.74 -26.54
C THR C 628 -51.31 -67.25 -25.57
N LEU C 629 -51.62 -66.48 -24.54
CA LEU C 629 -52.61 -66.91 -23.55
C LEU C 629 -53.97 -67.38 -24.10
N GLY C 630 -54.64 -66.61 -24.97
CA GLY C 630 -54.33 -65.23 -25.31
C GLY C 630 -55.17 -64.39 -24.37
N GLU C 631 -56.34 -64.93 -24.04
CA GLU C 631 -57.16 -64.43 -22.93
C GLU C 631 -57.26 -65.50 -21.84
N PRO C 634 -52.69 -61.49 -18.56
CA PRO C 634 -53.12 -60.41 -17.66
C PRO C 634 -52.89 -59.04 -18.30
N ASP C 635 -53.09 -57.98 -17.52
CA ASP C 635 -52.90 -56.62 -18.02
C ASP C 635 -51.43 -56.23 -17.93
N LEU C 636 -51.00 -55.33 -18.81
CA LEU C 636 -49.59 -55.02 -18.95
C LEU C 636 -49.34 -53.54 -19.18
N TYR C 637 -48.51 -52.94 -18.34
CA TYR C 637 -48.25 -51.50 -18.40
C TYR C 637 -46.76 -51.16 -18.47
N LEU C 638 -46.44 -50.13 -19.25
CA LEU C 638 -45.08 -49.61 -19.42
C LEU C 638 -45.07 -48.16 -18.94
N LEU C 639 -43.97 -47.74 -18.32
CA LEU C 639 -43.88 -46.38 -17.82
C LEU C 639 -42.45 -46.01 -17.55
N HIS C 640 -41.95 -45.08 -18.36
CA HIS C 640 -40.65 -44.47 -18.15
C HIS C 640 -40.69 -42.94 -18.38
N SER C 641 -39.52 -42.32 -18.54
CA SER C 641 -39.46 -40.86 -18.71
C SER C 641 -39.75 -40.42 -20.14
N ARG C 642 -39.68 -41.37 -21.09
CA ARG C 642 -39.80 -41.00 -22.50
C ARG C 642 -41.17 -41.18 -23.15
N PHE C 643 -42.19 -40.60 -22.54
CA PHE C 643 -43.52 -40.47 -23.13
C PHE C 643 -43.86 -39.00 -23.22
N PRO C 644 -44.64 -38.63 -24.25
CA PRO C 644 -45.14 -37.25 -24.26
C PRO C 644 -45.89 -36.99 -22.96
N ASN C 645 -45.71 -35.79 -22.40
CA ASN C 645 -46.27 -35.43 -21.10
C ASN C 645 -47.70 -35.86 -20.98
N ARG C 646 -48.45 -35.59 -22.04
CA ARG C 646 -49.88 -35.92 -22.04
C ARG C 646 -50.15 -37.40 -21.75
N GLN C 647 -49.34 -38.26 -22.37
CA GLN C 647 -49.45 -39.71 -22.21
C GLN C 647 -49.01 -40.15 -20.81
N ARG C 648 -47.76 -39.87 -20.46
CA ARG C 648 -47.19 -40.14 -19.16
C ARG C 648 -48.18 -39.92 -18.00
N THR C 649 -48.78 -38.74 -17.95
CA THR C 649 -49.78 -38.45 -16.92
C THR C 649 -50.88 -39.53 -16.82
N GLU C 650 -51.65 -39.78 -17.89
CA GLU C 650 -52.79 -40.74 -17.83
C GLU C 650 -52.47 -42.20 -17.46
N ILE C 651 -51.31 -42.71 -17.92
CA ILE C 651 -50.76 -44.00 -17.47
C ILE C 651 -50.53 -44.03 -15.97
N THR C 652 -49.84 -43.00 -15.50
CA THR C 652 -49.57 -42.80 -14.09
C THR C 652 -50.89 -42.82 -13.37
N ALA C 653 -51.85 -42.13 -13.96
CA ALA C 653 -53.19 -42.09 -13.42
C ALA C 653 -53.78 -43.48 -13.32
N THR C 654 -53.86 -44.22 -14.43
CA THR C 654 -54.49 -45.55 -14.39
C THR C 654 -53.80 -46.42 -13.34
N ILE C 655 -52.49 -46.26 -13.25
CA ILE C 655 -51.67 -47.13 -12.43
C ILE C 655 -51.86 -46.89 -10.94
N VAL C 656 -51.97 -45.62 -10.55
CA VAL C 656 -52.23 -45.29 -9.13
C VAL C 656 -53.72 -45.35 -8.81
N ASP C 657 -54.47 -45.92 -9.75
CA ASP C 657 -55.86 -46.24 -9.50
C ASP C 657 -55.97 -47.71 -9.15
N LEU C 658 -55.55 -48.57 -10.08
CA LEU C 658 -55.52 -50.02 -9.84
C LEU C 658 -54.75 -50.39 -8.57
N PHE C 659 -53.45 -50.10 -8.60
CA PHE C 659 -52.54 -50.54 -7.54
C PHE C 659 -52.53 -49.59 -6.36
N GLY C 660 -53.22 -48.47 -6.51
CA GLY C 660 -53.25 -47.47 -5.46
C GLY C 660 -54.19 -47.81 -4.31
N LYS C 661 -54.12 -46.97 -3.29
CA LYS C 661 -54.94 -47.05 -2.08
C LYS C 661 -56.42 -46.72 -2.36
N GLU C 662 -56.66 -45.99 -3.43
CA GLU C 662 -58.02 -45.61 -3.78
C GLU C 662 -58.71 -46.70 -4.60
N GLY C 663 -57.96 -47.72 -4.97
CA GLY C 663 -58.48 -48.82 -5.77
C GLY C 663 -58.75 -50.05 -4.93
N ALA C 664 -58.10 -50.10 -3.77
CA ALA C 664 -58.40 -51.13 -2.79
C ALA C 664 -59.67 -50.74 -2.03
N GLN C 665 -59.71 -49.47 -1.60
CA GLN C 665 -60.90 -48.92 -0.96
C GLN C 665 -62.14 -48.93 -1.87
N SER C 666 -61.94 -48.79 -3.18
CA SER C 666 -63.04 -48.80 -4.14
C SER C 666 -63.09 -50.11 -4.90
N GLY C 667 -62.38 -51.12 -4.40
CA GLY C 667 -62.41 -52.46 -4.96
C GLY C 667 -61.96 -52.56 -6.41
N ARG C 668 -61.54 -51.43 -6.99
CA ARG C 668 -61.10 -51.38 -8.40
C ARG C 668 -59.79 -52.11 -8.67
N ARG C 669 -59.18 -52.66 -7.62
CA ARG C 669 -57.94 -53.41 -7.77
C ARG C 669 -58.23 -54.70 -8.54
N PRO C 670 -57.54 -54.88 -9.68
CA PRO C 670 -57.76 -55.99 -10.62
C PRO C 670 -57.52 -57.36 -9.98
N THR C 671 -58.57 -58.17 -9.99
CA THR C 671 -58.53 -59.52 -9.42
C THR C 671 -57.77 -60.47 -10.34
N ARG C 672 -57.80 -60.19 -11.64
CA ARG C 672 -56.96 -60.91 -12.57
C ARG C 672 -55.55 -60.39 -12.38
N GLY C 673 -54.58 -61.15 -12.87
CA GLY C 673 -53.20 -60.70 -12.85
C GLY C 673 -53.03 -59.33 -13.44
N ALA C 674 -51.96 -58.66 -13.02
CA ALA C 674 -51.64 -57.32 -13.49
C ALA C 674 -50.15 -57.08 -13.25
N VAL C 675 -49.41 -56.77 -14.32
CA VAL C 675 -47.98 -56.50 -14.18
C VAL C 675 -47.58 -55.12 -14.73
N LEU C 676 -46.64 -54.47 -14.06
CA LEU C 676 -46.14 -53.14 -14.47
C LEU C 676 -44.62 -53.15 -14.70
N VAL C 677 -44.20 -52.58 -15.82
CA VAL C 677 -42.79 -52.63 -16.18
C VAL C 677 -42.19 -51.22 -16.23
N ALA C 678 -41.35 -50.89 -15.24
CA ALA C 678 -40.87 -49.53 -15.02
C ALA C 678 -39.34 -49.30 -14.92
N THR C 679 -38.95 -48.05 -15.16
CA THR C 679 -37.60 -47.53 -14.90
C THR C 679 -37.73 -46.72 -13.63
N GLN C 680 -36.65 -46.13 -13.17
CA GLN C 680 -36.65 -45.49 -11.84
C GLN C 680 -37.74 -44.44 -11.60
N VAL C 681 -38.64 -44.24 -12.57
CA VAL C 681 -39.79 -43.36 -12.37
C VAL C 681 -40.62 -43.85 -11.21
N VAL C 682 -40.50 -45.14 -10.89
CA VAL C 682 -41.22 -45.78 -9.79
C VAL C 682 -40.81 -45.21 -8.45
N GLU C 683 -39.55 -44.79 -8.37
CA GLU C 683 -38.91 -44.37 -7.11
C GLU C 683 -39.43 -43.04 -6.54
N GLN C 684 -40.17 -42.28 -7.35
CA GLN C 684 -40.70 -40.98 -6.95
C GLN C 684 -42.24 -40.87 -6.92
N SER C 685 -42.80 -40.46 -5.78
CA SER C 685 -44.19 -39.99 -5.68
C SER C 685 -45.29 -40.88 -6.25
N LEU C 686 -45.23 -42.19 -6.01
CA LEU C 686 -46.28 -43.05 -6.52
C LEU C 686 -47.03 -43.80 -5.43
N ASP C 687 -48.32 -43.48 -5.31
CA ASP C 687 -49.23 -44.20 -4.43
C ASP C 687 -49.51 -45.56 -5.05
N LEU C 688 -48.55 -46.48 -4.89
CA LEU C 688 -48.69 -47.86 -5.36
C LEU C 688 -48.57 -48.88 -4.24
N ASP C 689 -48.97 -50.10 -4.58
CA ASP C 689 -48.89 -51.24 -3.68
C ASP C 689 -48.83 -52.46 -4.59
N VAL C 690 -47.75 -53.24 -4.50
CA VAL C 690 -47.66 -54.46 -5.31
C VAL C 690 -47.42 -55.68 -4.46
N ASP C 691 -48.02 -56.78 -4.90
CA ASP C 691 -47.90 -58.04 -4.20
C ASP C 691 -46.50 -58.59 -4.40
N LEU C 692 -46.05 -58.62 -5.65
CA LEU C 692 -44.67 -58.97 -5.97
C LEU C 692 -43.94 -57.80 -6.64
N MET C 693 -42.66 -57.63 -6.33
CA MET C 693 -41.81 -56.69 -7.04
C MET C 693 -40.47 -57.29 -7.45
N ILE C 694 -40.00 -56.96 -8.65
CA ILE C 694 -38.74 -57.50 -9.15
C ILE C 694 -37.89 -56.38 -9.75
N SER C 695 -36.85 -55.98 -9.03
CA SER C 695 -35.96 -54.90 -9.46
C SER C 695 -34.66 -55.47 -10.05
N ASP C 696 -33.99 -54.71 -10.91
CA ASP C 696 -32.58 -54.98 -11.21
C ASP C 696 -31.81 -54.41 -10.05
N LEU C 697 -30.54 -54.80 -9.88
CA LEU C 697 -29.77 -54.29 -8.77
C LEU C 697 -29.66 -52.77 -8.86
N ALA C 698 -29.64 -52.12 -7.72
CA ALA C 698 -29.37 -50.69 -7.63
C ALA C 698 -28.55 -50.50 -6.37
N PRO C 699 -28.11 -49.27 -6.08
CA PRO C 699 -27.59 -49.12 -4.72
C PRO C 699 -28.71 -49.38 -3.69
N VAL C 700 -28.35 -49.88 -2.50
CA VAL C 700 -29.35 -50.31 -1.52
C VAL C 700 -30.38 -49.25 -1.18
N SER C 701 -29.90 -48.03 -1.04
CA SER C 701 -30.74 -46.91 -0.66
C SER C 701 -31.93 -46.84 -1.61
N LEU C 702 -31.67 -46.98 -2.90
CA LEU C 702 -32.69 -46.94 -3.94
C LEU C 702 -33.58 -48.21 -4.00
N LEU C 703 -32.99 -49.38 -3.79
CA LEU C 703 -33.72 -50.65 -3.72
C LEU C 703 -34.75 -50.65 -2.60
N LEU C 704 -34.35 -50.16 -1.41
CA LEU C 704 -35.22 -50.08 -0.23
C LEU C 704 -36.38 -49.10 -0.39
N GLN C 705 -36.31 -48.27 -1.43
CA GLN C 705 -37.33 -47.25 -1.67
C GLN C 705 -38.13 -47.65 -2.91
N ARG C 706 -37.43 -48.34 -3.82
CA ARG C 706 -38.05 -49.08 -4.90
C ARG C 706 -39.01 -50.05 -4.22
N ALA C 707 -38.55 -50.66 -3.13
CA ALA C 707 -39.28 -51.73 -2.46
C ALA C 707 -40.15 -51.30 -1.28
N GLY C 708 -40.39 -50.00 -1.14
CA GLY C 708 -41.32 -49.54 -0.13
C GLY C 708 -42.76 -49.72 -0.59
N ARG C 709 -42.91 -50.02 -1.88
CA ARG C 709 -44.22 -50.15 -2.50
C ARG C 709 -44.92 -51.47 -2.14
N CYS C 710 -44.13 -52.55 -2.05
CA CYS C 710 -44.67 -53.88 -1.72
C CYS C 710 -45.52 -53.87 -0.47
N TRP C 711 -46.82 -54.04 -0.65
CA TRP C 711 -47.77 -54.09 0.47
C TRP C 711 -47.65 -52.82 1.29
N ARG C 712 -47.65 -51.68 0.60
CA ARG C 712 -47.53 -50.39 1.27
C ARG C 712 -48.82 -50.10 2.06
N HIS C 713 -49.91 -50.74 1.64
CA HIS C 713 -51.19 -50.56 2.31
C HIS C 713 -51.74 -51.86 2.90
N GLU C 714 -50.84 -52.78 3.23
CA GLU C 714 -51.22 -54.04 3.83
C GLU C 714 -51.93 -53.80 5.14
N HIS C 715 -51.39 -52.88 5.93
CA HIS C 715 -51.87 -52.65 7.29
C HIS C 715 -53.32 -52.23 7.31
N LEU C 716 -53.80 -51.73 6.17
CA LEU C 716 -55.19 -51.32 6.09
C LEU C 716 -56.12 -52.51 6.01
N GLY C 717 -55.54 -53.70 5.84
CA GLY C 717 -56.27 -54.96 5.83
C GLY C 717 -57.46 -55.00 4.87
N ILE C 718 -57.41 -54.16 3.84
CA ILE C 718 -58.50 -54.01 2.90
C ILE C 718 -58.08 -54.61 1.55
N ILE C 719 -57.07 -55.47 1.57
CA ILE C 719 -56.63 -56.19 0.38
C ILE C 719 -56.45 -57.69 0.59
N ASN C 720 -57.14 -58.49 -0.24
CA ASN C 720 -56.86 -59.90 -0.32
C ASN C 720 -55.67 -60.10 -1.25
N ARG C 721 -54.65 -60.79 -0.76
CA ARG C 721 -53.51 -61.11 -1.59
C ARG C 721 -53.73 -62.51 -2.15
N PRO C 722 -53.26 -62.74 -3.37
CA PRO C 722 -53.26 -64.10 -3.93
C PRO C 722 -52.60 -65.14 -3.01
N GLN C 723 -52.83 -66.41 -3.29
CA GLN C 723 -52.20 -67.51 -2.54
C GLN C 723 -50.68 -67.41 -2.59
N TRP C 724 -50.12 -67.55 -3.79
CA TRP C 724 -48.68 -67.56 -4.01
C TRP C 724 -47.91 -66.36 -3.40
N ALA C 725 -48.63 -65.27 -3.17
CA ALA C 725 -48.07 -64.06 -2.57
C ALA C 725 -47.87 -64.20 -1.05
N LYS C 726 -47.00 -65.12 -0.64
CA LYS C 726 -46.82 -65.40 0.78
C LYS C 726 -46.32 -64.20 1.61
N GLN C 727 -45.08 -63.80 1.35
CA GLN C 727 -44.44 -62.71 2.11
C GLN C 727 -44.01 -61.54 1.22
N PRO C 728 -44.00 -60.30 1.77
CA PRO C 728 -43.62 -59.13 0.96
C PRO C 728 -42.24 -59.35 0.37
N GLU C 729 -42.17 -59.43 -0.95
CA GLU C 729 -40.95 -59.88 -1.56
C GLU C 729 -40.39 -58.95 -2.63
N LEU C 730 -39.08 -58.80 -2.57
CA LEU C 730 -38.30 -58.13 -3.60
C LEU C 730 -37.29 -59.11 -4.22
N VAL C 731 -37.57 -59.54 -5.45
CA VAL C 731 -36.60 -60.37 -6.18
C VAL C 731 -35.65 -59.42 -6.89
N VAL C 732 -34.35 -59.66 -6.76
CA VAL C 732 -33.36 -58.74 -7.28
C VAL C 732 -32.46 -59.36 -8.36
N LEU C 733 -32.70 -59.03 -9.63
CA LEU C 733 -31.92 -59.57 -10.74
C LEU C 733 -30.46 -59.19 -10.58
N THR C 734 -29.60 -60.03 -11.16
CA THR C 734 -28.15 -59.86 -11.05
C THR C 734 -27.52 -60.79 -12.08
N PRO C 735 -26.33 -60.44 -12.59
CA PRO C 735 -25.79 -61.31 -13.62
C PRO C 735 -25.08 -62.54 -13.05
N GLU C 736 -24.96 -63.61 -13.85
CA GLU C 736 -24.19 -64.77 -13.44
C GLU C 736 -22.75 -64.66 -13.91
N GLN C 737 -21.81 -64.83 -12.97
CA GLN C 737 -20.40 -64.48 -13.14
C GLN C 737 -19.54 -65.48 -13.90
N ASN C 738 -18.21 -65.34 -13.74
CA ASN C 738 -17.23 -66.17 -14.44
C ASN C 738 -15.93 -66.33 -13.66
N ALA C 744 -13.69 -59.92 -9.12
CA ALA C 744 -14.65 -58.92 -8.64
C ALA C 744 -15.95 -58.93 -9.46
N PRO C 745 -17.09 -58.70 -8.77
CA PRO C 745 -18.44 -58.67 -9.37
C PRO C 745 -18.56 -57.79 -10.62
N TRP C 746 -19.34 -58.26 -11.61
CA TRP C 746 -19.45 -57.58 -12.91
C TRP C 746 -20.89 -57.20 -13.27
N PHE C 747 -21.04 -56.11 -14.02
CA PHE C 747 -22.38 -55.63 -14.38
C PHE C 747 -22.46 -55.12 -15.84
N PRO C 748 -23.68 -55.09 -16.43
CA PRO C 748 -23.80 -54.60 -17.81
C PRO C 748 -23.28 -53.19 -17.86
N ARG C 749 -22.74 -52.77 -18.99
CA ARG C 749 -22.24 -51.41 -19.13
C ARG C 749 -23.36 -50.42 -18.81
N SER C 750 -24.58 -50.75 -19.23
CA SER C 750 -25.72 -49.87 -19.04
C SER C 750 -26.09 -49.67 -17.56
N TRP C 751 -25.52 -50.48 -16.68
CA TRP C 751 -25.75 -50.28 -15.25
C TRP C 751 -24.58 -49.49 -14.66
N THR C 752 -23.38 -49.78 -15.15
CA THR C 752 -22.21 -49.00 -14.77
C THR C 752 -22.38 -47.56 -15.25
N SER C 753 -23.19 -47.38 -16.30
CA SER C 753 -23.46 -46.06 -16.87
C SER C 753 -24.40 -45.22 -16.01
N VAL C 754 -25.34 -45.85 -15.32
CA VAL C 754 -26.22 -45.04 -14.50
C VAL C 754 -25.83 -45.08 -13.02
N TYR C 755 -25.37 -46.23 -12.55
CA TYR C 755 -24.88 -46.32 -11.19
C TYR C 755 -23.38 -46.62 -11.19
N PRO C 756 -22.63 -46.07 -10.20
CA PRO C 756 -21.20 -46.33 -10.09
C PRO C 756 -20.94 -47.81 -9.92
N LEU C 757 -20.12 -48.39 -10.80
CA LEU C 757 -19.83 -49.84 -10.71
C LEU C 757 -19.53 -50.28 -9.28
N ALA C 758 -18.71 -49.49 -8.60
CA ALA C 758 -18.35 -49.74 -7.22
C ALA C 758 -19.55 -49.86 -6.30
N LEU C 759 -20.55 -49.00 -6.51
CA LEU C 759 -21.74 -48.93 -5.64
C LEU C 759 -22.66 -50.14 -5.82
N LEU C 760 -22.75 -50.62 -7.06
CA LEU C 760 -23.46 -51.86 -7.32
C LEU C 760 -22.72 -52.99 -6.59
N GLN C 761 -21.43 -53.12 -6.85
CA GLN C 761 -20.59 -54.18 -6.28
C GLN C 761 -20.67 -54.22 -4.75
N ARG C 762 -20.75 -53.07 -4.12
CA ARG C 762 -20.89 -53.05 -2.69
C ARG C 762 -22.25 -53.62 -2.39
N THR C 763 -23.27 -53.05 -3.02
CA THR C 763 -24.62 -53.35 -2.61
C THR C 763 -24.85 -54.84 -2.75
N TYR C 764 -24.37 -55.42 -3.85
CA TYR C 764 -24.48 -56.86 -4.07
C TYR C 764 -23.91 -57.67 -2.90
N THR C 765 -22.73 -57.27 -2.48
CA THR C 765 -22.00 -58.00 -1.47
C THR C 765 -22.61 -57.78 -0.08
N LEU C 766 -23.14 -56.59 0.16
CA LEU C 766 -23.90 -56.28 1.37
C LEU C 766 -25.15 -57.19 1.52
N LEU C 767 -25.61 -57.74 0.40
CA LEU C 767 -26.80 -58.61 0.42
C LEU C 767 -26.47 -60.10 0.53
N ARG C 768 -25.45 -60.53 -0.20
CA ARG C 768 -24.94 -61.90 -0.13
C ARG C 768 -24.40 -62.19 1.28
N ARG C 769 -24.12 -61.11 2.01
CA ARG C 769 -23.64 -61.15 3.39
C ARG C 769 -24.76 -61.47 4.39
N ARG C 770 -25.96 -61.71 3.88
CA ARG C 770 -27.11 -62.02 4.75
C ARG C 770 -27.62 -63.41 4.42
N ASN C 771 -27.34 -63.85 3.19
CA ASN C 771 -27.87 -65.09 2.65
C ASN C 771 -29.37 -65.15 2.82
N GLY C 772 -30.09 -64.43 1.97
CA GLY C 772 -31.53 -64.51 1.92
C GLY C 772 -32.28 -64.06 3.16
N ALA C 773 -31.58 -63.76 4.25
CA ALA C 773 -32.24 -63.25 5.44
C ALA C 773 -33.10 -62.04 5.12
N PRO C 774 -34.17 -61.85 5.89
CA PRO C 774 -35.12 -60.81 5.51
C PRO C 774 -34.68 -59.47 6.08
N VAL C 775 -35.18 -58.36 5.57
CA VAL C 775 -34.89 -57.05 6.17
C VAL C 775 -36.01 -56.51 7.02
N GLN C 776 -35.82 -56.48 8.33
CA GLN C 776 -36.78 -55.85 9.24
C GLN C 776 -37.06 -54.42 8.81
N ILE C 777 -38.29 -53.99 8.99
CA ILE C 777 -38.66 -52.62 8.69
C ILE C 777 -39.55 -52.08 9.81
N PRO C 778 -39.24 -50.85 10.33
CA PRO C 778 -38.20 -49.91 9.89
C PRO C 778 -36.85 -50.01 10.61
N GLU C 779 -36.47 -51.20 11.05
CA GLU C 779 -35.42 -51.34 12.05
C GLU C 779 -34.03 -51.71 11.52
N ASP C 780 -33.98 -52.41 10.39
CA ASP C 780 -32.70 -52.81 9.78
C ASP C 780 -32.31 -51.87 8.64
N VAL C 781 -33.17 -50.89 8.37
CA VAL C 781 -33.02 -50.00 7.22
C VAL C 781 -31.86 -49.02 7.32
N GLN C 782 -31.72 -48.38 8.47
CA GLN C 782 -30.69 -47.37 8.65
C GLN C 782 -29.28 -47.96 8.63
N GLN C 783 -29.11 -49.16 9.20
CA GLN C 783 -27.81 -49.86 9.19
C GLN C 783 -27.42 -50.28 7.77
N LEU C 784 -28.39 -50.53 6.92
CA LEU C 784 -28.09 -50.87 5.54
C LEU C 784 -27.69 -49.65 4.70
N VAL C 785 -28.31 -48.50 4.92
CA VAL C 785 -27.95 -47.26 4.22
C VAL C 785 -26.58 -46.71 4.64
N ASP C 786 -26.30 -46.73 5.95
CA ASP C 786 -24.99 -46.29 6.46
C ASP C 786 -23.86 -47.19 6.00
N ASP C 787 -24.04 -48.49 6.16
CA ASP C 787 -22.95 -49.47 5.96
C ASP C 787 -22.40 -49.69 4.56
N VAL C 788 -23.25 -49.60 3.55
CA VAL C 788 -22.82 -49.89 2.18
C VAL C 788 -21.70 -48.93 1.76
N TYR C 789 -21.85 -47.66 2.10
CA TYR C 789 -20.77 -46.70 1.98
C TYR C 789 -19.66 -46.85 3.00
N ASP C 790 -20.05 -47.01 4.26
CA ASP C 790 -19.07 -46.96 5.34
C ASP C 790 -18.07 -48.10 5.39
N ASP C 791 -18.54 -49.32 5.21
CA ASP C 791 -17.66 -50.47 5.31
C ASP C 791 -16.70 -50.43 4.15
N ASP C 792 -15.43 -50.74 4.39
CA ASP C 792 -14.52 -50.85 3.24
C ASP C 792 -14.52 -52.26 2.65
N SER C 793 -14.71 -53.25 3.52
CA SER C 793 -14.60 -54.66 3.13
C SER C 793 -15.60 -55.15 2.08
N LEU C 794 -16.53 -54.28 1.66
CA LEU C 794 -17.49 -54.60 0.60
C LEU C 794 -16.90 -54.27 -0.75
N ALA C 795 -15.83 -53.49 -0.72
CA ALA C 795 -15.14 -53.12 -1.94
C ALA C 795 -13.95 -54.04 -2.17
N GLU C 796 -14.02 -54.86 -3.23
CA GLU C 796 -12.88 -55.71 -3.58
C GLU C 796 -12.38 -55.43 -4.99
N ASP C 797 -12.98 -54.45 -5.65
CA ASP C 797 -12.32 -53.84 -6.80
C ASP C 797 -11.94 -52.43 -6.35
N LEU C 798 -10.65 -52.15 -6.17
CA LEU C 798 -10.22 -50.84 -5.66
C LEU C 798 -10.13 -49.75 -6.73
N GLU C 799 -9.75 -50.14 -7.94
CA GLU C 799 -9.66 -49.18 -9.04
C GLU C 799 -11.05 -48.62 -9.25
N ALA C 800 -12.01 -49.54 -9.30
CA ALA C 800 -13.41 -49.20 -9.54
C ALA C 800 -14.03 -48.49 -8.33
N ASP C 801 -13.54 -48.79 -7.13
CA ASP C 801 -14.05 -48.13 -5.94
C ASP C 801 -13.36 -46.79 -5.68
N MET C 802 -12.25 -46.56 -6.37
CA MET C 802 -11.57 -45.28 -6.26
C MET C 802 -12.12 -44.36 -7.33
N GLU C 803 -12.55 -44.94 -8.44
CA GLU C 803 -13.22 -44.16 -9.46
C GLU C 803 -14.46 -43.47 -8.88
N ARG C 804 -15.24 -44.25 -8.11
CA ARG C 804 -16.48 -43.81 -7.46
C ARG C 804 -16.26 -42.62 -6.55
N MET C 805 -15.16 -42.67 -5.79
CA MET C 805 -14.87 -41.60 -4.85
C MET C 805 -14.32 -40.40 -5.59
N GLY C 806 -13.66 -40.63 -6.72
CA GLY C 806 -13.13 -39.56 -7.54
C GLY C 806 -14.28 -38.82 -8.22
N GLU C 807 -15.20 -39.60 -8.77
CA GLU C 807 -16.37 -39.07 -9.46
C GLU C 807 -17.26 -38.22 -8.52
N GLU C 808 -17.29 -38.58 -7.23
CA GLU C 808 -18.01 -37.81 -6.23
C GLU C 808 -17.32 -36.48 -5.93
N LEU C 809 -15.98 -36.51 -5.87
CA LEU C 809 -15.18 -35.28 -5.76
C LEU C 809 -15.47 -34.36 -6.93
N ALA C 810 -15.32 -34.88 -8.14
CA ALA C 810 -15.72 -34.19 -9.35
C ALA C 810 -16.98 -33.35 -9.17
N GLN C 811 -18.10 -34.00 -8.86
CA GLN C 811 -19.39 -33.32 -8.67
C GLN C 811 -19.39 -32.29 -7.57
N ARG C 812 -18.96 -32.70 -6.37
CA ARG C 812 -18.94 -31.81 -5.22
C ARG C 812 -17.99 -30.63 -5.47
N GLY C 813 -17.04 -30.83 -6.37
CA GLY C 813 -16.07 -29.79 -6.68
C GLY C 813 -16.67 -28.68 -7.52
N LEU C 814 -17.30 -29.12 -8.61
CA LEU C 814 -17.99 -28.24 -9.54
C LEU C 814 -19.01 -27.32 -8.84
N ALA C 815 -19.68 -27.90 -7.85
CA ALA C 815 -20.62 -27.16 -7.02
C ALA C 815 -20.00 -26.04 -6.20
N ARG C 816 -18.81 -26.26 -5.65
CA ARG C 816 -18.16 -25.18 -4.91
C ARG C 816 -17.87 -24.02 -5.85
N ASN C 817 -17.67 -24.33 -7.13
CA ASN C 817 -17.39 -23.29 -8.10
C ASN C 817 -18.62 -22.51 -8.50
N ALA C 818 -19.79 -23.16 -8.42
CA ALA C 818 -21.06 -22.50 -8.71
C ALA C 818 -21.51 -21.55 -7.60
N VAL C 819 -21.18 -21.89 -6.36
CA VAL C 819 -21.81 -21.21 -5.23
C VAL C 819 -21.18 -19.91 -4.80
N ILE C 820 -22.03 -19.06 -4.24
CA ILE C 820 -21.60 -17.82 -3.64
C ILE C 820 -20.58 -18.11 -2.54
N PRO C 821 -19.97 -17.05 -1.98
CA PRO C 821 -19.05 -17.20 -0.83
C PRO C 821 -19.68 -17.64 0.52
N ASP C 822 -18.90 -18.31 1.38
CA ASP C 822 -19.34 -18.55 2.76
C ASP C 822 -19.52 -17.19 3.41
N PRO C 823 -20.55 -17.02 4.27
CA PRO C 823 -20.90 -15.66 4.74
C PRO C 823 -19.76 -14.93 5.45
N ASP C 824 -18.89 -15.65 6.17
CA ASP C 824 -17.67 -15.07 6.72
C ASP C 824 -17.00 -14.30 5.61
N ASP C 825 -16.71 -14.99 4.53
CA ASP C 825 -15.95 -14.42 3.41
C ASP C 825 -16.68 -13.29 2.72
N ALA C 826 -17.97 -13.17 2.96
CA ALA C 826 -18.73 -12.05 2.41
C ALA C 826 -19.08 -11.05 3.49
N GLU C 827 -18.24 -10.99 4.53
CA GLU C 827 -18.39 -10.07 5.66
C GLU C 827 -18.37 -8.60 5.26
N ASP C 828 -17.51 -8.24 4.33
CA ASP C 828 -17.31 -6.84 3.97
C ASP C 828 -17.41 -6.63 2.47
N ASN C 829 -17.57 -7.72 1.73
CA ASN C 829 -17.56 -7.59 0.29
C ASN C 829 -18.59 -8.44 -0.47
N LEU C 830 -19.59 -7.76 -0.99
CA LEU C 830 -20.69 -8.41 -1.69
C LEU C 830 -20.30 -8.80 -3.11
N ASN C 831 -19.18 -8.28 -3.62
CA ASN C 831 -18.85 -8.48 -5.03
C ASN C 831 -18.63 -9.94 -5.38
N GLY C 832 -18.39 -10.77 -4.39
CA GLY C 832 -18.14 -12.18 -4.66
C GLY C 832 -19.38 -12.91 -5.09
N LEU C 833 -20.55 -12.31 -4.81
CA LEU C 833 -21.86 -12.97 -4.92
C LEU C 833 -22.38 -13.14 -6.34
N THR C 834 -22.07 -12.22 -7.22
CA THR C 834 -22.69 -12.28 -8.52
C THR C 834 -21.61 -12.34 -9.59
N GLU C 835 -20.40 -12.64 -9.18
CA GLU C 835 -19.30 -12.62 -10.10
C GLU C 835 -18.98 -13.98 -10.73
N PHE C 836 -19.00 -14.02 -12.06
CA PHE C 836 -18.54 -15.20 -12.81
C PHE C 836 -17.74 -14.76 -14.05
N SER C 837 -17.56 -15.67 -15.00
CA SER C 837 -16.76 -15.38 -16.19
C SER C 837 -16.99 -16.37 -17.33
N VAL C 844 -24.93 -20.11 -18.18
CA VAL C 844 -25.94 -20.40 -17.14
C VAL C 844 -25.52 -21.52 -16.14
N LEU C 845 -25.70 -21.27 -14.84
CA LEU C 845 -25.22 -22.21 -13.82
C LEU C 845 -26.34 -23.17 -13.35
N ALA C 846 -26.01 -24.46 -13.35
CA ALA C 846 -26.95 -25.54 -13.02
C ALA C 846 -27.33 -25.62 -11.54
N THR C 847 -28.52 -26.16 -11.26
CA THR C 847 -28.85 -26.59 -9.93
C THR C 847 -28.71 -28.08 -9.88
N ARG C 848 -28.23 -28.66 -10.97
CA ARG C 848 -28.12 -30.12 -11.10
C ARG C 848 -26.91 -30.52 -11.96
N PHE C 849 -26.11 -31.45 -11.46
CA PHE C 849 -24.92 -31.92 -12.16
C PHE C 849 -25.36 -32.80 -13.29
N GLY C 850 -24.74 -32.65 -14.45
CA GLY C 850 -25.05 -33.47 -15.61
C GLY C 850 -25.35 -32.71 -16.90
N ALA C 851 -25.49 -33.44 -18.01
CA ALA C 851 -25.67 -32.82 -19.32
C ALA C 851 -27.05 -32.23 -19.50
N GLY C 852 -28.01 -32.70 -18.69
CA GLY C 852 -29.38 -32.23 -18.75
C GLY C 852 -30.21 -32.83 -19.88
N SER C 853 -31.49 -32.44 -19.90
CA SER C 853 -32.43 -32.85 -20.95
C SER C 853 -32.89 -31.69 -21.82
N VAL C 854 -33.16 -31.96 -23.08
CA VAL C 854 -33.90 -31.01 -23.90
C VAL C 854 -35.27 -31.60 -24.14
N ARG C 855 -36.26 -30.76 -24.45
CA ARG C 855 -37.55 -31.30 -24.81
C ARG C 855 -37.73 -31.39 -26.34
N VAL C 856 -38.19 -32.55 -26.80
CA VAL C 856 -38.40 -32.81 -28.21
C VAL C 856 -39.89 -32.92 -28.49
N LEU C 857 -40.26 -32.56 -29.71
CA LEU C 857 -41.63 -32.65 -30.20
C LEU C 857 -41.57 -33.31 -31.54
N CYS C 858 -42.21 -34.46 -31.66
CA CYS C 858 -42.23 -35.16 -32.95
C CYS C 858 -43.30 -34.59 -33.87
N TYR C 859 -42.87 -34.06 -35.01
CA TYR C 859 -43.82 -33.66 -36.03
C TYR C 859 -43.78 -34.71 -37.10
N TYR C 860 -44.93 -34.95 -37.72
CA TYR C 860 -45.06 -35.93 -38.79
C TYR C 860 -45.07 -35.28 -40.16
N VAL C 861 -44.41 -35.88 -41.12
CA VAL C 861 -44.31 -35.28 -42.43
C VAL C 861 -44.67 -36.22 -43.57
N ASP C 862 -45.62 -35.81 -44.39
CA ASP C 862 -46.03 -36.55 -45.57
C ASP C 862 -45.08 -36.20 -46.68
N THR C 863 -45.21 -36.87 -47.82
CA THR C 863 -44.23 -36.74 -48.88
C THR C 863 -44.27 -35.39 -49.56
N ALA C 864 -45.28 -34.59 -49.27
CA ALA C 864 -45.45 -33.34 -49.99
C ALA C 864 -44.29 -32.36 -49.83
N GLY C 865 -43.72 -32.23 -48.62
CA GLY C 865 -44.28 -32.83 -47.45
C GLY C 865 -44.70 -31.74 -46.51
N ASN C 866 -45.99 -31.74 -46.22
CA ASN C 866 -46.53 -30.84 -45.24
C ASN C 866 -46.30 -31.50 -43.90
N ARG C 867 -46.51 -30.75 -42.83
CA ARG C 867 -46.13 -31.20 -41.51
C ARG C 867 -47.35 -31.29 -40.61
N TRP C 868 -47.47 -32.38 -39.85
CA TRP C 868 -48.66 -32.63 -39.04
C TRP C 868 -48.30 -33.01 -37.60
N LEU C 869 -49.24 -32.84 -36.69
CA LEU C 869 -48.99 -33.15 -35.28
C LEU C 869 -49.36 -34.59 -34.98
N ASP C 870 -50.14 -35.19 -35.90
CA ASP C 870 -50.58 -36.58 -35.74
C ASP C 870 -50.08 -37.44 -36.87
N PRO C 871 -49.94 -38.75 -36.62
CA PRO C 871 -49.49 -39.64 -37.70
C PRO C 871 -50.58 -39.76 -38.76
N GLU C 872 -51.79 -39.34 -38.45
CA GLU C 872 -52.88 -39.42 -39.42
C GLU C 872 -52.97 -38.17 -40.28
N CYS C 873 -52.01 -37.27 -40.10
CA CYS C 873 -51.83 -36.13 -40.99
C CYS C 873 -53.09 -35.36 -41.22
N THR C 874 -53.73 -34.93 -40.13
CA THR C 874 -54.97 -34.15 -40.22
C THR C 874 -55.02 -32.96 -39.27
N VAL C 875 -53.96 -32.75 -38.49
CA VAL C 875 -53.86 -31.57 -37.63
C VAL C 875 -52.63 -30.77 -38.03
N GLU C 876 -52.84 -29.79 -38.88
CA GLU C 876 -51.78 -28.95 -39.41
C GLU C 876 -50.85 -28.43 -38.30
N PHE C 877 -49.55 -28.40 -38.60
CA PHE C 877 -48.52 -27.83 -37.75
C PHE C 877 -48.71 -26.30 -37.54
N PRO C 878 -48.78 -25.87 -36.27
CA PRO C 878 -49.10 -24.47 -35.98
C PRO C 878 -47.96 -23.52 -36.32
N GLU C 879 -48.13 -22.74 -37.37
CA GLU C 879 -47.13 -21.74 -37.71
C GLU C 879 -47.39 -20.52 -36.86
N GLN C 880 -48.57 -20.50 -36.23
CA GLN C 880 -49.02 -19.36 -35.44
C GLN C 880 -49.83 -19.77 -34.21
N GLY C 881 -50.23 -18.77 -33.43
CA GLY C 881 -50.96 -19.01 -32.20
C GLY C 881 -52.37 -18.53 -32.36
N THR C 882 -53.12 -18.54 -31.26
CA THR C 882 -54.54 -18.24 -31.33
C THR C 882 -54.93 -17.11 -30.43
N GLY C 883 -53.93 -16.45 -29.88
CA GLY C 883 -54.15 -15.21 -29.17
C GLY C 883 -54.30 -14.12 -30.19
N ARG C 884 -54.46 -12.90 -29.70
CA ARG C 884 -54.60 -11.76 -30.58
C ARG C 884 -53.39 -11.72 -31.49
N GLU C 885 -53.55 -11.20 -32.71
CA GLU C 885 -52.42 -11.09 -33.65
C GLU C 885 -51.66 -12.42 -33.92
N GLY C 886 -52.20 -13.51 -33.40
CA GLY C 886 -51.62 -14.81 -33.66
C GLY C 886 -50.48 -15.11 -32.72
N ARG C 887 -50.33 -14.30 -31.69
CA ARG C 887 -49.34 -14.60 -30.66
C ARG C 887 -49.73 -15.89 -29.95
N PHE C 888 -48.74 -16.61 -29.44
CA PHE C 888 -49.02 -17.83 -28.68
C PHE C 888 -49.50 -17.43 -27.29
N THR C 889 -50.24 -18.32 -26.65
CA THR C 889 -50.78 -18.03 -25.33
C THR C 889 -50.39 -19.14 -24.37
N MET C 890 -50.65 -18.91 -23.09
CA MET C 890 -50.32 -19.91 -22.08
C MET C 890 -51.18 -21.12 -22.29
N ALA C 891 -52.39 -20.87 -22.80
CA ALA C 891 -53.30 -21.96 -23.13
C ALA C 891 -52.72 -22.68 -24.33
N ASP C 892 -52.20 -21.91 -25.28
CA ASP C 892 -51.59 -22.48 -26.48
C ASP C 892 -50.33 -23.27 -26.15
N CYS C 893 -49.52 -22.77 -25.24
CA CYS C 893 -48.28 -23.45 -24.96
C CYS C 893 -48.59 -24.71 -24.19
N ARG C 894 -49.51 -24.59 -23.23
CA ARG C 894 -49.90 -25.73 -22.39
C ARG C 894 -50.27 -26.93 -23.27
N ASP C 895 -51.18 -26.69 -24.22
CA ASP C 895 -51.56 -27.67 -25.23
C ASP C 895 -50.30 -28.18 -25.91
N LEU C 896 -49.56 -27.29 -26.53
CA LEU C 896 -48.40 -27.68 -27.30
C LEU C 896 -47.35 -28.45 -26.51
N VAL C 897 -47.03 -27.95 -25.31
CA VAL C 897 -45.97 -28.55 -24.51
C VAL C 897 -46.29 -29.99 -24.20
N ALA C 898 -47.59 -30.28 -24.05
CA ALA C 898 -48.04 -31.62 -23.65
C ALA C 898 -47.69 -32.73 -24.66
N ARG C 899 -47.41 -32.36 -25.89
CA ARG C 899 -46.98 -33.34 -26.85
C ARG C 899 -45.46 -33.48 -26.90
N THR C 900 -44.76 -32.69 -26.08
CA THR C 900 -43.29 -32.75 -26.09
C THR C 900 -42.81 -33.82 -25.14
N ILE C 901 -41.68 -34.42 -25.49
CA ILE C 901 -41.11 -35.45 -24.62
C ILE C 901 -39.63 -35.18 -24.28
N PRO C 902 -39.24 -35.35 -23.01
CA PRO C 902 -37.91 -34.99 -22.47
C PRO C 902 -36.80 -36.00 -22.78
N VAL C 903 -35.82 -35.60 -23.61
CA VAL C 903 -34.73 -36.49 -24.04
C VAL C 903 -33.30 -36.06 -23.67
N ARG C 904 -32.61 -36.93 -22.91
CA ARG C 904 -31.29 -36.63 -22.34
C ARG C 904 -30.29 -36.21 -23.37
N MET C 905 -29.60 -35.12 -23.07
CA MET C 905 -28.60 -34.58 -23.97
C MET C 905 -27.53 -35.64 -24.22
N GLY C 906 -27.00 -35.65 -25.43
CA GLY C 906 -25.98 -36.60 -25.80
C GLY C 906 -25.42 -36.02 -27.07
N PRO C 907 -24.56 -36.77 -27.76
CA PRO C 907 -23.88 -36.28 -28.96
C PRO C 907 -24.84 -35.82 -30.07
N TRP C 908 -26.04 -36.41 -30.11
CA TRP C 908 -27.03 -36.14 -31.17
C TRP C 908 -27.43 -34.68 -31.33
N ALA C 909 -27.52 -33.96 -30.22
CA ALA C 909 -27.96 -32.56 -30.21
C ALA C 909 -26.98 -31.58 -30.86
N SER C 910 -25.79 -32.08 -31.19
CA SER C 910 -24.75 -31.28 -31.82
C SER C 910 -24.85 -31.39 -33.32
N GLN C 911 -25.64 -32.36 -33.76
CA GLN C 911 -25.86 -32.55 -35.18
C GLN C 911 -27.31 -32.22 -35.55
N LEU C 912 -27.71 -30.96 -35.39
CA LEU C 912 -29.09 -30.55 -35.69
C LEU C 912 -29.20 -29.66 -36.91
N THR C 913 -29.86 -30.20 -37.93
CA THR C 913 -30.18 -29.46 -39.15
C THR C 913 -31.38 -28.54 -38.96
N GLU C 914 -31.60 -27.66 -39.93
CA GLU C 914 -32.54 -26.55 -39.82
C GLU C 914 -34.00 -26.98 -39.72
N ASP C 915 -34.32 -28.16 -40.23
CA ASP C 915 -35.67 -28.68 -40.05
C ASP C 915 -35.84 -29.40 -38.70
N ASN C 916 -34.95 -29.07 -37.77
CA ASN C 916 -35.06 -29.55 -36.42
C ASN C 916 -35.22 -28.33 -35.53
N HIS C 917 -35.13 -27.16 -36.17
CA HIS C 917 -35.22 -25.88 -35.48
C HIS C 917 -36.57 -25.25 -35.78
N PRO C 918 -37.35 -24.94 -34.74
CA PRO C 918 -38.73 -24.47 -34.83
C PRO C 918 -38.94 -23.22 -35.65
N PRO C 919 -40.19 -23.00 -36.07
CA PRO C 919 -40.70 -21.82 -36.77
C PRO C 919 -40.40 -20.54 -36.01
N GLU C 920 -40.30 -19.46 -36.78
CA GLU C 920 -39.88 -18.17 -36.28
C GLU C 920 -40.90 -17.55 -35.33
N ALA C 921 -42.17 -17.90 -35.52
CA ALA C 921 -43.23 -17.48 -34.61
C ALA C 921 -43.01 -18.00 -33.18
N TRP C 922 -42.34 -19.14 -33.08
CA TRP C 922 -42.16 -19.83 -31.82
C TRP C 922 -40.98 -19.33 -31.03
N ARG C 923 -40.06 -18.66 -31.73
CA ARG C 923 -38.85 -18.20 -31.08
C ARG C 923 -39.20 -17.04 -30.16
N GLU C 924 -40.40 -16.53 -30.31
CA GLU C 924 -40.86 -15.43 -29.50
C GLU C 924 -41.53 -15.92 -28.24
N SER C 925 -41.58 -17.22 -28.04
CA SER C 925 -42.25 -17.75 -26.89
C SER C 925 -41.31 -18.51 -25.98
N PHE C 926 -41.31 -18.17 -24.70
CA PHE C 926 -40.32 -18.71 -23.80
C PHE C 926 -40.40 -20.22 -23.72
N TYR C 927 -41.60 -20.75 -23.55
CA TYR C 927 -41.78 -22.19 -23.44
C TYR C 927 -41.42 -22.92 -24.71
N LEU C 928 -41.80 -22.35 -25.85
CA LEU C 928 -41.64 -23.03 -27.12
C LEU C 928 -40.31 -22.80 -27.80
N ARG C 929 -39.55 -21.86 -27.29
CA ARG C 929 -38.40 -21.35 -28.02
C ARG C 929 -37.37 -22.40 -28.31
N ASP C 930 -37.08 -23.22 -27.33
CA ASP C 930 -35.92 -24.07 -27.42
C ASP C 930 -36.29 -25.49 -27.71
N LEU C 931 -37.52 -25.68 -28.17
CA LEU C 931 -37.94 -27.01 -28.52
C LEU C 931 -37.15 -27.50 -29.69
N VAL C 932 -36.83 -28.78 -29.66
CA VAL C 932 -36.21 -29.47 -30.78
C VAL C 932 -37.29 -30.29 -31.46
N LEU C 933 -37.41 -30.14 -32.78
CA LEU C 933 -38.41 -30.87 -33.56
C LEU C 933 -37.83 -32.15 -34.15
N ILE C 934 -38.53 -33.24 -33.92
CA ILE C 934 -38.06 -34.52 -34.42
C ILE C 934 -39.03 -35.00 -35.48
N PRO C 935 -38.62 -34.93 -36.76
CA PRO C 935 -39.45 -35.43 -37.87
C PRO C 935 -39.66 -36.94 -37.77
N GLN C 936 -40.80 -37.41 -38.27
CA GLN C 936 -41.07 -38.82 -38.43
C GLN C 936 -41.83 -38.98 -39.72
N ARG C 937 -41.13 -39.38 -40.79
CA ARG C 937 -41.70 -39.52 -42.12
C ARG C 937 -42.90 -40.45 -42.13
N VAL C 938 -43.89 -40.11 -42.94
CA VAL C 938 -45.04 -40.97 -43.06
C VAL C 938 -45.26 -41.32 -44.55
N THR C 939 -45.49 -42.60 -44.80
CA THR C 939 -45.59 -43.12 -46.15
C THR C 939 -46.83 -42.59 -46.87
N ASP C 940 -47.01 -42.97 -48.13
CA ASP C 940 -48.22 -42.63 -48.86
C ASP C 940 -49.33 -43.54 -48.35
N GLU C 941 -48.95 -44.76 -47.99
CA GLU C 941 -49.88 -45.73 -47.45
C GLU C 941 -50.03 -45.51 -45.93
N GLY C 942 -49.41 -44.44 -45.43
CA GLY C 942 -49.58 -44.03 -44.04
C GLY C 942 -48.96 -44.91 -42.96
N ALA C 943 -47.65 -45.09 -43.02
CA ALA C 943 -46.94 -45.77 -41.93
C ALA C 943 -45.77 -44.93 -41.41
N VAL C 944 -45.67 -44.88 -40.09
CA VAL C 944 -44.60 -44.19 -39.41
C VAL C 944 -43.31 -45.02 -39.51
N LEU C 945 -42.35 -44.48 -40.25
CA LEU C 945 -41.03 -45.09 -40.36
C LEU C 945 -40.13 -44.46 -39.31
N PRO C 946 -39.22 -45.23 -38.71
CA PRO C 946 -38.18 -44.57 -37.93
C PRO C 946 -37.37 -43.67 -38.86
N THR C 947 -36.94 -42.51 -38.36
CA THR C 947 -36.36 -41.46 -39.22
C THR C 947 -35.03 -40.91 -38.69
N GLU C 948 -34.10 -40.66 -39.62
CA GLU C 948 -32.81 -40.00 -39.35
C GLU C 948 -32.93 -38.57 -38.81
N THR C 949 -32.40 -38.36 -37.61
CA THR C 949 -32.33 -37.04 -37.01
C THR C 949 -31.11 -36.89 -36.10
N GLY C 950 -30.12 -36.14 -36.54
CA GLY C 950 -28.89 -36.03 -35.80
C GLY C 950 -28.17 -37.34 -35.58
N GLY C 951 -28.10 -38.16 -36.61
CA GLY C 951 -27.26 -39.34 -36.55
C GLY C 951 -27.73 -40.51 -35.73
N ARG C 952 -29.04 -40.65 -35.64
CA ARG C 952 -29.62 -41.77 -34.92
C ARG C 952 -31.09 -41.87 -35.30
N GLU C 953 -31.62 -43.09 -35.39
CA GLU C 953 -32.96 -43.27 -35.89
C GLU C 953 -33.98 -43.20 -34.77
N TRP C 954 -34.95 -42.31 -34.94
CA TRP C 954 -35.99 -42.05 -33.96
C TRP C 954 -37.33 -42.64 -34.41
N LEU C 955 -38.14 -43.07 -33.45
CA LEU C 955 -39.47 -43.58 -33.76
C LEU C 955 -40.35 -43.43 -32.54
N LEU C 956 -41.29 -42.51 -32.60
CA LEU C 956 -42.24 -42.48 -31.50
C LEU C 956 -43.22 -43.63 -31.68
N ASP C 957 -43.19 -44.58 -30.75
CA ASP C 957 -44.13 -45.70 -30.78
C ASP C 957 -45.24 -45.39 -29.80
N PRO C 958 -46.48 -45.64 -30.20
CA PRO C 958 -47.64 -45.34 -29.36
C PRO C 958 -47.62 -46.08 -28.02
N CYS C 959 -47.27 -47.35 -28.03
CA CYS C 959 -47.33 -48.14 -26.81
C CYS C 959 -46.00 -48.28 -26.06
N LYS C 960 -44.93 -47.71 -26.59
CA LYS C 960 -43.61 -47.90 -25.98
C LYS C 960 -42.89 -46.58 -25.70
N GLY C 961 -43.30 -45.52 -26.37
CA GLY C 961 -42.62 -44.25 -26.21
C GLY C 961 -41.59 -43.98 -27.30
N LEU C 962 -40.74 -42.98 -27.07
CA LEU C 962 -39.71 -42.63 -28.03
C LEU C 962 -38.73 -43.77 -28.10
N ILE C 963 -38.17 -44.02 -29.27
CA ILE C 963 -37.19 -45.08 -29.42
C ILE C 963 -36.07 -44.69 -30.37
N PHE C 964 -34.87 -44.50 -29.82
CA PHE C 964 -33.68 -44.15 -30.62
C PHE C 964 -32.49 -45.09 -30.44
N PRO E 34 47.88 18.28 -7.75
CA PRO E 34 48.89 19.05 -7.00
C PRO E 34 49.67 18.11 -6.12
N PRO E 35 50.95 18.42 -5.87
CA PRO E 35 51.70 17.64 -4.87
C PRO E 35 50.96 17.71 -3.54
N LEU E 36 50.64 16.54 -3.00
CA LEU E 36 49.76 16.46 -1.84
C LEU E 36 50.49 16.75 -0.53
N ASP E 37 49.96 17.72 0.19
CA ASP E 37 50.56 18.17 1.43
C ASP E 37 50.33 17.13 2.52
N LEU E 38 51.42 16.71 3.17
CA LEU E 38 51.35 15.70 4.22
C LEU E 38 50.87 16.26 5.55
N ARG E 39 50.78 17.58 5.66
CA ARG E 39 50.58 18.19 6.96
C ARG E 39 49.22 17.83 7.54
N PHE E 40 48.25 17.67 6.65
CA PHE E 40 46.89 17.30 7.01
C PHE E 40 46.87 15.93 7.64
N TRP E 41 46.38 15.85 8.87
CA TRP E 41 46.54 14.67 9.73
C TRP E 41 45.32 13.77 9.82
N ALA E 42 45.45 12.65 10.53
CA ALA E 42 44.32 11.75 10.73
C ALA E 42 44.29 11.12 12.12
N LYS E 43 45.45 10.88 12.72
CA LYS E 43 45.51 10.48 14.12
C LYS E 43 46.55 11.31 14.81
N GLU E 44 46.25 11.88 15.97
CA GLU E 44 47.28 12.46 16.81
C GLU E 44 47.29 12.07 18.29
N ARG E 45 46.29 11.35 18.77
CA ARG E 45 46.15 11.12 20.21
C ARG E 45 46.76 9.82 20.68
N GLY E 46 47.60 9.89 21.69
CA GLY E 46 48.35 8.74 22.15
C GLY E 46 49.55 8.40 21.28
N LEU E 47 49.96 9.37 20.48
CA LEU E 47 50.92 9.15 19.40
C LEU E 47 52.35 9.66 19.58
N ARG E 48 52.72 10.03 20.80
CA ARG E 48 54.10 10.47 21.07
C ARG E 48 54.43 11.86 20.48
N GLY E 49 53.46 12.46 19.80
CA GLY E 49 53.58 13.85 19.38
C GLY E 49 53.68 14.06 17.89
N LYS E 50 53.93 12.99 17.16
CA LYS E 50 54.00 13.06 15.70
C LYS E 50 52.66 12.61 15.13
N THR E 51 52.03 13.46 14.34
CA THR E 51 50.74 13.09 13.79
C THR E 51 50.93 12.20 12.58
N TYR E 52 50.03 11.23 12.44
CA TYR E 52 49.98 10.32 11.30
C TYR E 52 49.22 11.02 10.21
N PRO E 53 49.86 11.20 9.03
CA PRO E 53 49.26 11.80 7.83
C PRO E 53 47.98 11.12 7.37
N LEU E 54 47.05 11.93 6.88
CA LEU E 54 45.74 11.47 6.45
C LEU E 54 45.84 10.47 5.29
N VAL E 55 46.81 10.68 4.41
CA VAL E 55 47.05 9.75 3.31
C VAL E 55 47.40 8.39 3.87
N CYS E 56 48.26 8.40 4.89
CA CYS E 56 48.75 7.18 5.52
C CYS E 56 47.68 6.39 6.25
N HIS E 57 46.74 7.09 6.91
CA HIS E 57 45.56 6.40 7.45
C HIS E 57 44.75 5.83 6.27
N SER E 58 44.53 6.68 5.27
CA SER E 58 43.72 6.33 4.11
C SER E 58 44.19 5.10 3.35
N LEU E 59 45.51 5.00 3.15
CA LEU E 59 46.08 3.86 2.42
C LEU E 59 46.08 2.58 3.25
N ASP E 60 46.29 2.71 4.57
CA ASP E 60 46.27 1.55 5.42
C ASP E 60 44.88 0.96 5.40
N ALA E 61 43.89 1.85 5.44
CA ALA E 61 42.52 1.39 5.49
C ALA E 61 42.31 0.60 4.21
N ALA E 62 42.66 1.27 3.11
CA ALA E 62 42.61 0.72 1.76
C ALA E 62 43.35 -0.61 1.74
N ALA E 63 44.61 -0.59 2.15
CA ALA E 63 45.40 -1.81 2.20
C ALA E 63 44.68 -2.93 2.96
N ALA E 64 44.24 -2.63 4.18
CA ALA E 64 43.56 -3.61 5.02
C ALA E 64 42.31 -4.19 4.36
N ALA E 65 41.57 -3.35 3.64
CA ALA E 65 40.32 -3.79 3.01
C ALA E 65 40.56 -4.94 2.05
N LEU E 66 41.48 -4.68 1.11
CA LEU E 66 42.05 -5.69 0.22
C LEU E 66 42.41 -7.02 0.89
N VAL E 67 43.31 -6.96 1.88
CA VAL E 67 43.78 -8.16 2.53
C VAL E 67 42.61 -8.89 3.16
N LEU E 68 41.75 -8.14 3.84
CA LEU E 68 40.52 -8.63 4.45
C LEU E 68 39.70 -9.35 3.37
N TRP E 69 39.60 -8.73 2.19
CA TRP E 69 38.82 -9.28 1.07
C TRP E 69 39.40 -10.61 0.61
N ASN E 70 40.71 -10.64 0.42
CA ASN E 70 41.37 -11.83 -0.05
C ASN E 70 41.49 -12.90 1.00
N GLU E 71 41.93 -12.51 2.19
CA GLU E 71 42.29 -13.52 3.18
C GLU E 71 41.30 -13.81 4.29
N TYR E 72 40.40 -12.88 4.58
CA TYR E 72 39.47 -13.04 5.69
C TYR E 72 38.07 -13.46 5.23
N LEU E 73 37.58 -12.84 4.16
CA LEU E 73 36.21 -13.06 3.73
C LEU E 73 35.98 -14.49 3.28
N SER E 74 34.83 -15.06 3.62
CA SER E 74 34.45 -16.36 3.09
C SER E 74 34.48 -16.17 1.60
N PRO E 75 34.78 -17.24 0.86
CA PRO E 75 34.74 -17.06 -0.60
C PRO E 75 33.30 -16.90 -1.11
N GLY E 76 32.35 -17.60 -0.48
CA GLY E 76 30.96 -17.46 -0.88
C GLY E 76 30.39 -16.05 -0.65
N LEU E 77 31.11 -15.27 0.15
CA LEU E 77 30.65 -13.93 0.45
C LEU E 77 31.34 -12.96 -0.49
N ARG E 78 32.54 -13.31 -0.94
CA ARG E 78 33.15 -12.58 -2.04
C ARG E 78 32.20 -12.64 -3.24
N ASP E 79 31.62 -13.81 -3.41
CA ASP E 79 30.80 -14.10 -4.56
C ASP E 79 29.53 -13.24 -4.53
N THR E 80 28.82 -13.26 -3.40
CA THR E 80 27.66 -12.41 -3.21
C THR E 80 28.01 -10.96 -3.52
N ILE E 81 29.09 -10.45 -2.95
CA ILE E 81 29.35 -9.03 -3.09
C ILE E 81 29.70 -8.63 -4.53
N ALA E 82 30.37 -9.52 -5.26
CA ALA E 82 30.81 -9.14 -6.60
C ALA E 82 29.65 -9.29 -7.57
N SER E 83 28.91 -10.38 -7.39
CA SER E 83 27.76 -10.68 -8.22
C SER E 83 26.80 -9.52 -8.15
N SER E 84 26.64 -8.97 -6.96
CA SER E 84 25.75 -7.85 -6.73
C SER E 84 26.17 -6.58 -7.49
N MET E 85 27.46 -6.48 -7.78
CA MET E 85 28.00 -5.35 -8.52
C MET E 85 28.15 -5.73 -10.01
N GLU E 86 27.82 -6.99 -10.29
CA GLU E 86 27.97 -7.56 -11.64
C GLU E 86 29.35 -7.22 -12.24
N THR E 87 30.39 -7.52 -11.47
CA THR E 87 31.76 -7.52 -11.98
C THR E 87 32.44 -8.71 -11.33
N ASP E 88 33.72 -8.91 -11.61
CA ASP E 88 34.44 -10.08 -11.13
C ASP E 88 34.94 -9.77 -9.74
N GLU E 89 35.41 -10.79 -9.04
CA GLU E 89 35.88 -10.57 -7.68
C GLU E 89 37.08 -9.65 -7.66
N GLU E 90 38.03 -9.87 -8.57
CA GLU E 90 39.28 -9.11 -8.66
C GLU E 90 39.06 -7.59 -8.69
N HIS E 91 38.13 -7.15 -9.53
CA HIS E 91 37.92 -5.72 -9.74
C HIS E 91 37.09 -5.18 -8.62
N ALA E 92 36.12 -5.97 -8.20
CA ALA E 92 35.29 -5.57 -7.07
C ALA E 92 36.16 -5.38 -5.80
N GLY E 93 36.98 -6.39 -5.47
CA GLY E 93 38.02 -6.27 -4.45
C GLY E 93 38.65 -4.89 -4.51
N HIS E 94 39.09 -4.47 -5.68
CA HIS E 94 39.71 -3.15 -5.79
C HIS E 94 38.81 -1.96 -5.55
N CYS E 95 37.59 -2.04 -6.05
CA CYS E 95 36.55 -1.09 -5.70
C CYS E 95 36.36 -1.01 -4.19
N ILE E 96 36.16 -2.16 -3.55
CA ILE E 96 35.97 -2.16 -2.10
C ILE E 96 37.19 -1.57 -1.42
N ALA E 97 38.37 -1.90 -1.94
CA ALA E 97 39.61 -1.39 -1.35
C ALA E 97 39.82 0.09 -1.64
N PHE E 98 39.43 0.55 -2.82
CA PHE E 98 39.44 1.99 -3.12
C PHE E 98 38.48 2.70 -2.19
N TRP E 99 37.23 2.25 -2.14
CA TRP E 99 36.21 2.82 -1.26
C TRP E 99 36.73 2.95 0.16
N ALA E 100 37.15 1.83 0.74
CA ALA E 100 37.79 1.82 2.07
C ALA E 100 38.80 2.95 2.29
N GLY E 101 39.47 3.36 1.22
CA GLY E 101 40.56 4.30 1.35
C GLY E 101 40.06 5.71 1.55
N LEU E 102 38.80 5.91 1.20
CA LEU E 102 38.20 7.23 1.20
C LEU E 102 37.40 7.51 2.46
N HIS E 103 37.30 6.50 3.33
CA HIS E 103 36.43 6.59 4.50
C HIS E 103 36.66 7.88 5.27
N ASP E 104 37.92 8.20 5.61
CA ASP E 104 38.12 9.38 6.44
C ASP E 104 38.40 10.68 5.66
N ILE E 105 38.01 10.76 4.40
CA ILE E 105 38.32 11.98 3.66
C ILE E 105 37.61 13.21 4.25
N GLY E 106 36.48 12.98 4.91
CA GLY E 106 35.76 14.03 5.61
C GLY E 106 36.61 14.78 6.62
N LYS E 107 37.76 14.21 6.95
CA LYS E 107 38.69 14.78 7.94
C LYS E 107 39.47 15.95 7.39
N LEU E 108 39.53 16.06 6.07
CA LEU E 108 40.24 17.15 5.44
C LEU E 108 39.32 18.39 5.34
N THR E 109 38.98 18.92 6.50
CA THR E 109 38.15 20.11 6.64
C THR E 109 38.80 20.96 7.74
N ARG E 110 38.53 22.26 7.77
CA ARG E 110 39.21 23.11 8.75
C ARG E 110 38.75 22.79 10.18
N GLU E 111 37.48 22.45 10.33
CA GLU E 111 36.91 22.10 11.62
C GLU E 111 37.71 20.95 12.20
N PHE E 112 37.96 19.92 11.38
CA PHE E 112 38.64 18.73 11.89
C PHE E 112 40.08 19.04 12.12
N GLN E 113 40.71 19.59 11.09
CA GLN E 113 42.14 19.82 11.12
C GLN E 113 42.60 20.70 12.29
N GLN E 114 41.89 21.80 12.58
CA GLN E 114 42.28 22.72 13.65
C GLN E 114 42.04 22.23 15.08
N GLN E 115 41.76 20.94 15.22
CA GLN E 115 41.66 20.34 16.54
C GLN E 115 43.03 20.34 17.21
N ILE E 116 44.08 20.36 16.39
CA ILE E 116 45.42 20.57 16.91
C ILE E 116 46.08 21.78 16.26
N ALA E 117 47.19 22.23 16.83
CA ALA E 117 47.99 23.29 16.24
C ALA E 117 48.56 22.79 14.92
N ILE E 118 48.45 23.59 13.87
CA ILE E 118 48.77 23.14 12.53
C ILE E 118 48.85 24.37 11.62
N ASP E 119 49.91 24.49 10.84
CA ASP E 119 50.09 25.70 10.04
C ASP E 119 49.29 25.69 8.73
N LEU E 120 48.15 26.36 8.75
CA LEU E 120 47.22 26.34 7.61
C LEU E 120 47.28 27.60 6.78
N SER E 121 48.42 28.28 6.81
CA SER E 121 48.55 29.56 6.10
C SER E 121 48.41 29.48 4.57
N ALA E 122 48.72 28.33 3.97
CA ALA E 122 48.59 28.23 2.51
C ALA E 122 47.13 28.01 2.12
N TYR E 123 46.29 27.84 3.13
CA TYR E 123 44.91 27.44 2.89
C TYR E 123 43.94 28.42 3.52
N PRO E 124 43.68 29.51 2.81
CA PRO E 124 42.69 30.45 3.32
C PRO E 124 41.33 30.05 2.76
N GLY E 125 40.26 30.55 3.35
CA GLY E 125 38.94 30.13 2.94
C GLY E 125 38.42 28.98 3.79
N GLU E 126 37.13 28.69 3.66
CA GLU E 126 36.48 27.69 4.50
C GLU E 126 36.64 28.05 5.98
N GLU E 127 36.02 29.14 6.42
CA GLU E 127 36.12 29.43 7.84
C GLU E 127 35.09 28.60 8.58
N LEU E 128 35.24 28.50 9.90
CA LEU E 128 34.40 27.62 10.70
C LEU E 128 32.97 28.08 10.62
N SER E 129 32.08 27.15 10.34
CA SER E 129 30.66 27.46 10.26
C SER E 129 30.01 27.42 11.63
N GLY E 130 30.56 26.59 12.50
CA GLY E 130 29.99 26.36 13.81
C GLY E 130 29.15 25.12 13.81
N GLU E 131 28.92 24.58 12.62
CA GLU E 131 27.97 23.48 12.41
C GLU E 131 28.21 22.23 13.26
N GLN E 132 29.44 22.09 13.76
CA GLN E 132 29.80 20.95 14.59
C GLN E 132 29.42 19.65 13.90
N ARG E 133 30.14 19.33 12.83
CA ARG E 133 29.74 18.29 11.90
C ARG E 133 30.79 17.20 11.84
N SER E 134 30.39 15.95 12.09
CA SER E 134 31.32 14.83 12.17
C SER E 134 32.09 14.56 10.87
N HIS E 135 33.33 14.06 10.98
CA HIS E 135 34.12 13.78 9.78
C HIS E 135 33.40 12.79 8.89
N ALA E 136 32.84 11.76 9.48
CA ALA E 136 32.14 10.76 8.70
C ALA E 136 31.00 11.39 7.89
N ALA E 137 30.32 12.34 8.51
CA ALA E 137 29.24 13.09 7.84
C ALA E 137 29.76 13.85 6.62
N ALA E 138 30.94 14.48 6.75
CA ALA E 138 31.54 15.22 5.64
C ALA E 138 31.87 14.28 4.48
N THR E 139 32.49 13.14 4.79
CA THR E 139 32.69 12.09 3.79
C THR E 139 31.39 11.87 3.01
N GLY E 140 30.28 11.70 3.71
CA GLY E 140 29.02 11.49 3.03
C GLY E 140 28.56 12.64 2.15
N LYS E 141 28.99 13.85 2.48
CA LYS E 141 28.52 15.04 1.80
C LYS E 141 29.48 15.51 0.70
N TRP E 142 30.74 15.10 0.78
CA TRP E 142 31.70 15.47 -0.25
C TRP E 142 31.68 14.52 -1.44
N LEU E 143 31.97 13.25 -1.16
CA LEU E 143 32.01 12.19 -2.17
C LEU E 143 30.88 12.12 -3.22
N PRO E 144 29.67 12.64 -2.92
CA PRO E 144 28.75 12.46 -4.05
C PRO E 144 28.99 13.45 -5.21
N PHE E 145 29.91 14.41 -5.04
CA PHE E 145 30.15 15.44 -6.05
C PHE E 145 31.63 15.55 -6.35
N ALA E 146 32.33 14.46 -6.15
CA ALA E 146 33.71 14.41 -6.56
C ALA E 146 33.95 13.00 -7.04
N LEU E 147 33.20 12.07 -6.50
CA LEU E 147 33.20 10.72 -7.05
C LEU E 147 32.79 10.61 -8.55
N PRO E 148 31.93 11.52 -9.08
CA PRO E 148 31.66 11.28 -10.52
C PRO E 148 32.84 11.68 -11.39
N SER E 149 33.72 12.53 -10.87
CA SER E 149 34.92 12.91 -11.61
C SER E 149 35.80 11.71 -12.01
N LEU E 150 35.65 10.57 -11.36
CA LEU E 150 36.44 9.40 -11.73
C LEU E 150 35.52 8.46 -12.48
N GLY E 151 34.43 9.00 -13.01
CA GLY E 151 33.55 8.22 -13.85
C GLY E 151 32.38 7.53 -13.21
N TYR E 152 31.99 7.94 -12.02
CA TYR E 152 30.78 7.45 -11.36
C TYR E 152 29.56 8.24 -11.86
N PRO E 153 28.45 7.56 -12.16
CA PRO E 153 27.28 8.27 -12.72
C PRO E 153 26.73 9.33 -11.77
N ASN E 154 26.80 10.58 -12.21
CA ASN E 154 26.40 11.75 -11.41
C ASN E 154 24.92 11.83 -11.03
N GLY E 155 24.61 11.50 -9.77
CA GLY E 155 23.23 11.41 -9.34
C GLY E 155 22.81 9.97 -9.38
N GLY E 156 23.75 9.12 -9.81
CA GLY E 156 23.52 7.70 -9.91
C GLY E 156 23.28 7.07 -8.56
N LEU E 157 22.51 5.99 -8.57
CA LEU E 157 22.30 5.17 -7.37
C LEU E 157 23.62 4.67 -6.80
N VAL E 158 24.45 4.03 -7.62
CA VAL E 158 25.75 3.57 -7.14
C VAL E 158 26.50 4.69 -6.46
N THR E 159 26.70 5.80 -7.16
CA THR E 159 27.54 6.87 -6.61
C THR E 159 27.03 7.30 -5.24
N GLY E 160 25.72 7.51 -5.15
CA GLY E 160 25.07 7.82 -3.89
C GLY E 160 25.29 6.83 -2.75
N LEU E 161 25.05 5.54 -2.99
CA LEU E 161 25.19 4.53 -1.95
C LEU E 161 26.61 4.47 -1.43
N VAL E 162 27.55 4.47 -2.35
CA VAL E 162 28.95 4.45 -1.95
C VAL E 162 29.17 5.58 -0.97
N ALA E 163 28.69 6.76 -1.30
CA ALA E 163 28.85 7.87 -0.40
C ALA E 163 28.16 7.58 0.95
N GLN E 164 26.88 7.24 0.91
CA GLN E 164 26.11 7.06 2.12
C GLN E 164 26.76 6.06 3.05
N MET E 165 27.28 4.99 2.46
CA MET E 165 27.93 3.89 3.16
C MET E 165 29.24 4.29 3.84
N LEU E 166 30.15 4.88 3.07
CA LEU E 166 31.38 5.36 3.66
C LEU E 166 31.02 6.34 4.74
N GLY E 167 29.95 7.11 4.49
CA GLY E 167 29.45 8.10 5.41
C GLY E 167 29.11 7.52 6.77
N GLY E 168 28.54 6.32 6.81
CA GLY E 168 28.22 5.72 8.08
C GLY E 168 29.34 4.90 8.73
N HIS E 169 30.58 5.18 8.36
CA HIS E 169 31.70 4.33 8.82
C HIS E 169 31.98 4.44 10.31
N HIS E 170 31.11 5.12 11.04
CA HIS E 170 31.28 5.21 12.48
C HIS E 170 30.06 4.70 13.23
N GLY E 171 29.26 3.88 12.55
CA GLY E 171 28.11 3.27 13.20
C GLY E 171 26.76 3.76 12.71
N THR E 172 26.62 5.07 12.44
CA THR E 172 25.32 5.68 12.11
C THR E 172 25.27 6.13 10.65
N PHE E 173 24.24 5.70 9.92
CA PHE E 173 24.07 6.14 8.53
C PHE E 173 23.33 7.45 8.51
N HIS E 174 23.79 8.37 7.68
CA HIS E 174 23.09 9.64 7.50
C HIS E 174 22.30 9.55 6.21
N PRO E 175 21.33 10.48 6.00
CA PRO E 175 20.58 10.37 4.75
C PRO E 175 21.24 11.07 3.56
N HIS E 176 20.82 10.73 2.36
CA HIS E 176 21.36 11.28 1.12
C HIS E 176 21.28 12.79 1.06
N PRO E 177 22.42 13.46 0.82
CA PRO E 177 22.55 14.92 0.99
C PRO E 177 21.52 15.66 0.14
N SER E 178 20.74 16.57 0.72
CA SER E 178 19.76 17.32 -0.08
C SER E 178 20.23 18.75 -0.31
N PHE E 179 20.06 19.23 -1.54
CA PHE E 179 20.51 20.58 -1.87
C PHE E 179 19.58 21.24 -2.87
N GLN E 180 19.72 22.56 -2.99
CA GLN E 180 18.86 23.34 -3.86
C GLN E 180 19.63 24.04 -4.96
N SER E 181 20.88 24.39 -4.71
CA SER E 181 21.69 25.09 -5.71
C SER E 181 22.23 24.15 -6.80
N ARG E 182 22.93 24.73 -7.77
CA ARG E 182 23.52 23.95 -8.85
C ARG E 182 25.01 23.78 -8.61
N ASN E 183 25.43 24.11 -7.39
CA ASN E 183 26.80 23.96 -6.93
C ASN E 183 26.77 23.36 -5.53
N PRO E 184 26.46 22.06 -5.44
CA PRO E 184 26.37 21.42 -4.14
C PRO E 184 27.67 21.51 -3.35
N LEU E 185 28.80 21.36 -4.03
CA LEU E 185 30.07 21.27 -3.32
C LEU E 185 30.21 22.47 -2.41
N ALA E 186 29.88 23.64 -2.95
CA ALA E 186 29.99 24.88 -2.20
C ALA E 186 28.91 24.89 -1.15
N GLU E 187 27.70 24.50 -1.54
CA GLU E 187 26.53 24.61 -0.66
C GLU E 187 26.75 23.89 0.67
N PHE E 188 27.66 22.91 0.66
CA PHE E 188 27.96 22.13 1.85
C PHE E 188 29.25 22.57 2.60
N GLY E 189 29.85 23.68 2.17
CA GLY E 189 30.93 24.27 2.93
C GLY E 189 32.30 24.07 2.33
N PHE E 190 32.38 23.15 1.39
CA PHE E 190 33.63 23.02 0.71
C PHE E 190 33.73 24.19 -0.30
N SER E 191 34.16 25.35 0.19
CA SER E 191 34.14 26.56 -0.64
C SER E 191 35.46 26.84 -1.33
N SER E 192 36.55 26.85 -0.53
CA SER E 192 37.86 27.29 -0.97
C SER E 192 38.58 26.31 -1.85
N PRO E 193 39.04 26.77 -3.02
CA PRO E 193 39.73 25.95 -4.02
C PRO E 193 41.02 25.34 -3.48
N HIS E 194 41.65 25.98 -2.50
CA HIS E 194 42.86 25.43 -1.88
C HIS E 194 42.56 24.15 -1.12
N TRP E 195 41.39 24.08 -0.53
CA TRP E 195 41.02 22.87 0.21
C TRP E 195 40.55 21.79 -0.77
N GLU E 196 39.61 22.16 -1.64
CA GLU E 196 39.10 21.23 -2.64
C GLU E 196 40.23 20.61 -3.50
N LYS E 197 41.33 21.33 -3.69
CA LYS E 197 42.48 20.77 -4.37
C LYS E 197 43.03 19.60 -3.56
N GLN E 198 43.45 19.89 -2.34
CA GLN E 198 44.01 18.83 -1.49
C GLN E 198 43.08 17.66 -1.25
N ARG E 199 41.77 17.90 -1.35
CA ARG E 199 40.82 16.80 -1.22
C ARG E 199 40.87 15.95 -2.48
N HIS E 200 41.08 16.59 -3.62
CA HIS E 200 41.31 15.84 -4.85
C HIS E 200 42.73 15.22 -4.90
N ALA E 201 43.70 15.96 -4.37
CA ALA E 201 45.02 15.41 -4.21
C ALA E 201 44.93 14.02 -3.57
N LEU E 202 44.08 13.90 -2.56
CA LEU E 202 43.96 12.67 -1.79
C LEU E 202 43.04 11.65 -2.44
N LEU E 203 41.99 12.15 -3.10
CA LEU E 203 41.04 11.29 -3.79
C LEU E 203 41.79 10.47 -4.83
N HIS E 204 42.69 11.15 -5.54
CA HIS E 204 43.40 10.56 -6.66
C HIS E 204 44.57 9.71 -6.22
N ALA E 205 45.22 10.16 -5.15
CA ALA E 205 46.31 9.45 -4.55
C ALA E 205 45.90 8.01 -4.25
N VAL E 206 44.74 7.82 -3.62
CA VAL E 206 44.35 6.46 -3.25
C VAL E 206 43.61 5.73 -4.39
N PHE E 207 42.98 6.48 -5.29
CA PHE E 207 42.37 5.89 -6.48
C PHE E 207 43.47 5.20 -7.24
N ASP E 208 44.60 5.90 -7.37
CA ASP E 208 45.81 5.39 -8.03
C ASP E 208 46.26 4.11 -7.37
N ALA E 209 46.60 4.21 -6.09
CA ALA E 209 47.13 3.07 -5.36
C ALA E 209 46.28 1.81 -5.47
N THR E 210 44.96 1.95 -5.38
CA THR E 210 44.09 0.78 -5.54
C THR E 210 43.88 0.42 -7.00
N GLY E 211 44.64 1.07 -7.89
CA GLY E 211 44.67 0.67 -9.28
C GLY E 211 43.48 1.12 -10.12
N ARG E 212 43.08 2.37 -9.92
CA ARG E 212 42.05 3.01 -10.73
C ARG E 212 40.89 2.12 -11.14
N PRO E 213 40.13 1.60 -10.18
CA PRO E 213 39.10 0.66 -10.60
C PRO E 213 37.88 1.36 -11.18
N THR E 214 37.37 0.82 -12.28
CA THR E 214 36.21 1.37 -12.96
C THR E 214 35.00 1.24 -12.05
N PRO E 215 34.16 2.28 -11.98
CA PRO E 215 32.90 2.29 -11.24
C PRO E 215 32.11 1.06 -11.54
N PRO E 216 31.74 0.29 -10.50
CA PRO E 216 30.86 -0.89 -10.64
C PRO E 216 29.57 -0.44 -11.30
N ASP E 217 28.95 -1.33 -12.04
CA ASP E 217 27.75 -0.96 -12.75
C ASP E 217 26.59 -0.74 -11.80
N MET E 218 26.47 -1.60 -10.81
CA MET E 218 25.28 -1.65 -9.96
C MET E 218 25.71 -1.90 -8.49
N LEU E 219 24.81 -1.68 -7.54
CA LEU E 219 25.04 -1.90 -6.10
C LEU E 219 23.66 -1.83 -5.42
N ASP E 220 23.48 -2.49 -4.29
CA ASP E 220 22.23 -2.33 -3.54
C ASP E 220 22.51 -2.22 -2.04
N GLY E 221 21.56 -1.64 -1.32
CA GLY E 221 21.75 -1.38 0.09
C GLY E 221 22.17 -2.58 0.93
N PRO E 222 21.48 -3.71 0.78
CA PRO E 222 21.92 -4.88 1.56
C PRO E 222 23.38 -5.23 1.29
N THR E 223 23.78 -5.38 0.04
CA THR E 223 25.20 -5.61 -0.25
C THR E 223 26.07 -4.47 0.30
N ALA E 224 25.65 -3.23 0.06
CA ALA E 224 26.44 -2.08 0.47
C ALA E 224 26.57 -1.95 1.97
N SER E 225 25.69 -2.56 2.75
CA SER E 225 25.80 -2.42 4.20
C SER E 225 26.78 -3.46 4.76
N VAL E 226 26.76 -4.62 4.13
CA VAL E 226 27.79 -5.63 4.35
C VAL E 226 29.16 -5.05 4.01
N VAL E 227 29.25 -4.27 2.93
CA VAL E 227 30.54 -3.72 2.52
C VAL E 227 30.96 -2.66 3.52
N CYS E 228 29.97 -2.04 4.15
CA CYS E 228 30.24 -1.01 5.16
C CYS E 228 31.00 -1.63 6.35
N GLY E 229 30.47 -2.74 6.86
CA GLY E 229 31.14 -3.46 7.93
C GLY E 229 32.57 -3.82 7.58
N LEU E 230 32.84 -4.02 6.30
CA LEU E 230 34.19 -4.35 5.88
C LEU E 230 35.07 -3.10 6.06
N VAL E 231 34.57 -1.96 5.60
CA VAL E 231 35.35 -0.73 5.73
C VAL E 231 35.58 -0.40 7.20
N ILE E 232 34.56 -0.64 8.01
CA ILE E 232 34.69 -0.56 9.48
C ILE E 232 35.78 -1.50 10.05
N LEU E 233 35.68 -2.80 9.80
CA LEU E 233 36.69 -3.73 10.26
C LEU E 233 38.07 -3.31 9.76
N ALA E 234 38.09 -2.87 8.51
CA ALA E 234 39.30 -2.33 7.96
C ALA E 234 39.76 -1.10 8.74
N ASP E 235 38.83 -0.22 9.14
CA ASP E 235 39.24 1.00 9.87
C ASP E 235 39.84 0.68 11.21
N TRP E 236 39.27 -0.31 11.87
CA TRP E 236 39.70 -0.67 13.21
C TRP E 236 41.06 -1.36 13.22
N LEU E 237 41.35 -2.12 12.18
CA LEU E 237 42.50 -2.98 12.28
C LEU E 237 43.75 -2.11 12.24
N VAL E 238 43.73 -1.11 11.37
CA VAL E 238 44.90 -0.28 11.17
C VAL E 238 44.92 0.92 12.11
N SER E 239 43.95 0.98 13.03
CA SER E 239 43.89 2.08 14.00
C SER E 239 44.48 1.72 15.36
N GLN E 240 44.79 0.43 15.51
CA GLN E 240 45.49 -0.07 16.66
C GLN E 240 46.78 0.69 16.87
N GLU E 241 46.98 1.15 18.10
CA GLU E 241 48.08 2.03 18.42
C GLU E 241 49.42 1.37 18.14
N ASP E 242 49.51 0.07 18.36
CA ASP E 242 50.76 -0.62 18.09
C ASP E 242 51.11 -0.58 16.60
N PHE E 243 50.19 -0.99 15.73
CA PHE E 243 50.38 -0.86 14.30
C PHE E 243 50.85 0.54 13.92
N LEU E 244 49.97 1.51 14.15
CA LEU E 244 50.22 2.92 13.92
C LEU E 244 51.63 3.36 14.26
N LEU E 245 52.12 2.93 15.41
CA LEU E 245 53.43 3.32 15.90
C LEU E 245 54.52 2.76 15.00
N GLU E 246 54.33 1.52 14.53
CA GLU E 246 55.27 0.96 13.57
C GLU E 246 55.36 1.87 12.35
N ARG E 247 54.23 2.26 11.80
CA ARG E 247 54.24 3.02 10.55
C ARG E 247 54.67 4.44 10.79
N LEU E 248 54.76 4.82 12.05
CA LEU E 248 54.98 6.21 12.42
C LEU E 248 56.47 6.53 12.34
N THR E 249 57.27 5.47 12.28
CA THR E 249 58.74 5.63 12.25
C THR E 249 59.21 5.85 10.82
N SER E 250 58.31 5.63 9.88
CA SER E 250 58.66 5.54 8.49
C SER E 250 57.68 6.25 7.62
N LEU E 251 57.41 7.52 7.88
CA LEU E 251 56.44 8.25 7.07
C LEU E 251 57.03 8.56 5.71
N PRO E 252 56.20 8.54 4.67
CA PRO E 252 56.70 8.93 3.34
C PRO E 252 57.44 10.26 3.37
N ALA E 253 58.41 10.39 2.45
CA ALA E 253 59.21 11.58 2.29
C ALA E 253 58.34 12.75 1.81
N ASP E 254 57.31 12.41 1.03
CA ASP E 254 56.39 13.40 0.45
C ASP E 254 55.18 12.74 -0.25
N GLY E 255 54.28 13.58 -0.75
CA GLY E 255 53.11 13.10 -1.47
C GLY E 255 53.44 12.66 -2.89
N SER E 256 54.73 12.55 -3.17
CA SER E 256 55.20 12.01 -4.43
C SER E 256 54.77 10.57 -4.57
N ALA E 257 54.04 10.27 -5.65
CA ALA E 257 53.34 8.99 -5.78
C ALA E 257 54.19 7.78 -5.41
N SER E 258 55.43 7.74 -5.89
CA SER E 258 56.27 6.56 -5.67
C SER E 258 56.52 6.28 -4.19
N ALA E 259 56.51 7.36 -3.40
CA ALA E 259 56.69 7.25 -1.96
C ALA E 259 55.42 6.75 -1.31
N LEU E 260 54.28 7.29 -1.76
CA LEU E 260 52.96 6.85 -1.33
C LEU E 260 52.69 5.39 -1.76
N ARG E 261 53.04 5.07 -3.00
CA ARG E 261 52.99 3.69 -3.48
C ARG E 261 53.79 2.75 -2.55
N ALA E 262 54.88 3.26 -1.98
CA ALA E 262 55.71 2.48 -1.06
C ALA E 262 55.02 2.28 0.30
N HIS E 263 54.34 3.32 0.78
CA HIS E 263 53.63 3.24 2.04
C HIS E 263 52.62 2.12 1.94
N PHE E 264 51.77 2.21 0.91
CA PHE E 264 50.66 1.29 0.72
C PHE E 264 51.13 -0.15 0.72
N GLU E 265 52.26 -0.39 0.08
CA GLU E 265 52.69 -1.75 -0.13
C GLU E 265 53.34 -2.36 1.10
N THR E 266 53.99 -1.55 1.95
CA THR E 266 54.52 -2.12 3.18
C THR E 266 53.41 -2.34 4.21
N SER E 267 52.45 -1.42 4.25
CA SER E 267 51.25 -1.63 5.05
C SER E 267 50.67 -2.98 4.66
N LEU E 268 50.50 -3.18 3.35
CA LEU E 268 49.91 -4.40 2.80
C LEU E 268 50.54 -5.66 3.40
N ARG E 269 51.85 -5.63 3.60
CA ARG E 269 52.55 -6.80 4.07
C ARG E 269 52.32 -6.99 5.56
N ARG E 270 51.90 -5.93 6.25
CA ARG E 270 51.78 -5.98 7.71
C ARG E 270 50.39 -6.42 8.20
N ILE E 271 49.39 -6.27 7.35
CA ILE E 271 48.04 -6.57 7.79
C ILE E 271 47.83 -8.03 8.17
N PRO E 272 48.28 -8.98 7.35
CA PRO E 272 48.02 -10.38 7.75
C PRO E 272 48.48 -10.75 9.18
N SER E 273 49.47 -10.05 9.73
CA SER E 273 49.87 -10.29 11.12
C SER E 273 48.88 -9.62 12.05
N LEU E 274 48.20 -8.58 11.59
CA LEU E 274 47.07 -8.01 12.34
C LEU E 274 45.96 -9.06 12.40
N LEU E 275 45.65 -9.68 11.26
CA LEU E 275 44.63 -10.74 11.22
C LEU E 275 44.97 -11.93 12.10
N ASP E 276 46.22 -12.39 12.01
CA ASP E 276 46.72 -13.46 12.85
C ASP E 276 46.57 -13.08 14.32
N ALA E 277 47.05 -11.88 14.66
CA ALA E 277 47.01 -11.37 16.02
C ALA E 277 45.60 -11.37 16.60
N ALA E 278 44.63 -10.89 15.81
CA ALA E 278 43.27 -10.73 16.31
C ALA E 278 42.45 -12.02 16.21
N GLY E 279 43.07 -13.10 15.77
CA GLY E 279 42.41 -14.39 15.75
C GLY E 279 41.25 -14.53 14.77
N LEU E 280 41.46 -14.02 13.56
CA LEU E 280 40.43 -13.91 12.56
C LEU E 280 40.57 -14.86 11.38
N ARG E 281 41.66 -15.62 11.33
CA ARG E 281 41.82 -16.59 10.23
C ARG E 281 40.71 -17.65 10.28
N PRO E 282 40.17 -18.00 9.11
CA PRO E 282 39.07 -18.93 8.91
C PRO E 282 39.26 -20.25 9.62
N ILE E 283 38.17 -20.94 9.93
CA ILE E 283 38.27 -22.32 10.37
C ILE E 283 37.68 -23.20 9.26
N THR E 284 38.52 -23.98 8.59
CA THR E 284 37.98 -24.79 7.51
C THR E 284 37.97 -26.28 7.83
N VAL E 285 36.92 -26.95 7.41
CA VAL E 285 36.74 -28.32 7.80
C VAL E 285 36.46 -29.15 6.54
N PRO E 286 37.23 -30.23 6.36
CA PRO E 286 37.27 -30.95 5.08
C PRO E 286 36.02 -31.75 4.94
N PRO E 287 35.49 -31.89 3.71
CA PRO E 287 34.19 -32.51 3.44
C PRO E 287 34.18 -33.94 3.97
N ALA E 288 33.06 -34.38 4.56
CA ALA E 288 33.02 -35.69 5.23
C ALA E 288 31.61 -36.31 5.23
N THR E 289 31.51 -37.62 5.45
CA THR E 289 30.19 -38.21 5.56
C THR E 289 29.81 -38.10 7.02
N PHE E 290 28.54 -38.37 7.35
CA PHE E 290 28.11 -38.27 8.73
C PHE E 290 28.91 -39.17 9.65
N THR E 291 29.26 -40.35 9.16
CA THR E 291 30.03 -41.27 9.96
C THR E 291 31.48 -40.80 10.12
N GLU E 292 32.09 -40.32 9.03
CA GLU E 292 33.44 -39.76 9.07
C GLU E 292 33.57 -38.63 10.07
N SER E 293 32.49 -37.87 10.24
CA SER E 293 32.49 -36.64 11.00
C SER E 293 32.25 -36.84 12.49
N PHE E 294 31.71 -38.00 12.85
CA PHE E 294 31.53 -38.37 14.25
C PHE E 294 31.91 -39.85 14.44
N PRO E 295 33.20 -40.14 14.57
CA PRO E 295 33.63 -41.54 14.69
C PRO E 295 33.14 -42.15 15.99
N HIS E 296 33.46 -41.51 17.10
CA HIS E 296 33.10 -41.94 18.45
C HIS E 296 31.61 -42.25 18.57
N LEU E 297 30.80 -41.60 17.74
CA LEU E 297 29.38 -41.89 17.72
C LEU E 297 29.16 -43.07 16.80
N SER E 298 28.62 -44.14 17.34
CA SER E 298 28.28 -45.30 16.54
C SER E 298 26.77 -45.55 16.53
N LYS E 299 26.29 -46.01 15.37
CA LYS E 299 24.88 -46.11 15.06
C LYS E 299 24.15 -44.76 15.01
N PRO E 300 24.45 -43.95 13.98
CA PRO E 300 23.65 -42.78 13.60
C PRO E 300 22.15 -43.08 13.64
N ASN E 301 21.42 -42.49 14.58
CA ASN E 301 19.99 -42.75 14.73
C ASN E 301 19.13 -42.33 13.52
N GLY E 302 17.82 -42.55 13.66
CA GLY E 302 16.90 -42.46 12.52
C GLY E 302 16.88 -41.15 11.77
N LEU E 303 16.86 -40.08 12.57
CA LEU E 303 16.95 -38.73 12.06
C LEU E 303 18.23 -38.56 11.23
N GLN E 304 19.38 -38.69 11.87
CA GLN E 304 20.67 -38.47 11.21
C GLN E 304 20.89 -39.29 9.95
N ALA E 305 20.41 -40.53 9.98
CA ALA E 305 20.51 -41.43 8.83
C ALA E 305 19.77 -40.75 7.69
N SER E 306 18.49 -40.49 7.92
CA SER E 306 17.63 -39.83 6.94
C SER E 306 18.25 -38.55 6.44
N LEU E 307 18.82 -37.78 7.36
CA LEU E 307 19.31 -36.45 7.05
C LEU E 307 20.54 -36.50 6.18
N ALA E 308 21.53 -37.29 6.61
CA ALA E 308 22.76 -37.44 5.85
C ALA E 308 22.49 -38.05 4.47
N LYS E 309 21.39 -38.81 4.35
CA LYS E 309 21.01 -39.56 3.14
C LYS E 309 20.36 -38.76 2.01
N HIS E 310 19.34 -37.97 2.33
CA HIS E 310 18.59 -37.25 1.30
C HIS E 310 19.11 -35.83 1.01
N LEU E 311 19.92 -35.31 1.92
CA LEU E 311 20.21 -33.87 1.96
C LEU E 311 21.31 -33.31 1.08
N PRO E 312 22.39 -34.07 0.85
CA PRO E 312 23.47 -33.44 0.08
C PRO E 312 23.06 -33.08 -1.35
N CYS E 313 22.07 -33.80 -1.88
CA CYS E 313 21.68 -33.63 -3.26
C CYS E 313 20.70 -32.48 -3.40
N LEU E 314 19.89 -32.26 -2.37
CA LEU E 314 19.07 -31.05 -2.31
C LEU E 314 19.96 -29.80 -2.06
N CYS E 315 21.05 -29.99 -1.32
CA CYS E 315 21.89 -28.90 -0.81
C CYS E 315 22.85 -28.29 -1.83
N THR E 316 22.34 -27.82 -2.94
CA THR E 316 23.21 -27.35 -3.99
C THR E 316 23.46 -25.83 -3.97
N GLY E 317 23.43 -25.23 -2.77
CA GLY E 317 23.46 -23.77 -2.64
C GLY E 317 22.56 -23.26 -1.52
N PRO E 318 22.45 -21.92 -1.37
CA PRO E 318 21.88 -21.35 -0.15
C PRO E 318 20.39 -21.71 0.02
N GLY E 319 20.03 -22.07 1.23
CA GLY E 319 18.70 -22.52 1.57
C GLY E 319 18.62 -22.76 3.07
N LEU E 320 17.41 -22.96 3.56
CA LEU E 320 17.16 -23.07 4.97
C LEU E 320 16.65 -24.46 5.25
N VAL E 321 17.24 -25.16 6.22
CA VAL E 321 16.70 -26.44 6.65
C VAL E 321 16.10 -26.32 8.05
N LEU E 322 14.82 -26.64 8.18
CA LEU E 322 14.17 -26.64 9.50
C LEU E 322 14.11 -28.07 9.98
N ILE E 323 14.59 -28.33 11.19
CA ILE E 323 14.47 -29.68 11.75
C ILE E 323 13.63 -29.67 13.02
N THR E 324 12.59 -30.49 13.07
CA THR E 324 11.87 -30.61 14.32
C THR E 324 11.86 -32.06 14.79
N ALA E 325 12.62 -32.34 15.84
CA ALA E 325 12.62 -33.62 16.50
C ALA E 325 12.35 -33.34 17.98
N PRO E 326 12.26 -34.41 18.82
CA PRO E 326 12.18 -34.33 20.28
C PRO E 326 13.51 -34.23 20.98
N MET E 327 13.48 -33.98 22.29
CA MET E 327 14.71 -33.92 23.09
C MET E 327 15.46 -35.23 23.02
N GLY E 328 16.75 -35.15 22.76
CA GLY E 328 17.61 -36.31 22.90
C GLY E 328 17.62 -37.21 21.69
N GLU E 329 17.33 -36.65 20.53
CA GLU E 329 17.43 -37.40 19.29
C GLU E 329 18.62 -36.95 18.45
N GLY E 330 19.69 -36.53 19.13
CA GLY E 330 20.93 -36.17 18.46
C GLY E 330 20.81 -35.03 17.47
N LYS E 331 19.86 -34.13 17.71
CA LYS E 331 19.72 -32.96 16.86
C LYS E 331 21.02 -32.14 16.70
N THR E 332 21.83 -32.04 17.75
CA THR E 332 23.04 -31.23 17.70
C THR E 332 24.05 -31.72 16.65
N GLU E 333 24.21 -33.02 16.53
CA GLU E 333 25.19 -33.55 15.61
C GLU E 333 24.59 -33.52 14.23
N ALA E 334 23.28 -33.75 14.17
CA ALA E 334 22.55 -33.69 12.92
C ALA E 334 22.86 -32.34 12.29
N ALA E 335 22.74 -31.32 13.14
CA ALA E 335 22.85 -29.94 12.74
C ALA E 335 24.25 -29.61 12.33
N TYR E 336 25.25 -30.18 13.01
CA TYR E 336 26.64 -29.89 12.63
C TYR E 336 26.89 -30.37 11.21
N HIS E 337 26.15 -31.39 10.81
CA HIS E 337 26.39 -32.03 9.54
C HIS E 337 25.74 -31.30 8.36
N VAL E 338 24.44 -31.05 8.49
CA VAL E 338 23.71 -30.16 7.59
C VAL E 338 24.45 -28.84 7.42
N ALA E 339 25.03 -28.37 8.52
CA ALA E 339 25.72 -27.09 8.52
C ALA E 339 26.94 -27.14 7.62
N ASP E 340 27.56 -28.32 7.59
CA ASP E 340 28.74 -28.53 6.79
C ASP E 340 28.39 -28.72 5.33
N LEU E 341 27.26 -29.33 5.04
CA LEU E 341 26.80 -29.41 3.66
C LEU E 341 26.44 -28.10 3.00
N LEU E 342 25.65 -27.28 3.67
CA LEU E 342 25.24 -26.00 3.14
C LEU E 342 26.50 -25.23 3.05
N GLY E 343 27.32 -25.48 4.02
CA GLY E 343 28.59 -24.77 4.13
C GLY E 343 29.43 -24.82 2.86
N LYS E 344 29.76 -26.04 2.42
CA LYS E 344 30.51 -26.24 1.19
C LYS E 344 29.77 -25.63 0.02
N ALA E 345 28.47 -25.93 -0.03
CA ALA E 345 27.57 -25.44 -1.05
C ALA E 345 27.64 -23.94 -1.25
N THR E 346 27.96 -23.18 -0.20
CA THR E 346 27.87 -21.73 -0.28
C THR E 346 29.20 -21.05 -0.01
N GLY E 347 30.26 -21.84 0.09
CA GLY E 347 31.56 -21.24 0.27
C GLY E 347 31.65 -20.51 1.59
N ARG E 348 30.92 -21.02 2.58
CA ARG E 348 30.79 -20.34 3.87
C ARG E 348 31.25 -21.19 5.04
N PRO E 349 32.57 -21.25 5.23
CA PRO E 349 33.24 -21.98 6.31
C PRO E 349 32.86 -21.47 7.68
N GLY E 350 32.34 -20.25 7.76
CA GLY E 350 32.07 -19.61 9.04
C GLY E 350 30.93 -20.30 9.75
N ARG E 351 30.82 -20.06 11.06
CA ARG E 351 29.75 -20.68 11.84
C ARG E 351 29.27 -19.72 12.88
N PHE E 352 28.01 -19.86 13.27
CA PHE E 352 27.46 -19.18 14.43
C PHE E 352 26.24 -19.95 14.90
N LEU E 353 26.35 -20.55 16.09
CA LEU E 353 25.23 -21.31 16.67
C LEU E 353 24.54 -20.40 17.66
N ALA E 354 23.22 -20.25 17.55
CA ALA E 354 22.49 -19.38 18.47
C ALA E 354 21.71 -20.23 19.44
N LEU E 355 22.03 -20.12 20.72
CA LEU E 355 21.23 -20.82 21.72
C LEU E 355 20.27 -19.91 22.56
N PRO E 356 19.36 -20.53 23.32
CA PRO E 356 18.37 -19.61 23.88
C PRO E 356 18.74 -19.04 25.22
N THR E 357 19.82 -19.55 25.85
CA THR E 357 20.29 -19.05 27.15
C THR E 357 21.82 -19.06 27.22
N MET E 358 22.41 -18.29 28.15
CA MET E 358 23.87 -18.23 28.31
C MET E 358 24.41 -19.57 28.74
N ALA E 359 23.61 -20.30 29.51
CA ALA E 359 24.01 -21.62 29.98
C ALA E 359 24.22 -22.56 28.80
N THR E 360 23.15 -22.78 28.04
CA THR E 360 23.20 -23.60 26.86
C THR E 360 24.22 -23.06 25.84
N ALA E 361 24.37 -21.75 25.76
CA ALA E 361 25.42 -21.19 24.93
C ALA E 361 26.78 -21.67 25.41
N ASP E 362 26.91 -21.83 26.72
CA ASP E 362 28.18 -22.28 27.26
C ASP E 362 28.46 -23.77 26.93
N GLN E 363 27.43 -24.60 27.04
CA GLN E 363 27.56 -26.03 26.78
C GLN E 363 27.95 -26.26 25.34
N MET E 364 27.19 -25.64 24.44
CA MET E 364 27.41 -25.79 23.00
C MET E 364 28.82 -25.40 22.60
N HIS E 365 29.35 -24.37 23.23
CA HIS E 365 30.68 -23.88 22.92
C HIS E 365 31.71 -24.99 23.11
N THR E 366 31.60 -25.68 24.25
CA THR E 366 32.50 -26.77 24.65
C THR E 366 32.56 -27.88 23.60
N ARG E 367 31.35 -28.25 23.21
CA ARG E 367 31.05 -29.33 22.31
C ARG E 367 31.41 -28.95 20.86
N LEU E 368 31.12 -27.71 20.48
CA LEU E 368 31.47 -27.23 19.14
C LEU E 368 32.97 -27.09 19.03
N LYS E 369 33.59 -26.79 20.15
CA LYS E 369 35.04 -26.73 20.20
C LYS E 369 35.59 -28.13 19.93
N GLU E 370 35.22 -29.14 20.73
CA GLU E 370 35.84 -30.47 20.60
C GLU E 370 35.61 -31.06 19.22
N TYR E 371 34.48 -30.72 18.61
CA TYR E 371 34.24 -31.02 17.21
C TYR E 371 35.33 -30.43 16.33
N ALA E 372 35.49 -29.12 16.38
CA ALA E 372 36.52 -28.43 15.62
C ALA E 372 37.89 -29.04 15.85
N ARG E 373 38.08 -29.59 17.05
CA ARG E 373 39.35 -30.17 17.43
C ARG E 373 39.71 -31.42 16.65
N TYR E 374 38.74 -32.30 16.46
CA TYR E 374 39.04 -33.50 15.71
C TYR E 374 38.52 -33.42 14.30
N ARG E 375 38.20 -32.21 13.85
CA ARG E 375 37.63 -32.09 12.51
C ARG E 375 38.57 -31.30 11.62
N VAL E 376 39.17 -30.27 12.19
CA VAL E 376 40.01 -29.38 11.42
C VAL E 376 41.21 -30.18 10.92
N GLU E 377 41.76 -29.82 9.75
CA GLU E 377 42.95 -30.51 9.26
C GLU E 377 44.14 -29.99 10.03
N ASN E 378 45.04 -30.86 10.46
CA ASN E 378 46.10 -30.47 11.41
C ASN E 378 47.00 -29.28 10.99
N THR E 379 47.26 -28.40 11.96
CA THR E 379 48.05 -27.19 11.78
C THR E 379 47.64 -26.36 10.56
N SER E 384 45.85 -19.64 15.00
CA SER E 384 45.22 -18.38 15.45
C SER E 384 43.90 -18.08 14.74
N SER E 385 42.87 -18.87 15.10
CA SER E 385 41.50 -18.72 14.62
C SER E 385 40.65 -18.91 15.84
N THR E 386 40.19 -17.84 16.48
CA THR E 386 39.44 -18.09 17.72
C THR E 386 37.99 -18.52 17.51
N LEU E 387 37.56 -19.46 18.33
CA LEU E 387 36.17 -19.84 18.32
C LEU E 387 35.55 -19.16 19.53
N ALA E 388 34.95 -18.00 19.27
CA ALA E 388 34.37 -17.13 20.27
C ALA E 388 33.10 -17.67 20.92
N LEU E 389 32.91 -17.25 22.17
CA LEU E 389 31.72 -17.48 22.99
C LEU E 389 31.05 -16.14 23.23
N LEU E 390 29.82 -15.99 22.78
CA LEU E 390 29.23 -14.65 22.61
C LEU E 390 28.00 -14.34 23.50
N HIS E 391 28.26 -13.83 24.71
CA HIS E 391 27.21 -13.28 25.58
C HIS E 391 27.76 -12.45 26.73
N SER E 392 26.86 -11.81 27.48
CA SER E 392 27.27 -10.81 28.47
C SER E 392 28.04 -11.34 29.72
N MET E 393 28.04 -12.64 29.95
CA MET E 393 28.78 -13.21 31.06
C MET E 393 30.04 -13.93 30.57
N ALA E 394 30.40 -13.71 29.30
CA ALA E 394 31.54 -14.41 28.74
C ALA E 394 32.84 -13.93 29.38
N TRP E 395 32.93 -12.66 29.70
CA TRP E 395 34.13 -12.13 30.31
C TRP E 395 34.41 -12.83 31.63
N LEU E 396 33.38 -12.95 32.47
CA LEU E 396 33.56 -13.54 33.78
C LEU E 396 33.45 -15.05 33.67
N ASN E 397 33.93 -15.58 32.56
CA ASN E 397 34.10 -17.01 32.36
C ASN E 397 35.58 -17.34 32.42
N PRO E 398 35.98 -18.09 33.44
CA PRO E 398 37.39 -18.40 33.69
C PRO E 398 37.97 -19.37 32.65
N ASP E 399 37.09 -20.16 32.04
CA ASP E 399 37.50 -21.19 31.10
C ASP E 399 37.55 -20.66 29.66
N TYR E 400 37.31 -19.37 29.50
CA TYR E 400 37.22 -18.76 28.18
C TYR E 400 38.05 -17.49 28.04
N ALA E 401 37.93 -16.58 28.99
CA ALA E 401 38.55 -15.27 28.85
C ALA E 401 40.05 -15.27 29.19
N PRO E 402 40.88 -14.60 28.36
CA PRO E 402 42.33 -14.77 28.45
C PRO E 402 42.93 -14.26 29.77
N ALA E 403 44.21 -14.51 30.02
CA ALA E 403 44.86 -14.10 31.28
C ALA E 403 44.80 -12.59 31.51
N ASP E 419 47.03 -23.05 22.56
CA ASP E 419 45.78 -23.58 22.02
C ASP E 419 45.19 -22.69 20.93
N PRO E 420 44.77 -23.28 19.80
CA PRO E 420 44.01 -22.50 18.82
C PRO E 420 42.54 -22.49 19.26
N PHE E 421 41.70 -21.67 18.64
CA PHE E 421 40.32 -21.51 19.09
C PHE E 421 40.28 -20.85 20.48
N ALA E 422 41.44 -20.41 20.94
CA ALA E 422 41.56 -19.71 22.20
C ALA E 422 41.13 -18.29 21.97
N ALA E 423 40.32 -17.74 22.86
CA ALA E 423 39.94 -16.34 22.71
C ALA E 423 41.18 -15.45 22.67
N THR E 424 41.21 -14.56 21.69
CA THR E 424 42.21 -13.51 21.65
C THR E 424 41.70 -12.26 22.36
N ASP E 425 42.61 -11.37 22.72
CA ASP E 425 42.20 -10.09 23.30
C ASP E 425 41.27 -9.30 22.37
N TRP E 426 41.70 -9.11 21.13
CA TRP E 426 40.95 -8.30 20.17
C TRP E 426 39.48 -8.64 20.08
N LEU E 427 39.16 -9.93 20.05
CA LEU E 427 37.78 -10.41 19.94
C LEU E 427 36.96 -10.16 21.18
N MET E 428 37.65 -9.99 22.30
CA MET E 428 37.02 -9.68 23.57
C MET E 428 36.30 -8.35 23.58
N GLY E 429 36.80 -7.41 22.80
CA GLY E 429 36.31 -6.05 22.84
C GLY E 429 34.87 -5.98 22.37
N ARG E 430 34.22 -4.88 22.68
CA ARG E 430 32.79 -4.78 22.46
C ARG E 430 32.39 -4.68 21.01
N LYS E 431 31.43 -5.50 20.65
CA LYS E 431 30.88 -5.60 19.30
C LYS E 431 31.79 -6.12 18.20
N ARG E 432 32.67 -7.07 18.51
CA ARG E 432 33.44 -7.72 17.45
C ARG E 432 33.23 -9.24 17.42
N GLY E 433 32.42 -9.73 18.34
CA GLY E 433 32.30 -11.16 18.52
C GLY E 433 31.79 -11.90 17.31
N LEU E 434 30.83 -11.32 16.59
CA LEU E 434 30.32 -11.94 15.37
C LEU E 434 31.32 -11.91 14.23
N LEU E 435 32.50 -11.34 14.48
CA LEU E 435 33.59 -11.28 13.52
C LEU E 435 34.52 -12.49 13.62
N ALA E 436 34.34 -13.26 14.68
CA ALA E 436 35.19 -14.40 14.88
C ALA E 436 34.64 -15.47 13.94
N PRO E 437 35.55 -16.29 13.38
CA PRO E 437 35.25 -17.31 12.37
C PRO E 437 34.15 -18.29 12.78
N TRP E 438 34.32 -18.96 13.91
CA TRP E 438 33.19 -19.70 14.46
C TRP E 438 32.82 -18.99 15.72
N ALA E 439 31.58 -19.16 16.15
CA ALA E 439 31.11 -18.39 17.28
C ALA E 439 29.92 -19.09 17.77
N VAL E 440 29.78 -19.24 19.09
CA VAL E 440 28.52 -19.72 19.64
C VAL E 440 28.08 -18.76 20.75
N GLY E 441 26.77 -18.54 20.86
CA GLY E 441 26.27 -17.52 21.74
C GLY E 441 24.76 -17.47 21.76
N THR E 442 24.20 -16.47 22.44
CA THR E 442 22.75 -16.37 22.56
C THR E 442 22.13 -15.85 21.27
N ILE E 443 20.86 -16.21 21.06
CA ILE E 443 20.15 -15.81 19.85
C ILE E 443 20.08 -14.28 19.77
N ASP E 444 20.16 -13.63 20.92
CA ASP E 444 20.04 -12.20 21.02
C ASP E 444 21.15 -11.54 20.25
N GLN E 445 22.34 -12.12 20.39
CA GLN E 445 23.54 -11.60 19.74
C GLN E 445 23.41 -11.47 18.23
N ALA E 446 22.68 -12.39 17.61
CA ALA E 446 22.44 -12.37 16.16
C ALA E 446 21.38 -11.34 15.86
N LEU E 447 20.31 -11.34 16.66
CA LEU E 447 19.21 -10.39 16.56
C LEU E 447 19.68 -8.96 16.72
N MET E 448 20.81 -8.76 17.40
CA MET E 448 21.31 -7.40 17.54
C MET E 448 21.73 -6.86 16.18
N ALA E 449 21.67 -7.69 15.15
CA ALA E 449 22.01 -7.25 13.79
C ALA E 449 20.86 -6.56 13.06
N VAL E 450 19.62 -6.79 13.48
CA VAL E 450 18.48 -6.17 12.79
C VAL E 450 17.74 -5.11 13.61
N LEU E 451 18.38 -4.64 14.67
CA LEU E 451 17.85 -3.56 15.49
C LEU E 451 18.39 -2.20 14.99
N ARG E 452 17.57 -1.15 15.02
CA ARG E 452 18.08 0.17 14.66
C ARG E 452 18.98 0.57 15.79
N ALA E 453 20.27 0.34 15.60
CA ALA E 453 21.25 0.41 16.67
C ALA E 453 22.53 0.75 15.97
N LYS E 454 23.52 1.25 16.69
CA LYS E 454 24.77 1.59 16.02
C LYS E 454 25.52 0.32 15.68
N HIS E 455 26.27 0.38 14.59
CA HIS E 455 27.13 -0.72 14.17
C HIS E 455 26.41 -2.01 13.80
N ASN E 456 25.11 -1.95 13.64
CA ASN E 456 24.42 -3.12 13.14
C ASN E 456 25.05 -3.58 11.82
N ALA E 457 25.60 -2.65 11.04
CA ALA E 457 26.24 -3.05 9.78
C ALA E 457 27.43 -4.00 9.98
N LEU E 458 28.21 -3.81 11.04
CA LEU E 458 29.28 -4.73 11.44
C LEU E 458 28.68 -6.08 11.79
N ARG E 459 27.69 -6.06 12.70
CA ARG E 459 27.05 -7.30 13.11
C ARG E 459 26.54 -8.05 11.88
N LEU E 460 26.12 -7.31 10.86
CA LEU E 460 25.60 -7.94 9.64
C LEU E 460 26.73 -8.62 8.88
N PHE E 461 27.76 -7.85 8.55
CA PHE E 461 29.00 -8.34 7.95
C PHE E 461 29.53 -9.64 8.56
N GLY E 462 29.55 -9.67 9.88
CA GLY E 462 30.03 -10.84 10.58
C GLY E 462 29.23 -12.07 10.22
N LEU E 463 27.91 -11.93 10.26
CA LEU E 463 27.02 -13.04 9.98
C LEU E 463 27.24 -13.54 8.56
N ALA E 464 27.40 -12.60 7.64
CA ALA E 464 27.29 -12.80 6.19
C ALA E 464 28.08 -13.95 5.56
N GLY E 465 29.32 -14.15 5.99
CA GLY E 465 30.12 -15.25 5.48
C GLY E 465 29.99 -16.54 6.29
N LYS E 466 29.05 -16.60 7.21
CA LYS E 466 28.83 -17.80 7.99
C LYS E 466 27.60 -18.58 7.55
N VAL E 467 27.49 -19.79 8.07
CA VAL E 467 26.21 -20.48 8.07
C VAL E 467 25.60 -20.24 9.44
N VAL E 468 24.37 -19.75 9.55
CA VAL E 468 23.88 -19.57 10.92
C VAL E 468 22.96 -20.69 11.36
N VAL E 469 23.25 -21.21 12.54
CA VAL E 469 22.43 -22.25 13.13
C VAL E 469 21.68 -21.70 14.35
N VAL E 470 20.35 -21.73 14.32
CA VAL E 470 19.66 -21.31 15.53
C VAL E 470 18.94 -22.47 16.16
N ASP E 471 19.26 -22.72 17.43
CA ASP E 471 18.74 -23.85 18.20
C ASP E 471 17.49 -23.49 19.03
N GLU E 472 16.68 -24.50 19.27
CA GLU E 472 15.45 -24.36 20.04
C GLU E 472 14.58 -23.23 19.51
N ALA E 473 14.20 -23.29 18.23
CA ALA E 473 13.34 -22.26 17.61
C ALA E 473 12.07 -22.05 18.41
N HIS E 474 11.60 -23.17 18.97
CA HIS E 474 10.34 -23.27 19.66
C HIS E 474 10.22 -22.36 20.88
N ALA E 475 11.31 -21.76 21.31
CA ALA E 475 11.24 -20.87 22.48
C ALA E 475 11.34 -19.38 22.16
N VAL E 476 10.98 -18.98 20.94
CA VAL E 476 11.01 -17.55 20.64
C VAL E 476 9.61 -16.96 20.82
N ASP E 477 9.45 -15.98 21.71
CA ASP E 477 8.13 -15.37 21.91
C ASP E 477 7.79 -14.52 20.69
N PRO E 478 6.56 -13.97 20.60
CA PRO E 478 6.22 -13.21 19.39
C PRO E 478 7.10 -11.98 19.09
N TYR E 479 7.55 -11.29 20.14
CA TYR E 479 8.50 -10.21 19.95
C TYR E 479 9.73 -10.74 19.30
N MET E 480 10.38 -11.70 19.94
CA MET E 480 11.63 -12.27 19.46
C MET E 480 11.49 -12.80 18.05
N GLN E 481 10.33 -13.39 17.83
CA GLN E 481 10.02 -14.00 16.56
C GLN E 481 9.86 -12.98 15.42
N VAL E 482 9.31 -11.80 15.71
CA VAL E 482 9.24 -10.75 14.68
C VAL E 482 10.65 -10.36 14.27
N LEU E 483 11.54 -10.34 15.25
CA LEU E 483 12.95 -10.06 15.04
C LEU E 483 13.62 -11.15 14.24
N LEU E 484 13.44 -12.39 14.69
CA LEU E 484 14.08 -13.53 14.06
C LEU E 484 13.74 -13.48 12.58
N GLU E 485 12.50 -13.10 12.29
CA GLU E 485 12.05 -13.07 10.91
C GLU E 485 12.82 -12.04 10.08
N GLN E 486 13.07 -10.87 10.67
CA GLN E 486 13.78 -9.84 9.94
C GLN E 486 15.24 -10.17 9.81
N LEU E 487 15.74 -11.04 10.68
CA LEU E 487 17.10 -11.55 10.52
C LEU E 487 17.09 -12.45 9.30
N LEU E 488 16.20 -13.44 9.34
CA LEU E 488 16.14 -14.46 8.31
C LEU E 488 15.97 -13.86 6.93
N ARG E 489 15.26 -12.74 6.90
CA ARG E 489 14.97 -12.05 5.66
C ARG E 489 16.24 -11.43 5.12
N TRP E 490 17.02 -10.84 6.02
CA TRP E 490 18.25 -10.19 5.61
C TRP E 490 19.31 -11.24 5.24
N LEU E 491 19.41 -12.25 6.09
CA LEU E 491 20.27 -13.39 5.82
C LEU E 491 19.99 -13.95 4.43
N GLY E 492 18.71 -14.14 4.13
CA GLY E 492 18.31 -14.66 2.85
C GLY E 492 18.76 -13.86 1.64
N THR E 493 18.69 -12.54 1.72
CA THR E 493 19.12 -11.77 0.55
C THR E 493 20.63 -11.76 0.47
N LEU E 494 21.28 -12.10 1.57
CA LEU E 494 22.73 -12.16 1.60
C LEU E 494 23.30 -13.53 1.24
N ASP E 495 22.42 -14.47 0.88
CA ASP E 495 22.86 -15.81 0.48
C ASP E 495 23.55 -16.62 1.58
N VAL E 496 23.27 -16.28 2.85
CA VAL E 496 23.73 -17.14 3.93
C VAL E 496 22.66 -18.16 4.20
N PRO E 497 23.05 -19.44 4.28
CA PRO E 497 22.13 -20.54 4.55
C PRO E 497 21.91 -20.62 6.04
N VAL E 498 20.83 -21.27 6.44
CA VAL E 498 20.40 -21.22 7.81
C VAL E 498 19.89 -22.58 8.19
N VAL E 499 20.27 -23.10 9.35
CA VAL E 499 19.63 -24.31 9.84
C VAL E 499 18.79 -23.98 11.05
N LEU E 500 17.54 -24.45 11.09
CA LEU E 500 16.66 -24.27 12.27
C LEU E 500 16.41 -25.57 13.05
N LEU E 501 17.15 -25.77 14.14
CA LEU E 501 16.89 -26.87 15.06
C LEU E 501 15.66 -26.51 15.86
N SER E 502 14.82 -27.49 16.14
CA SER E 502 13.69 -27.19 16.99
C SER E 502 13.01 -28.40 17.59
N ALA E 503 12.31 -28.16 18.70
CA ALA E 503 11.42 -29.13 19.28
C ALA E 503 10.10 -28.96 18.56
N THR E 504 9.04 -29.45 19.18
CA THR E 504 7.74 -29.30 18.59
C THR E 504 7.50 -27.81 18.26
N LEU E 505 7.33 -27.50 16.98
CA LEU E 505 7.11 -26.12 16.55
C LEU E 505 5.75 -25.92 15.88
N HIS E 506 4.99 -24.90 16.31
CA HIS E 506 3.64 -24.64 15.76
C HIS E 506 3.66 -24.32 14.27
N HIS E 507 2.76 -24.93 13.49
CA HIS E 507 2.85 -24.82 12.04
C HIS E 507 2.91 -23.39 11.53
N SER E 508 2.34 -22.46 12.28
CA SER E 508 2.38 -21.07 11.88
C SER E 508 3.76 -20.44 11.97
N ILE E 509 4.50 -20.76 13.03
CA ILE E 509 5.82 -20.18 13.20
C ILE E 509 6.73 -20.68 12.11
N ALA E 510 6.77 -22.00 11.89
CA ALA E 510 7.57 -22.56 10.80
C ALA E 510 7.14 -21.90 9.53
N ASN E 511 5.84 -21.72 9.37
CA ASN E 511 5.37 -21.04 8.19
C ASN E 511 5.86 -19.59 8.11
N SER E 512 5.71 -18.82 9.19
CA SER E 512 6.15 -17.42 9.17
C SER E 512 7.64 -17.35 8.87
N LEU E 513 8.39 -18.26 9.49
CA LEU E 513 9.84 -18.25 9.39
C LEU E 513 10.35 -18.57 7.99
N VAL E 514 9.94 -19.70 7.41
CA VAL E 514 10.53 -20.03 6.11
C VAL E 514 10.12 -19.00 5.07
N LYS E 515 8.88 -18.51 5.17
CA LYS E 515 8.39 -17.50 4.24
C LYS E 515 9.20 -16.21 4.32
N ALA E 516 9.57 -15.78 5.52
CA ALA E 516 10.38 -14.57 5.63
C ALA E 516 11.72 -14.81 4.96
N TYR E 517 12.23 -16.03 5.08
CA TYR E 517 13.53 -16.34 4.52
C TYR E 517 13.46 -16.29 3.01
N LEU E 518 12.34 -16.74 2.45
CA LEU E 518 12.16 -16.73 1.00
C LEU E 518 11.98 -15.31 0.49
N GLU E 519 11.28 -14.52 1.30
CA GLU E 519 10.99 -13.15 0.95
C GLU E 519 12.31 -12.48 0.65
N GLY E 520 13.35 -12.88 1.38
CA GLY E 520 14.66 -12.29 1.21
C GLY E 520 15.42 -12.85 0.02
N ALA E 521 15.34 -14.17 -0.18
CA ALA E 521 16.01 -14.79 -1.30
C ALA E 521 15.40 -14.34 -2.61
N ARG E 522 14.09 -14.15 -2.62
CA ARG E 522 13.42 -13.80 -3.87
C ARG E 522 13.26 -12.30 -4.14
N GLY E 523 13.22 -11.46 -3.12
CA GLY E 523 13.28 -10.03 -3.37
C GLY E 523 11.95 -9.32 -3.25
N ARG E 524 10.89 -10.08 -3.35
CA ARG E 524 9.58 -9.50 -3.20
C ARG E 524 8.94 -10.14 -2.01
N ARG E 525 8.10 -9.38 -1.32
CA ARG E 525 7.34 -9.92 -0.19
C ARG E 525 6.17 -10.74 -0.73
N TRP E 526 5.34 -11.24 0.19
CA TRP E 526 4.31 -12.16 -0.23
C TRP E 526 3.01 -11.47 -0.62
N ASN E 527 2.46 -11.93 -1.74
CA ASN E 527 1.14 -11.56 -2.17
C ASN E 527 0.20 -12.37 -1.30
N ARG E 528 -1.06 -11.92 -1.16
CA ARG E 528 -2.03 -12.63 -0.34
C ARG E 528 -2.42 -13.91 -1.03
N SER E 529 -2.44 -13.85 -2.36
CA SER E 529 -2.81 -14.96 -3.23
C SER E 529 -1.83 -16.14 -3.19
N GLU E 530 -0.57 -15.84 -2.89
CA GLU E 530 0.47 -16.86 -2.83
C GLU E 530 0.16 -17.96 -1.78
N PRO E 531 0.30 -19.24 -2.18
CA PRO E 531 0.01 -20.36 -1.28
C PRO E 531 1.15 -20.56 -0.29
N GLN E 532 0.82 -20.63 1.00
CA GLN E 532 1.80 -20.76 2.09
C GLN E 532 2.88 -21.86 1.91
N PRO E 533 4.13 -21.54 2.26
CA PRO E 533 5.18 -22.53 1.99
C PRO E 533 5.19 -23.70 2.98
N VAL E 534 4.66 -23.51 4.18
CA VAL E 534 4.57 -24.60 5.13
C VAL E 534 3.20 -24.65 5.73
N SER E 535 2.43 -25.67 5.40
CA SER E 535 1.11 -25.79 5.99
C SER E 535 1.12 -26.87 7.09
N GLU E 536 2.06 -27.79 7.01
CA GLU E 536 2.16 -28.85 8.02
C GLU E 536 3.63 -29.11 8.40
N VAL E 537 3.90 -29.20 9.70
CA VAL E 537 5.21 -29.66 10.14
C VAL E 537 5.12 -31.11 10.63
N SER E 538 6.16 -31.89 10.33
CA SER E 538 6.16 -33.29 10.71
C SER E 538 7.14 -33.48 11.84
N TYR E 539 6.64 -34.03 12.94
CA TYR E 539 7.38 -34.16 14.18
C TYR E 539 7.41 -35.60 14.65
N PRO E 540 8.55 -36.30 14.47
CA PRO E 540 9.83 -35.79 13.99
C PRO E 540 9.84 -35.65 12.50
N GLY E 541 10.69 -34.78 11.99
CA GLY E 541 10.89 -34.65 10.57
C GLY E 541 11.70 -33.42 10.27
N TRP E 542 11.98 -33.21 8.99
CA TRP E 542 12.66 -32.02 8.55
C TRP E 542 12.12 -31.50 7.24
N LEU E 543 12.83 -30.51 6.72
CA LEU E 543 12.34 -29.65 5.67
C LEU E 543 13.51 -28.93 5.01
N HIS E 544 13.52 -28.83 3.70
CA HIS E 544 14.58 -28.07 3.05
C HIS E 544 14.00 -27.12 2.03
N VAL E 545 14.38 -25.86 2.16
CA VAL E 545 13.93 -24.83 1.24
C VAL E 545 15.08 -24.48 0.34
N ASP E 546 14.89 -24.54 -0.97
CA ASP E 546 15.85 -24.04 -1.93
C ASP E 546 15.65 -22.53 -2.11
N ALA E 547 16.71 -21.76 -1.98
CA ALA E 547 16.53 -20.32 -2.07
C ALA E 547 16.35 -19.90 -3.50
N ARG E 548 16.98 -20.59 -4.44
CA ARG E 548 16.99 -20.14 -5.82
C ARG E 548 15.61 -20.31 -6.50
N ILE E 549 14.90 -21.37 -6.15
CA ILE E 549 13.66 -21.71 -6.87
C ILE E 549 12.52 -21.94 -5.89
N GLY E 550 12.66 -21.40 -4.68
CA GLY E 550 11.67 -21.56 -3.63
C GLY E 550 11.11 -22.94 -3.30
N LYS E 551 11.77 -24.02 -3.73
CA LYS E 551 11.23 -25.39 -3.63
C LYS E 551 11.30 -26.06 -2.25
N VAL E 552 10.18 -26.04 -1.55
CA VAL E 552 10.12 -26.67 -0.23
C VAL E 552 9.97 -28.18 -0.32
N THR E 553 10.99 -28.92 0.11
CA THR E 553 10.95 -30.38 0.07
C THR E 553 10.77 -30.98 1.44
N ARG E 554 9.59 -31.49 1.75
CA ARG E 554 9.38 -32.09 3.07
C ARG E 554 10.15 -33.36 3.19
N SER E 555 10.31 -33.84 4.42
CA SER E 555 10.99 -35.09 4.70
C SER E 555 10.07 -36.22 4.26
N SER E 556 8.76 -35.95 4.35
CA SER E 556 7.72 -36.90 3.97
C SER E 556 7.87 -37.31 2.51
N ASP E 557 8.22 -36.34 1.68
CA ASP E 557 8.28 -36.50 0.23
C ASP E 557 9.34 -37.48 -0.27
N VAL E 558 10.51 -37.47 0.36
CA VAL E 558 11.64 -38.27 -0.12
C VAL E 558 11.69 -39.68 0.49
N ASP E 559 10.84 -39.92 1.49
CA ASP E 559 10.89 -41.15 2.28
C ASP E 559 9.59 -41.35 3.05
N PRO E 560 8.78 -42.32 2.60
CA PRO E 560 7.41 -42.53 3.11
C PRO E 560 7.36 -42.99 4.55
N LEU E 561 8.41 -43.67 5.01
CA LEU E 561 8.43 -44.20 6.38
C LEU E 561 8.81 -43.15 7.40
N PRO E 562 7.96 -42.96 8.43
CA PRO E 562 8.24 -42.05 9.54
C PRO E 562 9.64 -42.24 10.09
N ILE E 563 10.27 -41.16 10.57
CA ILE E 563 11.64 -41.24 11.05
C ILE E 563 11.72 -41.88 12.41
N ALA E 564 12.63 -42.82 12.55
CA ALA E 564 12.77 -43.51 13.82
C ALA E 564 13.33 -42.60 14.91
N THR E 565 12.68 -42.63 16.06
CA THR E 565 13.23 -41.99 17.25
C THR E 565 13.13 -42.96 18.41
N THR E 566 13.76 -42.62 19.54
CA THR E 566 13.67 -43.46 20.72
C THR E 566 12.21 -43.82 20.99
N PRO E 567 11.88 -45.12 20.95
CA PRO E 567 10.50 -45.49 21.25
C PRO E 567 10.26 -45.25 22.73
N ARG E 568 9.09 -44.74 23.09
CA ARG E 568 8.83 -44.58 24.51
C ARG E 568 7.39 -44.71 24.90
N LYS E 569 7.23 -45.16 26.14
CA LYS E 569 5.94 -45.34 26.76
C LYS E 569 5.15 -44.06 26.68
N PRO E 570 3.92 -44.16 26.19
CA PRO E 570 2.92 -43.08 26.21
C PRO E 570 2.82 -42.46 27.61
N LEU E 571 2.45 -41.19 27.64
CA LEU E 571 2.43 -40.44 28.89
C LEU E 571 1.02 -40.24 29.42
N GLU E 572 0.73 -40.80 30.59
CA GLU E 572 -0.56 -40.58 31.21
C GLU E 572 -0.70 -39.14 31.62
N VAL E 573 -1.81 -38.50 31.28
CA VAL E 573 -2.09 -37.12 31.71
C VAL E 573 -3.28 -37.06 32.66
N ARG E 574 -3.03 -36.89 33.94
CA ARG E 574 -4.15 -36.87 34.85
C ARG E 574 -4.52 -35.48 35.41
N LEU E 575 -5.66 -34.97 34.96
CA LEU E 575 -6.19 -33.68 35.44
C LEU E 575 -6.86 -33.81 36.80
N VAL E 576 -6.29 -33.17 37.81
CA VAL E 576 -6.78 -33.30 39.18
C VAL E 576 -7.21 -31.95 39.75
N ASP E 577 -8.46 -31.81 40.20
CA ASP E 577 -8.93 -30.55 40.79
C ASP E 577 -8.32 -30.26 42.16
N VAL E 578 -8.19 -28.97 42.48
CA VAL E 578 -7.57 -28.48 43.71
C VAL E 578 -8.43 -27.35 44.26
N PRO E 579 -8.57 -27.27 45.60
CA PRO E 579 -9.44 -26.23 46.18
C PRO E 579 -8.75 -24.87 46.28
N VAL E 580 -9.55 -23.81 46.20
CA VAL E 580 -9.07 -22.44 46.24
C VAL E 580 -9.24 -21.84 47.62
N LYS E 581 -8.25 -21.06 48.05
CA LYS E 581 -8.30 -20.36 49.34
C LYS E 581 -7.71 -18.95 49.29
N GLU E 582 -8.61 -17.97 49.23
CA GLU E 582 -8.25 -16.55 49.16
C GLU E 582 -7.51 -16.21 47.87
N GLY E 583 -7.80 -17.00 46.84
CA GLY E 583 -7.27 -16.75 45.51
C GLY E 583 -6.20 -17.74 45.06
N ALA E 584 -5.76 -18.59 45.98
CA ALA E 584 -4.64 -19.49 45.70
C ALA E 584 -5.04 -20.95 45.94
N LEU E 585 -4.24 -21.87 45.42
CA LEU E 585 -4.53 -23.29 45.54
C LEU E 585 -4.11 -23.80 46.89
N ASN E 586 -4.96 -24.60 47.51
CA ASN E 586 -4.58 -25.25 48.75
C ASN E 586 -4.08 -26.66 48.47
N ARG E 587 -2.83 -26.76 48.08
CA ARG E 587 -2.31 -28.05 47.62
C ARG E 587 -2.05 -28.98 48.75
N SER E 588 -2.25 -28.49 49.98
CA SER E 588 -2.04 -29.29 51.19
C SER E 588 -2.66 -30.68 51.09
N THR E 589 -3.85 -30.74 50.51
CA THR E 589 -4.61 -31.98 50.36
C THR E 589 -4.06 -32.95 49.30
N VAL E 590 -3.72 -32.41 48.13
CA VAL E 590 -3.37 -33.25 46.98
C VAL E 590 -1.91 -33.65 46.93
N LEU E 591 -1.06 -32.90 47.64
CA LEU E 591 0.34 -33.26 47.76
C LEU E 591 0.47 -34.51 48.63
N ALA E 592 -0.29 -34.55 49.72
CA ALA E 592 -0.24 -35.70 50.61
C ALA E 592 -0.78 -36.96 49.94
N LYS E 593 -1.90 -36.84 49.23
CA LYS E 593 -2.43 -37.96 48.50
C LYS E 593 -1.40 -38.58 47.54
N GLU E 594 -0.70 -37.74 46.78
CA GLU E 594 0.19 -38.22 45.71
C GLU E 594 1.61 -38.53 46.17
N LEU E 595 2.01 -37.98 47.31
CA LEU E 595 3.37 -38.19 47.78
C LEU E 595 3.45 -39.32 48.82
N THR E 596 2.29 -39.91 49.12
CA THR E 596 2.21 -41.07 50.00
C THR E 596 3.05 -42.26 49.49
N PRO E 597 2.77 -42.77 48.27
CA PRO E 597 3.53 -43.95 47.81
C PRO E 597 5.05 -43.73 47.81
N LEU E 598 5.49 -42.53 47.52
CA LEU E 598 6.93 -42.31 47.49
C LEU E 598 7.56 -42.35 48.86
N VAL E 599 6.81 -41.90 49.84
CA VAL E 599 7.30 -41.88 51.21
C VAL E 599 7.46 -43.27 51.73
N LYS E 600 6.46 -44.10 51.48
CA LYS E 600 6.54 -45.47 51.91
C LYS E 600 7.62 -46.23 51.16
N GLN E 601 7.66 -46.06 49.85
CA GLN E 601 8.58 -46.85 49.05
C GLN E 601 9.69 -46.09 48.33
N GLY E 602 9.66 -44.76 48.37
CA GLY E 602 10.71 -44.00 47.72
C GLY E 602 10.52 -43.77 46.24
N GLY E 603 11.55 -43.28 45.57
CA GLY E 603 11.44 -42.80 44.20
C GLY E 603 11.62 -41.30 44.11
N CYS E 604 11.34 -40.71 42.95
CA CYS E 604 11.53 -39.27 42.75
C CYS E 604 10.38 -38.57 42.00
N ALA E 605 10.04 -37.36 42.46
CA ALA E 605 9.00 -36.57 41.83
C ALA E 605 9.34 -35.09 41.71
N ALA E 606 8.68 -34.40 40.78
CA ALA E 606 8.82 -32.96 40.67
C ALA E 606 7.48 -32.26 40.85
N ILE E 607 7.49 -31.17 41.61
CA ILE E 607 6.35 -30.27 41.73
C ILE E 607 6.68 -28.95 41.02
N ILE E 608 6.14 -28.75 39.81
CA ILE E 608 6.38 -27.51 39.08
C ILE E 608 5.28 -26.51 39.45
N CYS E 609 5.67 -25.29 39.80
CA CYS E 609 4.71 -24.28 40.24
C CYS E 609 4.82 -23.02 39.42
N THR E 610 3.69 -22.37 39.23
CA THR E 610 3.64 -21.22 38.35
C THR E 610 4.49 -20.02 38.83
N THR E 611 4.55 -19.78 40.13
CA THR E 611 5.36 -18.66 40.62
C THR E 611 6.45 -19.04 41.61
N VAL E 612 7.43 -18.16 41.77
CA VAL E 612 8.43 -18.30 42.82
C VAL E 612 7.73 -18.40 44.15
N ALA E 613 6.78 -17.48 44.36
CA ALA E 613 5.95 -17.50 45.55
C ALA E 613 5.50 -18.92 45.87
N GLU E 614 4.62 -19.45 45.03
CA GLU E 614 4.06 -20.78 45.24
C GLU E 614 5.12 -21.85 45.50
N ALA E 615 6.23 -21.81 44.77
CA ALA E 615 7.21 -22.87 44.86
C ALA E 615 7.75 -22.94 46.28
N GLN E 616 7.91 -21.77 46.89
CA GLN E 616 8.57 -21.63 48.19
C GLN E 616 7.69 -22.19 49.31
N GLY E 617 6.40 -21.87 49.26
CA GLY E 617 5.43 -22.40 50.21
C GLY E 617 5.26 -23.92 50.13
N VAL E 618 5.32 -24.47 48.92
CA VAL E 618 5.27 -25.91 48.73
C VAL E 618 6.51 -26.55 49.38
N TYR E 619 7.63 -25.84 49.31
CA TYR E 619 8.83 -26.28 50.01
C TYR E 619 8.54 -26.30 51.49
N ASP E 620 8.08 -25.16 51.99
CA ASP E 620 7.67 -25.04 53.39
C ASP E 620 6.66 -26.11 53.83
N LEU E 621 5.72 -26.44 52.96
CA LEU E 621 4.69 -27.41 53.29
C LEU E 621 5.27 -28.81 53.41
N LEU E 622 6.13 -29.20 52.49
CA LEU E 622 6.64 -30.54 52.57
C LEU E 622 7.80 -30.56 53.57
N SER E 623 8.42 -29.42 53.81
CA SER E 623 9.50 -29.34 54.80
C SER E 623 8.93 -29.67 56.17
N GLN E 624 7.83 -29.00 56.52
CA GLN E 624 7.18 -29.15 57.82
C GLN E 624 6.64 -30.57 57.97
N TRP E 625 5.99 -31.08 56.95
CA TRP E 625 5.51 -32.44 57.01
C TRP E 625 6.67 -33.39 57.15
N PHE E 626 7.70 -33.23 56.35
CA PHE E 626 8.66 -34.29 56.32
C PHE E 626 9.35 -34.53 57.64
N ALA E 627 9.70 -33.48 58.37
CA ALA E 627 10.41 -33.69 59.63
C ALA E 627 9.53 -34.46 60.60
N THR E 628 8.27 -34.04 60.70
CA THR E 628 7.28 -34.81 61.42
C THR E 628 7.21 -36.29 61.27
N LEU E 629 7.22 -36.81 60.05
CA LEU E 629 6.96 -38.21 59.88
C LEU E 629 8.42 -38.32 59.39
N GLY E 630 9.31 -37.73 60.17
CA GLY E 630 10.71 -37.65 59.87
C GLY E 630 11.39 -38.93 60.23
N GLU E 631 12.72 -38.95 60.18
CA GLU E 631 13.41 -40.15 60.59
C GLU E 631 12.96 -41.24 59.66
N ASP E 632 12.71 -40.88 58.43
CA ASP E 632 12.60 -41.86 57.39
C ASP E 632 13.76 -41.57 56.46
N ALA E 633 13.70 -40.50 55.68
CA ALA E 633 12.51 -39.79 55.22
C ALA E 633 13.03 -39.15 53.95
N PRO E 634 12.18 -38.78 53.01
CA PRO E 634 12.75 -38.32 51.74
C PRO E 634 13.41 -36.94 51.81
N ASP E 635 14.36 -36.68 50.90
CA ASP E 635 15.14 -35.44 50.89
C ASP E 635 14.32 -34.43 50.18
N LEU E 636 14.69 -33.17 50.30
CA LEU E 636 13.90 -32.18 49.60
C LEU E 636 14.68 -31.01 49.06
N TYR E 637 14.42 -30.72 47.79
CA TYR E 637 15.14 -29.68 47.05
C TYR E 637 14.20 -28.63 46.46
N LEU E 638 14.71 -27.40 46.29
CA LEU E 638 13.93 -26.30 45.76
C LEU E 638 14.78 -25.56 44.73
N LEU E 639 14.20 -25.29 43.55
CA LEU E 639 14.91 -24.61 42.46
C LEU E 639 14.11 -23.49 41.77
N HIS E 640 14.60 -22.26 41.86
CA HIS E 640 14.00 -21.17 41.12
C HIS E 640 15.03 -20.12 40.73
N SER E 641 14.57 -19.04 40.13
CA SER E 641 15.52 -18.13 39.54
C SER E 641 16.23 -17.30 40.60
N ARG E 642 15.61 -17.15 41.77
CA ARG E 642 16.05 -16.18 42.78
C ARG E 642 16.99 -16.76 43.83
N PHE E 643 18.14 -17.24 43.38
CA PHE E 643 19.21 -17.63 44.29
C PHE E 643 20.46 -16.87 43.92
N PRO E 644 21.37 -16.71 44.89
CA PRO E 644 22.71 -16.30 44.46
C PRO E 644 23.25 -17.29 43.40
N ASN E 645 23.81 -16.78 42.30
CA ASN E 645 24.36 -17.61 41.23
C ASN E 645 25.15 -18.83 41.67
N ARG E 646 26.09 -18.62 42.58
CA ARG E 646 26.82 -19.71 43.20
C ARG E 646 25.87 -20.80 43.67
N GLN E 647 24.91 -20.41 44.50
CA GLN E 647 24.00 -21.38 45.11
C GLN E 647 23.15 -22.14 44.08
N ARG E 648 22.68 -21.45 43.05
CA ARG E 648 21.81 -22.09 42.05
C ARG E 648 22.58 -23.06 41.17
N THR E 649 23.78 -22.68 40.76
CA THR E 649 24.58 -23.63 40.00
C THR E 649 24.98 -24.84 40.86
N GLU E 650 24.95 -24.68 42.19
CA GLU E 650 25.26 -25.76 43.13
C GLU E 650 24.07 -26.66 43.34
N ILE E 651 22.92 -26.04 43.61
CA ILE E 651 21.67 -26.79 43.70
C ILE E 651 21.48 -27.58 42.42
N THR E 652 21.68 -26.91 41.28
CA THR E 652 21.51 -27.52 39.97
C THR E 652 22.46 -28.70 39.76
N ALA E 653 23.74 -28.51 40.07
CA ALA E 653 24.73 -29.59 39.92
C ALA E 653 24.28 -30.89 40.60
N THR E 654 23.92 -30.79 41.89
CA THR E 654 23.49 -31.97 42.65
C THR E 654 22.15 -32.53 42.14
N ILE E 655 21.20 -31.66 41.85
CA ILE E 655 19.91 -32.07 41.31
C ILE E 655 20.01 -32.91 40.04
N VAL E 656 20.85 -32.51 39.10
CA VAL E 656 21.01 -33.33 37.90
C VAL E 656 21.91 -34.51 38.21
N ASP E 657 22.79 -34.35 39.20
CA ASP E 657 23.64 -35.42 39.66
C ASP E 657 22.78 -36.58 40.10
N LEU E 658 21.69 -36.30 40.79
CA LEU E 658 20.88 -37.35 41.37
C LEU E 658 19.82 -37.88 40.43
N PHE E 659 19.10 -36.98 39.77
CA PHE E 659 17.97 -37.40 38.95
C PHE E 659 18.37 -37.52 37.50
N GLY E 660 19.65 -37.40 37.21
CA GLY E 660 20.10 -37.33 35.84
C GLY E 660 20.81 -38.57 35.37
N LYS E 661 21.37 -38.52 34.16
CA LYS E 661 21.87 -39.70 33.45
C LYS E 661 23.01 -40.44 34.18
N GLU E 662 24.11 -39.74 34.46
CA GLU E 662 25.24 -40.34 35.14
C GLU E 662 24.88 -40.61 36.59
N GLY E 663 23.80 -40.00 37.06
CA GLY E 663 23.30 -40.32 38.39
C GLY E 663 22.85 -41.77 38.44
N ALA E 664 22.39 -42.27 37.29
CA ALA E 664 21.93 -43.65 37.18
C ALA E 664 23.09 -44.59 36.86
N GLN E 665 24.02 -44.15 36.02
CA GLN E 665 25.15 -44.98 35.60
C GLN E 665 26.29 -45.03 36.61
N SER E 666 26.04 -44.50 37.80
CA SER E 666 27.01 -44.60 38.89
C SER E 666 26.27 -45.07 40.14
N GLY E 667 24.99 -45.39 39.96
CA GLY E 667 24.17 -45.90 41.05
C GLY E 667 23.91 -44.88 42.13
N ARG E 668 24.20 -43.62 41.81
CA ARG E 668 24.07 -42.53 42.76
C ARG E 668 22.61 -42.10 43.04
N ARG E 669 21.69 -42.51 42.16
CA ARG E 669 20.30 -42.07 42.26
C ARG E 669 19.62 -42.52 43.54
N PRO E 670 19.03 -41.57 44.30
CA PRO E 670 18.39 -41.91 45.58
C PRO E 670 17.35 -43.03 45.51
N THR E 671 17.48 -44.01 46.39
CA THR E 671 16.42 -45.00 46.58
C THR E 671 15.56 -44.53 47.73
N ARG E 672 16.17 -43.73 48.62
CA ARG E 672 15.48 -43.15 49.77
C ARG E 672 14.10 -42.60 49.41
N GLY E 673 14.04 -41.85 48.32
CA GLY E 673 12.87 -41.07 48.02
C GLY E 673 13.32 -39.63 48.02
N ALA E 674 13.15 -38.96 46.89
CA ALA E 674 13.59 -37.58 46.76
C ALA E 674 12.51 -36.75 46.12
N VAL E 675 12.37 -35.50 46.56
CA VAL E 675 11.36 -34.63 46.00
C VAL E 675 11.97 -33.31 45.56
N LEU E 676 11.63 -32.90 44.33
CA LEU E 676 12.05 -31.61 43.83
C LEU E 676 10.83 -30.75 43.63
N VAL E 677 10.84 -29.58 44.28
CA VAL E 677 9.88 -28.54 43.98
C VAL E 677 10.66 -27.51 43.16
N ALA E 678 10.09 -27.09 42.02
CA ALA E 678 10.72 -26.12 41.12
C ALA E 678 9.73 -25.27 40.31
N THR E 679 10.23 -24.19 39.72
CA THR E 679 9.48 -23.36 38.78
C THR E 679 9.89 -23.67 37.34
N GLN E 680 9.44 -22.84 36.38
CA GLN E 680 9.72 -23.04 34.94
C GLN E 680 11.19 -23.29 34.55
N VAL E 681 12.10 -23.07 35.49
CA VAL E 681 13.50 -23.36 35.27
C VAL E 681 13.69 -24.82 34.88
N VAL E 682 12.70 -25.65 35.16
CA VAL E 682 12.75 -27.04 34.76
C VAL E 682 12.56 -27.22 33.25
N GLU E 683 11.94 -26.24 32.59
CA GLU E 683 11.79 -26.28 31.13
C GLU E 683 13.14 -26.14 30.43
N GLN E 684 14.09 -25.48 31.08
CA GLN E 684 15.39 -25.18 30.49
C GLN E 684 16.51 -26.12 30.87
N SER E 685 16.85 -27.03 29.96
CA SER E 685 18.08 -27.85 30.00
C SER E 685 18.58 -28.41 31.36
N LEU E 686 17.72 -29.11 32.10
CA LEU E 686 18.20 -29.92 33.23
C LEU E 686 18.09 -31.38 32.86
N ASP E 687 19.20 -32.09 32.94
CA ASP E 687 19.14 -33.52 32.80
C ASP E 687 18.38 -34.04 33.99
N LEU E 688 17.11 -34.37 33.81
CA LEU E 688 16.27 -34.83 34.90
C LEU E 688 15.44 -36.02 34.46
N ASP E 689 15.27 -36.99 35.37
CA ASP E 689 14.35 -38.09 35.14
C ASP E 689 13.58 -38.37 36.41
N VAL E 690 12.45 -37.71 36.61
CA VAL E 690 11.60 -38.03 37.75
C VAL E 690 10.66 -39.17 37.39
N ASP E 691 10.20 -39.91 38.40
CA ASP E 691 9.27 -41.03 38.20
C ASP E 691 7.83 -40.55 38.17
N LEU E 692 7.62 -39.36 38.70
CA LEU E 692 6.29 -38.79 38.69
C LEU E 692 6.45 -37.29 38.54
N MET E 693 5.57 -36.63 37.80
CA MET E 693 5.64 -35.18 37.79
C MET E 693 4.33 -34.49 38.11
N ILE E 694 4.44 -33.40 38.85
CA ILE E 694 3.25 -32.67 39.25
C ILE E 694 3.43 -31.17 38.93
N SER E 695 2.56 -30.63 38.10
CA SER E 695 2.69 -29.27 37.62
C SER E 695 1.33 -28.60 37.58
N ASP E 696 1.28 -27.31 37.88
CA ASP E 696 0.06 -26.55 37.69
C ASP E 696 -0.21 -26.50 36.22
N LEU E 697 -1.43 -26.11 35.88
CA LEU E 697 -1.77 -25.94 34.49
C LEU E 697 -0.79 -24.94 33.86
N ALA E 698 -0.61 -25.08 32.54
CA ALA E 698 0.27 -24.25 31.74
C ALA E 698 0.03 -24.68 30.32
N PRO E 699 0.13 -23.74 29.37
CA PRO E 699 -0.03 -23.99 27.94
C PRO E 699 0.66 -25.28 27.51
N VAL E 700 -0.01 -26.09 26.67
CA VAL E 700 0.43 -27.47 26.45
C VAL E 700 1.84 -27.63 25.93
N SER E 701 2.28 -26.71 25.08
CA SER E 701 3.61 -26.84 24.54
C SER E 701 4.55 -26.89 25.72
N LEU E 702 4.26 -26.02 26.69
CA LEU E 702 5.03 -25.99 27.92
C LEU E 702 4.79 -27.22 28.76
N LEU E 703 3.52 -27.53 29.00
CA LEU E 703 3.15 -28.75 29.70
C LEU E 703 3.85 -30.01 29.13
N LEU E 704 3.83 -30.17 27.80
CA LEU E 704 4.56 -31.26 27.15
C LEU E 704 6.05 -31.14 27.47
N GLN E 705 6.58 -29.93 27.35
CA GLN E 705 8.01 -29.72 27.50
C GLN E 705 8.49 -30.08 28.91
N ARG E 706 7.80 -29.53 29.90
CA ARG E 706 7.96 -29.90 31.31
C ARG E 706 7.93 -31.42 31.48
N ALA E 707 7.12 -32.07 30.65
CA ALA E 707 6.85 -33.50 30.82
C ALA E 707 7.97 -34.38 30.28
N GLY E 708 8.77 -33.84 29.36
CA GLY E 708 9.85 -34.61 28.78
C GLY E 708 10.75 -35.20 29.84
N ARG E 709 10.63 -34.69 31.06
CA ARG E 709 11.43 -35.15 32.18
C ARG E 709 10.95 -36.49 32.70
N CYS E 710 9.67 -36.83 32.43
CA CYS E 710 9.06 -38.09 32.88
C CYS E 710 9.64 -39.35 32.22
N TRP E 711 10.42 -40.12 32.98
CA TRP E 711 10.99 -41.38 32.52
C TRP E 711 11.91 -41.17 31.32
N ARG E 712 12.49 -39.99 31.27
CA ARG E 712 13.37 -39.59 30.17
C ARG E 712 14.37 -40.68 29.89
N HIS E 713 15.04 -41.14 30.95
CA HIS E 713 16.06 -42.18 30.80
C HIS E 713 15.48 -43.59 30.98
N GLU E 714 14.35 -43.82 30.32
CA GLU E 714 13.78 -45.14 30.25
C GLU E 714 14.57 -46.07 29.35
N HIS E 715 14.86 -45.63 28.12
CA HIS E 715 15.49 -46.54 27.16
C HIS E 715 16.84 -47.09 27.65
N LEU E 716 17.38 -46.51 28.70
CA LEU E 716 18.56 -47.09 29.32
C LEU E 716 18.12 -48.36 30.04
N GLY E 717 19.05 -49.10 30.63
CA GLY E 717 18.65 -50.31 31.33
C GLY E 717 18.55 -50.18 32.85
N ILE E 718 19.35 -49.30 33.41
CA ILE E 718 19.67 -49.30 34.85
C ILE E 718 18.60 -48.85 35.87
N ILE E 719 17.53 -48.20 35.44
CA ILE E 719 16.66 -47.55 36.43
C ILE E 719 15.52 -48.39 37.02
N ASN E 720 15.66 -48.69 38.31
CA ASN E 720 14.62 -49.38 39.07
C ASN E 720 13.55 -48.41 39.50
N ARG E 721 12.35 -48.63 39.00
CA ARG E 721 11.24 -47.76 39.34
C ARG E 721 10.40 -48.36 40.45
N PRO E 722 9.93 -47.49 41.36
CA PRO E 722 9.05 -47.84 42.47
C PRO E 722 7.84 -48.62 42.00
N GLN E 723 7.24 -49.39 42.90
CA GLN E 723 6.13 -50.28 42.55
C GLN E 723 4.85 -49.49 42.25
N TRP E 724 4.70 -48.33 42.88
CA TRP E 724 3.60 -47.42 42.56
C TRP E 724 3.77 -46.77 41.18
N ALA E 725 5.01 -46.66 40.73
CA ALA E 725 5.33 -46.05 39.44
C ALA E 725 5.02 -46.97 38.25
N LYS E 726 3.73 -47.13 37.93
CA LYS E 726 3.32 -48.02 36.86
C LYS E 726 3.68 -47.47 35.48
N GLN E 727 3.26 -46.23 35.25
CA GLN E 727 3.38 -45.54 33.97
C GLN E 727 4.01 -44.15 34.18
N PRO E 728 4.71 -43.63 33.17
CA PRO E 728 5.13 -42.23 33.30
C PRO E 728 3.88 -41.36 33.32
N GLU E 729 3.73 -40.53 34.33
CA GLU E 729 2.48 -39.82 34.49
C GLU E 729 2.69 -38.34 34.79
N LEU E 730 1.87 -37.51 34.15
CA LEU E 730 1.87 -36.08 34.44
C LEU E 730 0.60 -35.78 35.19
N VAL E 731 0.71 -35.17 36.36
CA VAL E 731 -0.49 -34.77 37.10
C VAL E 731 -0.73 -33.26 37.00
N VAL E 732 -1.84 -32.87 36.38
CA VAL E 732 -2.10 -31.47 36.13
C VAL E 732 -3.10 -30.81 37.10
N LEU E 733 -2.55 -30.18 38.14
CA LEU E 733 -3.32 -29.41 39.13
C LEU E 733 -3.95 -28.18 38.47
N THR E 734 -5.11 -27.80 38.99
CA THR E 734 -6.02 -26.86 38.35
C THR E 734 -7.07 -26.51 39.41
N PRO E 735 -7.67 -25.31 39.32
CA PRO E 735 -8.67 -24.93 40.32
C PRO E 735 -10.00 -25.68 40.18
N GLU E 736 -10.74 -25.80 41.28
CA GLU E 736 -12.09 -26.34 41.23
C GLU E 736 -13.09 -25.26 40.87
N GLN E 737 -14.05 -25.62 40.03
CA GLN E 737 -14.96 -24.63 39.46
C GLN E 737 -16.41 -24.73 39.93
N ASN E 738 -17.01 -23.57 40.24
CA ASN E 738 -18.38 -23.52 40.72
C ASN E 738 -19.36 -22.94 39.71
N ARG E 743 -19.45 -19.20 33.21
CA ARG E 743 -19.36 -20.66 33.23
C ARG E 743 -18.05 -21.16 32.56
N ALA E 744 -17.31 -20.24 31.94
CA ALA E 744 -15.96 -20.52 31.41
C ALA E 744 -14.96 -20.56 32.58
N PRO E 745 -13.84 -21.32 32.43
CA PRO E 745 -12.87 -21.57 33.51
C PRO E 745 -12.33 -20.34 34.25
N TRP E 746 -11.92 -20.52 35.50
CA TRP E 746 -11.31 -19.46 36.30
C TRP E 746 -9.94 -19.91 36.74
N PHE E 747 -9.00 -18.95 36.86
CA PHE E 747 -7.66 -19.28 37.33
C PHE E 747 -7.10 -18.26 38.34
N PRO E 748 -6.26 -18.74 39.28
CA PRO E 748 -5.61 -17.85 40.24
C PRO E 748 -4.89 -16.72 39.52
N ARG E 749 -4.98 -15.51 40.06
CA ARG E 749 -4.42 -14.35 39.39
C ARG E 749 -2.94 -14.52 39.11
N SER E 750 -2.20 -15.02 40.11
CA SER E 750 -0.77 -15.23 40.00
C SER E 750 -0.40 -16.10 38.79
N TRP E 751 -1.39 -16.82 38.27
CA TRP E 751 -1.21 -17.64 37.08
C TRP E 751 -1.46 -16.84 35.81
N THR E 752 -2.47 -15.98 35.82
CA THR E 752 -2.80 -15.19 34.65
C THR E 752 -1.88 -13.99 34.57
N SER E 753 -0.92 -13.91 35.48
CA SER E 753 0.10 -12.87 35.44
C SER E 753 1.29 -13.36 34.66
N VAL E 754 1.35 -14.66 34.37
CA VAL E 754 2.49 -15.21 33.69
C VAL E 754 2.05 -15.91 32.41
N TYR E 755 0.83 -16.43 32.40
CA TYR E 755 0.27 -17.00 31.18
C TYR E 755 -1.08 -16.33 30.83
N PRO E 756 -1.31 -16.00 29.54
CA PRO E 756 -2.58 -15.38 29.15
C PRO E 756 -3.72 -16.28 29.60
N LEU E 757 -4.69 -15.69 30.27
CA LEU E 757 -5.84 -16.42 30.76
C LEU E 757 -6.41 -17.37 29.71
N ALA E 758 -6.69 -16.84 28.51
CA ALA E 758 -7.28 -17.64 27.43
C ALA E 758 -6.49 -18.91 27.14
N LEU E 759 -5.18 -18.76 26.93
CA LEU E 759 -4.31 -19.89 26.66
C LEU E 759 -4.43 -20.97 27.75
N LEU E 760 -4.69 -20.52 28.97
CA LEU E 760 -4.88 -21.47 30.07
C LEU E 760 -6.16 -22.22 29.83
N GLN E 761 -7.24 -21.45 29.77
CA GLN E 761 -8.56 -21.98 29.55
C GLN E 761 -8.47 -22.98 28.41
N ARG E 762 -7.89 -22.53 27.30
CA ARG E 762 -7.77 -23.35 26.11
C ARG E 762 -7.09 -24.70 26.34
N THR E 763 -6.09 -24.73 27.20
CA THR E 763 -5.38 -25.99 27.47
C THR E 763 -6.29 -26.94 28.26
N TYR E 764 -7.00 -26.36 29.23
CA TYR E 764 -7.88 -27.11 30.12
C TYR E 764 -8.98 -27.83 29.35
N THR E 765 -9.66 -27.09 28.46
CA THR E 765 -10.68 -27.64 27.58
C THR E 765 -10.12 -28.72 26.67
N LEU E 766 -8.96 -28.47 26.07
CA LEU E 766 -8.28 -29.44 25.21
C LEU E 766 -7.94 -30.73 25.95
N LEU E 767 -7.63 -30.58 27.23
CA LEU E 767 -7.19 -31.71 28.02
C LEU E 767 -8.35 -32.52 28.62
N ARG E 768 -9.42 -31.82 28.97
CA ARG E 768 -10.61 -32.49 29.46
C ARG E 768 -11.18 -33.28 28.30
N ARG E 769 -11.06 -32.71 27.11
CA ARG E 769 -11.70 -33.27 25.94
C ARG E 769 -11.11 -34.61 25.54
N ARG E 770 -9.96 -34.96 26.08
CA ARG E 770 -9.33 -36.23 25.69
C ARG E 770 -9.65 -37.36 26.68
N ASN E 771 -10.39 -37.02 27.72
CA ASN E 771 -10.91 -38.02 28.62
C ASN E 771 -9.84 -38.89 29.22
N GLY E 772 -8.73 -38.29 29.60
CA GLY E 772 -7.74 -38.99 30.38
C GLY E 772 -6.91 -39.92 29.52
N ALA E 773 -7.15 -39.88 28.22
CA ALA E 773 -6.42 -40.73 27.33
C ALA E 773 -4.97 -40.34 27.46
N PRO E 774 -4.06 -41.40 27.48
CA PRO E 774 -2.66 -40.97 27.60
C PRO E 774 -2.14 -40.44 26.29
N VAL E 775 -1.04 -39.70 26.31
CA VAL E 775 -0.52 -39.05 25.11
C VAL E 775 0.63 -39.84 24.48
N GLN E 776 0.42 -40.29 23.24
CA GLN E 776 1.43 -41.06 22.51
C GLN E 776 2.63 -40.18 22.19
N ILE E 777 3.84 -40.67 22.44
CA ILE E 777 5.05 -39.86 22.21
C ILE E 777 5.97 -40.42 21.13
N PRO E 778 6.15 -39.67 20.03
CA PRO E 778 5.65 -38.32 19.66
C PRO E 778 4.43 -38.27 18.72
N GLU E 779 3.71 -39.36 18.56
CA GLU E 779 2.64 -39.42 17.57
C GLU E 779 1.58 -38.35 17.80
N ASP E 780 1.37 -37.96 19.06
CA ASP E 780 0.22 -37.13 19.45
C ASP E 780 0.56 -35.66 19.75
N VAL E 781 1.85 -35.38 19.95
CA VAL E 781 2.34 -34.09 20.44
C VAL E 781 2.02 -32.90 19.54
N GLN E 782 2.64 -32.90 18.35
CA GLN E 782 2.55 -31.79 17.40
C GLN E 782 1.11 -31.38 17.22
N GLN E 783 0.23 -32.36 17.13
CA GLN E 783 -1.21 -32.09 16.98
C GLN E 783 -1.75 -31.22 18.11
N LEU E 784 -1.50 -31.64 19.35
CA LEU E 784 -1.88 -30.91 20.55
C LEU E 784 -1.40 -29.47 20.52
N VAL E 785 -0.14 -29.32 20.14
CA VAL E 785 0.52 -28.04 20.09
C VAL E 785 -0.13 -27.16 19.01
N ASP E 786 -0.52 -27.77 17.89
CA ASP E 786 -1.17 -27.03 16.82
C ASP E 786 -2.62 -26.68 17.21
N ASP E 787 -3.36 -27.68 17.68
CA ASP E 787 -4.79 -27.52 17.96
C ASP E 787 -5.16 -26.54 19.10
N VAL E 788 -4.33 -26.43 20.14
CA VAL E 788 -4.64 -25.55 21.29
C VAL E 788 -4.74 -24.08 20.87
N TYR E 789 -4.27 -23.80 19.67
CA TYR E 789 -4.35 -22.47 19.07
C TYR E 789 -5.33 -22.37 17.90
N ASP E 790 -5.48 -23.47 17.16
CA ASP E 790 -6.33 -23.54 15.96
C ASP E 790 -7.83 -23.79 16.23
N ASP E 791 -8.11 -24.76 17.09
CA ASP E 791 -9.48 -25.17 17.40
C ASP E 791 -10.15 -24.11 18.26
N ASP E 792 -10.77 -23.12 17.62
CA ASP E 792 -11.40 -22.02 18.35
C ASP E 792 -12.51 -22.46 19.30
N SER E 793 -12.97 -23.69 19.17
CA SER E 793 -14.01 -24.16 20.05
C SER E 793 -13.53 -24.21 21.49
N LEU E 794 -12.22 -24.26 21.68
CA LEU E 794 -11.63 -24.45 23.00
C LEU E 794 -11.72 -23.22 23.89
N ALA E 795 -12.01 -22.07 23.29
CA ALA E 795 -12.00 -20.81 24.03
C ALA E 795 -13.41 -20.31 24.26
N GLU E 796 -14.00 -20.66 25.41
CA GLU E 796 -15.37 -20.29 25.73
C GLU E 796 -15.46 -18.86 26.28
N ASP E 797 -14.37 -18.37 26.87
CA ASP E 797 -14.32 -16.99 27.34
C ASP E 797 -13.92 -16.13 26.16
N LEU E 798 -14.90 -15.56 25.48
CA LEU E 798 -14.64 -14.87 24.22
C LEU E 798 -13.71 -13.68 24.37
N GLU E 799 -13.96 -12.86 25.38
CA GLU E 799 -13.19 -11.64 25.63
C GLU E 799 -11.72 -11.91 25.91
N ALA E 800 -11.47 -12.64 27.00
CA ALA E 800 -10.15 -13.07 27.40
C ALA E 800 -9.31 -13.55 26.23
N ASP E 801 -9.96 -14.20 25.27
CA ASP E 801 -9.30 -14.57 24.04
C ASP E 801 -9.00 -13.31 23.23
N MET E 802 -9.99 -12.44 22.99
CA MET E 802 -9.75 -11.21 22.23
C MET E 802 -8.63 -10.38 22.86
N GLU E 803 -8.43 -10.54 24.17
CA GLU E 803 -7.38 -9.81 24.85
C GLU E 803 -6.06 -10.49 24.55
N ARG E 804 -6.05 -11.83 24.55
CA ARG E 804 -4.85 -12.60 24.23
C ARG E 804 -4.28 -12.26 22.85
N MET E 805 -5.16 -12.26 21.86
CA MET E 805 -4.70 -12.06 20.50
C MET E 805 -4.29 -10.64 20.31
N GLY E 806 -4.73 -9.80 21.24
CA GLY E 806 -4.37 -8.41 21.20
C GLY E 806 -3.04 -8.22 21.90
N GLU E 807 -2.86 -8.89 23.03
CA GLU E 807 -1.57 -8.83 23.74
C GLU E 807 -0.43 -9.26 22.81
N GLU E 808 -0.71 -10.21 21.91
CA GLU E 808 0.28 -10.66 20.93
C GLU E 808 0.55 -9.60 19.86
N LEU E 809 -0.47 -8.82 19.50
CA LEU E 809 -0.27 -7.73 18.56
C LEU E 809 0.59 -6.62 19.16
N ALA E 810 0.53 -6.50 20.49
CA ALA E 810 1.24 -5.47 21.20
C ALA E 810 2.73 -5.82 21.19
N GLN E 811 3.01 -7.10 21.29
CA GLN E 811 4.38 -7.58 21.19
C GLN E 811 4.93 -7.49 19.77
N ARG E 812 4.19 -8.02 18.80
CA ARG E 812 4.66 -8.03 17.43
C ARG E 812 4.83 -6.60 16.92
N GLY E 813 3.88 -5.76 17.27
CA GLY E 813 3.91 -4.37 16.91
C GLY E 813 5.13 -3.68 17.45
N LEU E 814 5.45 -3.94 18.70
CA LEU E 814 6.56 -3.24 19.34
C LEU E 814 7.84 -3.59 18.63
N ALA E 815 7.95 -4.85 18.21
CA ALA E 815 9.13 -5.39 17.57
C ALA E 815 9.28 -4.84 16.17
N ARG E 816 8.17 -4.71 15.45
CA ARG E 816 8.20 -4.06 14.16
C ARG E 816 8.85 -2.66 14.23
N ASN E 817 8.56 -1.91 15.28
CA ASN E 817 9.20 -0.61 15.54
C ASN E 817 10.71 -0.73 15.73
N ALA E 818 11.14 -1.87 16.25
CA ALA E 818 12.53 -2.03 16.68
C ALA E 818 13.48 -2.38 15.52
N VAL E 819 12.94 -3.01 14.48
CA VAL E 819 13.75 -3.62 13.43
C VAL E 819 14.11 -2.68 12.29
N ILE E 820 15.22 -3.02 11.63
CA ILE E 820 15.68 -2.32 10.45
C ILE E 820 14.71 -2.61 9.30
N PRO E 821 14.80 -1.84 8.21
CA PRO E 821 13.89 -2.05 7.08
C PRO E 821 14.09 -3.40 6.42
N ASP E 822 13.03 -3.96 5.82
CA ASP E 822 13.16 -5.05 4.85
C ASP E 822 14.13 -4.65 3.73
N PRO E 823 15.02 -5.57 3.35
CA PRO E 823 16.09 -5.32 2.37
C PRO E 823 15.65 -4.52 1.15
N ASP E 824 14.45 -4.80 0.66
CA ASP E 824 13.97 -4.09 -0.53
C ASP E 824 13.48 -2.69 -0.22
N ASP E 825 13.55 -2.27 1.04
CA ASP E 825 13.30 -0.88 1.42
C ASP E 825 14.62 -0.20 1.65
N ALA E 826 15.63 -1.00 1.99
CA ALA E 826 16.99 -0.50 2.08
C ALA E 826 17.64 -0.56 0.72
N GLU E 827 16.84 -0.73 -0.33
CA GLU E 827 17.35 -0.94 -1.68
C GLU E 827 18.31 0.15 -2.17
N ASP E 828 17.93 1.40 -1.94
CA ASP E 828 18.65 2.57 -2.49
C ASP E 828 19.04 3.56 -1.39
N ASN E 829 18.83 3.17 -0.13
CA ASN E 829 19.00 4.06 1.00
C ASN E 829 19.17 3.32 2.35
N LEU E 830 20.28 3.58 3.05
CA LEU E 830 20.60 2.81 4.24
C LEU E 830 20.17 3.50 5.51
N ASN E 831 19.78 4.76 5.39
CA ASN E 831 19.50 5.59 6.56
C ASN E 831 18.62 4.92 7.61
N GLY E 832 17.66 4.11 7.15
CA GLY E 832 16.74 3.42 8.02
C GLY E 832 17.39 2.40 8.93
N LEU E 833 18.61 2.00 8.64
CA LEU E 833 19.22 0.99 9.48
C LEU E 833 19.54 1.54 10.88
N THR E 834 19.67 2.86 11.01
CA THR E 834 20.17 3.45 12.24
C THR E 834 19.37 4.66 12.70
N GLU E 835 18.25 4.95 12.04
CA GLU E 835 17.32 5.99 12.50
C GLU E 835 16.56 5.55 13.74
N PHE E 836 16.64 6.27 14.86
CA PHE E 836 15.73 5.95 15.99
C PHE E 836 15.10 7.13 16.74
N VAL E 844 18.34 2.33 24.63
CA VAL E 844 18.65 1.09 23.92
C VAL E 844 17.39 0.31 23.52
N LEU E 845 17.43 -0.37 22.39
CA LEU E 845 16.35 -1.26 22.00
C LEU E 845 16.57 -2.67 22.56
N ALA E 846 15.54 -3.50 22.53
CA ALA E 846 15.62 -4.76 23.26
C ALA E 846 15.54 -5.94 22.35
N THR E 847 16.28 -6.99 22.65
CA THR E 847 16.17 -8.22 21.89
C THR E 847 14.99 -9.03 22.41
N ARG E 848 14.52 -8.69 23.62
CA ARG E 848 13.42 -9.42 24.27
C ARG E 848 12.38 -8.49 24.90
N PHE E 849 11.14 -8.64 24.45
CA PHE E 849 9.96 -7.97 25.05
C PHE E 849 9.88 -8.09 26.58
N GLY E 850 9.37 -7.04 27.22
CA GLY E 850 9.12 -7.07 28.66
C GLY E 850 9.93 -6.10 29.52
N ALA E 851 9.86 -6.29 30.84
CA ALA E 851 10.36 -5.28 31.76
C ALA E 851 11.82 -5.48 32.08
N GLY E 852 12.23 -6.74 32.17
CA GLY E 852 13.64 -7.00 32.36
C GLY E 852 14.02 -7.23 33.81
N SER E 853 15.24 -7.74 34.00
CA SER E 853 15.71 -8.09 35.32
C SER E 853 16.75 -7.08 35.75
N VAL E 854 17.08 -7.11 37.04
CA VAL E 854 18.21 -6.36 37.52
C VAL E 854 18.93 -7.30 38.48
N ARG E 855 20.26 -7.32 38.44
CA ARG E 855 21.00 -8.17 39.35
C ARG E 855 21.08 -7.47 40.71
N VAL E 856 20.54 -8.10 41.74
CA VAL E 856 20.66 -7.54 43.08
C VAL E 856 21.73 -8.30 43.88
N LEU E 857 22.08 -7.73 45.04
CA LEU E 857 23.15 -8.25 45.87
C LEU E 857 22.86 -7.84 47.32
N CYS E 858 22.80 -8.81 48.21
CA CYS E 858 22.48 -8.50 49.58
C CYS E 858 23.74 -8.31 50.38
N TYR E 859 23.80 -7.19 51.10
CA TYR E 859 24.83 -6.97 52.09
C TYR E 859 24.14 -6.98 53.44
N TYR E 860 24.82 -7.52 54.44
CA TYR E 860 24.26 -7.63 55.76
C TYR E 860 24.85 -6.57 56.67
N VAL E 861 24.00 -5.86 57.39
CA VAL E 861 24.50 -4.83 58.30
C VAL E 861 24.06 -5.00 59.77
N ASP E 862 25.03 -4.83 60.65
CA ASP E 862 24.86 -4.94 62.08
C ASP E 862 24.39 -3.61 62.63
N THR E 863 24.56 -3.44 63.92
CA THR E 863 23.99 -2.27 64.60
C THR E 863 24.89 -1.03 64.64
N ALA E 864 26.20 -1.23 64.63
CA ALA E 864 27.16 -0.13 64.57
C ALA E 864 26.85 1.01 63.56
N GLY E 865 26.63 0.73 62.27
CA GLY E 865 26.62 -0.61 61.70
C GLY E 865 27.50 -0.70 60.47
N ASN E 866 28.38 -1.69 60.47
CA ASN E 866 29.22 -1.94 59.30
C ASN E 866 28.61 -3.03 58.40
N ARG E 867 28.96 -3.00 57.11
CA ARG E 867 28.26 -3.81 56.11
C ARG E 867 29.06 -5.06 55.74
N TRP E 868 28.33 -6.16 55.56
CA TRP E 868 29.00 -7.44 55.37
C TRP E 868 28.35 -8.29 54.29
N LEU E 869 29.21 -8.86 53.45
CA LEU E 869 28.81 -9.80 52.41
C LEU E 869 28.07 -11.01 52.96
N ASP E 870 28.30 -11.36 54.22
CA ASP E 870 27.72 -12.59 54.77
C ASP E 870 26.77 -12.39 55.95
N PRO E 871 25.91 -13.40 56.22
CA PRO E 871 25.00 -13.42 57.36
C PRO E 871 25.74 -13.36 58.70
N GLU E 872 26.92 -13.98 58.71
CA GLU E 872 27.75 -14.08 59.89
C GLU E 872 28.27 -12.77 60.51
N CYS E 873 28.41 -11.72 59.69
CA CYS E 873 29.29 -10.53 59.50
C CYS E 873 30.83 -10.63 59.66
N THR E 874 31.47 -11.59 58.96
CA THR E 874 32.94 -11.72 58.97
C THR E 874 33.62 -11.04 57.78
N VAL E 875 33.06 -11.22 56.59
CA VAL E 875 33.62 -10.64 55.37
C VAL E 875 33.19 -9.19 55.20
N GLU E 876 34.14 -8.26 55.29
CA GLU E 876 33.75 -6.87 55.17
C GLU E 876 33.38 -6.62 53.73
N PHE E 877 32.43 -5.71 53.57
CA PHE E 877 31.97 -5.25 52.28
C PHE E 877 33.05 -4.38 51.64
N PRO E 878 33.57 -4.80 50.47
CA PRO E 878 34.67 -4.10 49.80
C PRO E 878 34.29 -2.77 49.14
N GLU E 879 34.83 -1.65 49.63
CA GLU E 879 34.54 -0.34 49.05
C GLU E 879 35.60 0.02 48.03
N GLN E 880 36.67 -0.77 48.02
CA GLN E 880 37.75 -0.63 47.06
C GLN E 880 38.11 -2.02 46.59
N GLY E 881 38.81 -2.09 45.46
CA GLY E 881 39.15 -3.38 44.88
C GLY E 881 40.30 -4.05 45.61
N THR E 882 41.03 -4.88 44.87
CA THR E 882 42.30 -5.41 45.31
C THR E 882 43.39 -5.03 44.31
N GLY E 883 44.42 -4.35 44.81
CA GLY E 883 45.58 -3.99 44.02
C GLY E 883 45.37 -2.75 43.19
N ARG E 884 46.45 -2.22 42.65
CA ARG E 884 46.33 -1.19 41.64
C ARG E 884 45.43 -0.05 42.07
N GLU E 885 45.63 0.46 43.28
CA GLU E 885 44.77 1.52 43.76
C GLU E 885 43.33 1.06 43.81
N GLY E 886 43.14 -0.15 44.31
CA GLY E 886 41.80 -0.58 44.64
C GLY E 886 40.93 -0.52 43.42
N ARG E 887 41.53 -0.75 42.28
CA ARG E 887 40.78 -0.98 41.07
C ARG E 887 40.25 -2.39 41.24
N PHE E 888 39.21 -2.75 40.48
CA PHE E 888 38.61 -4.05 40.63
C PHE E 888 39.09 -5.01 39.54
N THR E 889 39.65 -6.12 39.96
CA THR E 889 40.10 -7.14 39.02
C THR E 889 38.94 -8.14 38.64
N MET E 890 38.94 -8.57 37.37
CA MET E 890 38.10 -9.66 36.85
C MET E 890 37.81 -10.76 37.87
N ALA E 891 38.85 -11.11 38.61
CA ALA E 891 38.74 -12.11 39.66
C ALA E 891 37.92 -11.61 40.85
N ASP E 892 37.97 -10.31 41.11
CA ASP E 892 37.16 -9.75 42.17
C ASP E 892 35.71 -9.75 41.74
N CYS E 893 35.49 -9.25 40.53
CA CYS E 893 34.17 -9.17 39.91
C CYS E 893 33.52 -10.54 39.86
N ARG E 894 34.30 -11.55 39.47
CA ARG E 894 33.81 -12.91 39.50
C ARG E 894 33.27 -13.27 40.87
N ASP E 895 33.97 -12.90 41.94
CA ASP E 895 33.54 -13.22 43.30
C ASP E 895 32.31 -12.48 43.72
N LEU E 896 32.29 -11.18 43.45
CA LEU E 896 31.16 -10.35 43.80
C LEU E 896 29.94 -10.87 43.08
N VAL E 897 30.04 -10.98 41.77
CA VAL E 897 28.89 -11.34 40.95
C VAL E 897 28.33 -12.71 41.32
N ALA E 898 29.19 -13.68 41.62
CA ALA E 898 28.71 -15.01 41.97
C ALA E 898 27.79 -15.04 43.21
N ARG E 899 27.61 -13.88 43.86
CA ARG E 899 26.66 -13.73 44.95
C ARG E 899 25.38 -13.05 44.47
N THR E 900 25.45 -12.40 43.31
CA THR E 900 24.35 -11.60 42.79
C THR E 900 23.12 -12.44 42.51
N ILE E 901 21.98 -11.79 42.39
CA ILE E 901 20.75 -12.54 42.15
C ILE E 901 19.75 -11.72 41.33
N PRO E 902 19.29 -12.29 40.22
CA PRO E 902 18.45 -11.61 39.23
C PRO E 902 17.00 -11.46 39.70
N VAL E 903 16.45 -10.25 39.66
CA VAL E 903 15.09 -9.99 40.16
C VAL E 903 14.29 -9.20 39.15
N ARG E 904 13.07 -9.62 38.87
CA ARG E 904 12.24 -8.98 37.85
C ARG E 904 11.88 -7.55 38.24
N MET E 905 12.13 -6.65 37.32
CA MET E 905 11.93 -5.24 37.54
C MET E 905 10.49 -4.91 37.76
N GLY E 906 10.22 -4.18 38.83
CA GLY E 906 8.86 -3.72 39.10
C GLY E 906 8.79 -2.27 39.58
N PRO E 907 7.79 -1.98 40.44
CA PRO E 907 7.60 -0.65 40.99
C PRO E 907 8.65 -0.36 42.06
N TRP E 908 9.13 -1.41 42.73
CA TRP E 908 10.21 -1.28 43.70
C TRP E 908 11.47 -0.66 43.09
N ALA E 909 11.69 -0.87 41.80
CA ALA E 909 12.82 -0.27 41.12
C ALA E 909 12.75 1.24 41.21
N SER E 910 11.54 1.75 41.06
CA SER E 910 11.27 3.19 41.01
C SER E 910 11.39 3.90 42.36
N GLN E 911 11.17 3.17 43.45
CA GLN E 911 11.27 3.77 44.76
C GLN E 911 12.55 3.33 45.47
N LEU E 912 13.68 3.64 44.84
CA LEU E 912 14.96 3.18 45.34
C LEU E 912 15.64 4.34 46.03
N THR E 913 16.28 4.05 47.16
CA THR E 913 16.96 5.07 47.98
C THR E 913 18.47 5.10 47.73
N GLU E 914 19.18 5.90 48.51
CA GLU E 914 20.61 6.15 48.27
C GLU E 914 21.51 5.01 48.73
N ASP E 915 21.03 4.22 49.68
CA ASP E 915 21.83 3.10 50.20
C ASP E 915 21.48 1.75 49.51
N ASN E 916 20.94 1.85 48.32
CA ASN E 916 20.73 0.70 47.46
C ASN E 916 21.74 0.70 46.32
N HIS E 917 22.33 1.87 46.08
CA HIS E 917 23.35 2.06 45.08
C HIS E 917 24.74 1.78 45.63
N PRO E 918 25.67 1.35 44.75
CA PRO E 918 27.00 0.91 45.20
C PRO E 918 28.01 2.06 45.26
N PRO E 919 29.05 1.92 46.11
CA PRO E 919 30.13 2.89 46.31
C PRO E 919 30.69 3.45 45.01
N GLU E 920 31.25 4.65 45.06
CA GLU E 920 31.80 5.29 43.88
C GLU E 920 32.82 4.38 43.19
N ALA E 921 33.61 3.70 44.00
CA ALA E 921 34.69 2.84 43.49
C ALA E 921 34.16 1.67 42.66
N TRP E 922 32.88 1.36 42.86
CA TRP E 922 32.24 0.29 42.13
C TRP E 922 31.87 0.72 40.72
N ARG E 923 31.48 1.99 40.58
CA ARG E 923 30.96 2.49 39.32
C ARG E 923 32.03 2.48 38.21
N GLU E 924 33.29 2.36 38.63
CA GLU E 924 34.43 2.33 37.72
C GLU E 924 34.46 1.05 36.87
N SER E 925 33.72 0.04 37.32
CA SER E 925 33.76 -1.28 36.70
C SER E 925 32.48 -1.61 35.93
N PHE E 926 32.62 -1.93 34.65
CA PHE E 926 31.51 -2.24 33.77
C PHE E 926 30.54 -3.22 34.39
N TYR E 927 31.08 -4.17 35.15
CA TYR E 927 30.29 -5.26 35.71
C TYR E 927 29.58 -4.97 37.03
N LEU E 928 30.20 -4.21 37.92
CA LEU E 928 29.58 -3.89 39.20
C LEU E 928 28.77 -2.63 39.17
N ARG E 929 28.85 -1.90 38.08
CA ARG E 929 28.33 -0.55 38.07
C ARG E 929 26.85 -0.49 38.36
N ASP E 930 26.09 -1.38 37.75
CA ASP E 930 24.65 -1.22 37.75
C ASP E 930 23.95 -2.08 38.78
N LEU E 931 24.69 -2.63 39.71
CA LEU E 931 24.11 -3.49 40.72
C LEU E 931 23.17 -2.72 41.60
N VAL E 932 22.21 -3.40 42.18
CA VAL E 932 21.33 -2.83 43.19
C VAL E 932 21.61 -3.60 44.47
N LEU E 933 21.87 -2.88 45.56
CA LEU E 933 22.21 -3.54 46.82
C LEU E 933 21.00 -3.70 47.71
N ILE E 934 20.96 -4.81 48.42
CA ILE E 934 19.82 -5.07 49.28
C ILE E 934 20.33 -5.18 50.72
N PRO E 935 19.89 -4.26 51.58
CA PRO E 935 20.25 -4.26 52.99
C PRO E 935 19.56 -5.36 53.76
N GLN E 936 20.36 -6.18 54.41
CA GLN E 936 19.83 -7.14 55.36
C GLN E 936 20.31 -6.78 56.77
N ARG E 937 19.35 -6.58 57.68
CA ARG E 937 19.62 -6.27 59.09
C ARG E 937 19.84 -7.55 59.88
N VAL E 938 21.05 -7.74 60.39
CA VAL E 938 21.28 -8.84 61.33
C VAL E 938 21.37 -8.20 62.73
N THR E 939 20.64 -8.78 63.68
CA THR E 939 20.58 -8.24 65.04
C THR E 939 21.90 -8.40 65.79
N ASP E 940 21.98 -7.80 66.97
CA ASP E 940 23.12 -8.02 67.84
C ASP E 940 23.23 -9.51 68.18
N GLU E 941 22.07 -10.17 68.32
CA GLU E 941 22.00 -11.60 68.63
C GLU E 941 22.36 -12.51 67.43
N GLY E 942 22.39 -11.94 66.23
CA GLY E 942 22.87 -12.66 65.06
C GLY E 942 21.89 -13.27 64.05
N ALA E 943 20.64 -12.80 64.04
CA ALA E 943 19.65 -13.30 63.08
C ALA E 943 19.19 -12.22 62.10
N VAL E 944 18.68 -12.64 60.95
CA VAL E 944 18.37 -11.73 59.84
C VAL E 944 16.90 -11.23 59.77
N LEU E 945 16.74 -9.94 59.48
CA LEU E 945 15.42 -9.30 59.45
C LEU E 945 15.00 -8.87 58.06
N PRO E 946 13.77 -9.22 57.66
CA PRO E 946 13.12 -8.65 56.47
C PRO E 946 13.23 -7.14 56.52
N THR E 947 13.92 -6.54 55.55
CA THR E 947 14.29 -5.14 55.62
C THR E 947 13.72 -4.33 54.45
N GLU E 948 13.14 -3.18 54.76
CA GLU E 948 12.47 -2.38 53.74
C GLU E 948 13.46 -1.89 52.70
N THR E 949 13.10 -2.08 51.43
CA THR E 949 13.80 -1.49 50.28
C THR E 949 12.92 -1.50 49.03
N GLY E 950 12.62 -0.30 48.52
CA GLY E 950 11.71 -0.13 47.41
C GLY E 950 10.24 -0.29 47.75
N GLY E 951 9.84 0.15 48.94
CA GLY E 951 8.46 0.00 49.35
C GLY E 951 8.01 -1.45 49.52
N ARG E 952 8.95 -2.34 49.86
CA ARG E 952 8.60 -3.68 50.31
C ARG E 952 9.77 -4.29 51.11
N GLU E 953 9.52 -5.40 51.79
CA GLU E 953 10.53 -6.01 52.66
C GLU E 953 11.19 -7.23 52.01
N TRP E 954 12.47 -7.45 52.29
CA TRP E 954 13.26 -8.40 51.52
C TRP E 954 14.05 -9.32 52.42
N LEU E 955 13.96 -10.63 52.22
CA LEU E 955 14.70 -11.56 53.08
C LEU E 955 15.41 -12.68 52.32
N LEU E 956 16.74 -12.77 52.46
CA LEU E 956 17.49 -13.81 51.76
C LEU E 956 17.67 -15.04 52.62
N ASP E 957 16.63 -15.88 52.64
CA ASP E 957 16.67 -17.19 53.26
C ASP E 957 17.59 -18.12 52.48
N PRO E 958 18.52 -18.82 53.17
CA PRO E 958 19.48 -19.68 52.46
C PRO E 958 19.00 -21.08 52.09
N CYS E 959 17.72 -21.35 52.28
CA CYS E 959 17.16 -22.60 51.80
C CYS E 959 16.01 -22.34 50.81
N LYS E 960 15.65 -21.07 50.68
CA LYS E 960 14.58 -20.60 49.80
C LYS E 960 14.96 -19.45 48.83
N GLY E 961 16.17 -18.92 48.92
CA GLY E 961 16.54 -17.79 48.08
C GLY E 961 15.88 -16.51 48.57
N LEU E 962 15.79 -15.50 47.69
CA LEU E 962 15.21 -14.21 48.04
C LEU E 962 13.72 -14.33 48.33
N ILE E 963 13.25 -13.57 49.32
CA ILE E 963 11.83 -13.55 49.65
C ILE E 963 11.29 -12.13 49.76
N PHE E 964 10.24 -11.85 48.98
CA PHE E 964 9.41 -10.67 49.18
C PHE E 964 7.99 -10.92 48.68
N PRO G 34 -18.78 3.71 32.31
CA PRO G 34 -18.47 3.23 33.67
C PRO G 34 -18.04 4.36 34.63
N PRO G 35 -18.23 4.14 35.96
CA PRO G 35 -17.89 5.19 36.93
C PRO G 35 -16.38 5.40 37.09
N LEU G 36 -15.86 6.52 36.56
CA LEU G 36 -14.41 6.71 36.51
C LEU G 36 -13.79 6.65 37.88
N ASP G 37 -12.49 6.32 37.89
CA ASP G 37 -11.70 6.13 39.09
C ASP G 37 -10.76 7.34 39.28
N LEU G 38 -10.50 7.72 40.52
CA LEU G 38 -9.69 8.90 40.77
C LEU G 38 -8.30 8.52 41.21
N ARG G 39 -8.04 7.21 41.26
CA ARG G 39 -6.74 6.72 41.70
C ARG G 39 -5.62 7.12 40.74
N PHE G 40 -5.95 7.21 39.47
CA PHE G 40 -4.99 7.54 38.45
C PHE G 40 -4.54 8.99 38.58
N TRP G 41 -3.26 9.15 38.87
CA TRP G 41 -2.68 10.45 39.24
C TRP G 41 -1.94 11.10 38.08
N ALA G 42 -1.60 12.38 38.25
CA ALA G 42 -0.97 13.19 37.22
C ALA G 42 0.28 13.84 37.76
N LYS G 43 0.29 14.08 39.05
CA LYS G 43 1.43 14.75 39.64
C LYS G 43 1.69 14.21 41.02
N GLU G 44 2.96 14.02 41.37
CA GLU G 44 3.30 13.69 42.73
C GLU G 44 4.39 14.56 43.34
N ARG G 45 5.30 15.03 42.51
CA ARG G 45 6.44 15.77 43.02
C ARG G 45 6.02 17.07 43.63
N GLY G 46 6.59 17.38 44.78
CA GLY G 46 6.31 18.63 45.46
C GLY G 46 5.01 18.72 46.21
N LEU G 47 4.39 17.58 46.49
CA LEU G 47 3.05 17.57 47.06
C LEU G 47 2.93 17.13 48.52
N ARG G 48 4.01 17.15 49.25
CA ARG G 48 3.99 16.76 50.67
C ARG G 48 3.49 15.34 50.98
N GLY G 49 3.51 14.46 49.98
CA GLY G 49 3.11 13.08 50.20
C GLY G 49 1.75 12.73 49.64
N LYS G 50 1.19 13.61 48.81
CA LYS G 50 -0.07 13.28 48.17
C LYS G 50 -0.03 13.43 46.64
N THR G 51 -0.99 12.78 45.98
CA THR G 51 -1.00 12.68 44.52
C THR G 51 -2.24 13.33 43.92
N TYR G 52 -2.04 14.17 42.91
CA TYR G 52 -3.13 14.87 42.23
C TYR G 52 -3.64 14.03 41.07
N PRO G 53 -4.96 13.74 41.06
CA PRO G 53 -5.61 12.82 40.12
C PRO G 53 -5.64 13.34 38.68
N LEU G 54 -5.70 12.39 37.76
CA LEU G 54 -5.43 12.70 36.39
C LEU G 54 -6.51 13.60 35.79
N VAL G 55 -7.76 13.35 36.21
CA VAL G 55 -8.96 14.08 35.75
C VAL G 55 -8.90 15.54 36.09
N CYS G 56 -8.53 15.78 37.35
CA CYS G 56 -8.41 17.11 37.87
C CYS G 56 -7.39 17.90 37.05
N HIS G 57 -6.26 17.29 36.74
CA HIS G 57 -5.26 17.92 35.86
C HIS G 57 -5.78 18.18 34.43
N SER G 58 -6.40 17.16 33.83
CA SER G 58 -7.03 17.33 32.54
C SER G 58 -7.98 18.52 32.58
N LEU G 59 -8.91 18.45 33.53
CA LEU G 59 -9.89 19.50 33.76
C LEU G 59 -9.29 20.88 33.97
N ASP G 60 -8.24 20.94 34.78
CA ASP G 60 -7.56 22.17 35.11
C ASP G 60 -7.02 22.86 33.87
N ALA G 61 -6.43 22.09 32.98
CA ALA G 61 -5.79 22.67 31.78
C ALA G 61 -6.82 23.00 30.71
N ALA G 62 -7.89 22.20 30.70
CA ALA G 62 -9.05 22.47 29.87
C ALA G 62 -9.53 23.89 30.19
N ALA G 63 -9.80 24.13 31.48
CA ALA G 63 -10.22 25.43 31.97
C ALA G 63 -9.22 26.53 31.57
N ALA G 64 -7.95 26.27 31.83
CA ALA G 64 -6.88 27.20 31.52
C ALA G 64 -6.88 27.64 30.03
N ALA G 65 -7.11 26.68 29.14
CA ALA G 65 -7.01 26.92 27.70
C ALA G 65 -8.12 27.86 27.28
N LEU G 66 -9.30 27.64 27.87
CA LEU G 66 -10.50 28.44 27.59
C LEU G 66 -10.36 29.90 28.06
N VAL G 67 -9.98 30.09 29.32
CA VAL G 67 -9.66 31.41 29.85
C VAL G 67 -8.61 32.11 29.00
N LEU G 68 -7.61 31.35 28.56
CA LEU G 68 -6.56 31.87 27.63
C LEU G 68 -7.16 32.27 26.27
N TRP G 69 -8.09 31.44 25.79
CA TRP G 69 -8.78 31.68 24.55
C TRP G 69 -9.52 33.01 24.57
N ASN G 70 -10.08 33.36 25.74
CA ASN G 70 -10.89 34.59 25.88
C ASN G 70 -10.12 35.86 26.34
N GLU G 71 -9.40 35.77 27.46
CA GLU G 71 -8.76 36.93 28.09
C GLU G 71 -7.38 37.30 27.59
N TYR G 72 -6.65 36.32 27.08
CA TYR G 72 -5.24 36.50 26.79
C TYR G 72 -4.88 36.60 25.32
N LEU G 73 -5.53 35.77 24.51
CA LEU G 73 -5.24 35.78 23.09
C LEU G 73 -5.59 37.11 22.48
N SER G 74 -4.77 37.59 21.56
CA SER G 74 -5.19 38.68 20.71
C SER G 74 -6.47 38.28 19.98
N PRO G 75 -7.45 39.20 19.94
CA PRO G 75 -8.66 38.93 19.16
C PRO G 75 -8.31 38.57 17.72
N GLY G 76 -7.47 39.36 17.07
CA GLY G 76 -7.08 39.10 15.69
C GLY G 76 -6.59 37.69 15.39
N LEU G 77 -5.79 37.15 16.29
CA LEU G 77 -5.33 35.78 16.15
C LEU G 77 -6.47 34.79 16.45
N ARG G 78 -7.34 35.11 17.42
CA ARG G 78 -8.50 34.28 17.76
C ARG G 78 -9.42 34.13 16.53
N ASP G 79 -9.51 35.22 15.79
CA ASP G 79 -10.15 35.25 14.47
C ASP G 79 -9.44 34.23 13.59
N THR G 80 -8.19 34.55 13.27
CA THR G 80 -7.30 33.72 12.45
C THR G 80 -7.39 32.21 12.72
N ILE G 81 -7.24 31.83 13.98
CA ILE G 81 -7.44 30.44 14.40
C ILE G 81 -8.81 29.94 13.95
N ALA G 82 -9.88 30.53 14.52
CA ALA G 82 -11.24 30.08 14.27
C ALA G 82 -11.60 30.08 12.80
N SER G 83 -11.13 31.10 12.10
CA SER G 83 -11.25 31.14 10.66
C SER G 83 -10.76 29.82 10.10
N SER G 84 -9.49 29.51 10.32
CA SER G 84 -8.87 28.34 9.70
C SER G 84 -9.53 26.99 10.04
N MET G 85 -10.26 26.94 11.14
CA MET G 85 -11.01 25.74 11.47
C MET G 85 -12.40 25.79 10.84
N GLU G 86 -12.69 26.94 10.22
CA GLU G 86 -14.00 27.19 9.61
C GLU G 86 -15.12 26.94 10.60
N THR G 87 -15.22 27.81 11.61
CA THR G 87 -16.27 27.74 12.62
C THR G 87 -16.20 28.96 13.54
N ASP G 88 -17.21 29.11 14.40
CA ASP G 88 -17.32 30.31 15.21
C ASP G 88 -16.35 30.28 16.39
N GLU G 89 -15.90 31.46 16.83
CA GLU G 89 -14.91 31.57 17.90
C GLU G 89 -15.35 30.86 19.17
N GLU G 90 -16.64 30.86 19.48
CA GLU G 90 -17.10 30.22 20.69
C GLU G 90 -16.91 28.74 20.55
N HIS G 91 -17.08 28.26 19.32
CA HIS G 91 -16.89 26.85 19.02
C HIS G 91 -15.43 26.57 19.16
N ALA G 92 -14.63 27.23 18.30
CA ALA G 92 -13.18 27.04 18.22
C ALA G 92 -12.62 26.88 19.62
N GLY G 93 -12.78 27.93 20.42
CA GLY G 93 -12.43 27.91 21.82
C GLY G 93 -12.80 26.64 22.59
N HIS G 94 -14.03 26.17 22.43
CA HIS G 94 -14.44 24.99 23.17
C HIS G 94 -13.79 23.70 22.69
N CYS G 95 -13.39 23.65 21.41
CA CYS G 95 -12.65 22.46 20.97
C CYS G 95 -11.26 22.54 21.54
N ILE G 96 -10.60 23.64 21.28
CA ILE G 96 -9.27 23.89 21.82
C ILE G 96 -9.22 23.56 23.29
N ALA G 97 -10.19 24.08 24.04
CA ALA G 97 -10.30 23.76 25.46
C ALA G 97 -10.43 22.25 25.72
N PHE G 98 -11.29 21.61 24.94
CA PHE G 98 -11.48 20.16 25.03
C PHE G 98 -10.21 19.40 24.62
N TRP G 99 -9.43 20.00 23.73
CA TRP G 99 -8.20 19.36 23.29
C TRP G 99 -7.25 19.40 24.45
N ALA G 100 -7.02 20.60 24.96
CA ALA G 100 -6.11 20.79 26.10
C ALA G 100 -6.42 19.81 27.23
N GLY G 101 -7.71 19.60 27.50
CA GLY G 101 -8.11 18.62 28.48
C GLY G 101 -7.48 17.24 28.26
N LEU G 102 -7.19 16.91 27.02
CA LEU G 102 -6.72 15.56 26.71
C LEU G 102 -5.20 15.36 26.76
N HIS G 103 -4.47 16.47 26.80
CA HIS G 103 -3.01 16.46 26.72
C HIS G 103 -2.29 15.34 27.50
N ASP G 104 -2.72 15.03 28.73
CA ASP G 104 -1.97 14.02 29.49
C ASP G 104 -2.61 12.65 29.54
N ILE G 105 -3.51 12.36 28.61
CA ILE G 105 -4.23 11.09 28.65
C ILE G 105 -3.27 9.91 28.47
N GLY G 106 -2.17 10.15 27.77
CA GLY G 106 -1.08 9.20 27.69
C GLY G 106 -0.56 8.78 29.05
N LYS G 107 -0.83 9.57 30.09
CA LYS G 107 -0.46 9.17 31.46
C LYS G 107 -1.31 8.04 32.07
N LEU G 108 -2.42 7.68 31.43
CA LEU G 108 -3.28 6.61 31.97
C LEU G 108 -2.85 5.26 31.40
N THR G 109 -1.55 5.00 31.50
CA THR G 109 -0.95 3.75 31.03
C THR G 109 -0.38 3.12 32.28
N ARG G 110 0.09 1.88 32.22
CA ARG G 110 0.65 1.31 33.45
C ARG G 110 2.04 1.86 33.77
N GLU G 111 2.92 1.80 32.76
CA GLU G 111 4.30 2.26 32.86
C GLU G 111 4.41 3.58 33.61
N PHE G 112 3.41 4.45 33.42
CA PHE G 112 3.40 5.75 34.07
C PHE G 112 2.81 5.69 35.49
N GLN G 113 1.66 5.07 35.64
CA GLN G 113 1.04 5.00 36.96
C GLN G 113 1.87 4.24 38.00
N GLN G 114 2.61 3.23 37.55
CA GLN G 114 3.41 2.40 38.47
C GLN G 114 4.71 3.02 39.00
N GLN G 115 5.00 4.27 38.64
CA GLN G 115 6.22 4.90 39.12
C GLN G 115 6.19 5.13 40.63
N ILE G 116 4.98 5.27 41.16
CA ILE G 116 4.80 5.39 42.60
C ILE G 116 3.90 4.24 43.05
N ALA G 117 3.56 4.22 44.33
CA ALA G 117 2.64 3.20 44.84
C ALA G 117 1.20 3.53 44.45
N ILE G 118 0.47 2.49 44.04
CA ILE G 118 -0.90 2.63 43.59
C ILE G 118 -1.53 1.23 43.46
N ASP G 119 -2.80 1.11 43.82
CA ASP G 119 -3.46 -0.20 43.85
C ASP G 119 -4.07 -0.56 42.50
N LEU G 120 -3.34 -1.34 41.72
CA LEU G 120 -3.84 -1.68 40.41
C LEU G 120 -4.13 -3.15 40.38
N SER G 121 -4.64 -3.64 41.50
CA SER G 121 -5.22 -4.97 41.56
C SER G 121 -6.48 -5.01 40.68
N ALA G 122 -7.26 -3.93 40.72
CA ALA G 122 -8.53 -3.83 39.98
C ALA G 122 -8.40 -3.70 38.44
N TYR G 123 -7.18 -3.74 37.93
CA TYR G 123 -6.96 -3.51 36.51
C TYR G 123 -5.81 -4.41 36.01
N PRO G 124 -6.10 -5.69 35.76
CA PRO G 124 -5.04 -6.60 35.30
C PRO G 124 -4.77 -6.42 33.82
N GLY G 125 -3.94 -7.28 33.24
CA GLY G 125 -3.57 -7.15 31.84
C GLY G 125 -2.66 -5.95 31.60
N GLU G 126 -2.28 -5.75 30.34
CA GLU G 126 -1.38 -4.65 29.97
C GLU G 126 -0.09 -4.61 30.79
N GLU G 127 0.81 -5.57 30.57
CA GLU G 127 2.08 -5.59 31.30
C GLU G 127 3.15 -4.75 30.65
N LEU G 128 4.07 -4.25 31.47
CA LEU G 128 5.18 -3.38 31.04
C LEU G 128 5.91 -3.83 29.77
N SER G 129 5.99 -2.97 28.75
CA SER G 129 6.53 -3.41 27.46
C SER G 129 8.03 -3.48 27.46
N GLY G 130 8.64 -2.53 28.14
CA GLY G 130 10.07 -2.33 28.09
C GLY G 130 10.28 -1.06 27.33
N GLU G 131 9.27 -0.69 26.56
CA GLU G 131 9.35 0.43 25.63
C GLU G 131 9.82 1.71 26.29
N GLN G 132 9.36 1.96 27.50
CA GLN G 132 9.67 3.20 28.19
C GLN G 132 9.25 4.33 27.31
N ARG G 133 8.03 4.32 26.82
CA ARG G 133 7.64 5.37 25.90
C ARG G 133 7.15 6.54 26.72
N SER G 134 7.28 7.77 26.22
CA SER G 134 6.90 8.92 27.03
C SER G 134 5.41 9.05 27.02
N HIS G 135 4.83 9.59 28.08
CA HIS G 135 3.38 9.74 28.14
C HIS G 135 2.86 10.64 27.03
N ALA G 136 3.65 11.62 26.63
CA ALA G 136 3.25 12.52 25.54
C ALA G 136 3.16 11.77 24.22
N ALA G 137 3.96 10.72 24.11
CA ALA G 137 3.97 9.87 22.93
C ALA G 137 2.75 8.98 22.96
N ALA G 138 2.46 8.46 24.14
CA ALA G 138 1.27 7.65 24.37
C ALA G 138 0.01 8.45 24.05
N THR G 139 0.01 9.73 24.38
CA THR G 139 -1.16 10.55 24.11
C THR G 139 -1.36 10.60 22.62
N GLY G 140 -0.28 10.81 21.88
CA GLY G 140 -0.36 10.92 20.42
C GLY G 140 -0.69 9.64 19.69
N LYS G 141 -0.62 8.51 20.38
CA LYS G 141 -0.69 7.21 19.74
C LYS G 141 -2.01 6.52 20.11
N TRP G 142 -2.73 7.06 21.11
CA TRP G 142 -4.06 6.53 21.50
C TRP G 142 -5.20 7.37 20.89
N LEU G 143 -5.02 8.68 20.97
CA LEU G 143 -6.01 9.63 20.47
C LEU G 143 -6.49 9.45 19.00
N PRO G 144 -5.60 9.04 18.06
CA PRO G 144 -6.13 8.93 16.69
C PRO G 144 -7.26 7.91 16.56
N PHE G 145 -7.35 6.99 17.51
CA PHE G 145 -8.28 5.88 17.42
C PHE G 145 -9.42 6.00 18.40
N ALA G 146 -9.46 7.06 19.16
CA ALA G 146 -10.53 7.18 20.15
C ALA G 146 -11.34 8.46 19.95
N LEU G 147 -10.77 9.38 19.19
CA LEU G 147 -11.51 10.55 18.73
C LEU G 147 -12.66 10.25 17.74
N PRO G 148 -12.55 9.17 16.95
CA PRO G 148 -13.71 8.91 16.08
C PRO G 148 -14.97 8.49 16.83
N SER G 149 -14.83 7.94 18.03
CA SER G 149 -16.00 7.59 18.83
C SER G 149 -16.81 8.82 19.19
N LEU G 150 -16.21 10.00 19.04
CA LEU G 150 -16.89 11.24 19.36
C LEU G 150 -17.26 11.95 18.07
N GLY G 151 -16.99 11.31 16.95
CA GLY G 151 -17.36 11.85 15.66
C GLY G 151 -16.23 12.55 14.95
N TYR G 152 -15.01 12.36 15.43
CA TYR G 152 -13.87 12.85 14.67
C TYR G 152 -13.66 11.89 13.47
N PRO G 153 -13.61 12.44 12.24
CA PRO G 153 -13.39 11.63 11.03
C PRO G 153 -12.26 10.67 11.24
N ASN G 154 -12.59 9.40 11.35
CA ASN G 154 -11.60 8.36 11.42
C ASN G 154 -10.68 8.40 10.21
N GLY G 155 -9.38 8.21 10.45
CA GLY G 155 -8.37 8.36 9.41
C GLY G 155 -8.23 9.79 8.93
N GLY G 156 -8.83 10.71 9.68
CA GLY G 156 -9.01 12.09 9.24
C GLY G 156 -7.77 12.94 9.34
N LEU G 157 -7.77 14.01 8.55
CA LEU G 157 -6.68 14.97 8.55
C LEU G 157 -6.77 15.73 9.84
N VAL G 158 -7.96 16.27 10.07
CA VAL G 158 -8.30 16.99 11.29
C VAL G 158 -7.96 16.20 12.54
N THR G 159 -8.52 14.99 12.64
CA THR G 159 -8.16 14.01 13.67
C THR G 159 -6.66 13.79 13.75
N GLY G 160 -6.00 13.74 12.59
CA GLY G 160 -4.56 13.54 12.55
C GLY G 160 -3.78 14.62 13.27
N LEU G 161 -3.97 15.86 12.86
CA LEU G 161 -3.32 16.99 13.48
C LEU G 161 -3.67 17.18 14.95
N VAL G 162 -4.92 17.02 15.32
CA VAL G 162 -5.21 17.14 16.74
C VAL G 162 -4.40 16.16 17.56
N ALA G 163 -4.40 14.89 17.19
CA ALA G 163 -3.68 13.86 17.97
C ALA G 163 -2.18 14.15 18.02
N GLN G 164 -1.66 14.72 16.94
CA GLN G 164 -0.22 14.90 16.80
C GLN G 164 0.28 16.08 17.61
N MET G 165 -0.37 17.24 17.44
CA MET G 165 -0.03 18.45 18.17
C MET G 165 -0.12 18.19 19.66
N LEU G 166 -1.21 17.56 20.10
CA LEU G 166 -1.37 17.17 21.49
C LEU G 166 -0.28 16.20 21.92
N GLY G 167 0.35 15.53 20.98
CA GLY G 167 1.43 14.62 21.32
C GLY G 167 2.74 15.33 21.52
N GLY G 168 2.85 16.53 20.96
CA GLY G 168 4.05 17.35 21.06
C GLY G 168 3.90 18.44 22.10
N HIS G 169 3.10 18.14 23.11
CA HIS G 169 2.84 19.08 24.20
C HIS G 169 3.98 19.09 25.19
N HIS G 170 5.05 18.35 24.92
CA HIS G 170 6.28 18.63 25.66
C HIS G 170 7.37 19.11 24.76
N GLY G 171 6.94 19.73 23.65
CA GLY G 171 7.83 20.49 22.81
C GLY G 171 8.30 19.75 21.58
N THR G 172 8.16 18.43 21.61
CA THR G 172 8.72 17.61 20.55
C THR G 172 7.63 16.83 19.83
N PHE G 173 7.56 17.06 18.51
CA PHE G 173 6.58 16.36 17.69
C PHE G 173 7.03 14.92 17.32
N HIS G 174 6.05 14.03 17.24
CA HIS G 174 6.25 12.64 16.89
C HIS G 174 5.58 12.41 15.54
N PRO G 175 6.10 11.47 14.74
CA PRO G 175 5.44 11.29 13.44
C PRO G 175 4.05 10.71 13.61
N HIS G 176 3.19 10.83 12.59
CA HIS G 176 1.92 10.14 12.61
C HIS G 176 2.15 8.64 12.74
N PRO G 177 1.40 8.01 13.65
CA PRO G 177 1.49 6.60 14.02
C PRO G 177 1.22 5.71 12.86
N SER G 178 2.15 4.81 12.53
CA SER G 178 1.94 3.81 11.48
C SER G 178 1.61 2.47 12.12
N PHE G 179 0.65 1.75 11.55
CA PHE G 179 0.34 0.42 12.04
C PHE G 179 0.01 -0.53 10.89
N GLN G 180 0.21 -1.82 11.09
CA GLN G 180 -0.07 -2.81 10.04
C GLN G 180 -1.38 -3.57 10.22
N SER G 181 -1.88 -3.64 11.45
CA SER G 181 -3.09 -4.42 11.71
C SER G 181 -4.35 -3.61 11.49
N ARG G 182 -5.47 -4.22 11.85
CA ARG G 182 -6.77 -3.59 11.68
C ARG G 182 -7.22 -3.12 13.05
N ASN G 183 -6.47 -3.55 14.07
CA ASN G 183 -6.72 -3.18 15.47
C ASN G 183 -5.46 -2.49 16.05
N PRO G 184 -5.28 -1.22 15.71
CA PRO G 184 -4.05 -0.51 16.07
C PRO G 184 -3.89 -0.28 17.59
N LEU G 185 -4.99 -0.05 18.30
CA LEU G 185 -4.94 0.29 19.72
C LEU G 185 -4.21 -0.79 20.44
N ALA G 186 -4.46 -2.02 19.99
CA ALA G 186 -3.81 -3.17 20.57
C ALA G 186 -2.37 -3.14 20.16
N GLU G 187 -2.13 -2.89 18.87
CA GLU G 187 -0.80 -2.89 18.29
C GLU G 187 0.13 -1.89 18.99
N PHE G 188 -0.42 -0.75 19.38
CA PHE G 188 0.28 0.23 20.19
C PHE G 188 0.21 0.00 21.73
N GLY G 189 -0.23 -1.19 22.13
CA GLY G 189 -0.10 -1.62 23.52
C GLY G 189 -1.28 -1.37 24.44
N PHE G 190 -2.34 -0.78 23.92
CA PHE G 190 -3.51 -0.56 24.74
C PHE G 190 -4.43 -1.75 24.62
N SER G 191 -4.19 -2.78 25.41
CA SER G 191 -4.91 -4.04 25.19
C SER G 191 -5.82 -4.53 26.31
N SER G 192 -5.76 -3.97 27.51
CA SER G 192 -6.68 -4.44 28.54
C SER G 192 -7.91 -3.57 28.50
N PRO G 193 -9.08 -4.20 28.43
CA PRO G 193 -10.31 -3.41 28.41
C PRO G 193 -10.49 -2.66 29.73
N HIS G 194 -10.06 -3.27 30.84
CA HIS G 194 -10.11 -2.59 32.11
C HIS G 194 -9.44 -1.22 32.00
N TRP G 195 -8.19 -1.21 31.55
CA TRP G 195 -7.47 0.04 31.36
C TRP G 195 -8.13 0.89 30.27
N GLU G 196 -8.59 0.23 29.22
CA GLU G 196 -9.22 0.93 28.13
C GLU G 196 -10.52 1.60 28.55
N LYS G 197 -11.22 1.01 29.52
CA LYS G 197 -12.47 1.60 29.97
C LYS G 197 -12.19 2.91 30.65
N GLN G 198 -11.21 2.90 31.54
CA GLN G 198 -10.81 4.11 32.24
C GLN G 198 -10.30 5.22 31.31
N ARG G 199 -9.42 4.87 30.38
CA ARG G 199 -8.96 5.83 29.38
C ARG G 199 -10.16 6.51 28.73
N HIS G 200 -11.15 5.71 28.35
CA HIS G 200 -12.31 6.24 27.66
C HIS G 200 -13.19 7.10 28.55
N ALA G 201 -13.38 6.63 29.78
CA ALA G 201 -14.13 7.35 30.78
C ALA G 201 -13.61 8.77 30.87
N LEU G 202 -12.32 8.93 31.17
CA LEU G 202 -11.71 10.23 31.22
C LEU G 202 -11.94 10.99 29.91
N LEU G 203 -12.02 10.29 28.79
CA LEU G 203 -12.17 10.99 27.52
C LEU G 203 -13.53 11.69 27.44
N HIS G 204 -14.59 10.95 27.74
CA HIS G 204 -15.94 11.51 27.76
C HIS G 204 -16.09 12.57 28.85
N ALA G 205 -15.57 12.25 30.03
CA ALA G 205 -15.48 13.20 31.15
C ALA G 205 -15.07 14.60 30.72
N VAL G 206 -13.87 14.74 30.16
CA VAL G 206 -13.45 16.06 29.73
C VAL G 206 -14.17 16.51 28.45
N PHE G 207 -14.77 15.57 27.73
CA PHE G 207 -15.67 15.93 26.64
C PHE G 207 -16.94 16.59 27.21
N ASP G 208 -17.44 16.03 28.31
CA ASP G 208 -18.65 16.55 28.91
C ASP G 208 -18.54 17.92 29.51
N ALA G 209 -17.49 18.16 30.27
CA ALA G 209 -17.27 19.45 30.90
C ALA G 209 -17.06 20.50 29.86
N THR G 210 -16.33 20.10 28.85
CA THR G 210 -15.87 20.99 27.80
C THR G 210 -17.04 21.54 27.01
N GLY G 211 -18.17 20.85 27.05
CA GLY G 211 -19.30 21.27 26.25
C GLY G 211 -19.61 20.44 25.03
N ARG G 212 -19.00 19.27 24.91
CA ARG G 212 -19.39 18.36 23.86
C ARG G 212 -19.29 18.97 22.47
N PRO G 213 -18.20 19.67 22.21
CA PRO G 213 -18.00 20.30 20.91
C PRO G 213 -17.90 19.30 19.79
N THR G 214 -18.51 19.61 18.65
CA THR G 214 -18.39 18.80 17.47
C THR G 214 -17.09 19.07 16.76
N PRO G 215 -16.65 18.06 15.90
CA PRO G 215 -15.36 18.33 15.27
C PRO G 215 -15.38 19.53 14.39
N PRO G 216 -14.18 20.25 14.31
CA PRO G 216 -14.18 21.26 13.23
C PRO G 216 -14.00 20.60 11.88
N ASP G 217 -14.34 21.29 10.81
CA ASP G 217 -14.23 20.70 9.49
C ASP G 217 -12.88 20.83 8.80
N MET G 218 -11.97 21.61 9.35
CA MET G 218 -10.62 21.69 8.83
C MET G 218 -9.67 22.17 9.92
N LEU G 219 -8.38 21.89 9.72
CA LEU G 219 -7.27 22.37 10.54
C LEU G 219 -6.02 22.19 9.68
N ASP G 220 -5.04 23.06 9.82
CA ASP G 220 -3.80 22.87 9.08
C ASP G 220 -2.67 22.83 10.09
N GLY G 221 -1.51 22.32 9.69
CA GLY G 221 -0.34 22.32 10.55
C GLY G 221 -0.10 23.64 11.27
N PRO G 222 0.15 24.71 10.49
CA PRO G 222 0.56 26.01 11.05
C PRO G 222 -0.42 26.54 12.07
N THR G 223 -1.71 26.23 11.95
CA THR G 223 -2.63 26.57 13.04
C THR G 223 -2.37 25.64 14.21
N ALA G 224 -2.49 24.33 13.95
CA ALA G 224 -2.26 23.29 14.94
C ALA G 224 -0.98 23.50 15.71
N SER G 225 0.05 24.01 15.02
CA SER G 225 1.30 24.33 15.68
C SER G 225 1.12 25.48 16.70
N VAL G 226 0.36 26.49 16.32
CA VAL G 226 0.07 27.61 17.22
C VAL G 226 -0.81 27.13 18.36
N VAL G 227 -1.86 26.40 18.03
CA VAL G 227 -2.73 25.80 19.04
C VAL G 227 -1.93 24.98 20.08
N CYS G 228 -0.86 24.34 19.62
CA CYS G 228 0.00 23.52 20.49
C CYS G 228 0.56 24.41 21.59
N GLY G 229 1.06 25.57 21.19
CA GLY G 229 1.60 26.55 22.11
C GLY G 229 0.60 26.90 23.18
N LEU G 230 -0.63 27.23 22.77
CA LEU G 230 -1.68 27.54 23.73
C LEU G 230 -1.85 26.36 24.72
N VAL G 231 -1.92 25.15 24.20
CA VAL G 231 -2.01 23.98 25.05
C VAL G 231 -0.83 23.86 26.01
N ILE G 232 0.35 24.20 25.52
CA ILE G 232 1.53 24.06 26.34
C ILE G 232 1.35 25.03 27.48
N LEU G 233 1.01 26.27 27.14
CA LEU G 233 0.87 27.33 28.13
C LEU G 233 -0.16 26.92 29.18
N ALA G 234 -1.30 26.38 28.75
CA ALA G 234 -2.24 25.77 29.68
C ALA G 234 -1.64 24.76 30.65
N ASP G 235 -0.83 23.80 30.16
CA ASP G 235 -0.22 22.83 31.09
C ASP G 235 0.62 23.59 32.06
N TRP G 236 1.34 24.57 31.55
CA TRP G 236 2.35 25.17 32.37
C TRP G 236 1.69 25.85 33.54
N LEU G 237 0.69 26.67 33.27
CA LEU G 237 0.00 27.40 34.33
C LEU G 237 -0.65 26.50 35.42
N VAL G 238 -1.42 25.49 35.05
CA VAL G 238 -2.03 24.66 36.09
C VAL G 238 -1.05 23.71 36.74
N SER G 239 0.24 23.93 36.51
CA SER G 239 1.26 22.98 36.98
C SER G 239 2.13 23.53 38.10
N GLN G 240 2.04 24.84 38.34
CA GLN G 240 2.75 25.49 39.42
C GLN G 240 2.40 24.91 40.79
N GLU G 241 3.38 24.86 41.69
CA GLU G 241 3.17 24.18 42.95
C GLU G 241 2.07 24.80 43.80
N ASP G 242 1.94 26.13 43.76
CA ASP G 242 0.91 26.84 44.53
C ASP G 242 -0.47 26.32 44.21
N PHE G 243 -0.91 26.68 43.00
CA PHE G 243 -2.18 26.26 42.41
C PHE G 243 -2.54 24.86 42.81
N LEU G 244 -1.59 23.96 42.65
CA LEU G 244 -1.80 22.57 42.95
C LEU G 244 -2.13 22.36 44.41
N LEU G 245 -1.28 22.91 45.27
CA LEU G 245 -1.41 22.72 46.71
C LEU G 245 -2.75 23.28 47.16
N GLU G 246 -3.07 24.43 46.60
CA GLU G 246 -4.36 25.01 46.78
C GLU G 246 -5.43 24.01 46.39
N ARG G 247 -5.43 23.55 45.14
CA ARG G 247 -6.48 22.62 44.63
C ARG G 247 -6.59 21.32 45.40
N LEU G 248 -5.54 20.99 46.16
CA LEU G 248 -5.44 19.68 46.81
C LEU G 248 -6.40 19.53 47.99
N THR G 249 -6.88 20.68 48.46
CA THR G 249 -7.79 20.73 49.58
C THR G 249 -9.18 20.27 49.17
N SER G 250 -9.58 20.71 47.98
CA SER G 250 -10.95 20.55 47.49
C SER G 250 -11.08 19.64 46.27
N LEU G 251 -10.60 18.41 46.40
CA LEU G 251 -10.76 17.44 45.33
C LEU G 251 -12.22 16.99 45.36
N PRO G 252 -12.75 16.49 44.23
CA PRO G 252 -14.05 15.84 44.23
C PRO G 252 -14.10 14.63 45.19
N ALA G 253 -15.29 14.10 45.41
CA ALA G 253 -15.40 12.90 46.22
C ALA G 253 -15.50 11.63 45.34
N ASP G 254 -15.81 11.81 44.05
CA ASP G 254 -15.92 10.69 43.14
C ASP G 254 -15.94 11.14 41.68
N GLY G 255 -16.09 10.18 40.77
CA GLY G 255 -16.01 10.47 39.35
C GLY G 255 -17.36 10.76 38.75
N SER G 256 -18.26 11.28 39.58
CA SER G 256 -19.60 11.60 39.14
C SER G 256 -19.62 12.87 38.30
N ALA G 257 -20.42 12.84 37.23
CA ALA G 257 -20.42 13.89 36.22
C ALA G 257 -20.57 15.27 36.86
N SER G 258 -21.25 15.32 37.98
CA SER G 258 -21.39 16.55 38.75
C SER G 258 -20.05 17.01 39.34
N ALA G 259 -19.50 16.19 40.22
CA ALA G 259 -18.28 16.53 40.96
C ALA G 259 -17.18 17.06 40.05
N LEU G 260 -17.05 16.42 38.90
CA LEU G 260 -16.04 16.82 37.95
C LEU G 260 -16.43 18.16 37.30
N ARG G 261 -17.72 18.31 36.95
CA ARG G 261 -18.22 19.55 36.34
C ARG G 261 -18.17 20.73 37.33
N ALA G 262 -18.05 20.40 38.62
CA ALA G 262 -17.78 21.38 39.67
C ALA G 262 -16.34 21.85 39.60
N HIS G 263 -15.44 20.89 39.77
CA HIS G 263 -14.00 21.08 39.68
C HIS G 263 -13.59 21.89 38.45
N PHE G 264 -14.14 21.55 37.28
CA PHE G 264 -13.78 22.28 36.07
C PHE G 264 -14.25 23.73 36.11
N GLU G 265 -15.44 23.94 36.68
CA GLU G 265 -16.03 25.29 36.75
C GLU G 265 -15.28 26.13 37.76
N THR G 266 -14.91 25.50 38.87
CA THR G 266 -14.14 26.18 39.90
C THR G 266 -12.77 26.54 39.37
N SER G 267 -12.12 25.59 38.69
CA SER G 267 -10.80 25.83 38.11
C SER G 267 -10.80 27.03 37.16
N LEU G 268 -11.89 27.20 36.41
CA LEU G 268 -12.09 28.37 35.54
C LEU G 268 -11.94 29.66 36.33
N ARG G 269 -12.56 29.72 37.50
CA ARG G 269 -12.41 30.90 38.31
C ARG G 269 -10.96 31.13 38.58
N ARG G 270 -10.35 30.23 39.33
CA ARG G 270 -8.97 30.45 39.77
C ARG G 270 -7.97 30.83 38.67
N ILE G 271 -8.39 30.83 37.43
CA ILE G 271 -7.42 31.03 36.38
C ILE G 271 -7.01 32.45 36.04
N PRO G 272 -7.98 33.38 35.88
CA PRO G 272 -7.60 34.77 35.60
C PRO G 272 -6.60 35.32 36.62
N SER G 273 -6.70 34.83 37.86
CA SER G 273 -5.74 35.19 38.90
C SER G 273 -4.32 34.79 38.49
N LEU G 274 -4.19 33.65 37.79
CA LEU G 274 -2.92 33.17 37.27
C LEU G 274 -2.36 34.07 36.16
N LEU G 275 -3.24 34.61 35.35
CA LEU G 275 -2.81 35.52 34.30
C LEU G 275 -2.25 36.81 34.86
N ASP G 276 -2.81 37.29 35.97
CA ASP G 276 -2.36 38.57 36.53
C ASP G 276 -0.98 38.37 37.14
N ALA G 277 -0.89 37.30 37.92
CA ALA G 277 0.27 36.98 38.72
C ALA G 277 1.46 36.81 37.81
N ALA G 278 1.19 36.36 36.59
CA ALA G 278 2.22 36.14 35.58
C ALA G 278 2.38 37.29 34.60
N GLY G 279 1.54 38.33 34.73
CA GLY G 279 1.66 39.55 33.92
C GLY G 279 1.31 39.41 32.45
N LEU G 280 0.29 38.61 32.16
CA LEU G 280 -0.06 38.23 30.78
C LEU G 280 -1.19 39.08 30.20
N ARG G 281 -1.80 39.90 31.05
CA ARG G 281 -2.90 40.76 30.65
C ARG G 281 -2.51 41.69 29.51
N PRO G 282 -3.33 41.74 28.45
CA PRO G 282 -2.94 42.46 27.23
C PRO G 282 -2.67 43.92 27.51
N ILE G 283 -1.69 44.47 26.81
CA ILE G 283 -1.39 45.90 26.86
C ILE G 283 -2.03 46.55 25.64
N THR G 284 -2.88 47.56 25.85
CA THR G 284 -3.57 48.19 24.73
C THR G 284 -3.29 49.68 24.53
N VAL G 285 -3.46 50.13 23.30
CA VAL G 285 -3.15 51.51 22.94
C VAL G 285 -4.25 52.04 22.04
N PRO G 286 -5.01 53.04 22.54
CA PRO G 286 -6.15 53.55 21.79
C PRO G 286 -5.78 54.19 20.44
N PRO G 287 -6.74 54.30 19.49
CA PRO G 287 -6.42 54.91 18.18
C PRO G 287 -5.95 56.36 18.34
N ALA G 288 -4.83 56.72 17.74
CA ALA G 288 -4.34 58.10 17.81
C ALA G 288 -3.58 58.48 16.55
N THR G 289 -3.56 59.77 16.24
CA THR G 289 -2.75 60.29 15.14
C THR G 289 -1.29 60.41 15.60
N PHE G 290 -0.38 60.68 14.68
CA PHE G 290 1.04 60.66 14.99
C PHE G 290 1.44 61.70 16.04
N THR G 291 0.79 62.86 15.97
CA THR G 291 1.14 64.01 16.80
C THR G 291 0.64 63.87 18.24
N GLU G 292 -0.60 63.40 18.39
CA GLU G 292 -1.14 63.07 19.70
C GLU G 292 -0.23 62.11 20.42
N SER G 293 0.26 61.11 19.68
CA SER G 293 1.07 60.03 20.21
C SER G 293 2.51 60.47 20.43
N PHE G 294 2.86 61.63 19.88
CA PHE G 294 4.21 62.15 20.01
C PHE G 294 4.29 63.68 20.26
N PRO G 295 3.51 64.22 21.22
CA PRO G 295 3.51 65.67 21.42
C PRO G 295 4.92 66.30 21.54
N HIS G 296 5.74 65.83 22.48
CA HIS G 296 7.09 66.34 22.69
C HIS G 296 7.91 66.49 21.40
N LEU G 297 7.50 65.81 20.34
CA LEU G 297 8.07 66.04 19.02
C LEU G 297 7.33 67.17 18.32
N SER G 298 7.94 68.35 18.37
CA SER G 298 7.33 69.57 17.83
C SER G 298 7.13 69.50 16.31
N LYS G 299 8.20 69.15 15.59
CA LYS G 299 8.11 69.11 14.14
C LYS G 299 8.25 67.69 13.62
N PRO G 300 7.10 67.01 13.40
CA PRO G 300 7.13 65.75 12.67
C PRO G 300 7.89 65.99 11.34
N ASN G 301 8.96 65.25 11.12
CA ASN G 301 9.87 65.37 9.99
C ASN G 301 9.25 64.73 8.76
N GLY G 302 9.97 64.65 7.65
CA GLY G 302 9.39 64.22 6.38
C GLY G 302 8.82 62.82 6.32
N LEU G 303 9.70 61.87 6.67
CA LEU G 303 9.41 60.45 6.69
C LEU G 303 8.14 60.14 7.50
N GLN G 304 8.14 60.57 8.74
CA GLN G 304 7.03 60.42 9.67
C GLN G 304 5.71 60.94 9.14
N ALA G 305 5.80 62.06 8.43
CA ALA G 305 4.64 62.78 7.92
C ALA G 305 4.11 62.04 6.70
N SER G 306 5.04 61.69 5.81
CA SER G 306 4.75 60.85 4.66
C SER G 306 4.01 59.59 5.07
N LEU G 307 4.51 58.97 6.13
CA LEU G 307 3.94 57.74 6.64
C LEU G 307 2.53 57.98 7.18
N ALA G 308 2.40 58.93 8.09
CA ALA G 308 1.09 59.22 8.69
C ALA G 308 0.02 59.56 7.65
N LYS G 309 0.45 60.24 6.59
CA LYS G 309 -0.45 60.74 5.54
C LYS G 309 -1.10 59.63 4.68
N HIS G 310 -0.28 58.91 3.90
CA HIS G 310 -0.79 57.93 2.93
C HIS G 310 -1.07 56.50 3.48
N LEU G 311 -0.61 56.20 4.69
CA LEU G 311 -0.69 54.86 5.28
C LEU G 311 -2.03 54.35 5.89
N PRO G 312 -2.80 55.21 6.57
CA PRO G 312 -3.95 54.65 7.27
C PRO G 312 -4.99 54.10 6.30
N CYS G 313 -4.87 54.50 5.04
CA CYS G 313 -5.72 53.99 3.97
C CYS G 313 -5.24 52.62 3.56
N LEU G 314 -3.92 52.48 3.47
CA LEU G 314 -3.32 51.25 2.97
C LEU G 314 -3.45 50.07 3.94
N CYS G 315 -3.25 50.31 5.23
CA CYS G 315 -3.22 49.19 6.15
C CYS G 315 -4.66 48.69 6.45
N THR G 316 -5.22 48.03 5.44
CA THR G 316 -6.59 47.49 5.47
C THR G 316 -6.71 46.14 6.20
N GLY G 317 -5.58 45.42 6.31
CA GLY G 317 -5.53 44.19 7.09
C GLY G 317 -4.11 43.77 7.43
N PRO G 318 -3.81 42.46 7.31
CA PRO G 318 -2.47 41.91 7.49
C PRO G 318 -1.51 42.44 6.43
N GLY G 319 -0.32 42.85 6.86
CA GLY G 319 0.62 43.46 5.94
C GLY G 319 2.01 43.71 6.49
N LEU G 320 2.94 43.84 5.55
CA LEU G 320 4.32 44.13 5.86
C LEU G 320 4.62 45.54 5.40
N VAL G 321 5.45 46.23 6.16
CA VAL G 321 5.92 47.57 5.83
C VAL G 321 7.44 47.59 5.83
N LEU G 322 8.05 48.05 4.74
CA LEU G 322 9.50 48.22 4.70
C LEU G 322 9.87 49.71 4.63
N ILE G 323 10.57 50.21 5.64
CA ILE G 323 11.02 51.60 5.69
C ILE G 323 12.54 51.68 5.60
N THR G 324 13.05 52.23 4.51
CA THR G 324 14.49 52.27 4.26
C THR G 324 15.02 53.73 4.20
N ALA G 325 15.52 54.22 5.34
CA ALA G 325 15.90 55.62 5.52
C ALA G 325 17.17 55.68 6.37
N PRO G 326 17.93 56.80 6.28
CA PRO G 326 19.18 56.85 7.04
C PRO G 326 18.95 56.94 8.54
N MET G 327 20.01 56.81 9.32
CA MET G 327 19.93 56.91 10.77
C MET G 327 19.64 58.32 11.23
N GLY G 328 19.08 58.45 12.42
CA GLY G 328 18.69 59.75 12.92
C GLY G 328 17.65 60.42 12.05
N GLU G 329 16.80 59.61 11.42
CA GLU G 329 15.62 60.12 10.74
C GLU G 329 14.37 59.84 11.57
N GLY G 330 14.57 59.46 12.82
CA GLY G 330 13.47 59.22 13.74
C GLY G 330 12.54 58.11 13.32
N LYS G 331 13.10 57.05 12.72
CA LYS G 331 12.32 55.93 12.21
C LYS G 331 11.80 55.03 13.33
N THR G 332 12.43 55.12 14.49
CA THR G 332 11.97 54.36 15.64
C THR G 332 10.53 54.77 15.94
N GLU G 333 10.31 56.07 16.04
CA GLU G 333 8.98 56.65 16.27
C GLU G 333 7.97 56.22 15.19
N ALA G 334 8.34 56.46 13.95
CA ALA G 334 7.56 56.08 12.78
C ALA G 334 7.09 54.63 12.88
N ALA G 335 8.01 53.74 13.25
CA ALA G 335 7.67 52.36 13.42
C ALA G 335 6.56 52.16 14.47
N TYR G 336 6.70 52.76 15.65
CA TYR G 336 5.65 52.61 16.68
C TYR G 336 4.30 52.91 16.09
N HIS G 337 4.21 54.04 15.41
CA HIS G 337 2.92 54.45 14.88
C HIS G 337 2.43 53.56 13.72
N VAL G 338 3.31 53.24 12.78
CA VAL G 338 2.96 52.26 11.77
C VAL G 338 2.54 50.93 12.43
N ALA G 339 3.24 50.57 13.50
CA ALA G 339 2.86 49.41 14.31
C ALA G 339 1.50 49.59 14.98
N ASP G 340 1.14 50.81 15.34
CA ASP G 340 -0.14 51.06 15.98
C ASP G 340 -1.26 50.96 14.95
N LEU G 341 -0.93 51.25 13.70
CA LEU G 341 -1.89 51.17 12.62
C LEU G 341 -2.22 49.73 12.24
N LEU G 342 -1.19 48.90 12.10
CA LEU G 342 -1.39 47.50 11.69
C LEU G 342 -2.02 46.70 12.83
N GLY G 343 -1.70 47.09 14.05
CA GLY G 343 -2.23 46.41 15.22
C GLY G 343 -3.73 46.55 15.40
N LYS G 344 -4.22 47.76 15.14
CA LYS G 344 -5.66 47.98 15.19
C LYS G 344 -6.34 47.15 14.11
N ALA G 345 -5.78 47.17 12.90
CA ALA G 345 -6.44 46.57 11.75
C ALA G 345 -6.48 45.06 11.81
N THR G 346 -5.56 44.45 12.54
CA THR G 346 -5.45 43.01 12.54
C THR G 346 -5.81 42.45 13.89
N GLY G 347 -6.20 43.31 14.81
CA GLY G 347 -6.71 42.84 16.08
C GLY G 347 -5.66 42.22 16.97
N ARG G 348 -4.44 42.73 16.83
CA ARG G 348 -3.32 42.25 17.62
C ARG G 348 -2.70 43.43 18.39
N PRO G 349 -3.01 43.53 19.69
CA PRO G 349 -2.52 44.60 20.57
C PRO G 349 -1.04 44.48 20.89
N GLY G 350 -0.61 43.28 21.27
CA GLY G 350 0.76 42.99 21.65
C GLY G 350 1.81 43.40 20.63
N ARG G 351 3.07 43.38 21.06
CA ARG G 351 4.18 43.88 20.25
C ARG G 351 5.47 43.11 20.54
N PHE G 352 6.36 43.10 19.57
CA PHE G 352 7.72 42.57 19.76
C PHE G 352 8.74 43.30 18.89
N LEU G 353 9.72 43.93 19.55
CA LEU G 353 10.75 44.68 18.83
C LEU G 353 12.04 43.89 18.80
N ALA G 354 12.62 43.75 17.63
CA ALA G 354 13.75 42.84 17.48
C ALA G 354 14.99 43.63 17.06
N LEU G 355 16.04 43.57 17.87
CA LEU G 355 17.20 44.39 17.56
C LEU G 355 18.52 43.61 17.37
N PRO G 356 19.49 44.22 16.65
CA PRO G 356 20.72 43.50 16.28
C PRO G 356 21.65 43.19 17.45
N THR G 357 21.41 43.80 18.60
CA THR G 357 22.26 43.59 19.77
C THR G 357 21.47 43.71 21.06
N MET G 358 22.02 43.16 22.14
CA MET G 358 21.49 43.39 23.48
C MET G 358 21.74 44.84 23.92
N ALA G 359 22.78 45.45 23.35
CA ALA G 359 23.02 46.87 23.52
C ALA G 359 21.79 47.65 23.10
N THR G 360 21.50 47.64 21.80
CA THR G 360 20.38 48.39 21.23
C THR G 360 19.04 47.99 21.84
N ALA G 361 18.86 46.70 22.07
CA ALA G 361 17.62 46.19 22.67
C ALA G 361 17.41 46.79 24.05
N ASP G 362 18.52 47.03 24.75
CA ASP G 362 18.46 47.61 26.08
C ASP G 362 17.90 49.04 26.03
N GLN G 363 18.49 49.85 25.16
CA GLN G 363 18.00 51.21 24.93
C GLN G 363 16.53 51.13 24.61
N MET G 364 16.21 50.40 23.54
CA MET G 364 14.86 50.36 22.98
C MET G 364 13.78 49.88 23.96
N HIS G 365 14.18 49.08 24.94
CA HIS G 365 13.24 48.71 25.98
C HIS G 365 12.79 50.00 26.65
N THR G 366 13.75 50.91 26.85
CA THR G 366 13.46 52.18 27.49
C THR G 366 12.50 53.02 26.65
N ARG G 367 12.96 53.46 25.47
CA ARG G 367 12.11 54.18 24.51
C ARG G 367 10.65 53.74 24.56
N LEU G 368 10.44 52.43 24.37
CA LEU G 368 9.10 51.86 24.32
C LEU G 368 8.43 51.82 25.70
N LYS G 369 9.21 51.67 26.77
CA LYS G 369 8.59 51.56 28.09
C LYS G 369 7.74 52.78 28.42
N GLU G 370 8.33 53.96 28.21
CA GLU G 370 7.64 55.20 28.53
C GLU G 370 6.62 55.51 27.46
N TYR G 371 6.86 55.02 26.24
CA TYR G 371 5.84 55.15 25.23
C TYR G 371 4.62 54.41 25.71
N ALA G 372 4.81 53.29 26.39
CA ALA G 372 3.66 52.58 26.95
C ALA G 372 3.06 53.40 28.09
N ARG G 373 3.94 53.92 28.95
CA ARG G 373 3.58 54.74 30.12
C ARG G 373 2.73 55.94 29.75
N TYR G 374 3.26 56.73 28.83
CA TYR G 374 2.55 57.82 28.22
C TYR G 374 1.21 57.38 27.60
N ARG G 375 1.29 56.47 26.61
CA ARG G 375 0.26 56.19 25.61
C ARG G 375 -0.90 55.29 26.09
N VAL G 376 -0.86 54.86 27.40
CA VAL G 376 -1.93 54.06 27.98
C VAL G 376 -2.57 54.78 29.18
N GLU G 377 -3.70 54.25 29.67
CA GLU G 377 -4.39 54.73 30.88
C GLU G 377 -3.86 54.05 32.15
N SER G 384 -0.94 45.24 35.42
CA SER G 384 -0.39 43.95 35.78
C SER G 384 -0.06 43.10 34.56
N SER G 385 0.39 43.77 33.51
CA SER G 385 0.86 43.12 32.30
C SER G 385 2.25 43.63 32.03
N THR G 386 3.22 42.73 31.83
CA THR G 386 4.63 43.13 31.77
C THR G 386 5.19 43.45 30.39
N LEU G 387 6.21 44.27 30.38
CA LEU G 387 6.91 44.70 29.16
C LEU G 387 8.30 44.06 29.12
N ALA G 388 8.38 42.81 28.66
CA ALA G 388 9.60 41.99 28.80
C ALA G 388 10.79 42.37 27.91
N LEU G 389 11.99 42.20 28.46
CA LEU G 389 13.22 42.36 27.70
C LEU G 389 13.87 41.00 27.53
N LEU G 390 14.07 40.64 26.27
CA LEU G 390 14.44 39.29 25.89
C LEU G 390 15.85 39.16 25.30
N HIS G 391 16.83 38.79 26.12
CA HIS G 391 18.14 38.36 25.64
C HIS G 391 18.88 37.59 26.72
N SER G 392 20.06 37.07 26.40
CA SER G 392 20.77 36.17 27.31
C SER G 392 21.24 36.90 28.54
N MET G 393 21.41 38.20 28.44
CA MET G 393 21.90 39.01 29.55
C MET G 393 20.82 39.78 30.27
N ALA G 394 19.56 39.44 30.00
CA ALA G 394 18.45 40.09 30.65
C ALA G 394 18.54 39.93 32.15
N TRP G 395 18.74 38.70 32.62
CA TRP G 395 18.70 38.42 34.05
C TRP G 395 19.76 39.19 34.83
N LEU G 396 20.77 39.69 34.14
CA LEU G 396 21.87 40.38 34.81
C LEU G 396 21.78 41.87 34.62
N ASN G 397 20.57 42.35 34.33
CA ASN G 397 20.29 43.77 34.29
C ASN G 397 19.51 44.11 35.54
N PRO G 398 20.15 44.86 36.45
CA PRO G 398 19.66 45.06 37.81
C PRO G 398 18.29 45.71 37.78
N ASP G 399 18.14 46.71 36.92
CA ASP G 399 16.88 47.42 36.75
C ASP G 399 15.75 46.48 36.35
N TYR G 400 15.90 45.83 35.20
CA TYR G 400 14.92 44.89 34.68
C TYR G 400 14.50 43.82 35.67
N ALA G 401 15.47 43.04 36.10
CA ALA G 401 15.22 41.82 36.86
C ALA G 401 14.68 42.07 38.25
N PRO G 402 13.95 41.07 38.81
CA PRO G 402 13.48 41.05 40.21
C PRO G 402 14.63 40.84 41.21
N ALA G 403 14.28 40.59 42.48
CA ALA G 403 15.30 40.39 43.51
C ALA G 403 14.85 39.51 44.68
N ASP G 419 5.39 48.78 40.68
CA ASP G 419 5.13 49.65 39.54
C ASP G 419 4.72 48.84 38.32
N PRO G 420 3.83 49.39 37.49
CA PRO G 420 3.35 48.61 36.34
C PRO G 420 4.46 48.44 35.31
N PHE G 421 4.27 47.47 34.41
CA PHE G 421 5.25 47.06 33.40
C PHE G 421 6.38 46.20 33.94
N ALA G 422 6.37 46.01 35.25
CA ALA G 422 7.40 45.25 35.95
C ALA G 422 7.55 43.85 35.40
N ALA G 423 8.79 43.41 35.20
CA ALA G 423 9.02 42.01 34.89
C ALA G 423 8.49 41.17 36.04
N THR G 424 7.79 40.10 35.71
CA THR G 424 7.26 39.20 36.72
C THR G 424 8.20 38.02 36.94
N ASP G 425 7.99 37.28 38.02
CA ASP G 425 8.80 36.09 38.24
C ASP G 425 8.56 35.04 37.14
N TRP G 426 7.33 34.94 36.68
CA TRP G 426 6.98 33.89 35.74
C TRP G 426 7.67 34.13 34.39
N LEU G 427 7.63 35.35 33.90
CA LEU G 427 8.19 35.66 32.60
C LEU G 427 9.70 35.46 32.55
N MET G 428 10.34 35.46 33.71
CA MET G 428 11.78 35.23 33.78
C MET G 428 12.18 33.86 33.28
N GLY G 429 11.34 32.87 33.53
CA GLY G 429 11.67 31.48 33.28
C GLY G 429 11.87 31.17 31.82
N ARG G 430 12.54 30.07 31.52
CA ARG G 430 13.00 29.83 30.17
C ARG G 430 11.89 29.60 29.16
N LYS G 431 11.99 30.33 28.06
CA LYS G 431 11.15 30.14 26.89
C LYS G 431 9.83 30.86 27.01
N ARG G 432 9.58 31.40 28.20
CA ARG G 432 8.34 32.07 28.53
C ARG G 432 8.37 33.52 28.05
N GLY G 433 9.49 33.93 27.51
CA GLY G 433 9.72 35.33 27.19
C GLY G 433 8.81 35.97 26.19
N LEU G 434 8.41 35.25 25.16
CA LEU G 434 7.63 35.86 24.09
C LEU G 434 6.15 35.85 24.38
N LEU G 435 5.77 35.24 25.49
CA LEU G 435 4.40 35.26 25.93
C LEU G 435 3.94 36.61 26.50
N ALA G 436 4.89 37.45 26.87
CA ALA G 436 4.63 38.78 27.38
C ALA G 436 3.87 39.62 26.35
N PRO G 437 2.92 40.45 26.81
CA PRO G 437 2.14 41.31 25.92
C PRO G 437 2.99 42.16 24.98
N TRP G 438 3.88 42.98 25.53
CA TRP G 438 4.86 43.69 24.71
C TRP G 438 6.26 43.22 25.09
N ALA G 439 7.17 43.20 24.12
CA ALA G 439 8.50 42.71 24.41
C ALA G 439 9.51 43.20 23.40
N VAL G 440 10.62 43.73 23.89
CA VAL G 440 11.71 44.04 22.98
C VAL G 440 12.89 43.17 23.35
N GLY G 441 13.45 42.51 22.35
CA GLY G 441 14.54 41.57 22.54
C GLY G 441 15.47 41.57 21.35
N THR G 442 16.50 40.72 21.41
CA THR G 442 17.37 40.60 20.26
C THR G 442 16.64 39.82 19.18
N ILE G 443 17.00 40.08 17.92
CA ILE G 443 16.38 39.41 16.80
C ILE G 443 16.49 37.89 16.96
N ASP G 444 17.46 37.47 17.76
CA ASP G 444 17.76 36.07 17.90
C ASP G 444 16.70 35.30 18.65
N GLN G 445 15.95 36.00 19.50
CA GLN G 445 14.89 35.38 20.29
C GLN G 445 13.67 35.10 19.45
N ALA G 446 13.59 35.75 18.30
CA ALA G 446 12.52 35.49 17.34
C ALA G 446 12.94 34.43 16.32
N LEU G 447 14.19 34.47 15.87
CA LEU G 447 14.69 33.48 14.91
C LEU G 447 14.64 32.05 15.46
N MET G 448 14.66 31.91 16.78
CA MET G 448 14.58 30.59 17.39
C MET G 448 13.20 29.99 17.29
N ALA G 449 12.22 30.76 16.79
CA ALA G 449 10.87 30.22 16.63
C ALA G 449 10.81 29.38 15.36
N VAL G 450 11.69 29.71 14.43
CA VAL G 450 11.73 29.02 13.16
C VAL G 450 12.97 28.15 13.08
N LEU G 451 13.54 27.82 14.24
CA LEU G 451 14.62 26.84 14.28
C LEU G 451 14.01 25.49 14.65
N ARG G 452 14.57 24.42 14.11
CA ARG G 452 14.20 23.08 14.58
C ARG G 452 14.72 22.91 15.99
N ALA G 453 13.86 23.00 17.00
CA ALA G 453 14.27 22.87 18.40
C ALA G 453 13.07 22.75 19.30
N LYS G 454 13.22 22.13 20.47
CA LYS G 454 12.09 21.94 21.41
C LYS G 454 11.33 23.23 21.68
N HIS G 455 10.01 23.16 21.74
CA HIS G 455 9.17 24.31 22.15
C HIS G 455 9.15 25.52 21.20
N ASN G 456 9.59 25.37 19.96
CA ASN G 456 9.38 26.45 18.98
C ASN G 456 7.87 26.71 18.70
N ALA G 457 7.02 25.80 19.14
CA ALA G 457 5.59 26.02 19.05
C ALA G 457 5.19 27.09 20.04
N LEU G 458 5.77 27.07 21.23
CA LEU G 458 5.47 28.11 22.21
C LEU G 458 5.83 29.47 21.62
N ARG G 459 7.06 29.59 21.13
CA ARG G 459 7.53 30.81 20.48
C ARG G 459 6.68 31.28 19.30
N LEU G 460 6.11 30.35 18.56
CA LEU G 460 5.31 30.73 17.42
C LEU G 460 4.00 31.22 17.93
N PHE G 461 3.51 30.59 19.00
CA PHE G 461 2.25 30.97 19.60
C PHE G 461 2.37 32.35 20.17
N GLY G 462 3.54 32.65 20.73
CA GLY G 462 3.78 33.93 21.38
C GLY G 462 3.73 35.03 20.35
N LEU G 463 4.51 34.82 19.31
CA LEU G 463 4.57 35.71 18.17
C LEU G 463 3.27 35.81 17.36
N ALA G 464 2.31 34.93 17.60
CA ALA G 464 1.05 34.98 16.84
C ALA G 464 0.17 36.18 17.20
N GLY G 465 -0.05 36.41 18.49
CA GLY G 465 -0.84 37.54 18.93
C GLY G 465 -0.22 38.93 18.74
N LYS G 466 0.99 39.00 18.21
CA LYS G 466 1.74 40.26 18.23
C LYS G 466 1.80 40.93 16.87
N VAL G 467 2.29 42.17 16.87
CA VAL G 467 2.76 42.80 15.65
C VAL G 467 4.26 42.77 15.86
N VAL G 468 5.03 42.40 14.84
CA VAL G 468 6.48 42.37 15.04
C VAL G 468 7.19 43.46 14.23
N VAL G 469 8.20 44.04 14.86
CA VAL G 469 9.02 45.05 14.22
C VAL G 469 10.45 44.57 14.34
N VAL G 470 11.13 44.45 13.22
CA VAL G 470 12.54 44.13 13.28
C VAL G 470 13.39 45.27 12.70
N ASP G 471 14.32 45.75 13.52
CA ASP G 471 15.11 46.91 13.16
C ASP G 471 16.48 46.58 12.57
N GLU G 472 17.08 47.58 11.94
CA GLU G 472 18.42 47.46 11.36
C GLU G 472 18.50 46.29 10.39
N ALA G 473 17.42 46.03 9.66
CA ALA G 473 17.33 44.87 8.79
C ALA G 473 18.52 44.74 7.86
N HIS G 474 19.18 45.86 7.56
CA HIS G 474 20.39 45.86 6.73
C HIS G 474 21.53 45.08 7.38
N ALA G 475 21.36 44.77 8.66
CA ALA G 475 22.42 44.18 9.43
C ALA G 475 22.34 42.65 9.59
N VAL G 476 21.46 41.99 8.84
CA VAL G 476 21.42 40.53 8.87
C VAL G 476 22.22 39.88 7.75
N ASP G 477 23.10 38.95 8.12
CA ASP G 477 24.00 38.32 7.18
C ASP G 477 23.27 37.15 6.48
N PRO G 478 23.82 36.64 5.34
CA PRO G 478 23.07 35.70 4.48
C PRO G 478 22.46 34.55 5.24
N TYR G 479 23.18 34.06 6.24
CA TYR G 479 22.70 33.00 7.11
C TYR G 479 21.47 33.46 7.88
N MET G 480 21.57 34.63 8.49
CA MET G 480 20.51 35.15 9.34
C MET G 480 19.31 35.56 8.50
N GLN G 481 19.60 35.88 7.24
CA GLN G 481 18.59 36.27 6.29
C GLN G 481 17.70 35.08 5.86
N VAL G 482 18.28 33.89 5.85
CA VAL G 482 17.52 32.71 5.52
C VAL G 482 16.56 32.40 6.65
N LEU G 483 17.05 32.53 7.88
CA LEU G 483 16.20 32.32 9.06
C LEU G 483 15.13 33.39 9.10
N LEU G 484 15.53 34.63 8.79
CA LEU G 484 14.60 35.76 8.82
C LEU G 484 13.51 35.53 7.80
N GLU G 485 13.89 35.12 6.59
CA GLU G 485 12.92 34.91 5.52
C GLU G 485 11.85 33.92 5.97
N GLN G 486 12.27 32.80 6.55
CA GLN G 486 11.35 31.74 6.97
C GLN G 486 10.44 32.18 8.11
N LEU G 487 10.93 33.10 8.94
CA LEU G 487 10.08 33.72 9.95
C LEU G 487 8.96 34.50 9.28
N LEU G 488 9.34 35.28 8.26
CA LEU G 488 8.39 36.12 7.55
C LEU G 488 7.30 35.27 6.92
N ARG G 489 7.75 34.21 6.26
CA ARG G 489 6.86 33.22 5.66
C ARG G 489 5.85 32.70 6.69
N TRP G 490 6.33 32.34 7.87
CA TRP G 490 5.43 31.79 8.88
C TRP G 490 4.52 32.86 9.48
N LEU G 491 5.07 34.05 9.68
CA LEU G 491 4.28 35.16 10.16
C LEU G 491 3.14 35.43 9.19
N GLY G 492 3.46 35.60 7.92
CA GLY G 492 2.45 35.72 6.88
C GLY G 492 1.26 34.73 6.91
N THR G 493 1.51 33.45 7.11
CA THR G 493 0.39 32.52 7.13
C THR G 493 -0.39 32.60 8.44
N LEU G 494 0.25 33.10 9.50
CA LEU G 494 -0.40 33.25 10.80
C LEU G 494 -1.16 34.58 10.92
N ASP G 495 -0.96 35.45 9.93
CA ASP G 495 -1.67 36.73 9.79
C ASP G 495 -1.06 37.84 10.64
N VAL G 496 0.19 37.70 11.02
CA VAL G 496 0.81 38.73 11.83
C VAL G 496 1.44 39.80 10.93
N PRO G 497 1.15 41.08 11.24
CA PRO G 497 1.68 42.20 10.45
C PRO G 497 3.06 42.55 10.97
N VAL G 498 3.89 43.07 10.07
CA VAL G 498 5.32 43.13 10.32
C VAL G 498 5.91 44.41 9.76
N VAL G 499 6.77 45.05 10.54
CA VAL G 499 7.40 46.28 10.10
C VAL G 499 8.91 46.12 10.04
N LEU G 500 9.49 46.41 8.87
CA LEU G 500 10.94 46.27 8.65
C LEU G 500 11.66 47.62 8.58
N LEU G 501 12.53 47.87 9.56
CA LEU G 501 13.27 49.14 9.69
C LEU G 501 14.69 48.96 9.24
N SER G 502 15.05 49.61 8.15
CA SER G 502 16.39 49.49 7.64
C SER G 502 17.04 50.82 7.29
N ALA G 503 18.36 50.79 7.29
CA ALA G 503 19.19 51.81 6.71
C ALA G 503 19.25 51.34 5.30
N THR G 504 20.20 51.80 4.52
CA THR G 504 20.24 51.43 3.12
C THR G 504 20.28 49.92 3.04
N LEU G 505 19.43 49.36 2.20
CA LEU G 505 19.33 47.92 2.06
C LEU G 505 19.38 47.54 0.61
N HIS G 506 20.23 46.59 0.27
CA HIS G 506 20.34 46.12 -1.11
C HIS G 506 18.95 45.72 -1.69
N HIS G 507 18.75 45.92 -2.99
CA HIS G 507 17.44 45.69 -3.59
C HIS G 507 17.11 44.21 -3.61
N SER G 508 18.14 43.39 -3.79
CA SER G 508 17.97 41.95 -3.91
C SER G 508 17.35 41.40 -2.65
N ILE G 509 17.91 41.84 -1.52
CA ILE G 509 17.42 41.43 -0.22
C ILE G 509 15.98 41.86 -0.03
N ALA G 510 15.74 43.17 -0.05
CA ALA G 510 14.43 43.76 0.22
C ALA G 510 13.33 43.04 -0.58
N ASN G 511 13.70 42.57 -1.75
CA ASN G 511 12.83 41.71 -2.53
C ASN G 511 12.57 40.37 -1.83
N SER G 512 13.65 39.59 -1.67
CA SER G 512 13.64 38.28 -1.01
C SER G 512 12.82 38.30 0.27
N LEU G 513 12.84 39.44 0.95
CA LEU G 513 12.16 39.57 2.22
C LEU G 513 10.66 39.72 2.08
N VAL G 514 10.21 40.69 1.30
CA VAL G 514 8.77 40.88 1.12
C VAL G 514 8.21 39.73 0.30
N LYS G 515 9.08 39.10 -0.49
CA LYS G 515 8.72 37.89 -1.21
C LYS G 515 8.37 36.80 -0.20
N ALA G 516 9.23 36.62 0.80
CA ALA G 516 9.00 35.62 1.83
C ALA G 516 7.64 35.85 2.48
N TYR G 517 7.35 37.10 2.79
CA TYR G 517 6.13 37.45 3.49
C TYR G 517 4.94 37.06 2.63
N LEU G 518 5.09 37.35 1.33
CA LEU G 518 4.00 37.14 0.40
C LEU G 518 3.72 35.66 0.24
N GLU G 519 4.79 34.89 0.07
CA GLU G 519 4.68 33.44 -0.08
C GLU G 519 3.80 32.86 1.04
N GLY G 520 4.16 33.19 2.28
CA GLY G 520 3.46 32.71 3.46
C GLY G 520 2.00 33.10 3.50
N ALA G 521 1.70 34.29 2.99
CA ALA G 521 0.33 34.84 3.00
C ALA G 521 -0.66 34.14 2.04
N ARG G 522 -0.20 33.87 0.81
CA ARG G 522 -0.99 33.23 -0.23
C ARG G 522 -0.87 31.72 -0.24
N GLY G 523 0.02 31.19 0.57
CA GLY G 523 0.18 29.76 0.66
C GLY G 523 0.93 29.09 -0.47
N ARG G 524 1.63 29.85 -1.31
CA ARG G 524 2.48 29.23 -2.31
C ARG G 524 3.76 29.98 -2.63
N ARG G 525 4.85 29.25 -2.79
CA ARG G 525 6.14 29.86 -3.08
C ARG G 525 6.12 30.63 -4.39
N TRP G 526 7.22 31.30 -4.72
CA TRP G 526 7.31 32.02 -5.98
C TRP G 526 7.89 31.19 -7.11
N ASN G 527 7.20 31.17 -8.23
CA ASN G 527 7.64 30.48 -9.42
C ASN G 527 8.73 31.24 -10.14
N ARG G 528 9.55 30.53 -10.89
CA ARG G 528 10.68 31.15 -11.56
C ARG G 528 10.13 32.18 -12.52
N SER G 529 9.03 31.82 -13.12
CA SER G 529 8.34 32.63 -14.12
C SER G 529 7.82 33.97 -13.61
N GLU G 530 7.33 33.98 -12.38
CA GLU G 530 6.66 35.15 -11.80
C GLU G 530 7.55 36.37 -11.66
N PRO G 531 6.99 37.55 -11.88
CA PRO G 531 7.79 38.79 -11.82
C PRO G 531 7.99 39.32 -10.40
N GLN G 532 9.26 39.42 -9.98
CA GLN G 532 9.67 39.87 -8.63
C GLN G 532 8.93 41.12 -8.11
N PRO G 533 8.45 41.07 -6.86
CA PRO G 533 7.70 42.19 -6.24
C PRO G 533 8.52 43.47 -5.94
N VAL G 534 9.85 43.37 -5.95
CA VAL G 534 10.75 44.52 -5.73
C VAL G 534 12.02 44.40 -6.58
N SER G 535 12.24 45.32 -7.51
CA SER G 535 13.50 45.35 -8.27
C SER G 535 14.20 46.70 -8.11
N GLU G 536 13.57 47.56 -7.30
CA GLU G 536 14.14 48.85 -6.98
C GLU G 536 13.52 49.40 -5.70
N VAL G 537 14.37 49.93 -4.85
CA VAL G 537 13.91 50.61 -3.66
C VAL G 537 14.60 51.98 -3.62
N SER G 538 13.96 52.98 -3.02
CA SER G 538 14.55 54.31 -2.89
C SER G 538 15.05 54.53 -1.45
N TYR G 539 16.03 55.42 -1.32
CA TYR G 539 16.67 55.73 -0.04
C TYR G 539 16.82 57.23 0.07
N PRO G 540 15.97 57.88 0.88
CA PRO G 540 14.95 57.22 1.70
C PRO G 540 13.69 56.80 0.94
N GLY G 541 12.94 55.88 1.54
CA GLY G 541 11.71 55.38 0.95
C GLY G 541 11.00 54.38 1.85
N TRP G 542 9.68 54.31 1.75
CA TRP G 542 8.90 53.34 2.50
C TRP G 542 7.99 52.59 1.54
N LEU G 543 7.35 51.53 2.03
CA LEU G 543 6.70 50.56 1.16
C LEU G 543 5.62 49.77 1.91
N HIS G 544 4.48 49.53 1.28
CA HIS G 544 3.42 48.76 1.92
C HIS G 544 3.14 47.51 1.12
N VAL G 545 2.93 46.39 1.82
CA VAL G 545 2.54 45.15 1.17
C VAL G 545 1.31 44.61 1.85
N ASP G 546 0.20 44.59 1.11
CA ASP G 546 -1.05 44.05 1.64
C ASP G 546 -1.14 42.55 1.39
N ALA G 547 -1.60 41.80 2.39
CA ALA G 547 -1.48 40.34 2.34
C ALA G 547 -2.55 39.64 1.50
N ARG G 548 -3.81 40.03 1.69
CA ARG G 548 -4.93 39.30 1.07
C ARG G 548 -4.96 39.35 -0.47
N ILE G 549 -4.41 40.40 -1.08
CA ILE G 549 -4.32 40.47 -2.56
C ILE G 549 -2.88 40.65 -3.06
N GLY G 550 -1.99 41.10 -2.18
CA GLY G 550 -0.57 41.08 -2.48
C GLY G 550 -0.09 42.30 -3.23
N LYS G 551 -0.71 43.44 -2.96
CA LYS G 551 -0.34 44.65 -3.67
C LYS G 551 0.85 45.35 -3.01
N VAL G 552 1.89 45.59 -3.79
CA VAL G 552 3.03 46.33 -3.32
C VAL G 552 2.88 47.79 -3.68
N THR G 553 2.42 48.59 -2.74
CA THR G 553 2.36 50.05 -2.92
C THR G 553 3.68 50.69 -2.49
N ARG G 554 4.35 51.36 -3.43
CA ARG G 554 5.62 52.04 -3.15
C ARG G 554 5.31 53.47 -2.66
N SER G 555 6.29 54.18 -2.10
CA SER G 555 6.07 55.54 -1.62
C SER G 555 5.85 56.50 -2.78
N SER G 556 6.60 56.28 -3.86
CA SER G 556 6.52 57.13 -5.04
C SER G 556 5.08 57.28 -5.50
N ASP G 557 4.37 56.16 -5.51
CA ASP G 557 3.06 56.07 -6.15
C ASP G 557 1.96 56.94 -5.52
N VAL G 558 1.93 57.03 -4.19
CA VAL G 558 0.93 57.88 -3.55
C VAL G 558 1.29 59.38 -3.56
N ASP G 559 2.59 59.68 -3.57
CA ASP G 559 3.06 61.06 -3.73
C ASP G 559 4.45 61.15 -4.37
N PRO G 560 4.60 62.00 -5.41
CA PRO G 560 5.82 62.11 -6.23
C PRO G 560 6.97 62.87 -5.56
N LEU G 561 6.63 63.84 -4.70
CA LEU G 561 7.66 64.61 -4.00
C LEU G 561 8.52 63.66 -3.17
N PRO G 562 9.84 63.71 -3.40
CA PRO G 562 10.81 62.96 -2.58
C PRO G 562 10.58 63.21 -1.08
N ILE G 563 11.08 62.32 -0.24
CA ILE G 563 10.79 62.44 1.18
C ILE G 563 11.87 63.22 1.93
N ALA G 564 11.43 64.04 2.88
CA ALA G 564 12.29 65.04 3.52
C ALA G 564 13.24 64.45 4.56
N THR G 565 14.52 64.73 4.37
CA THR G 565 15.55 64.22 5.27
C THR G 565 16.56 65.29 5.67
N THR G 566 17.21 65.07 6.82
CA THR G 566 18.22 65.98 7.34
C THR G 566 19.25 66.30 6.27
N PRO G 567 19.43 67.60 6.00
CA PRO G 567 20.43 68.07 5.05
C PRO G 567 21.83 67.83 5.58
N ARG G 568 22.71 67.33 4.72
CA ARG G 568 24.10 67.18 5.08
C ARG G 568 24.99 67.31 3.89
N LYS G 569 26.23 67.68 4.16
CA LYS G 569 27.22 67.95 3.14
C LYS G 569 27.73 66.62 2.61
N PRO G 570 27.84 66.51 1.26
CA PRO G 570 28.51 65.37 0.61
C PRO G 570 29.83 65.07 1.31
N LEU G 571 30.08 63.81 1.63
CA LEU G 571 31.34 63.45 2.25
C LEU G 571 32.38 63.22 1.16
N GLU G 572 33.61 63.62 1.44
CA GLU G 572 34.69 63.41 0.48
C GLU G 572 35.33 62.07 0.78
N VAL G 573 35.63 61.33 -0.28
CA VAL G 573 36.19 59.98 -0.14
C VAL G 573 37.54 59.86 -0.84
N ARG G 574 38.59 59.71 -0.04
CA ARG G 574 39.96 59.77 -0.56
C ARG G 574 40.79 58.53 -0.25
N LEU G 575 41.11 57.79 -1.30
CA LEU G 575 41.93 56.57 -1.20
C LEU G 575 43.41 56.90 -0.99
N VAL G 576 43.99 56.38 0.09
CA VAL G 576 45.34 56.77 0.49
C VAL G 576 46.31 55.59 0.71
N ASP G 577 47.05 55.20 -0.34
CA ASP G 577 48.03 54.10 -0.29
C ASP G 577 48.94 54.07 0.94
N VAL G 578 49.41 52.88 1.28
CA VAL G 578 50.29 52.66 2.42
C VAL G 578 51.34 51.64 2.00
N PRO G 579 52.60 51.84 2.41
CA PRO G 579 53.61 50.82 2.11
C PRO G 579 53.26 49.50 2.79
N VAL G 580 53.65 48.38 2.15
CA VAL G 580 53.37 47.03 2.67
C VAL G 580 54.60 46.43 3.37
N LYS G 581 54.47 46.13 4.65
CA LYS G 581 55.57 45.56 5.43
C LYS G 581 55.20 44.21 6.07
N GLU G 582 55.80 43.14 5.56
CA GLU G 582 55.49 41.77 5.98
C GLU G 582 54.06 41.36 5.67
N GLY G 583 53.49 42.00 4.65
CA GLY G 583 52.11 41.74 4.29
C GLY G 583 51.15 42.71 4.96
N ALA G 584 51.50 43.17 6.16
CA ALA G 584 50.68 44.13 6.92
C ALA G 584 50.96 45.56 6.46
N LEU G 585 50.07 46.48 6.82
CA LEU G 585 50.26 47.90 6.51
C LEU G 585 51.19 48.58 7.52
N ASN G 586 51.98 49.53 7.04
CA ASN G 586 52.74 50.43 7.92
C ASN G 586 52.18 51.84 7.80
N ARG G 587 51.14 52.12 8.59
CA ARG G 587 50.39 53.38 8.54
C ARG G 587 51.17 54.60 9.02
N SER G 588 52.39 54.37 9.52
CA SER G 588 53.19 55.39 10.19
C SER G 588 53.34 56.70 9.37
N THR G 589 53.66 56.55 8.09
CA THR G 589 53.73 57.69 7.20
C THR G 589 52.40 58.43 7.14
N VAL G 590 51.36 57.76 6.64
CA VAL G 590 50.06 58.40 6.42
C VAL G 590 49.34 58.85 7.71
N LEU G 591 49.61 58.19 8.83
CA LEU G 591 49.02 58.58 10.11
C LEU G 591 49.47 59.97 10.58
N ALA G 592 50.77 60.12 10.78
CA ALA G 592 51.35 61.40 11.23
C ALA G 592 51.14 62.55 10.22
N LYS G 593 50.80 62.18 8.98
CA LYS G 593 50.54 63.12 7.88
C LYS G 593 49.14 63.74 7.91
N GLU G 594 48.15 62.92 8.27
CA GLU G 594 46.76 63.35 8.36
C GLU G 594 46.39 63.71 9.79
N LEU G 595 47.12 63.15 10.75
CA LEU G 595 46.99 63.57 12.13
C LEU G 595 47.85 64.81 12.40
N THR G 596 48.34 65.40 11.31
CA THR G 596 49.10 66.65 11.39
C THR G 596 48.28 67.76 12.05
N PRO G 597 47.20 68.21 11.38
CA PRO G 597 46.62 69.45 11.90
C PRO G 597 45.70 69.21 13.08
N LEU G 598 45.57 67.96 13.52
CA LEU G 598 44.89 67.69 14.78
C LEU G 598 45.56 68.26 16.04
N VAL G 599 46.76 67.79 16.33
CA VAL G 599 47.49 68.21 17.52
C VAL G 599 47.31 69.69 17.82
N LYS G 600 47.31 70.50 16.77
CA LYS G 600 47.13 71.94 16.92
C LYS G 600 45.74 72.15 17.51
N GLN G 601 44.80 71.34 17.04
CA GLN G 601 43.45 71.33 17.59
C GLN G 601 43.02 69.91 17.93
N ALA G 605 39.32 62.98 15.78
CA ALA G 605 39.40 62.04 14.67
C ALA G 605 39.28 60.60 15.14
N ALA G 606 38.58 59.79 14.36
CA ALA G 606 38.43 58.39 14.71
C ALA G 606 39.21 57.51 13.73
N ILE G 607 39.96 56.56 14.29
CA ILE G 607 40.71 55.62 13.48
C ILE G 607 40.10 54.22 13.60
N ILE G 608 39.52 53.75 12.50
CA ILE G 608 38.87 52.45 12.50
C ILE G 608 39.76 51.47 11.74
N CYS G 609 40.11 50.38 12.42
CA CYS G 609 40.92 49.33 11.81
C CYS G 609 40.09 48.08 11.58
N THR G 610 40.55 47.20 10.68
CA THR G 610 39.80 45.99 10.38
C THR G 610 39.99 44.90 11.43
N THR G 611 41.07 44.94 12.22
CA THR G 611 41.24 43.92 13.26
C THR G 611 41.62 44.49 14.62
N VAL G 612 41.66 43.63 15.65
CA VAL G 612 41.93 44.10 17.00
C VAL G 612 43.42 44.33 17.20
N ALA G 613 44.23 43.41 16.69
CA ALA G 613 45.68 43.55 16.81
C ALA G 613 46.23 44.73 15.96
N GLU G 614 45.53 45.05 14.88
CA GLU G 614 45.86 46.22 14.05
C GLU G 614 45.59 47.51 14.81
N ALA G 615 44.46 47.57 15.47
CA ALA G 615 44.10 48.75 16.24
C ALA G 615 44.92 48.84 17.52
N GLN G 616 45.23 47.69 18.12
CA GLN G 616 46.08 47.65 19.30
C GLN G 616 47.42 48.25 18.92
N GLY G 617 47.86 47.94 17.71
CA GLY G 617 49.10 48.48 17.16
C GLY G 617 49.09 49.99 16.97
N VAL G 618 48.09 50.50 16.26
CA VAL G 618 47.97 51.93 16.01
C VAL G 618 47.98 52.74 17.31
N TYR G 619 47.48 52.12 18.37
CA TYR G 619 47.49 52.69 19.72
C TYR G 619 48.90 52.74 20.32
N ASP G 620 49.67 51.67 20.18
CA ASP G 620 51.04 51.68 20.69
C ASP G 620 51.95 52.54 19.83
N LEU G 621 51.63 52.69 18.56
CA LEU G 621 52.33 53.68 17.77
C LEU G 621 51.98 55.10 18.19
N LEU G 622 50.70 55.35 18.39
CA LEU G 622 50.27 56.68 18.81
C LEU G 622 50.70 57.08 20.21
N SER G 623 50.65 56.13 21.14
CA SER G 623 51.09 56.43 22.48
C SER G 623 52.56 56.79 22.45
N GLN G 624 53.34 56.04 21.70
CA GLN G 624 54.76 56.30 21.63
C GLN G 624 54.98 57.67 21.01
N TRP G 625 54.20 57.97 19.98
CA TRP G 625 54.36 59.25 19.31
C TRP G 625 54.07 60.43 20.19
N PHE G 626 53.11 60.29 21.09
CA PHE G 626 52.66 61.44 21.88
C PHE G 626 53.43 61.76 23.15
N ALA G 627 54.40 60.93 23.49
CA ALA G 627 55.13 61.05 24.73
C ALA G 627 55.46 62.52 24.86
N THR G 628 55.82 63.12 23.73
CA THR G 628 55.96 64.55 23.62
C THR G 628 55.22 65.71 24.26
N LEU G 629 53.90 65.64 24.28
CA LEU G 629 53.09 66.70 24.87
C LEU G 629 53.69 68.07 24.59
N PRO G 634 46.97 65.89 22.43
CA PRO G 634 45.81 65.15 21.94
C PRO G 634 45.49 64.03 22.92
N ASP G 635 44.41 63.30 22.67
CA ASP G 635 44.10 62.17 23.52
C ASP G 635 43.75 60.92 22.74
N LEU G 636 44.09 59.78 23.32
CA LEU G 636 43.88 58.50 22.67
C LEU G 636 42.94 57.67 23.50
N TYR G 637 41.98 57.06 22.84
CA TYR G 637 41.15 56.06 23.48
C TYR G 637 41.14 54.76 22.66
N LEU G 638 41.03 53.65 23.36
CA LEU G 638 41.00 52.35 22.69
C LEU G 638 39.71 51.58 22.98
N LEU G 639 39.03 51.18 21.89
CA LEU G 639 37.71 50.56 21.94
C LEU G 639 37.59 49.41 20.95
N HIS G 640 37.21 48.23 21.45
CA HIS G 640 36.97 47.04 20.62
C HIS G 640 36.24 46.00 21.50
N SER G 641 36.02 44.77 20.99
CA SER G 641 35.30 43.70 21.74
C SER G 641 35.94 43.35 23.08
N ARG G 642 37.26 43.14 23.06
CA ARG G 642 37.96 42.43 24.13
C ARG G 642 38.38 43.35 25.26
N PHE G 643 37.39 43.90 25.94
CA PHE G 643 37.62 44.52 27.22
C PHE G 643 36.72 43.81 28.20
N PRO G 644 37.13 43.73 29.47
CA PRO G 644 36.18 43.24 30.46
C PRO G 644 34.94 44.13 30.38
N ASN G 645 33.75 43.53 30.43
CA ASN G 645 32.50 44.23 30.14
C ASN G 645 32.30 45.52 30.90
N ARG G 646 32.52 45.41 32.21
CA ARG G 646 32.53 46.56 33.11
C ARG G 646 33.35 47.68 32.51
N GLN G 647 34.60 47.39 32.15
CA GLN G 647 35.48 48.39 31.56
C GLN G 647 34.98 48.84 30.19
N ARG G 648 34.43 47.91 29.42
CA ARG G 648 34.02 48.23 28.07
C ARG G 648 32.89 49.25 28.07
N THR G 649 31.99 49.13 29.03
CA THR G 649 30.87 50.05 29.15
C THR G 649 31.35 51.42 29.61
N GLU G 650 32.41 51.42 30.42
CA GLU G 650 33.01 52.65 30.91
C GLU G 650 33.68 53.43 29.79
N ILE G 651 34.54 52.76 29.03
CA ILE G 651 35.23 53.42 27.93
C ILE G 651 34.21 53.96 26.94
N THR G 652 33.04 53.34 26.93
CA THR G 652 31.99 53.77 26.02
C THR G 652 31.31 55.03 26.57
N ALA G 653 30.98 55.01 27.86
CA ALA G 653 30.31 56.16 28.47
C ALA G 653 31.18 57.41 28.31
N THR G 654 32.40 57.31 28.81
CA THR G 654 33.30 58.45 28.78
C THR G 654 33.81 58.77 27.38
N ILE G 655 33.13 58.29 26.34
CA ILE G 655 33.48 58.67 24.97
C ILE G 655 32.27 59.20 24.19
N VAL G 656 31.08 58.68 24.48
CA VAL G 656 29.87 59.23 23.88
C VAL G 656 29.56 60.51 24.64
N ASP G 657 30.17 60.64 25.81
CA ASP G 657 30.01 61.81 26.63
C ASP G 657 30.83 62.99 26.08
N LEU G 658 32.02 62.70 25.56
CA LEU G 658 32.87 63.78 25.06
C LEU G 658 32.81 64.01 23.54
N PHE G 659 32.35 63.02 22.78
CA PHE G 659 32.21 63.20 21.34
C PHE G 659 30.76 63.22 20.93
N GLY G 660 29.90 62.92 21.87
CA GLY G 660 28.49 62.82 21.55
C GLY G 660 27.68 64.10 21.66
N LYS G 661 26.38 63.95 21.45
CA LYS G 661 25.40 65.03 21.56
C LYS G 661 25.48 65.75 22.90
N GLU G 662 25.25 64.99 23.99
CA GLU G 662 25.29 65.51 25.36
C GLU G 662 26.64 66.13 25.75
N GLY G 663 27.58 66.05 24.82
CA GLY G 663 28.89 66.61 25.00
C GLY G 663 29.08 68.01 24.45
N ALA G 664 28.63 68.26 23.22
CA ALA G 664 28.70 69.59 22.64
C ALA G 664 27.61 70.45 23.27
N GLN G 665 26.61 69.78 23.84
CA GLN G 665 25.49 70.43 24.52
C GLN G 665 25.83 70.82 25.94
N SER G 666 26.98 70.38 26.41
CA SER G 666 27.45 70.75 27.74
C SER G 666 28.80 71.46 27.62
N GLY G 667 29.14 71.89 26.41
CA GLY G 667 30.43 72.49 26.13
C GLY G 667 31.64 71.56 26.31
N ARG G 668 31.39 70.29 26.68
CA ARG G 668 32.41 69.32 27.06
C ARG G 668 33.18 68.75 25.88
N ARG G 669 32.71 69.03 24.67
CA ARG G 669 33.43 68.64 23.47
C ARG G 669 34.83 69.21 23.54
N PRO G 670 35.82 68.33 23.48
CA PRO G 670 37.21 68.64 23.71
C PRO G 670 37.83 69.51 22.62
N THR G 671 39.11 69.78 22.84
CA THR G 671 39.89 70.82 22.19
C THR G 671 40.93 70.18 21.29
N VAL G 675 41.83 61.85 19.93
CA VAL G 675 41.76 60.80 18.93
C VAL G 675 41.25 59.48 19.49
N LEU G 676 40.40 58.81 18.71
CA LEU G 676 39.89 57.49 19.08
C LEU G 676 40.36 56.40 18.13
N VAL G 677 40.96 55.38 18.71
CA VAL G 677 41.34 54.16 17.99
C VAL G 677 40.35 53.06 18.31
N ALA G 678 39.74 52.49 17.26
CA ALA G 678 38.77 51.41 17.45
C ALA G 678 38.57 50.50 16.23
N THR G 679 37.92 49.37 16.47
CA THR G 679 37.56 48.40 15.45
C THR G 679 36.14 48.63 15.00
N GLN G 680 35.50 47.63 14.41
CA GLN G 680 34.15 47.77 13.89
C GLN G 680 33.11 47.86 15.00
N VAL G 681 33.55 48.06 16.23
CA VAL G 681 32.65 48.34 17.35
C VAL G 681 31.96 49.68 17.15
N VAL G 682 32.52 50.46 16.24
CA VAL G 682 32.07 51.80 15.92
C VAL G 682 30.80 51.79 15.06
N GLU G 683 30.62 50.70 14.29
CA GLU G 683 29.48 50.59 13.38
C GLU G 683 28.14 50.46 14.09
N GLN G 684 28.14 50.46 15.42
CA GLN G 684 26.94 50.00 16.10
C GLN G 684 26.27 50.90 17.12
N SER G 685 25.45 51.81 16.62
CA SER G 685 24.50 52.59 17.43
C SER G 685 25.17 53.46 18.46
N LEU G 686 26.42 53.84 18.18
CA LEU G 686 27.19 54.68 19.09
C LEU G 686 26.95 56.16 18.80
N ASP G 687 26.54 56.89 19.82
CA ASP G 687 26.41 58.34 19.66
C ASP G 687 27.80 58.96 19.55
N LEU G 688 28.19 59.35 18.34
CA LEU G 688 29.51 59.92 18.10
C LEU G 688 29.56 60.88 16.91
N ASP G 689 30.02 62.11 17.20
CA ASP G 689 30.43 63.02 16.15
C ASP G 689 31.94 63.20 16.16
N VAL G 690 32.57 62.90 15.03
CA VAL G 690 33.98 63.18 14.83
C VAL G 690 34.14 64.07 13.63
N ASP G 691 35.27 64.76 13.59
CA ASP G 691 35.52 65.71 12.53
C ASP G 691 36.14 65.00 11.35
N LEU G 692 37.04 64.07 11.65
CA LEU G 692 37.78 63.38 10.61
C LEU G 692 37.79 61.88 10.88
N MET G 693 37.47 61.09 9.86
CA MET G 693 37.61 59.65 10.02
C MET G 693 38.50 59.00 8.98
N ILE G 694 39.38 58.14 9.49
CA ILE G 694 40.37 57.42 8.69
C ILE G 694 40.17 55.95 8.98
N SER G 695 40.00 55.15 7.92
CA SER G 695 39.78 53.73 8.12
C SER G 695 40.29 52.88 6.97
N ASP G 696 40.57 51.61 7.28
CA ASP G 696 40.98 50.62 6.30
C ASP G 696 39.85 50.43 5.32
N LEU G 697 40.13 49.79 4.20
CA LEU G 697 39.05 49.49 3.26
C LEU G 697 38.08 48.49 3.89
N ALA G 698 36.82 48.61 3.51
CA ALA G 698 35.77 47.69 3.96
C ALA G 698 34.70 47.64 2.88
N PRO G 699 33.70 46.76 3.02
CA PRO G 699 32.52 46.85 2.16
C PRO G 699 31.99 48.28 2.05
N VAL G 700 31.50 48.69 0.88
CA VAL G 700 31.01 50.06 0.74
C VAL G 700 29.91 50.31 1.76
N SER G 701 29.12 49.29 2.05
CA SER G 701 27.98 49.43 2.94
C SER G 701 28.45 49.66 4.36
N LEU G 702 29.46 48.90 4.76
CA LEU G 702 30.09 49.13 6.05
C LEU G 702 30.89 50.42 6.08
N LEU G 703 31.35 50.87 4.92
CA LEU G 703 32.03 52.16 4.79
C LEU G 703 31.03 53.29 5.05
N LEU G 704 30.00 53.37 4.22
CA LEU G 704 28.98 54.41 4.33
C LEU G 704 28.33 54.46 5.71
N GLN G 705 28.30 53.33 6.39
CA GLN G 705 27.74 53.28 7.73
C GLN G 705 28.77 53.77 8.74
N ARG G 706 30.04 53.54 8.43
CA ARG G 706 31.13 53.96 9.30
C ARG G 706 31.33 55.48 9.20
N ALA G 707 31.18 56.01 7.98
CA ALA G 707 31.27 57.45 7.72
C ALA G 707 29.95 58.18 8.03
N GLY G 708 29.14 57.55 8.89
CA GLY G 708 27.89 58.14 9.35
C GLY G 708 28.11 58.75 10.73
N ARG G 709 29.35 58.65 11.21
CA ARG G 709 29.77 59.31 12.44
C ARG G 709 30.42 60.64 12.08
N CYS G 710 30.96 60.70 10.87
CA CYS G 710 31.62 61.91 10.37
C CYS G 710 30.67 63.08 10.31
N TRP G 711 31.01 64.16 11.01
CA TRP G 711 30.22 65.39 11.01
C TRP G 711 28.79 65.08 11.29
N ARG G 712 28.60 64.25 12.29
CA ARG G 712 27.31 63.69 12.57
C ARG G 712 26.28 64.80 12.81
N HIS G 713 26.49 65.60 13.84
CA HIS G 713 25.47 66.55 14.28
C HIS G 713 25.74 67.99 13.82
N GLU G 714 26.15 68.09 12.56
CA GLU G 714 26.47 69.37 11.97
C GLU G 714 25.23 70.22 11.90
N HIS G 715 24.10 69.56 11.69
CA HIS G 715 22.83 70.22 11.51
C HIS G 715 22.54 71.21 12.65
N LEU G 716 22.83 70.77 13.87
CA LEU G 716 22.45 71.52 15.06
C LEU G 716 23.25 72.80 15.26
N GLY G 717 24.35 72.92 14.51
CA GLY G 717 25.20 74.11 14.55
C GLY G 717 25.79 74.41 15.91
N ILE G 718 26.06 73.35 16.66
CA ILE G 718 26.42 73.46 18.06
C ILE G 718 27.90 73.14 18.26
N ILE G 719 28.50 72.47 17.29
CA ILE G 719 29.90 72.09 17.41
C ILE G 719 30.85 72.98 16.57
N ASN G 720 31.88 73.52 17.22
CA ASN G 720 32.87 74.34 16.53
C ASN G 720 34.01 73.49 15.99
N ARG G 721 34.24 73.59 14.69
CA ARG G 721 35.21 72.74 14.03
C ARG G 721 36.57 73.41 13.86
N PRO G 722 37.64 72.60 13.84
CA PRO G 722 38.97 73.13 13.54
C PRO G 722 39.00 73.78 12.16
N GLN G 723 39.89 74.74 11.98
CA GLN G 723 40.06 75.44 10.70
C GLN G 723 40.52 74.46 9.62
N TRP G 724 41.24 73.40 10.02
CA TRP G 724 41.73 72.37 9.09
C TRP G 724 40.63 71.39 8.66
N ALA G 725 39.60 71.27 9.49
CA ALA G 725 38.43 70.45 9.20
C ALA G 725 37.52 71.12 8.17
N LYS G 726 37.90 71.05 6.90
CA LYS G 726 37.20 71.73 5.82
C LYS G 726 35.85 71.06 5.45
N GLN G 727 35.91 69.75 5.17
CA GLN G 727 34.76 68.97 4.71
C GLN G 727 34.51 67.69 5.53
N PRO G 728 33.26 67.17 5.52
CA PRO G 728 33.06 65.80 5.99
C PRO G 728 33.87 64.87 5.07
N GLU G 729 34.79 64.09 5.65
CA GLU G 729 35.80 63.41 4.87
C GLU G 729 36.10 61.99 5.37
N LEU G 730 36.49 61.12 4.46
CA LEU G 730 36.84 59.76 4.82
C LEU G 730 38.16 59.35 4.15
N VAL G 731 39.11 58.96 4.99
CA VAL G 731 40.36 58.44 4.48
C VAL G 731 40.27 56.91 4.36
N VAL G 732 40.47 56.43 3.14
CA VAL G 732 40.33 55.02 2.81
C VAL G 732 41.69 54.37 2.60
N LEU G 733 42.28 53.84 3.66
CA LEU G 733 43.58 53.17 3.54
C LEU G 733 43.52 51.97 2.61
N THR G 734 44.58 51.77 1.85
CA THR G 734 44.69 50.68 0.91
C THR G 734 46.17 50.38 0.67
N PRO G 735 46.53 49.10 0.57
CA PRO G 735 47.93 48.76 0.27
C PRO G 735 48.23 49.07 -1.19
N GLU G 736 49.44 49.54 -1.45
CA GLU G 736 49.81 49.86 -2.82
C GLU G 736 50.06 48.59 -3.64
N GLN G 737 49.69 48.66 -4.92
CA GLN G 737 49.81 47.51 -5.80
C GLN G 737 51.23 47.38 -6.37
N ASN G 738 51.39 46.49 -7.33
CA ASN G 738 52.71 46.08 -7.80
C ASN G 738 52.68 45.29 -9.12
N ARG G 743 46.30 40.89 -12.42
CA ARG G 743 46.23 42.35 -12.51
C ARG G 743 45.18 42.96 -11.57
N ALA G 744 44.61 42.12 -10.71
CA ALA G 744 43.61 42.56 -9.72
C ALA G 744 44.29 43.00 -8.42
N PRO G 745 43.63 43.89 -7.64
CA PRO G 745 44.27 44.42 -6.41
C PRO G 745 44.63 43.34 -5.38
N TRP G 746 45.21 43.75 -4.25
CA TRP G 746 45.65 42.78 -3.25
C TRP G 746 45.46 43.36 -1.86
N PHE G 747 45.19 42.49 -0.90
CA PHE G 747 44.92 42.94 0.47
C PHE G 747 45.59 42.03 1.49
N PRO G 748 45.85 42.55 2.71
CA PRO G 748 46.53 41.74 3.71
C PRO G 748 45.69 40.53 4.07
N ARG G 749 46.34 39.43 4.45
CA ARG G 749 45.63 38.22 4.84
C ARG G 749 44.65 38.50 6.00
N SER G 750 44.97 39.49 6.82
CA SER G 750 44.12 39.84 7.94
C SER G 750 42.79 40.53 7.57
N TRP G 751 42.67 41.03 6.34
CA TRP G 751 41.44 41.68 5.91
C TRP G 751 40.57 40.69 5.15
N THR G 752 41.23 39.87 4.32
CA THR G 752 40.56 38.81 3.58
C THR G 752 40.08 37.73 4.55
N SER G 753 40.57 37.78 5.78
CA SER G 753 40.10 36.89 6.82
C SER G 753 38.80 37.35 7.50
N VAL G 754 38.45 38.63 7.38
CA VAL G 754 37.15 39.08 7.89
C VAL G 754 36.12 39.50 6.82
N TYR G 755 36.58 40.16 5.75
CA TYR G 755 35.72 40.41 4.59
C TYR G 755 36.30 39.64 3.45
N PRO G 756 35.43 39.17 2.55
CA PRO G 756 35.90 38.51 1.33
C PRO G 756 36.87 39.41 0.57
N LEU G 757 37.97 38.83 0.09
CA LEU G 757 38.88 39.51 -0.81
C LEU G 757 38.07 40.16 -1.91
N ALA G 758 37.41 39.32 -2.72
CA ALA G 758 36.60 39.76 -3.85
C ALA G 758 35.68 40.96 -3.59
N LEU G 759 35.12 41.05 -2.39
CA LEU G 759 34.26 42.17 -2.05
C LEU G 759 35.11 43.41 -1.86
N LEU G 760 36.23 43.28 -1.14
CA LEU G 760 37.16 44.40 -0.94
C LEU G 760 37.61 44.94 -2.30
N GLN G 761 38.00 44.04 -3.18
CA GLN G 761 38.35 44.40 -4.55
C GLN G 761 37.23 45.22 -5.21
N ARG G 762 36.00 44.72 -5.12
CA ARG G 762 34.86 45.38 -5.75
C ARG G 762 34.51 46.75 -5.15
N THR G 763 34.84 46.95 -3.87
CA THR G 763 34.65 48.26 -3.24
C THR G 763 35.74 49.22 -3.70
N TYR G 764 36.99 48.81 -3.54
CA TYR G 764 38.14 49.56 -4.06
C TYR G 764 37.90 50.06 -5.47
N THR G 765 37.56 49.14 -6.36
CA THR G 765 37.37 49.48 -7.76
C THR G 765 36.17 50.41 -7.94
N LEU G 766 35.16 50.27 -7.10
CA LEU G 766 34.00 51.16 -7.19
C LEU G 766 34.37 52.60 -6.84
N LEU G 767 35.42 52.76 -6.04
CA LEU G 767 35.84 54.07 -5.57
C LEU G 767 36.90 54.72 -6.47
N ARG G 768 37.76 53.89 -7.07
CA ARG G 768 38.69 54.34 -8.10
C ARG G 768 37.92 54.85 -9.33
N ARG G 769 36.70 54.32 -9.52
CA ARG G 769 35.84 54.75 -10.62
C ARG G 769 35.28 56.15 -10.44
N ARG G 770 35.37 56.68 -9.23
CA ARG G 770 34.77 57.99 -8.99
C ARG G 770 35.81 59.10 -9.19
N ASN G 771 37.09 58.73 -9.07
CA ASN G 771 38.20 59.68 -9.08
C ASN G 771 38.05 60.79 -8.03
N GLY G 772 38.23 60.43 -6.76
CA GLY G 772 38.05 61.36 -5.65
C GLY G 772 36.70 62.09 -5.51
N ALA G 773 35.80 61.95 -6.49
CA ALA G 773 34.51 62.63 -6.46
C ALA G 773 33.80 62.42 -5.12
N PRO G 774 33.02 63.42 -4.67
CA PRO G 774 32.35 63.30 -3.39
C PRO G 774 31.04 62.54 -3.53
N VAL G 775 30.59 61.94 -2.43
CA VAL G 775 29.32 61.22 -2.43
C VAL G 775 28.20 62.00 -1.82
N GLN G 776 27.09 62.09 -2.55
CA GLN G 776 25.94 62.81 -2.01
C GLN G 776 25.20 61.99 -0.98
N ILE G 777 24.46 62.66 -0.11
CA ILE G 777 23.67 61.95 0.87
C ILE G 777 22.31 62.61 1.07
N PRO G 778 21.23 61.85 0.85
CA PRO G 778 21.35 60.45 0.46
C PRO G 778 20.95 60.22 -0.99
N GLU G 779 21.56 60.97 -1.90
CA GLU G 779 21.26 60.83 -3.31
C GLU G 779 21.99 59.63 -3.93
N ASP G 780 23.29 59.53 -3.67
CA ASP G 780 24.17 58.60 -4.40
C ASP G 780 24.32 57.20 -3.79
N VAL G 781 24.26 57.15 -2.45
CA VAL G 781 24.58 55.95 -1.67
C VAL G 781 23.75 54.70 -1.96
N GLN G 782 22.48 54.85 -2.31
CA GLN G 782 21.66 53.68 -2.59
C GLN G 782 22.23 52.85 -3.74
N GLN G 783 22.69 53.49 -4.81
CA GLN G 783 23.29 52.77 -5.95
C GLN G 783 24.58 52.05 -5.55
N LEU G 784 25.43 52.73 -4.78
CA LEU G 784 26.71 52.16 -4.36
C LEU G 784 26.59 50.78 -3.69
N VAL G 785 25.70 50.64 -2.72
CA VAL G 785 25.48 49.32 -2.12
C VAL G 785 24.99 48.31 -3.17
N ASP G 786 24.11 48.73 -4.07
CA ASP G 786 23.61 47.86 -5.14
C ASP G 786 24.69 47.49 -6.13
N ASP G 787 25.35 48.51 -6.68
CA ASP G 787 26.31 48.32 -7.76
C ASP G 787 27.48 47.40 -7.40
N VAL G 788 27.97 47.49 -6.15
CA VAL G 788 29.13 46.68 -5.73
C VAL G 788 28.85 45.19 -5.85
N TYR G 789 27.57 44.85 -5.75
CA TYR G 789 27.13 43.48 -5.92
C TYR G 789 26.68 43.27 -7.36
N ASP G 790 26.08 44.31 -7.95
CA ASP G 790 25.37 44.15 -9.21
C ASP G 790 26.25 44.31 -10.43
N ASP G 791 27.28 45.13 -10.32
CA ASP G 791 28.09 45.47 -11.50
C ASP G 791 29.23 44.49 -11.74
N ASP G 792 29.04 43.62 -12.73
CA ASP G 792 29.99 42.56 -13.04
C ASP G 792 31.41 43.07 -13.26
N SER G 793 31.53 44.22 -13.92
CA SER G 793 32.83 44.82 -14.22
C SER G 793 33.76 44.91 -13.02
N LEU G 794 33.21 45.21 -11.84
CA LEU G 794 34.02 45.53 -10.66
C LEU G 794 34.96 44.41 -10.26
N ALA G 795 34.68 43.21 -10.74
CA ALA G 795 35.40 42.01 -10.31
C ALA G 795 36.37 41.47 -11.35
N GLU G 796 37.60 41.96 -11.35
CA GLU G 796 38.57 41.46 -12.31
C GLU G 796 39.34 40.19 -11.85
N ASP G 797 39.23 39.85 -10.56
CA ASP G 797 39.62 38.51 -10.11
C ASP G 797 38.40 37.60 -10.13
N LEU G 798 38.21 36.87 -11.22
CA LEU G 798 37.07 35.98 -11.35
C LEU G 798 37.08 34.88 -10.27
N GLU G 799 38.23 34.23 -10.10
CA GLU G 799 38.35 33.14 -9.12
C GLU G 799 37.87 33.57 -7.74
N ALA G 800 38.32 34.74 -7.30
CA ALA G 800 38.04 35.23 -5.96
C ALA G 800 36.58 35.62 -5.77
N ASP G 801 35.95 36.07 -6.84
CA ASP G 801 34.55 36.43 -6.75
C ASP G 801 33.75 35.14 -6.69
N MET G 802 34.21 34.16 -7.46
CA MET G 802 33.55 32.87 -7.52
C MET G 802 33.46 32.31 -6.11
N GLU G 803 34.60 32.20 -5.45
CA GLU G 803 34.64 31.65 -4.12
C GLU G 803 33.76 32.45 -3.15
N ARG G 804 33.73 33.76 -3.33
CA ARG G 804 32.89 34.62 -2.49
C ARG G 804 31.44 34.20 -2.55
N MET G 805 31.02 33.76 -3.73
CA MET G 805 29.64 33.38 -3.93
C MET G 805 29.40 32.05 -3.26
N GLY G 806 30.36 31.16 -3.38
CA GLY G 806 30.28 29.85 -2.78
C GLY G 806 30.19 29.94 -1.27
N GLU G 807 31.00 30.82 -0.68
CA GLU G 807 30.91 31.06 0.75
C GLU G 807 29.49 31.48 1.10
N GLU G 808 28.90 32.32 0.26
CA GLU G 808 27.59 32.84 0.57
C GLU G 808 26.66 31.66 0.44
N LEU G 809 26.88 30.88 -0.61
CA LEU G 809 26.05 29.70 -0.91
C LEU G 809 26.07 28.70 0.23
N ALA G 810 27.27 28.42 0.72
CA ALA G 810 27.47 27.60 1.92
C ALA G 810 26.65 28.14 3.09
N GLN G 811 26.76 29.43 3.38
CA GLN G 811 26.03 30.04 4.47
C GLN G 811 24.52 29.80 4.40
N ARG G 812 23.87 30.29 3.34
CA ARG G 812 22.45 30.04 3.19
C ARG G 812 22.11 28.55 3.31
N GLY G 813 23.04 27.70 2.91
CA GLY G 813 22.89 26.26 3.00
C GLY G 813 22.73 25.74 4.42
N LEU G 814 23.63 26.16 5.30
CA LEU G 814 23.60 25.78 6.71
C LEU G 814 22.26 26.13 7.33
N ALA G 815 21.82 27.35 7.06
CA ALA G 815 20.59 27.88 7.60
C ALA G 815 19.40 27.07 7.13
N ARG G 816 19.35 26.76 5.85
CA ARG G 816 18.25 25.97 5.33
C ARG G 816 18.17 24.62 6.05
N ASN G 817 19.30 23.98 6.31
CA ASN G 817 19.21 22.67 6.97
C ASN G 817 18.77 22.75 8.42
N ALA G 818 18.61 23.97 8.90
CA ALA G 818 18.24 24.24 10.28
C ALA G 818 16.78 24.73 10.45
N VAL G 819 16.17 25.28 9.41
CA VAL G 819 14.85 25.90 9.60
C VAL G 819 13.73 24.92 9.49
N ILE G 820 12.66 25.23 10.18
CA ILE G 820 11.49 24.40 10.17
C ILE G 820 10.99 24.38 8.74
N PRO G 821 10.11 23.42 8.39
CA PRO G 821 9.50 23.38 7.06
C PRO G 821 8.73 24.65 6.63
N ASP G 822 8.68 24.93 5.32
CA ASP G 822 7.77 25.97 4.81
C ASP G 822 6.33 25.56 5.12
N PRO G 823 5.50 26.52 5.57
CA PRO G 823 4.13 26.30 6.05
C PRO G 823 3.31 25.33 5.20
N ASP G 824 3.55 25.34 3.89
CA ASP G 824 2.87 24.42 2.98
C ASP G 824 3.24 22.94 3.24
N ASP G 825 4.53 22.64 3.40
CA ASP G 825 4.99 21.28 3.73
C ASP G 825 4.58 20.77 5.10
N ALA G 826 4.19 21.68 5.98
CA ALA G 826 3.78 21.32 7.32
C ALA G 826 2.28 21.43 7.46
N GLU G 827 1.57 21.45 6.32
CA GLU G 827 0.10 21.54 6.28
C GLU G 827 -0.61 20.41 7.04
N ASP G 828 -0.04 19.21 6.98
CA ASP G 828 -0.69 18.04 7.53
C ASP G 828 0.23 17.29 8.46
N ASN G 829 1.51 17.62 8.42
CA ASN G 829 2.45 17.00 9.35
C ASN G 829 3.20 18.04 10.18
N LEU G 830 3.25 17.85 11.49
CA LEU G 830 4.00 18.77 12.32
C LEU G 830 5.41 18.24 12.65
N ASN G 831 5.63 16.95 12.39
CA ASN G 831 6.84 16.25 12.83
C ASN G 831 8.10 16.97 12.37
N GLY G 832 7.99 17.60 11.21
CA GLY G 832 9.12 18.27 10.59
C GLY G 832 9.59 19.45 11.40
N LEU G 833 8.68 20.06 12.14
CA LEU G 833 9.01 21.19 13.00
C LEU G 833 10.13 20.91 14.01
N THR G 834 10.06 19.76 14.68
CA THR G 834 10.98 19.46 15.76
C THR G 834 11.71 18.15 15.52
N GLU G 835 12.47 18.10 14.42
CA GLU G 835 13.23 16.92 14.09
C GLU G 835 14.68 17.29 13.78
N PHE G 836 15.62 16.62 14.44
CA PHE G 836 17.02 16.70 14.03
C PHE G 836 17.72 15.40 14.39
N SER G 837 18.94 15.21 13.88
CA SER G 837 19.73 14.03 14.22
C SER G 837 21.22 14.26 13.95
N VAL G 844 23.04 21.80 19.76
CA VAL G 844 22.06 22.90 19.73
C VAL G 844 22.20 23.70 18.43
N LEU G 845 21.07 24.12 17.82
CA LEU G 845 21.11 24.91 16.58
C LEU G 845 21.28 26.42 16.84
N ALA G 846 22.14 27.05 16.05
CA ALA G 846 22.55 28.43 16.27
C ALA G 846 21.67 29.42 15.51
N THR G 847 21.63 30.66 15.98
CA THR G 847 20.90 31.71 15.30
C THR G 847 21.88 32.59 14.59
N ARG G 848 23.16 32.23 14.65
CA ARG G 848 24.21 32.98 13.97
C ARG G 848 25.29 32.08 13.40
N PHE G 849 25.80 32.46 12.23
CA PHE G 849 26.85 31.71 11.54
C PHE G 849 28.21 32.03 12.10
N GLY G 850 29.09 31.06 12.00
CA GLY G 850 30.46 31.25 12.41
C GLY G 850 30.79 30.50 13.68
N ALA G 851 32.06 30.60 14.08
CA ALA G 851 32.57 29.79 15.15
C ALA G 851 31.93 30.11 16.49
N GLY G 852 31.54 31.36 16.67
CA GLY G 852 30.98 31.74 17.95
C GLY G 852 32.02 32.48 18.79
N SER G 853 31.66 32.73 20.06
CA SER G 853 32.54 33.38 21.03
C SER G 853 32.43 32.66 22.37
N VAL G 854 33.43 32.83 23.21
CA VAL G 854 33.30 32.41 24.61
C VAL G 854 33.70 33.49 25.61
N ARG G 855 32.98 33.50 26.74
CA ARG G 855 33.25 34.47 27.79
C ARG G 855 34.43 33.97 28.63
N VAL G 856 35.55 34.70 28.57
CA VAL G 856 36.67 34.40 29.47
C VAL G 856 36.81 35.33 30.65
N LEU G 857 37.22 34.76 31.78
CA LEU G 857 37.50 35.52 32.99
C LEU G 857 38.98 35.37 33.31
N CYS G 858 39.69 36.48 33.35
CA CYS G 858 41.10 36.44 33.76
C CYS G 858 41.24 36.32 35.28
N TYR G 859 42.15 35.47 35.72
CA TYR G 859 42.42 35.36 37.14
C TYR G 859 43.92 35.21 37.37
N TYR G 860 44.41 35.95 38.36
CA TYR G 860 45.84 36.11 38.55
C TYR G 860 46.40 35.16 39.61
N VAL G 861 47.62 34.67 39.35
CA VAL G 861 48.31 33.79 40.30
C VAL G 861 49.70 34.31 40.66
N GLY G 865 53.22 33.27 43.87
CA GLY G 865 51.90 33.88 43.91
C GLY G 865 50.78 32.87 44.14
N ASN G 866 49.54 33.34 44.15
CA ASN G 866 48.34 32.48 44.27
C ASN G 866 47.04 33.10 43.69
N ARG G 867 45.87 32.60 44.09
CA ARG G 867 44.60 32.91 43.38
C ARG G 867 43.94 34.28 43.69
N TRP G 868 43.79 35.14 42.68
CA TRP G 868 43.27 36.51 42.89
C TRP G 868 42.57 37.20 41.71
N LEU G 869 41.48 37.90 41.98
CA LEU G 869 40.65 38.53 40.94
C LEU G 869 41.14 39.85 40.33
N ASP G 870 42.04 40.55 41.00
CA ASP G 870 42.55 41.79 40.43
C ASP G 870 44.05 41.65 40.19
N PRO G 871 44.68 42.62 39.49
CA PRO G 871 46.14 42.54 39.33
C PRO G 871 46.91 42.58 40.67
N GLU G 872 46.21 43.07 41.69
CA GLU G 872 46.80 43.45 42.96
C GLU G 872 46.50 42.53 44.13
N CYS G 873 46.04 41.31 43.84
CA CYS G 873 45.85 40.24 44.82
C CYS G 873 45.14 40.64 46.10
N THR G 874 44.30 41.66 46.01
CA THR G 874 43.56 42.15 47.16
C THR G 874 42.26 41.38 47.34
N VAL G 875 41.47 41.34 46.27
CA VAL G 875 40.21 40.60 46.26
C VAL G 875 40.51 39.12 46.04
N GLU G 876 39.91 38.24 46.83
CA GLU G 876 40.17 36.80 46.69
C GLU G 876 39.70 36.26 45.34
N PHE G 877 39.90 34.96 45.14
CA PHE G 877 39.24 34.22 44.06
C PHE G 877 38.21 33.26 44.64
N PRO G 878 36.92 33.59 44.45
CA PRO G 878 35.83 32.83 45.06
C PRO G 878 35.81 31.35 44.67
N GLU G 879 36.14 30.47 45.62
CA GLU G 879 35.97 29.03 45.43
C GLU G 879 34.52 28.62 45.73
N GLN G 880 33.74 29.60 46.20
CA GLN G 880 32.34 29.42 46.56
C GLN G 880 31.74 30.84 46.67
N GLY G 881 30.42 30.94 46.60
CA GLY G 881 29.74 32.24 46.58
C GLY G 881 29.26 32.74 47.93
N THR G 882 28.74 33.96 47.96
CA THR G 882 28.26 34.59 49.19
C THR G 882 26.80 34.29 49.48
N GLY G 883 26.56 33.30 50.33
CA GLY G 883 25.21 32.87 50.66
C GLY G 883 25.27 31.49 51.25
N ARG G 884 24.17 31.05 51.85
CA ARG G 884 24.02 29.68 52.34
C ARG G 884 24.65 28.64 51.39
N GLU G 885 25.39 27.70 51.96
CA GLU G 885 26.07 26.65 51.18
C GLU G 885 26.91 27.17 50.00
N GLY G 886 27.54 28.33 50.21
CA GLY G 886 28.43 28.92 49.21
C GLY G 886 27.87 29.03 47.81
N ARG G 887 26.55 29.13 47.68
CA ARG G 887 25.94 29.30 46.36
C ARG G 887 26.01 30.75 45.94
N PHE G 888 26.18 30.98 44.65
CA PHE G 888 26.43 32.32 44.15
C PHE G 888 25.15 33.12 44.00
N THR G 889 25.03 34.20 44.77
CA THR G 889 23.88 35.08 44.65
C THR G 889 23.87 35.73 43.25
N MET G 890 22.72 36.26 42.84
CA MET G 890 22.60 36.82 41.50
C MET G 890 23.36 38.14 41.39
N ALA G 891 23.82 38.65 42.54
CA ALA G 891 24.63 39.84 42.57
C ALA G 891 26.12 39.48 42.56
N ASP G 892 26.44 38.28 43.02
CA ASP G 892 27.79 37.71 42.85
C ASP G 892 28.08 37.50 41.36
N CYS G 893 27.26 36.64 40.75
CA CYS G 893 27.30 36.32 39.32
C CYS G 893 27.37 37.57 38.42
N ARG G 894 26.71 38.66 38.83
CA ARG G 894 26.76 39.90 38.07
C ARG G 894 28.17 40.50 38.05
N ASP G 895 28.83 40.51 39.21
CA ASP G 895 30.17 41.08 39.34
C ASP G 895 31.17 40.33 38.48
N LEU G 896 31.26 39.04 38.78
CA LEU G 896 32.05 38.10 38.00
C LEU G 896 31.91 38.36 36.50
N VAL G 897 30.72 38.10 35.97
CA VAL G 897 30.45 38.28 34.54
C VAL G 897 30.78 39.68 34.02
N ALA G 898 30.77 40.68 34.89
CA ALA G 898 31.15 42.03 34.46
C ALA G 898 32.64 42.09 34.18
N ARG G 899 33.39 41.24 34.86
CA ARG G 899 34.83 41.11 34.64
C ARG G 899 35.19 40.34 33.36
N THR G 900 34.24 39.55 32.87
CA THR G 900 34.48 38.72 31.68
C THR G 900 34.62 39.53 30.40
N ILE G 901 35.02 38.84 29.35
CA ILE G 901 35.44 39.47 28.11
C ILE G 901 35.33 38.41 27.03
N PRO G 902 34.69 38.75 25.90
CA PRO G 902 34.34 37.73 24.92
C PRO G 902 35.40 37.56 23.85
N VAL G 903 36.00 36.39 23.82
CA VAL G 903 36.97 36.07 22.76
C VAL G 903 36.35 35.14 21.74
N ARG G 904 36.74 35.27 20.48
CA ARG G 904 36.25 34.37 19.45
C ARG G 904 36.75 32.95 19.64
N MET G 905 35.86 32.00 19.39
CA MET G 905 36.18 30.60 19.52
C MET G 905 37.24 30.28 18.50
N GLY G 906 38.22 29.47 18.90
CA GLY G 906 39.35 29.17 18.04
C GLY G 906 39.96 27.79 18.23
N PRO G 907 41.15 27.57 17.65
CA PRO G 907 41.86 26.30 17.74
C PRO G 907 42.35 26.02 19.16
N TRP G 908 42.17 27.02 20.02
CA TRP G 908 42.74 27.06 21.35
C TRP G 908 41.83 26.48 22.42
N ALA G 909 40.53 26.52 22.17
CA ALA G 909 39.56 25.92 23.07
C ALA G 909 39.70 24.40 23.00
N SER G 910 40.35 23.93 21.95
CA SER G 910 40.58 22.50 21.74
C SER G 910 41.73 22.04 22.63
N GLN G 911 42.51 23.00 23.14
CA GLN G 911 43.69 22.68 23.94
C GLN G 911 43.61 23.31 25.33
N LEU G 912 42.52 23.06 26.05
CA LEU G 912 42.38 23.59 27.39
C LEU G 912 42.82 22.56 28.39
N THR G 913 43.07 23.05 29.61
CA THR G 913 43.61 22.28 30.70
C THR G 913 42.87 22.60 31.99
N GLU G 914 43.16 21.82 33.00
CA GLU G 914 42.40 21.83 34.24
C GLU G 914 42.40 23.18 34.91
N ASP G 915 43.51 23.90 34.89
CA ASP G 915 43.54 25.21 35.54
C ASP G 915 42.61 26.14 34.77
N ASN G 916 42.18 25.72 33.60
CA ASN G 916 41.32 26.52 32.76
C ASN G 916 39.83 26.28 32.96
N HIS G 917 39.49 25.51 33.98
CA HIS G 917 38.12 25.16 34.27
C HIS G 917 37.72 25.60 35.67
N PRO G 918 36.36 25.87 35.83
CA PRO G 918 36.00 26.32 37.19
C PRO G 918 35.80 25.23 38.25
N PRO G 919 35.72 25.71 39.55
CA PRO G 919 35.57 24.65 40.58
C PRO G 919 34.17 24.03 40.61
N GLU G 920 34.01 22.88 41.27
CA GLU G 920 32.68 22.31 41.29
C GLU G 920 31.62 23.36 41.62
N ALA G 921 32.01 24.35 42.41
CA ALA G 921 31.09 25.33 42.95
C ALA G 921 30.38 26.13 41.87
N TRP G 922 31.11 26.45 40.82
CA TRP G 922 30.58 27.24 39.72
C TRP G 922 29.78 26.41 38.74
N ARG G 923 29.79 25.09 38.93
CA ARG G 923 29.05 24.22 38.04
C ARG G 923 27.56 24.19 38.41
N GLU G 924 27.25 24.68 39.61
CA GLU G 924 25.87 24.71 40.08
C GLU G 924 25.16 25.96 39.55
N SER G 925 25.93 26.92 39.06
CA SER G 925 25.38 28.18 38.55
C SER G 925 25.31 28.20 37.04
N PHE G 926 24.10 28.33 36.52
CA PHE G 926 23.81 28.46 35.09
C PHE G 926 24.80 29.42 34.43
N TYR G 927 24.95 30.59 35.03
CA TYR G 927 25.71 31.68 34.43
C TYR G 927 27.24 31.45 34.35
N LEU G 928 27.74 30.61 35.24
CA LEU G 928 29.19 30.43 35.45
C LEU G 928 29.72 29.14 34.84
N ARG G 929 28.82 28.17 34.66
CA ARG G 929 29.16 26.84 34.20
C ARG G 929 30.01 26.87 32.94
N ASP G 930 29.49 27.53 31.91
CA ASP G 930 30.20 27.72 30.64
C ASP G 930 31.19 28.88 30.78
N LEU G 931 32.18 28.76 31.65
CA LEU G 931 33.22 29.78 31.69
C LEU G 931 34.59 29.23 31.31
N VAL G 932 35.42 30.09 30.73
CA VAL G 932 36.81 29.74 30.49
C VAL G 932 37.72 30.74 31.22
N LEU G 933 38.55 30.20 32.10
CA LEU G 933 39.40 30.98 32.96
C LEU G 933 40.79 31.05 32.38
N ILE G 934 41.33 32.26 32.29
CA ILE G 934 42.71 32.44 31.85
C ILE G 934 43.61 32.85 33.00
N PRO G 935 44.56 31.98 33.39
CA PRO G 935 45.51 32.44 34.40
C PRO G 935 46.52 33.44 33.84
N GLN G 936 46.83 34.42 34.68
CA GLN G 936 47.96 35.31 34.48
C GLN G 936 48.79 35.23 35.76
N ARG G 937 50.11 35.08 35.64
CA ARG G 937 50.96 35.08 36.83
C ARG G 937 51.31 36.49 37.33
N VAL G 938 51.34 36.64 38.65
CA VAL G 938 51.91 37.81 39.29
C VAL G 938 53.03 37.38 40.24
N THR G 939 54.12 38.14 40.22
CA THR G 939 55.31 37.81 40.98
C THR G 939 55.15 38.26 42.43
N ASP G 940 56.24 38.24 43.17
CA ASP G 940 56.23 38.90 44.48
C ASP G 940 56.37 40.40 44.24
N GLU G 941 57.06 40.77 43.16
CA GLU G 941 57.35 42.16 42.85
C GLU G 941 56.15 42.87 42.19
N GLY G 942 55.10 42.10 41.91
CA GLY G 942 53.92 42.66 41.29
C GLY G 942 54.12 42.82 39.80
N ALA G 943 54.93 41.94 39.23
CA ALA G 943 55.08 41.89 37.78
C ALA G 943 53.89 41.09 37.24
N VAL G 944 53.43 41.45 36.05
CA VAL G 944 52.27 40.79 35.42
C VAL G 944 52.62 40.17 34.06
N LEU G 945 52.79 38.85 34.04
CA LEU G 945 53.36 38.14 32.88
C LEU G 945 52.33 37.60 31.86
N PRO G 946 52.51 37.96 30.57
CA PRO G 946 51.79 37.22 29.54
C PRO G 946 52.01 35.73 29.78
N THR G 947 50.91 34.96 29.84
CA THR G 947 50.95 33.58 30.32
C THR G 947 50.38 32.58 29.32
N GLU G 948 50.85 31.34 29.41
CA GLU G 948 50.46 30.28 28.50
C GLU G 948 49.08 29.74 28.82
N THR G 949 48.24 29.74 27.79
CA THR G 949 46.95 29.05 27.85
C THR G 949 46.55 28.55 26.45
N GLY G 950 46.59 27.22 26.27
CA GLY G 950 46.22 26.57 25.03
C GLY G 950 47.09 26.85 23.80
N GLY G 951 48.40 26.78 23.96
CA GLY G 951 49.29 26.97 22.82
C GLY G 951 49.38 28.41 22.35
N ARG G 952 49.23 29.35 23.29
CA ARG G 952 49.59 30.75 23.07
C ARG G 952 49.60 31.53 24.38
N GLU G 953 49.99 32.80 24.32
CA GLU G 953 50.21 33.57 25.54
C GLU G 953 49.32 34.79 25.68
N TRP G 954 48.61 34.84 26.81
CA TRP G 954 47.59 35.83 27.03
C TRP G 954 48.06 36.87 28.02
N LEU G 955 47.73 38.13 27.76
CA LEU G 955 48.07 39.19 28.69
C LEU G 955 46.96 40.22 28.67
N LEU G 956 46.40 40.56 29.83
CA LEU G 956 45.40 41.62 29.81
C LEU G 956 45.96 43.03 30.10
N ASP G 957 46.25 43.81 29.06
CA ASP G 957 46.66 45.19 29.30
C ASP G 957 45.47 45.98 29.78
N PRO G 958 45.61 46.60 30.97
CA PRO G 958 44.56 47.47 31.50
C PRO G 958 44.26 48.66 30.58
N CYS G 959 44.99 48.82 29.49
CA CYS G 959 44.80 49.93 28.54
C CYS G 959 44.59 49.41 27.11
N LYS G 960 44.93 48.16 26.87
CA LYS G 960 44.78 47.57 25.52
C LYS G 960 43.83 46.35 25.52
N GLY G 961 43.31 45.97 26.69
CA GLY G 961 42.48 44.78 26.80
C GLY G 961 43.25 43.45 26.81
N LEU G 962 42.85 42.53 25.95
CA LEU G 962 43.47 41.20 25.92
C LEU G 962 44.30 41.05 24.66
N ILE G 963 45.45 40.39 24.81
CA ILE G 963 46.34 40.10 23.68
C ILE G 963 46.86 38.68 23.77
N PHE G 964 47.03 38.05 22.62
CA PHE G 964 47.52 36.68 22.52
C PHE G 964 48.13 36.37 21.16
FE FE I . -7.16 -24.59 -29.05
FE FE J . -4.87 -25.85 -31.74
PG ATP K . 8.02 14.56 -38.66
O1G ATP K . 7.67 14.13 -40.05
O2G ATP K . 8.04 13.42 -37.69
O3G ATP K . 7.28 15.76 -38.23
PB ATP K . 10.02 16.52 -39.19
O1B ATP K . 9.00 17.55 -38.83
O2B ATP K . 11.39 16.72 -38.67
O3B ATP K . 9.54 15.06 -38.76
PA ATP K . 11.00 15.38 -41.49
O1A ATP K . 10.17 14.30 -42.10
O2A ATP K . 12.02 15.03 -40.47
O3A ATP K . 10.06 16.45 -40.80
O5' ATP K . 11.73 16.09 -42.69
C5' ATP K . 11.24 17.26 -43.32
C4' ATP K . 11.78 17.33 -44.74
O4' ATP K . 13.18 17.63 -44.76
C3' ATP K . 11.67 15.98 -45.39
O3' ATP K . 11.48 16.23 -46.77
C2' ATP K . 13.03 15.38 -45.20
O2' ATP K . 13.30 14.37 -46.16
C1' ATP K . 13.90 16.58 -45.41
N9 ATP K . 15.23 16.37 -44.81
C8 ATP K . 15.59 15.44 -43.92
N7 ATP K . 16.89 15.55 -43.58
C5 ATP K . 17.39 16.59 -44.26
C6 ATP K . 18.69 17.25 -44.37
N6 ATP K . 19.75 16.82 -43.68
N1 ATP K . 18.80 18.30 -45.19
C2 ATP K . 17.75 18.74 -45.89
N3 ATP K . 16.53 18.19 -45.85
C4 ATP K . 16.29 17.13 -45.07
FE FE L . -31.69 1.39 -11.56
FE FE M . -34.90 2.73 -10.32
PG ATP N . -43.62 -37.46 2.59
O1G ATP N . -43.95 -36.05 3.01
O2G ATP N . -44.55 -38.06 1.58
O3G ATP N . -42.18 -37.66 2.27
PB ATP N . -45.33 -39.01 4.08
O1B ATP N . -45.58 -39.13 5.55
O2B ATP N . -45.45 -40.18 3.19
O3B ATP N . -43.89 -38.37 3.89
PA ATP N . -47.59 -37.47 4.21
O1A ATP N . -48.32 -36.45 3.40
O2A ATP N . -47.30 -37.24 5.66
O3A ATP N . -46.23 -37.85 3.49
O5' ATP N . -48.34 -38.87 4.10
C5' ATP N . -49.06 -39.37 5.21
C4' ATP N . -50.50 -39.57 4.77
O4' ATP N . -51.23 -40.13 5.84
C3' ATP N . -51.14 -38.25 4.45
O3' ATP N . -51.99 -38.37 3.32
C2' ATP N . -52.05 -37.94 5.59
O2' ATP N . -53.22 -37.41 5.01
C1' ATP N . -52.33 -39.29 6.16
N9 ATP N . -52.49 -39.24 7.63
C8 ATP N . -53.14 -38.30 8.32
N7 ATP N . -53.10 -38.56 9.64
C5 ATP N . -52.41 -39.69 9.80
C6 ATP N . -52.00 -40.53 10.92
N6 ATP N . -52.34 -40.17 12.18
N1 ATP N . -51.28 -41.65 10.66
C2 ATP N . -50.95 -42.01 9.41
N3 ATP N . -51.30 -41.28 8.34
C4 ATP N . -52.01 -40.14 8.47
FE FE O . 36.69 7.92 10.83
FE FE P . 39.66 6.02 10.08
PG ATP Q . 19.52 -30.00 21.47
O1G ATP Q . 20.72 -29.60 22.24
O2G ATP Q . 18.32 -30.31 22.29
O3G ATP Q . 19.27 -29.13 20.28
PB ATP Q . 19.09 -32.75 21.18
O1B ATP Q . 18.04 -32.87 20.14
O2B ATP Q . 18.70 -32.81 22.62
O3B ATP Q . 19.92 -31.43 20.91
PA ATP Q . 21.59 -33.79 21.64
O1A ATP Q . 21.28 -33.52 23.05
O2A ATP Q . 22.56 -32.94 20.93
O3A ATP Q . 20.19 -33.86 20.90
O5' ATP Q . 22.12 -35.28 21.60
C5' ATP Q . 21.84 -36.13 22.68
C4' ATP Q . 23.07 -36.84 23.21
O4' ATP Q . 23.13 -38.12 22.62
C3' ATP Q . 24.36 -36.14 22.84
O3' ATP Q . 25.29 -36.33 23.90
C2' ATP Q . 24.92 -36.91 21.69
O2' ATP Q . 26.32 -36.98 21.88
C1' ATP Q . 24.35 -38.29 21.90
N9 ATP Q . 24.01 -38.93 20.62
C8 ATP Q . 23.61 -38.32 19.51
N7 ATP Q . 23.36 -39.22 18.54
C5 ATP Q . 23.60 -40.42 19.05
C6 ATP Q . 23.54 -41.81 18.58
N6 ATP Q . 23.17 -42.10 17.32
N1 ATP Q . 23.88 -42.77 19.45
C2 ATP Q . 24.26 -42.51 20.70
N3 ATP Q . 24.34 -41.27 21.20
C4 ATP Q . 24.02 -40.22 20.43
FE FE R . 2.49 16.02 29.97
FE FE S . 0.15 17.97 31.98
PG ATP T . 17.01 53.37 14.69
O1G ATP T . 18.02 52.86 13.69
O2G ATP T . 17.63 53.77 15.99
O3G ATP T . 15.82 52.48 14.84
PB ATP T . 17.25 56.06 13.77
O1B ATP T . 17.44 56.27 12.30
O2B ATP T . 18.42 56.04 14.70
O3B ATP T . 16.41 54.72 14.05
PA ATP T . 15.69 57.09 15.74
O1A ATP T . 16.19 55.83 16.34
O2A ATP T . 14.22 57.36 15.68
O3A ATP T . 16.28 57.21 14.27
O5' ATP T . 16.36 58.30 16.51
C5' ATP T . 15.56 59.45 16.75
C4' ATP T . 16.03 60.20 17.99
O4' ATP T . 15.74 61.58 17.78
C3' ATP T . 15.23 59.84 19.21
O3' ATP T . 15.89 60.33 20.37
C2' ATP T . 13.99 60.67 19.10
O2' ATP T . 13.59 61.04 20.42
C1' ATP T . 14.46 61.88 18.30
N9 ATP T . 13.57 62.08 17.15
C8 ATP T . 13.00 61.11 16.44
N7 ATP T . 12.24 61.62 15.44
C5 ATP T . 12.33 62.95 15.51
C6 ATP T . 11.79 64.07 14.75
N6 ATP T . 10.97 63.87 13.69
N1 ATP T . 12.14 65.30 15.15
C2 ATP T . 12.95 65.50 16.19
N3 ATP T . 13.49 64.52 16.92
C4 ATP T . 13.21 63.24 16.63
#